data_3NXK
#
_entry.id   3NXK
#
_cell.length_a   73.321
_cell.length_b   127.653
_cell.length_c   149.832
_cell.angle_alpha   90.00
_cell.angle_beta   103.05
_cell.angle_gamma   90.00
#
_symmetry.space_group_name_H-M   'P 1 21 1'
#
loop_
_entity.id
_entity.type
_entity.pdbx_description
1 polymer 'Cytoplasmic L-asparaginase'
2 non-polymer 'SULFATE ION'
3 non-polymer 'ACETIC ACID'
4 non-polymer GLYCEROL
5 water water
#
_entity_poly.entity_id   1
_entity_poly.type   'polypeptide(L)'
_entity_poly.pdbx_seq_one_letter_code
;SNA(MSE)KKAKSRIAILGTGGTIAGFIDSTIATTGYAAGAIDIDVLIKAVPQIRDLADISWEQIANIDSSN(MSE)CDE
IWLRLAKKIAKLFAEGIDGVVITHGTDT(MSE)EETAYFLNLTIKSDKPVVLVGA(MSE)RPSTAISADGPKNLYNAVAL
VVNKEAKNKGV(MSE)VAINDKILSARGVVKTHSLNVDAFSSPDFGDLGYIVDGKVFFYNNVIKAHTKNAPFDVSKLTSL
PKVDILYSYSNDGSGVAAKALFEHGTKGIVVAGSGAGSIHKNQKDVLKELLKKGLKVVVSSRVVAGCVAVSDSDEKLGFI
SAEDLNPQKARVLL(MSE)LALTKTSDPKKIQEYFLKY
;
_entity_poly.pdbx_strand_id   A,B,C,D,E,F,G,H
#
loop_
_chem_comp.id
_chem_comp.type
_chem_comp.name
_chem_comp.formula
ACY non-polymer 'ACETIC ACID' 'C2 H4 O2'
GOL non-polymer GLYCEROL 'C3 H8 O3'
SO4 non-polymer 'SULFATE ION' 'O4 S -2'
#
# COMPACT_ATOMS: atom_id res chain seq x y z
N LYS A 8 8.46 -12.74 28.29
CA LYS A 8 7.04 -12.53 28.52
C LYS A 8 6.76 -12.66 30.01
N SER A 9 5.64 -12.10 30.46
CA SER A 9 5.27 -12.19 31.87
C SER A 9 4.16 -13.22 32.04
N ARG A 10 4.15 -13.88 33.21
CA ARG A 10 3.24 -14.98 33.46
C ARG A 10 1.84 -14.50 33.85
N ILE A 11 0.87 -14.83 33.02
CA ILE A 11 -0.50 -14.37 33.20
C ILE A 11 -1.47 -15.56 33.27
N ALA A 12 -2.30 -15.59 34.30
CA ALA A 12 -3.30 -16.64 34.46
C ALA A 12 -4.71 -16.14 34.14
N ILE A 13 -5.40 -16.84 33.25
CA ILE A 13 -6.75 -16.49 32.87
C ILE A 13 -7.72 -17.51 33.49
N LEU A 14 -8.60 -17.04 34.35
CA LEU A 14 -9.55 -17.92 35.00
C LEU A 14 -10.95 -17.78 34.41
N GLY A 15 -11.55 -18.90 34.04
CA GLY A 15 -12.92 -18.90 33.56
C GLY A 15 -13.96 -19.13 34.67
N THR A 16 -15.01 -18.31 34.66
CA THR A 16 -16.14 -18.49 35.56
C THR A 16 -17.40 -18.66 34.73
N GLY A 17 -17.23 -18.70 33.41
CA GLY A 17 -18.37 -18.79 32.50
C GLY A 17 -18.71 -17.46 31.85
N GLY A 18 -20.00 -17.19 31.71
CA GLY A 18 -20.47 -15.94 31.14
C GLY A 18 -20.80 -16.00 29.66
N THR A 19 -21.13 -14.84 29.11
CA THR A 19 -21.56 -14.71 27.71
C THR A 19 -20.38 -14.72 26.76
N ILE A 20 -19.22 -14.28 27.24
CA ILE A 20 -17.99 -14.33 26.48
C ILE A 20 -17.65 -15.79 26.18
N ALA A 21 -18.27 -16.70 26.93
CA ALA A 21 -18.16 -18.14 26.69
C ALA A 21 -19.51 -18.77 26.29
N GLY A 22 -20.44 -17.93 25.84
CA GLY A 22 -21.79 -18.38 25.51
C GLY A 22 -21.98 -18.90 24.09
N PHE A 23 -22.97 -19.77 23.91
CA PHE A 23 -23.23 -20.38 22.61
C PHE A 23 -24.70 -20.31 22.17
N ILE A 24 -24.92 -20.17 20.85
CA ILE A 24 -26.24 -20.25 20.24
C ILE A 24 -26.13 -20.55 18.73
N ASP A 25 -26.99 -21.43 18.24
CA ASP A 25 -26.91 -21.93 16.85
C ASP A 25 -27.06 -20.84 15.81
N SER A 26 -27.74 -19.76 16.17
CA SER A 26 -27.87 -18.66 15.24
C SER A 26 -26.80 -17.59 15.45
N THR A 27 -26.43 -16.94 14.36
CA THR A 27 -25.32 -16.01 14.31
C THR A 27 -25.85 -14.58 14.49
N ILE A 28 -27.14 -14.45 14.20
CA ILE A 28 -27.86 -13.21 14.33
C ILE A 28 -28.27 -12.93 15.77
N ALA A 29 -28.62 -14.01 16.48
CA ALA A 29 -29.16 -13.92 17.84
C ALA A 29 -28.10 -13.54 18.87
N THR A 30 -28.51 -12.74 19.85
CA THR A 30 -27.62 -12.36 20.96
C THR A 30 -28.38 -12.33 22.28
N THR A 31 -29.58 -12.91 22.30
CA THR A 31 -30.46 -12.78 23.46
C THR A 31 -30.93 -14.07 24.13
N GLY A 32 -30.97 -15.17 23.40
CA GLY A 32 -31.47 -16.43 23.94
C GLY A 32 -30.46 -17.57 23.99
N TYR A 33 -29.25 -17.26 24.45
CA TYR A 33 -28.13 -18.20 24.45
C TYR A 33 -27.93 -18.90 25.80
N ALA A 34 -27.04 -19.88 25.83
CA ALA A 34 -26.65 -20.50 27.07
C ALA A 34 -25.29 -19.98 27.50
N ALA A 35 -25.23 -19.30 28.64
CA ALA A 35 -23.96 -18.80 29.18
C ALA A 35 -23.09 -19.93 29.71
N GLY A 36 -21.78 -19.74 29.66
CA GLY A 36 -20.83 -20.74 30.10
C GLY A 36 -20.92 -22.04 29.31
N ALA A 37 -20.97 -21.94 27.99
CA ALA A 37 -21.06 -23.10 27.12
C ALA A 37 -19.72 -23.45 26.47
N ILE A 38 -18.72 -22.60 26.69
CA ILE A 38 -17.41 -22.75 26.04
C ILE A 38 -16.25 -22.68 27.03
N ASP A 39 -15.31 -23.60 26.88
CA ASP A 39 -14.10 -23.66 27.71
C ASP A 39 -13.20 -22.42 27.53
N ILE A 40 -12.59 -21.99 28.64
CA ILE A 40 -11.64 -20.87 28.59
C ILE A 40 -10.56 -21.08 27.52
N ASP A 41 -10.08 -22.32 27.42
CA ASP A 41 -8.98 -22.67 26.50
C ASP A 41 -9.39 -22.73 25.03
N VAL A 42 -10.68 -22.55 24.75
CA VAL A 42 -11.13 -22.43 23.38
C VAL A 42 -11.22 -20.97 22.98
N LEU A 43 -11.75 -20.13 23.88
CA LEU A 43 -11.79 -18.68 23.69
C LEU A 43 -10.38 -18.15 23.38
N ILE A 44 -9.39 -18.69 24.07
CA ILE A 44 -8.01 -18.27 23.91
C ILE A 44 -7.40 -18.60 22.54
N LYS A 45 -7.73 -19.77 22.00
CA LYS A 45 -7.25 -20.15 20.67
C LYS A 45 -7.89 -19.28 19.57
N ALA A 46 -9.05 -18.70 19.86
CA ALA A 46 -9.72 -17.82 18.90
C ALA A 46 -9.01 -16.48 18.76
N VAL A 47 -8.05 -16.21 19.64
CA VAL A 47 -7.29 -14.97 19.63
C VAL A 47 -5.81 -15.30 19.87
N PRO A 48 -5.19 -15.99 18.90
CA PRO A 48 -3.79 -16.39 18.93
C PRO A 48 -2.85 -15.27 19.41
N GLN A 49 -3.20 -14.02 19.11
CA GLN A 49 -2.34 -12.89 19.41
C GLN A 49 -2.09 -12.68 20.90
N ILE A 50 -2.99 -13.16 21.76
CA ILE A 50 -2.80 -12.89 23.19
C ILE A 50 -1.60 -13.68 23.70
N ARG A 51 -1.20 -14.69 22.93
CA ARG A 51 -0.04 -15.51 23.28
C ARG A 51 1.26 -14.79 22.95
N ASP A 52 1.17 -13.69 22.22
CA ASP A 52 2.33 -12.84 21.95
C ASP A 52 2.57 -11.95 23.16
N LEU A 53 1.49 -11.61 23.84
CA LEU A 53 1.52 -10.62 24.90
C LEU A 53 2.12 -11.18 26.19
N ALA A 54 2.07 -12.50 26.34
CA ALA A 54 2.42 -13.07 27.64
C ALA A 54 2.52 -14.59 27.65
N ASP A 55 3.05 -15.12 28.75
CA ASP A 55 3.03 -16.55 29.02
C ASP A 55 1.67 -16.89 29.61
N ILE A 56 0.75 -17.36 28.77
CA ILE A 56 -0.64 -17.56 29.17
C ILE A 56 -0.96 -18.97 29.68
N SER A 57 -1.43 -19.06 30.92
CA SER A 57 -1.99 -20.29 31.46
C SER A 57 -3.43 -20.05 31.89
N TRP A 58 -4.20 -21.11 32.04
CA TRP A 58 -5.62 -20.95 32.25
C TRP A 58 -6.24 -22.03 33.13
N GLU A 59 -7.50 -21.83 33.50
CA GLU A 59 -8.19 -22.74 34.40
C GLU A 59 -9.68 -22.40 34.51
N GLN A 60 -10.52 -23.43 34.51
CA GLN A 60 -11.94 -23.26 34.70
C GLN A 60 -12.25 -23.36 36.19
N ILE A 61 -12.52 -22.22 36.82
CA ILE A 61 -13.01 -22.17 38.19
C ILE A 61 -14.50 -22.54 38.26
N ALA A 62 -15.26 -22.11 37.25
CA ALA A 62 -16.66 -22.48 37.14
C ALA A 62 -17.12 -22.19 35.72
N ASN A 63 -18.32 -22.62 35.37
CA ASN A 63 -18.88 -22.28 34.05
C ASN A 63 -20.37 -21.92 34.15
N ILE A 64 -20.68 -20.88 34.90
CA ILE A 64 -22.07 -20.52 35.18
C ILE A 64 -22.53 -19.22 34.52
N ASP A 65 -23.85 -19.05 34.51
CA ASP A 65 -24.46 -17.76 34.21
C ASP A 65 -24.25 -16.87 35.44
N SER A 66 -23.65 -15.69 35.24
CA SER A 66 -23.30 -14.85 36.39
C SER A 66 -24.49 -14.44 37.24
N SER A 67 -25.69 -14.48 36.67
CA SER A 67 -26.89 -14.21 37.49
C SER A 67 -27.07 -15.24 38.60
N ASN A 68 -26.34 -16.36 38.51
CA ASN A 68 -26.43 -17.40 39.52
C ASN A 68 -25.17 -17.42 40.35
N MSE A 69 -24.44 -16.30 40.33
CA MSE A 69 -23.27 -16.14 41.17
C MSE A 69 -23.62 -16.46 42.61
O MSE A 69 -24.80 -16.44 42.97
CB MSE A 69 -22.76 -14.71 41.06
CG MSE A 69 -21.36 -14.51 41.62
SE MSE A 69 -20.17 -15.75 40.76
CE MSE A 69 -18.48 -15.13 41.45
N CYS A 70 -22.62 -16.74 43.44
CA CYS A 70 -22.85 -17.03 44.87
C CYS A 70 -21.55 -16.89 45.68
N ASP A 71 -21.69 -16.77 47.00
CA ASP A 71 -20.55 -16.54 47.87
C ASP A 71 -19.43 -17.59 47.69
N GLU A 72 -19.83 -18.84 47.54
CA GLU A 72 -18.86 -19.93 47.43
C GLU A 72 -17.85 -19.70 46.31
N ILE A 73 -18.33 -19.30 45.14
CA ILE A 73 -17.43 -18.98 44.02
C ILE A 73 -16.52 -17.81 44.37
N TRP A 74 -17.09 -16.74 44.94
CA TRP A 74 -16.27 -15.60 45.38
C TRP A 74 -15.10 -16.09 46.23
N LEU A 75 -15.43 -16.80 47.32
CA LEU A 75 -14.42 -17.33 48.23
C LEU A 75 -13.38 -18.20 47.51
N ARG A 76 -13.87 -19.10 46.66
CA ARG A 76 -13.00 -19.94 45.86
C ARG A 76 -12.05 -19.11 45.00
N LEU A 77 -12.55 -18.00 44.46
CA LEU A 77 -11.80 -17.22 43.48
C LEU A 77 -10.72 -16.39 44.18
N ALA A 78 -11.03 -15.87 45.36
CA ALA A 78 -10.08 -15.06 46.11
C ALA A 78 -8.91 -15.92 46.59
N LYS A 79 -9.20 -17.17 46.96
CA LYS A 79 -8.18 -18.11 47.40
C LYS A 79 -7.30 -18.57 46.22
N LYS A 80 -7.95 -18.90 45.11
CA LYS A 80 -7.22 -19.29 43.92
C LYS A 80 -6.25 -18.19 43.47
N ILE A 81 -6.69 -16.94 43.54
CA ILE A 81 -5.87 -15.81 43.09
C ILE A 81 -4.71 -15.56 44.05
N ALA A 82 -4.97 -15.69 45.35
CA ALA A 82 -3.91 -15.59 46.36
C ALA A 82 -2.83 -16.63 46.08
N LYS A 83 -3.25 -17.88 45.88
CA LYS A 83 -2.31 -18.96 45.58
C LYS A 83 -1.52 -18.75 44.28
N LEU A 84 -2.19 -18.28 43.23
CA LEU A 84 -1.51 -18.00 41.97
C LEU A 84 -0.39 -16.96 42.11
N PHE A 85 -0.71 -15.84 42.75
CA PHE A 85 0.28 -14.78 42.96
C PHE A 85 1.46 -15.25 43.80
N ALA A 86 1.17 -16.07 44.81
CA ALA A 86 2.20 -16.53 45.75
C ALA A 86 3.17 -17.51 45.09
N GLU A 87 2.77 -18.07 43.95
CA GLU A 87 3.64 -18.99 43.24
C GLU A 87 4.18 -18.42 41.94
N GLY A 88 4.17 -17.09 41.82
CA GLY A 88 4.91 -16.41 40.78
C GLY A 88 4.14 -15.72 39.68
N ILE A 89 2.84 -16.00 39.58
CA ILE A 89 2.03 -15.40 38.53
C ILE A 89 2.00 -13.88 38.65
N ASP A 90 2.13 -13.19 37.53
CA ASP A 90 2.33 -11.75 37.53
C ASP A 90 1.03 -10.95 37.47
N GLY A 91 -0.01 -11.56 36.91
CA GLY A 91 -1.30 -10.90 36.79
C GLY A 91 -2.39 -11.88 36.44
N VAL A 92 -3.64 -11.48 36.68
CA VAL A 92 -4.76 -12.38 36.44
C VAL A 92 -5.88 -11.73 35.66
N VAL A 93 -6.40 -12.46 34.69
CA VAL A 93 -7.62 -12.06 33.99
C VAL A 93 -8.72 -13.02 34.40
N ILE A 94 -9.89 -12.50 34.70
CA ILE A 94 -11.04 -13.34 34.98
C ILE A 94 -12.13 -13.15 33.91
N THR A 95 -12.48 -14.21 33.20
CA THR A 95 -13.62 -14.13 32.27
C THR A 95 -14.91 -14.45 33.03
N HIS A 96 -15.93 -13.64 32.80
CA HIS A 96 -17.05 -13.53 33.74
C HIS A 96 -18.28 -13.00 33.02
N GLY A 97 -19.44 -13.55 33.33
CA GLY A 97 -20.70 -12.97 32.86
C GLY A 97 -20.80 -11.49 33.24
N THR A 98 -21.58 -10.72 32.48
CA THR A 98 -21.68 -9.29 32.75
C THR A 98 -22.68 -8.94 33.85
N ASP A 99 -23.70 -9.76 34.04
CA ASP A 99 -24.78 -9.44 34.99
C ASP A 99 -24.29 -9.04 36.39
N THR A 100 -23.39 -9.82 36.98
CA THR A 100 -22.97 -9.55 38.35
C THR A 100 -21.49 -9.21 38.42
N MSE A 101 -20.89 -9.01 37.25
CA MSE A 101 -19.48 -8.68 37.17
C MSE A 101 -19.06 -7.57 38.12
O MSE A 101 -17.96 -7.61 38.66
CB MSE A 101 -19.13 -8.26 35.74
CG MSE A 101 -17.65 -8.01 35.50
SE MSE A 101 -17.24 -7.81 33.60
CE MSE A 101 -15.40 -7.28 33.76
N GLU A 102 -19.95 -6.59 38.33
CA GLU A 102 -19.64 -5.45 39.18
C GLU A 102 -19.57 -5.86 40.65
N GLU A 103 -20.31 -6.92 40.99
CA GLU A 103 -20.36 -7.44 42.36
C GLU A 103 -19.06 -8.18 42.65
N THR A 104 -18.75 -9.13 41.78
CA THR A 104 -17.53 -9.95 41.90
C THR A 104 -16.27 -9.10 41.93
N ALA A 105 -16.27 -8.02 41.17
CA ALA A 105 -15.09 -7.17 41.07
C ALA A 105 -14.86 -6.44 42.39
N TYR A 106 -15.93 -5.90 42.95
CA TYR A 106 -15.81 -5.13 44.17
C TYR A 106 -15.43 -6.04 45.34
N PHE A 107 -15.95 -7.26 45.35
CA PHE A 107 -15.55 -8.24 46.36
C PHE A 107 -14.07 -8.54 46.27
N LEU A 108 -13.60 -8.78 45.05
CA LEU A 108 -12.19 -9.03 44.83
C LEU A 108 -11.36 -7.81 45.19
N ASN A 109 -11.90 -6.62 44.93
CA ASN A 109 -11.17 -5.39 45.23
C ASN A 109 -10.81 -5.29 46.71
N LEU A 110 -11.64 -5.88 47.55
CA LEU A 110 -11.51 -5.69 48.99
C LEU A 110 -10.89 -6.89 49.70
N THR A 111 -10.61 -7.96 48.96
CA THR A 111 -10.19 -9.21 49.59
C THR A 111 -8.83 -9.74 49.13
N ILE A 112 -8.35 -9.23 48.02
CA ILE A 112 -7.08 -9.69 47.47
C ILE A 112 -5.93 -8.85 48.00
N LYS A 113 -4.86 -9.51 48.46
CA LYS A 113 -3.79 -8.82 49.17
C LYS A 113 -2.60 -8.46 48.32
N SER A 114 -2.76 -8.45 47.01
CA SER A 114 -1.65 -8.13 46.11
C SER A 114 -1.85 -6.80 45.35
N ASP A 115 -0.74 -6.25 44.87
CA ASP A 115 -0.76 -5.05 44.04
C ASP A 115 -0.81 -5.46 42.59
N LYS A 116 -0.52 -6.74 42.34
CA LYS A 116 -0.52 -7.29 41.00
C LYS A 116 -1.90 -7.17 40.36
N PRO A 117 -1.93 -6.94 39.04
CA PRO A 117 -3.18 -6.63 38.33
C PRO A 117 -4.19 -7.77 38.33
N VAL A 118 -5.42 -7.44 38.70
CA VAL A 118 -6.54 -8.36 38.55
C VAL A 118 -7.57 -7.67 37.67
N VAL A 119 -7.89 -8.30 36.53
CA VAL A 119 -8.82 -7.74 35.55
C VAL A 119 -9.98 -8.68 35.23
N LEU A 120 -11.20 -8.19 35.38
CA LEU A 120 -12.37 -8.96 34.92
C LEU A 120 -12.77 -8.50 33.52
N VAL A 121 -13.20 -9.43 32.69
CA VAL A 121 -13.59 -9.13 31.32
C VAL A 121 -14.75 -10.01 30.89
N GLY A 122 -15.56 -9.50 29.99
CA GLY A 122 -16.69 -10.27 29.50
C GLY A 122 -17.15 -9.81 28.13
N ALA A 123 -18.33 -10.29 27.75
CA ALA A 123 -18.93 -9.89 26.49
C ALA A 123 -20.43 -9.69 26.62
N MSE A 124 -21.01 -8.91 25.72
CA MSE A 124 -22.44 -8.70 25.72
C MSE A 124 -23.06 -9.57 24.67
O MSE A 124 -24.27 -9.81 24.68
CB MSE A 124 -22.75 -7.23 25.46
CG MSE A 124 -22.39 -6.33 26.65
SE MSE A 124 -23.42 -6.73 28.25
CE MSE A 124 -25.18 -6.13 27.68
N ARG A 125 -22.24 -10.03 23.74
CA ARG A 125 -22.68 -10.94 22.70
C ARG A 125 -22.00 -12.29 22.88
N PRO A 126 -22.73 -13.37 22.59
CA PRO A 126 -22.17 -14.72 22.67
C PRO A 126 -21.05 -14.89 21.65
N SER A 127 -20.06 -15.72 21.97
CA SER A 127 -18.89 -15.93 21.13
C SER A 127 -19.21 -16.38 19.70
N THR A 128 -20.41 -16.91 19.49
CA THR A 128 -20.82 -17.38 18.15
C THR A 128 -21.39 -16.28 17.24
N ALA A 129 -21.66 -15.12 17.83
CA ALA A 129 -22.42 -14.08 17.14
C ALA A 129 -21.64 -13.27 16.10
N ILE A 130 -22.37 -12.65 15.19
CA ILE A 130 -21.78 -11.72 14.23
C ILE A 130 -21.28 -10.54 15.00
N SER A 131 -20.12 -10.03 14.62
CA SER A 131 -19.53 -8.93 15.35
C SER A 131 -19.47 -9.24 16.84
N ALA A 132 -19.09 -10.48 17.11
CA ALA A 132 -18.93 -10.94 18.47
C ALA A 132 -18.04 -9.98 19.22
N ASP A 133 -18.42 -9.85 20.47
CA ASP A 133 -17.93 -8.90 21.41
C ASP A 133 -16.61 -9.37 22.08
N GLY A 134 -16.59 -10.66 22.43
CA GLY A 134 -15.62 -11.22 23.36
C GLY A 134 -14.16 -11.20 22.95
N PRO A 135 -13.88 -11.57 21.71
CA PRO A 135 -12.50 -11.67 21.20
C PRO A 135 -11.61 -10.45 21.48
N LYS A 136 -12.04 -9.27 21.06
CA LYS A 136 -11.25 -8.06 21.22
C LYS A 136 -11.16 -7.67 22.68
N ASN A 137 -12.25 -7.93 23.42
CA ASN A 137 -12.32 -7.69 24.86
C ASN A 137 -11.32 -8.55 25.65
N LEU A 138 -11.17 -9.81 25.24
CA LEU A 138 -10.18 -10.67 25.89
C LEU A 138 -8.79 -10.18 25.52
N TYR A 139 -8.57 -9.92 24.24
CA TYR A 139 -7.29 -9.36 23.83
C TYR A 139 -6.90 -8.12 24.65
N ASN A 140 -7.79 -7.15 24.72
CA ASN A 140 -7.54 -5.95 25.50
C ASN A 140 -7.28 -6.20 26.99
N ALA A 141 -8.03 -7.14 27.58
CA ALA A 141 -7.84 -7.48 28.98
C ALA A 141 -6.43 -7.99 29.23
N VAL A 142 -5.93 -8.84 28.34
CA VAL A 142 -4.57 -9.38 28.49
C VAL A 142 -3.51 -8.28 28.31
N ALA A 143 -3.74 -7.37 27.38
CA ALA A 143 -2.84 -6.23 27.17
C ALA A 143 -2.73 -5.33 28.39
N LEU A 144 -3.86 -5.11 29.06
CA LEU A 144 -3.88 -4.31 30.28
C LEU A 144 -3.09 -4.96 31.42
N VAL A 145 -3.32 -6.25 31.66
CA VAL A 145 -2.74 -6.90 32.82
C VAL A 145 -1.22 -7.09 32.68
N VAL A 146 -0.73 -6.91 31.47
CA VAL A 146 0.70 -7.04 31.19
C VAL A 146 1.41 -5.69 31.22
N ASN A 147 0.62 -4.63 31.11
CA ASN A 147 1.15 -3.27 31.14
C ASN A 147 1.81 -2.90 32.45
N LYS A 148 2.87 -2.11 32.37
CA LYS A 148 3.68 -1.79 33.53
C LYS A 148 2.96 -0.87 34.52
N GLU A 149 2.10 0.00 34.01
CA GLU A 149 1.39 0.94 34.88
C GLU A 149 0.19 0.29 35.56
N ALA A 150 -0.01 -1.01 35.33
CA ALA A 150 -1.22 -1.67 35.82
C ALA A 150 -1.15 -2.13 37.28
N LYS A 151 0.02 -2.00 37.90
CA LYS A 151 0.18 -2.40 39.29
C LYS A 151 -0.44 -1.42 40.29
N ASN A 152 -0.95 -1.96 41.40
CA ASN A 152 -1.47 -1.15 42.48
C ASN A 152 -2.59 -0.20 42.02
N LYS A 153 -3.40 -0.65 41.08
CA LYS A 153 -4.50 0.16 40.55
C LYS A 153 -5.81 -0.21 41.24
N GLY A 154 -5.80 -1.31 41.99
CA GLY A 154 -7.03 -1.91 42.49
C GLY A 154 -7.57 -2.85 41.42
N VAL A 155 -8.61 -3.61 41.75
CA VAL A 155 -9.23 -4.54 40.80
C VAL A 155 -9.95 -3.77 39.68
N MSE A 156 -9.88 -4.28 38.47
CA MSE A 156 -10.36 -3.55 37.29
C MSE A 156 -11.30 -4.37 36.42
O MSE A 156 -11.18 -5.59 36.29
CB MSE A 156 -9.16 -3.07 36.44
CG MSE A 156 -8.28 -1.97 37.10
SE MSE A 156 -6.61 -1.54 36.15
CE MSE A 156 -5.46 -2.99 36.78
N VAL A 157 -12.27 -3.67 35.82
CA VAL A 157 -13.12 -4.26 34.80
C VAL A 157 -12.71 -3.59 33.48
N ALA A 158 -12.24 -4.40 32.55
CA ALA A 158 -11.86 -3.90 31.24
C ALA A 158 -12.83 -4.41 30.20
N ILE A 159 -13.68 -3.52 29.68
CA ILE A 159 -14.67 -3.93 28.70
C ILE A 159 -14.99 -2.80 27.70
N ASN A 160 -15.20 -3.16 26.43
CA ASN A 160 -15.47 -2.18 25.37
C ASN A 160 -14.44 -1.05 25.31
N ASP A 161 -13.17 -1.40 25.46
CA ASP A 161 -12.03 -0.49 25.32
C ASP A 161 -11.85 0.46 26.52
N LYS A 162 -12.73 0.35 27.50
CA LYS A 162 -12.68 1.23 28.67
C LYS A 162 -12.12 0.49 29.87
N ILE A 163 -11.35 1.20 30.70
CA ILE A 163 -10.87 0.63 31.95
C ILE A 163 -11.62 1.24 33.13
N LEU A 164 -12.38 0.41 33.85
CA LEU A 164 -13.21 0.90 34.96
C LEU A 164 -12.76 0.31 36.30
N SER A 165 -12.87 1.09 37.37
CA SER A 165 -12.41 0.63 38.66
C SER A 165 -13.48 -0.21 39.36
N ALA A 166 -13.03 -1.20 40.11
CA ALA A 166 -13.93 -2.06 40.87
C ALA A 166 -14.95 -1.24 41.62
N ARG A 167 -14.47 -0.15 42.18
CA ARG A 167 -15.21 0.61 43.16
C ARG A 167 -16.26 1.48 42.48
N GLY A 168 -16.03 1.81 41.21
CA GLY A 168 -16.95 2.64 40.46
C GLY A 168 -17.85 1.90 39.49
N VAL A 169 -17.36 0.80 38.94
CA VAL A 169 -18.06 0.12 37.84
C VAL A 169 -19.50 -0.28 38.16
N VAL A 170 -20.40 -0.02 37.21
CA VAL A 170 -21.81 -0.42 37.32
C VAL A 170 -22.29 -0.78 35.91
N LYS A 171 -22.99 -1.90 35.75
CA LYS A 171 -23.61 -2.22 34.46
C LYS A 171 -24.75 -1.23 34.26
N THR A 172 -24.74 -0.48 33.16
CA THR A 172 -25.73 0.59 32.97
C THR A 172 -26.58 0.44 31.73
N HIS A 173 -26.24 -0.53 30.89
CA HIS A 173 -27.12 -0.89 29.79
C HIS A 173 -27.23 -2.41 29.74
N SER A 174 -28.42 -2.91 29.44
CA SER A 174 -28.68 -4.34 29.52
C SER A 174 -28.46 -5.07 28.18
N LEU A 175 -28.28 -4.34 27.10
CA LEU A 175 -28.17 -4.96 25.79
C LEU A 175 -26.95 -4.48 25.01
N ASN A 176 -26.60 -3.22 25.19
CA ASN A 176 -25.57 -2.60 24.36
C ASN A 176 -24.19 -3.08 24.70
N VAL A 177 -23.34 -3.18 23.69
CA VAL A 177 -21.95 -3.58 23.86
C VAL A 177 -21.21 -2.60 24.77
N ASP A 178 -21.57 -1.33 24.69
CA ASP A 178 -21.06 -0.34 25.63
C ASP A 178 -21.99 -0.35 26.82
N ALA A 179 -21.71 -1.24 27.78
CA ALA A 179 -22.69 -1.58 28.81
C ALA A 179 -22.30 -1.13 30.22
N PHE A 180 -21.04 -0.75 30.41
CA PHE A 180 -20.54 -0.47 31.74
C PHE A 180 -20.00 0.92 31.83
N SER A 181 -20.17 1.53 32.99
CA SER A 181 -19.58 2.84 33.25
C SER A 181 -19.40 3.03 34.75
N SER A 182 -18.77 4.14 35.12
CA SER A 182 -18.65 4.54 36.51
C SER A 182 -19.48 5.78 36.69
N PRO A 183 -20.75 5.59 37.07
CA PRO A 183 -21.71 6.69 37.12
C PRO A 183 -21.19 7.86 37.96
N ASP A 184 -20.53 7.56 39.07
CA ASP A 184 -20.04 8.60 39.94
C ASP A 184 -18.56 8.94 39.75
N PHE A 185 -17.72 7.93 39.64
CA PHE A 185 -16.25 8.10 39.63
C PHE A 185 -15.63 8.42 38.27
N GLY A 186 -16.13 7.82 37.20
CA GLY A 186 -15.48 7.99 35.90
C GLY A 186 -14.30 7.05 35.70
N ASP A 187 -14.12 6.62 34.47
CA ASP A 187 -13.11 5.65 34.07
C ASP A 187 -11.69 5.88 34.59
N LEU A 188 -10.99 4.79 34.91
CA LEU A 188 -9.55 4.84 35.18
C LEU A 188 -8.77 5.19 33.93
N GLY A 189 -9.19 4.60 32.80
CA GLY A 189 -8.44 4.76 31.55
C GLY A 189 -9.09 4.25 30.28
N TYR A 190 -8.34 4.25 29.19
CA TYR A 190 -8.86 3.81 27.88
C TYR A 190 -7.86 2.87 27.17
N ILE A 191 -8.35 1.95 26.33
CA ILE A 191 -7.43 1.05 25.61
C ILE A 191 -7.56 1.15 24.09
N VAL A 192 -6.52 1.66 23.44
CA VAL A 192 -6.47 1.77 21.98
C VAL A 192 -5.55 0.73 21.35
N ASP A 193 -6.14 -0.25 20.68
CA ASP A 193 -5.35 -1.30 20.03
C ASP A 193 -4.25 -1.86 20.92
N GLY A 194 -4.62 -2.29 22.12
CA GLY A 194 -3.69 -2.92 23.03
C GLY A 194 -2.92 -1.93 23.86
N LYS A 195 -2.99 -0.66 23.49
CA LYS A 195 -2.24 0.37 24.18
C LYS A 195 -3.04 0.99 25.30
N VAL A 196 -2.45 1.01 26.49
CA VAL A 196 -3.15 1.43 27.68
C VAL A 196 -2.89 2.88 28.03
N PHE A 197 -3.96 3.62 28.30
CA PHE A 197 -3.81 4.98 28.80
C PHE A 197 -4.61 5.15 30.07
N PHE A 198 -3.93 5.45 31.17
CA PHE A 198 -4.60 5.80 32.41
C PHE A 198 -4.85 7.30 32.51
N TYR A 199 -6.00 7.65 33.10
CA TYR A 199 -6.37 9.04 33.29
C TYR A 199 -6.39 9.35 34.77
N ASN A 200 -6.84 8.38 35.55
CA ASN A 200 -7.13 8.59 36.95
C ASN A 200 -6.53 7.54 37.87
N ASN A 201 -6.25 7.97 39.09
CA ASN A 201 -6.03 7.07 40.21
C ASN A 201 -7.31 7.03 41.02
N VAL A 202 -7.81 5.84 41.30
CA VAL A 202 -8.90 5.76 42.26
C VAL A 202 -8.33 5.95 43.69
N ILE A 203 -9.08 6.66 44.53
CA ILE A 203 -8.60 7.11 45.84
C ILE A 203 -9.14 6.27 47.01
N LYS A 204 -10.25 5.56 46.80
CA LYS A 204 -10.75 4.65 47.81
C LYS A 204 -9.74 3.52 48.02
N ALA A 205 -9.37 3.31 49.29
CA ALA A 205 -8.42 2.26 49.68
C ALA A 205 -8.83 0.90 49.12
N HIS A 206 -7.85 0.05 48.85
CA HIS A 206 -8.13 -1.22 48.19
C HIS A 206 -7.00 -2.22 48.39
N THR A 207 -7.26 -3.46 47.98
CA THR A 207 -6.27 -4.53 48.00
C THR A 207 -5.49 -4.65 49.31
N LYS A 208 -4.18 -4.40 49.26
CA LYS A 208 -3.34 -4.51 50.46
C LYS A 208 -3.80 -3.56 51.57
N ASN A 209 -4.55 -2.53 51.23
CA ASN A 209 -5.03 -1.56 52.22
C ASN A 209 -6.46 -1.73 52.69
N ALA A 210 -7.14 -2.77 52.23
CA ALA A 210 -8.47 -3.08 52.76
C ALA A 210 -8.31 -4.22 53.77
N PRO A 211 -8.85 -4.03 54.99
CA PRO A 211 -8.59 -4.91 56.13
C PRO A 211 -9.39 -6.22 56.18
N PHE A 212 -10.08 -6.58 55.10
CA PHE A 212 -10.91 -7.78 55.09
C PHE A 212 -10.14 -9.03 54.68
N ASP A 213 -10.29 -10.10 55.48
CA ASP A 213 -9.59 -11.36 55.21
C ASP A 213 -10.59 -12.51 55.09
N VAL A 214 -10.67 -13.10 53.91
CA VAL A 214 -11.61 -14.19 53.69
C VAL A 214 -10.95 -15.56 53.55
N SER A 215 -9.65 -15.64 53.85
CA SER A 215 -8.86 -16.84 53.54
C SER A 215 -9.17 -18.06 54.40
N LYS A 216 -9.67 -17.85 55.61
CA LYS A 216 -10.05 -18.95 56.48
C LYS A 216 -11.57 -19.10 56.55
N LEU A 217 -12.29 -18.38 55.69
CA LEU A 217 -13.75 -18.42 55.70
C LEU A 217 -14.36 -19.32 54.62
N THR A 218 -15.41 -20.04 55.01
CA THR A 218 -16.13 -20.91 54.10
C THR A 218 -17.55 -20.40 53.88
N SER A 219 -17.88 -19.31 54.54
CA SER A 219 -19.17 -18.69 54.31
C SER A 219 -19.15 -17.21 54.70
N LEU A 220 -20.14 -16.47 54.23
CA LEU A 220 -20.24 -15.06 54.56
C LEU A 220 -21.54 -14.73 55.26
N PRO A 221 -21.55 -13.63 56.04
CA PRO A 221 -22.79 -13.25 56.70
C PRO A 221 -23.89 -13.00 55.68
N LYS A 222 -25.10 -13.47 55.96
CA LYS A 222 -26.22 -13.32 55.04
C LYS A 222 -26.72 -11.87 54.95
N VAL A 223 -26.60 -11.28 53.76
CA VAL A 223 -27.15 -9.95 53.48
C VAL A 223 -28.08 -9.99 52.28
N ASP A 224 -29.31 -9.50 52.44
CA ASP A 224 -30.24 -9.46 51.32
C ASP A 224 -30.62 -8.03 50.92
N ILE A 225 -31.30 -7.88 49.79
CA ILE A 225 -31.66 -6.57 49.28
C ILE A 225 -33.18 -6.41 49.17
N LEU A 226 -33.68 -5.26 49.59
CA LEU A 226 -35.09 -4.89 49.35
C LEU A 226 -35.16 -3.57 48.58
N TYR A 227 -36.35 -3.23 48.12
CA TYR A 227 -36.57 -2.09 47.24
C TYR A 227 -37.62 -1.20 47.91
N SER A 228 -37.74 0.04 47.45
CA SER A 228 -38.80 0.92 47.96
C SER A 228 -39.47 1.66 46.81
N TYR A 229 -40.77 1.90 46.94
CA TYR A 229 -41.57 2.45 45.86
C TYR A 229 -42.88 2.90 46.45
N SER A 230 -43.77 3.44 45.62
CA SER A 230 -45.05 3.91 46.11
C SER A 230 -45.82 2.73 46.69
N ASN A 231 -46.54 2.96 47.79
CA ASN A 231 -47.36 1.92 48.40
C ASN A 231 -46.51 0.71 48.79
N ASP A 232 -45.26 1.00 49.12
CA ASP A 232 -44.27 -0.03 49.49
C ASP A 232 -44.83 -1.14 50.38
N GLY A 233 -44.64 -2.38 49.98
CA GLY A 233 -45.09 -3.50 50.77
C GLY A 233 -43.95 -4.38 51.27
N SER A 234 -42.71 -3.91 51.12
CA SER A 234 -41.54 -4.70 51.46
C SER A 234 -41.47 -5.07 52.95
N GLY A 235 -42.35 -4.48 53.73
CA GLY A 235 -42.39 -4.72 55.16
C GLY A 235 -42.60 -6.18 55.47
N VAL A 236 -43.59 -6.77 54.81
CA VAL A 236 -43.83 -8.21 54.88
C VAL A 236 -42.55 -8.99 54.61
N ALA A 237 -41.84 -8.55 53.58
CA ALA A 237 -40.62 -9.22 53.17
C ALA A 237 -39.53 -9.07 54.24
N ALA A 238 -39.36 -7.88 54.78
CA ALA A 238 -38.24 -7.66 55.69
C ALA A 238 -38.34 -8.58 56.90
N LYS A 239 -39.55 -8.73 57.42
CA LYS A 239 -39.75 -9.54 58.61
C LYS A 239 -39.46 -11.02 58.34
N ALA A 240 -39.81 -11.52 57.16
CA ALA A 240 -39.57 -12.91 56.83
C ALA A 240 -38.09 -13.19 56.56
N LEU A 241 -37.40 -12.25 55.91
CA LEU A 241 -35.97 -12.42 55.72
C LEU A 241 -35.29 -12.46 57.08
N PHE A 242 -35.70 -11.56 57.96
CA PHE A 242 -35.09 -11.50 59.29
C PHE A 242 -35.36 -12.78 60.06
N GLU A 243 -36.56 -13.31 59.92
CA GLU A 243 -36.92 -14.55 60.59
C GLU A 243 -36.21 -15.77 60.01
N HIS A 244 -35.79 -15.68 58.76
CA HIS A 244 -35.09 -16.80 58.14
C HIS A 244 -33.58 -16.56 58.07
N GLY A 245 -33.06 -15.83 59.05
CA GLY A 245 -31.63 -15.79 59.27
C GLY A 245 -30.87 -14.67 58.60
N THR A 246 -31.59 -13.85 57.82
CA THR A 246 -30.98 -12.66 57.22
C THR A 246 -30.39 -11.76 58.30
N LYS A 247 -29.09 -11.45 58.17
CA LYS A 247 -28.36 -10.67 59.16
C LYS A 247 -28.41 -9.18 58.85
N GLY A 248 -28.44 -8.86 57.57
CA GLY A 248 -28.47 -7.48 57.14
C GLY A 248 -29.33 -7.27 55.92
N ILE A 249 -29.91 -6.08 55.82
CA ILE A 249 -30.71 -5.74 54.66
C ILE A 249 -30.16 -4.45 54.01
N VAL A 250 -29.95 -4.49 52.70
CA VAL A 250 -29.67 -3.27 51.95
C VAL A 250 -31.00 -2.80 51.32
N VAL A 251 -31.38 -1.54 51.55
CA VAL A 251 -32.59 -1.04 50.92
C VAL A 251 -32.28 -0.09 49.74
N ALA A 252 -32.81 -0.43 48.57
CA ALA A 252 -32.70 0.42 47.40
C ALA A 252 -33.73 1.48 47.53
N GLY A 253 -33.39 2.54 48.25
CA GLY A 253 -34.34 3.60 48.54
C GLY A 253 -34.66 4.38 47.30
N SER A 254 -35.76 5.13 47.36
CA SER A 254 -36.01 6.09 46.32
C SER A 254 -35.25 7.38 46.68
N GLY A 255 -35.03 8.20 45.67
CA GLY A 255 -34.25 9.41 45.83
C GLY A 255 -32.90 9.12 46.41
N ALA A 256 -32.50 9.96 47.37
CA ALA A 256 -31.23 9.83 48.05
C ALA A 256 -31.33 8.88 49.25
N GLY A 257 -31.98 7.74 49.07
CA GLY A 257 -32.05 6.76 50.14
C GLY A 257 -33.27 6.88 51.03
N SER A 258 -34.36 7.41 50.48
CA SER A 258 -35.61 7.46 51.22
C SER A 258 -36.30 6.10 51.19
N ILE A 259 -36.88 5.72 52.33
CA ILE A 259 -37.62 4.48 52.43
C ILE A 259 -39.08 4.73 52.80
N HIS A 260 -40.00 4.22 52.00
CA HIS A 260 -41.42 4.39 52.32
C HIS A 260 -41.71 4.06 53.79
N LYS A 261 -42.67 4.77 54.38
CA LYS A 261 -42.97 4.60 55.79
C LYS A 261 -43.42 3.16 56.19
N ASN A 262 -44.14 2.47 55.31
CA ASN A 262 -44.57 1.08 55.59
C ASN A 262 -43.40 0.11 55.84
N GLN A 263 -42.35 0.24 55.06
CA GLN A 263 -41.18 -0.59 55.18
C GLN A 263 -40.27 -0.08 56.28
N LYS A 264 -40.13 1.24 56.37
CA LYS A 264 -39.18 1.80 57.33
C LYS A 264 -39.61 1.51 58.77
N ASP A 265 -40.91 1.59 59.04
CA ASP A 265 -41.45 1.21 60.35
C ASP A 265 -40.95 -0.17 60.79
N VAL A 266 -41.04 -1.13 59.88
CA VAL A 266 -40.62 -2.51 60.15
C VAL A 266 -39.13 -2.61 60.34
N LEU A 267 -38.39 -1.91 59.48
CA LEU A 267 -36.95 -1.79 59.62
C LEU A 267 -36.58 -1.28 61.01
N LYS A 268 -37.28 -0.25 61.48
CA LYS A 268 -37.04 0.27 62.82
C LYS A 268 -37.28 -0.78 63.90
N GLU A 269 -38.37 -1.54 63.78
CA GLU A 269 -38.61 -2.69 64.65
C GLU A 269 -37.41 -3.64 64.66
N LEU A 270 -36.98 -4.08 63.47
CA LEU A 270 -35.90 -5.06 63.32
C LEU A 270 -34.51 -4.55 63.69
N LEU A 271 -34.29 -3.24 63.60
CA LEU A 271 -33.06 -2.63 64.08
C LEU A 271 -32.95 -2.91 65.57
N LYS A 272 -34.03 -2.67 66.29
CA LYS A 272 -34.09 -2.90 67.73
C LYS A 272 -33.91 -4.37 68.09
N LYS A 273 -33.97 -5.26 67.09
CA LYS A 273 -33.76 -6.69 67.34
C LYS A 273 -32.45 -7.24 66.79
N GLY A 274 -31.57 -6.37 66.30
CA GLY A 274 -30.22 -6.80 65.89
C GLY A 274 -29.92 -6.82 64.40
N LEU A 275 -30.93 -6.57 63.57
CA LEU A 275 -30.68 -6.47 62.14
C LEU A 275 -29.84 -5.23 61.82
N LYS A 276 -28.85 -5.37 60.94
CA LYS A 276 -28.17 -4.20 60.38
C LYS A 276 -28.93 -3.76 59.15
N VAL A 277 -29.05 -2.44 58.96
CA VAL A 277 -29.70 -1.91 57.79
C VAL A 277 -28.79 -0.89 57.12
N VAL A 278 -28.49 -1.13 55.85
CA VAL A 278 -27.74 -0.20 55.02
C VAL A 278 -28.68 0.46 54.02
N VAL A 279 -28.71 1.79 54.02
CA VAL A 279 -29.54 2.55 53.09
C VAL A 279 -28.80 2.90 51.80
N SER A 280 -29.30 2.33 50.71
CA SER A 280 -28.76 2.55 49.38
C SER A 280 -29.81 3.24 48.48
N SER A 281 -29.60 3.23 47.18
CA SER A 281 -30.51 3.95 46.28
C SER A 281 -30.87 3.16 45.02
N ARG A 282 -32.13 3.24 44.59
CA ARG A 282 -32.52 2.67 43.30
C ARG A 282 -32.11 3.59 42.13
N VAL A 283 -31.50 4.72 42.47
CA VAL A 283 -31.12 5.76 41.51
C VAL A 283 -29.68 5.57 41.09
N VAL A 284 -29.40 5.70 39.78
CA VAL A 284 -28.10 5.25 39.27
C VAL A 284 -26.86 6.07 39.71
N ALA A 285 -26.97 7.39 39.78
CA ALA A 285 -25.81 8.19 40.18
C ALA A 285 -26.16 9.00 41.40
N GLY A 286 -25.13 9.52 42.10
CA GLY A 286 -25.32 10.32 43.31
C GLY A 286 -25.09 9.57 44.62
N CYS A 287 -25.14 10.28 45.75
CA CYS A 287 -25.03 9.69 47.07
C CYS A 287 -26.37 9.69 47.78
N VAL A 288 -26.54 8.83 48.78
CA VAL A 288 -27.72 8.94 49.61
C VAL A 288 -27.44 9.82 50.82
N ALA A 289 -28.49 10.35 51.43
CA ALA A 289 -28.36 11.07 52.70
C ALA A 289 -29.21 10.37 53.77
N VAL A 290 -28.60 10.15 54.93
CA VAL A 290 -29.33 9.63 56.09
C VAL A 290 -29.23 10.64 57.22
N SER A 291 -30.38 11.01 57.80
CA SER A 291 -30.44 12.00 58.87
C SER A 291 -29.71 11.55 60.12
N ASP A 292 -29.21 12.51 60.86
CA ASP A 292 -28.48 12.19 62.10
C ASP A 292 -29.28 11.27 63.02
N SER A 293 -30.59 11.49 63.11
CA SER A 293 -31.46 10.67 63.97
C SER A 293 -31.65 9.22 63.47
N ASP A 294 -31.61 9.00 62.16
CA ASP A 294 -31.76 7.63 61.65
C ASP A 294 -30.45 6.90 61.89
N GLU A 295 -29.36 7.67 61.86
CA GLU A 295 -28.01 7.16 62.08
C GLU A 295 -27.86 6.68 63.53
N LYS A 296 -28.54 7.40 64.43
CA LYS A 296 -28.54 7.06 65.83
C LYS A 296 -29.29 5.75 66.01
N LEU A 297 -30.42 5.61 65.32
CA LEU A 297 -31.20 4.37 65.33
C LEU A 297 -30.38 3.20 64.83
N GLY A 298 -29.41 3.48 63.96
CA GLY A 298 -28.60 2.41 63.39
C GLY A 298 -28.59 2.26 61.87
N PHE A 299 -29.37 3.09 61.16
CA PHE A 299 -29.30 3.10 59.70
C PHE A 299 -27.93 3.55 59.23
N ILE A 300 -27.39 2.79 58.30
CA ILE A 300 -26.07 3.02 57.74
C ILE A 300 -26.18 3.55 56.30
N SER A 301 -25.46 4.64 56.01
CA SER A 301 -25.40 5.20 54.67
C SER A 301 -24.50 4.44 53.69
N ALA A 302 -25.08 3.96 52.59
CA ALA A 302 -24.33 3.29 51.54
C ALA A 302 -23.48 4.26 50.74
N GLU A 303 -23.58 5.54 51.07
CA GLU A 303 -22.95 6.61 50.29
C GLU A 303 -23.34 6.53 48.80
N ASP A 304 -22.39 6.30 47.92
CA ASP A 304 -22.70 6.21 46.49
C ASP A 304 -22.81 4.78 45.96
N LEU A 305 -22.44 3.79 46.78
CA LEU A 305 -22.56 2.40 46.33
C LEU A 305 -24.01 1.99 46.07
N ASN A 306 -24.25 1.30 44.96
CA ASN A 306 -25.60 0.79 44.68
C ASN A 306 -25.92 -0.44 45.53
N PRO A 307 -27.20 -0.89 45.52
CA PRO A 307 -27.62 -1.93 46.46
C PRO A 307 -26.77 -3.20 46.41
N GLN A 308 -26.49 -3.71 45.21
CA GLN A 308 -25.76 -4.98 45.07
C GLN A 308 -24.29 -4.85 45.50
N LYS A 309 -23.69 -3.70 45.24
CA LYS A 309 -22.31 -3.44 45.69
C LYS A 309 -22.27 -3.06 47.16
N ALA A 310 -23.27 -2.34 47.63
CA ALA A 310 -23.40 -2.04 49.05
C ALA A 310 -23.51 -3.32 49.85
N ARG A 311 -24.10 -4.35 49.26
CA ARG A 311 -24.29 -5.63 49.96
C ARG A 311 -22.94 -6.30 50.18
N VAL A 312 -22.09 -6.25 49.17
CA VAL A 312 -20.73 -6.75 49.28
C VAL A 312 -19.99 -6.14 50.47
N LEU A 313 -20.03 -4.81 50.59
CA LEU A 313 -19.26 -4.14 51.63
C LEU A 313 -19.83 -4.44 53.03
N LEU A 314 -21.14 -4.46 53.15
CA LEU A 314 -21.79 -4.75 54.42
C LEU A 314 -21.48 -6.17 54.89
N MSE A 315 -21.54 -7.11 53.95
CA MSE A 315 -21.23 -8.50 54.20
C MSE A 315 -19.82 -8.64 54.78
O MSE A 315 -19.62 -9.24 55.83
CB MSE A 315 -21.33 -9.24 52.87
CG MSE A 315 -21.50 -10.73 52.95
SE MSE A 315 -22.37 -11.46 51.36
CE MSE A 315 -21.36 -10.53 49.99
N LEU A 316 -18.84 -8.05 54.10
CA LEU A 316 -17.46 -8.10 54.56
C LEU A 316 -17.29 -7.37 55.90
N ALA A 317 -18.02 -6.27 56.09
CA ALA A 317 -17.95 -5.51 57.35
C ALA A 317 -18.44 -6.34 58.53
N LEU A 318 -19.37 -7.25 58.27
CA LEU A 318 -19.88 -8.12 59.34
C LEU A 318 -18.89 -9.23 59.74
N THR A 319 -17.83 -9.41 58.96
CA THR A 319 -16.79 -10.37 59.33
C THR A 319 -15.77 -9.74 60.28
N LYS A 320 -15.88 -8.44 60.49
CA LYS A 320 -14.99 -7.72 61.39
C LYS A 320 -15.70 -7.15 62.61
N THR A 321 -16.92 -6.65 62.41
CA THR A 321 -17.60 -5.88 63.43
C THR A 321 -19.10 -6.04 63.37
N SER A 322 -19.76 -5.71 64.47
CA SER A 322 -21.21 -5.72 64.57
C SER A 322 -21.74 -4.32 64.87
N ASP A 323 -20.81 -3.42 65.17
CA ASP A 323 -21.10 -2.03 65.56
C ASP A 323 -21.50 -1.16 64.35
N PRO A 324 -22.77 -0.77 64.26
CA PRO A 324 -23.17 0.05 63.13
C PRO A 324 -22.26 1.27 62.96
N LYS A 325 -21.77 1.83 64.06
CA LYS A 325 -20.92 3.00 63.99
C LYS A 325 -19.69 2.73 63.14
N LYS A 326 -19.13 1.53 63.30
CA LYS A 326 -17.90 1.18 62.61
C LYS A 326 -18.15 0.71 61.20
N ILE A 327 -19.28 0.02 61.01
CA ILE A 327 -19.70 -0.33 59.66
C ILE A 327 -19.81 0.95 58.83
N GLN A 328 -20.35 2.00 59.45
CA GLN A 328 -20.42 3.32 58.81
C GLN A 328 -19.06 3.89 58.45
N GLU A 329 -18.05 3.66 59.29
CA GLU A 329 -16.71 4.13 58.97
C GLU A 329 -16.14 3.38 57.77
N TYR A 330 -16.47 2.09 57.64
CA TYR A 330 -16.04 1.31 56.48
C TYR A 330 -16.69 1.85 55.19
N PHE A 331 -18.01 2.12 55.26
CA PHE A 331 -18.73 2.61 54.08
C PHE A 331 -18.22 3.96 53.55
N LEU A 332 -17.52 4.69 54.40
CA LEU A 332 -16.96 6.01 54.05
C LEU A 332 -15.58 5.87 53.42
N LYS A 333 -14.96 4.71 53.60
CA LYS A 333 -13.54 4.55 53.33
C LYS A 333 -13.27 3.64 52.14
N TYR A 334 -14.13 2.64 51.94
CA TYR A 334 -13.82 1.59 50.97
C TYR A 334 -14.75 1.52 49.76
N LYS B 8 -41.92 -9.32 -0.83
CA LYS B 8 -40.52 -9.09 -0.46
C LYS B 8 -40.04 -7.74 -0.98
N SER B 9 -39.49 -6.94 -0.10
CA SER B 9 -39.16 -5.57 -0.45
C SER B 9 -37.82 -5.47 -1.15
N ARG B 10 -37.74 -4.53 -2.10
CA ARG B 10 -36.53 -4.32 -2.87
C ARG B 10 -35.66 -3.24 -2.22
N ILE B 11 -34.44 -3.62 -1.87
CA ILE B 11 -33.56 -2.74 -1.10
C ILE B 11 -32.24 -2.49 -1.83
N ALA B 12 -31.92 -1.22 -2.03
CA ALA B 12 -30.66 -0.83 -2.66
C ALA B 12 -29.65 -0.46 -1.58
N ILE B 13 -28.45 -1.03 -1.67
CA ILE B 13 -27.39 -0.71 -0.74
C ILE B 13 -26.33 0.08 -1.50
N LEU B 14 -26.17 1.35 -1.14
CA LEU B 14 -25.25 2.25 -1.83
C LEU B 14 -23.95 2.43 -1.04
N GLY B 15 -22.83 2.15 -1.70
CA GLY B 15 -21.53 2.23 -1.04
C GLY B 15 -20.83 3.55 -1.30
N THR B 16 -20.28 4.13 -0.24
CA THR B 16 -19.47 5.35 -0.36
C THR B 16 -18.09 5.16 0.23
N GLY B 17 -17.87 3.97 0.79
CA GLY B 17 -16.58 3.69 1.38
C GLY B 17 -16.63 3.66 2.89
N GLY B 18 -15.70 4.36 3.52
CA GLY B 18 -15.69 4.42 4.97
C GLY B 18 -14.98 3.22 5.60
N THR B 19 -14.76 3.33 6.90
CA THR B 19 -14.07 2.30 7.66
C THR B 19 -14.75 0.95 7.56
N ILE B 20 -16.06 0.96 7.32
CA ILE B 20 -16.82 -0.27 7.19
C ILE B 20 -16.31 -1.07 5.98
N ALA B 21 -15.73 -0.36 5.02
CA ALA B 21 -15.04 -1.00 3.90
C ALA B 21 -13.51 -0.91 4.06
N GLY B 22 -13.05 -0.59 5.27
CA GLY B 22 -11.62 -0.45 5.53
C GLY B 22 -10.86 -1.77 5.59
N PHE B 23 -9.56 -1.69 5.29
CA PHE B 23 -8.66 -2.83 5.37
C PHE B 23 -7.31 -2.43 5.97
N ILE B 24 -6.80 -3.26 6.88
CA ILE B 24 -5.43 -3.16 7.39
C ILE B 24 -4.84 -4.57 7.64
N ASP B 25 -3.54 -4.72 7.46
CA ASP B 25 -2.88 -6.03 7.56
C ASP B 25 -3.15 -6.77 8.87
N SER B 26 -3.16 -6.02 9.97
CA SER B 26 -3.37 -6.59 11.29
C SER B 26 -4.85 -6.90 11.55
N THR B 27 -5.12 -7.97 12.29
CA THR B 27 -6.48 -8.26 12.74
C THR B 27 -6.77 -7.56 14.06
N ILE B 28 -5.69 -7.17 14.75
CA ILE B 28 -5.78 -6.45 16.02
C ILE B 28 -5.94 -4.95 15.87
N ALA B 29 -5.21 -4.38 14.90
CA ALA B 29 -5.18 -2.94 14.69
C ALA B 29 -6.52 -2.37 14.23
N THR B 30 -6.82 -1.18 14.72
CA THR B 30 -8.09 -0.52 14.41
C THR B 30 -7.88 0.93 13.93
N THR B 31 -6.64 1.43 14.00
CA THR B 31 -6.30 2.72 13.40
C THR B 31 -5.22 2.53 12.33
N GLY B 32 -5.18 3.44 11.36
CA GLY B 32 -4.12 3.42 10.35
C GLY B 32 -4.51 2.75 9.05
N TYR B 33 -5.63 2.05 9.08
CA TYR B 33 -6.14 1.36 7.89
C TYR B 33 -6.46 2.34 6.77
N ALA B 34 -6.60 1.82 5.56
CA ALA B 34 -7.09 2.61 4.43
C ALA B 34 -8.61 2.46 4.33
N ALA B 35 -9.36 3.51 4.71
CA ALA B 35 -10.81 3.48 4.57
C ALA B 35 -11.18 3.48 3.09
N GLY B 36 -12.26 2.78 2.75
CA GLY B 36 -12.71 2.70 1.37
C GLY B 36 -11.90 1.77 0.48
N ALA B 37 -11.55 0.61 1.01
CA ALA B 37 -10.76 -0.37 0.26
C ALA B 37 -11.58 -1.55 -0.29
N ILE B 38 -12.65 -1.93 0.42
CA ILE B 38 -13.44 -3.12 0.04
C ILE B 38 -14.67 -2.76 -0.79
N ASP B 39 -14.90 -3.50 -1.86
CA ASP B 39 -16.10 -3.36 -2.67
C ASP B 39 -17.37 -3.66 -1.86
N ILE B 40 -18.43 -2.89 -2.11
CA ILE B 40 -19.67 -3.02 -1.34
C ILE B 40 -20.30 -4.40 -1.48
N ASP B 41 -20.09 -5.07 -2.61
CA ASP B 41 -20.65 -6.40 -2.80
C ASP B 41 -19.98 -7.47 -1.91
N VAL B 42 -18.68 -7.31 -1.68
CA VAL B 42 -17.94 -8.21 -0.79
C VAL B 42 -18.46 -8.10 0.64
N LEU B 43 -18.78 -6.88 1.06
CA LEU B 43 -19.31 -6.61 2.40
C LEU B 43 -20.68 -7.24 2.58
N ILE B 44 -21.49 -7.16 1.53
CA ILE B 44 -22.81 -7.80 1.52
C ILE B 44 -22.69 -9.32 1.58
N LYS B 45 -21.88 -9.90 0.70
CA LYS B 45 -21.71 -11.35 0.67
C LYS B 45 -21.13 -11.91 1.98
N ALA B 46 -20.58 -11.04 2.81
CA ALA B 46 -19.98 -11.46 4.08
C ALA B 46 -21.05 -11.80 5.12
N VAL B 47 -22.23 -11.21 4.98
CA VAL B 47 -23.35 -11.50 5.87
C VAL B 47 -24.55 -12.03 5.08
N PRO B 48 -24.56 -13.35 4.86
CA PRO B 48 -25.53 -14.10 4.06
C PRO B 48 -26.98 -13.82 4.44
N GLN B 49 -27.27 -13.79 5.74
CA GLN B 49 -28.65 -13.69 6.21
C GLN B 49 -29.37 -12.48 5.66
N ILE B 50 -28.61 -11.46 5.28
CA ILE B 50 -29.17 -10.23 4.73
C ILE B 50 -30.08 -10.51 3.54
N ARG B 51 -29.79 -11.60 2.82
CA ARG B 51 -30.57 -11.96 1.64
C ARG B 51 -31.97 -12.48 1.98
N ASP B 52 -32.17 -12.87 3.23
CA ASP B 52 -33.48 -13.34 3.66
C ASP B 52 -34.40 -12.18 4.03
N LEU B 53 -33.82 -11.02 4.31
CA LEU B 53 -34.61 -9.85 4.69
C LEU B 53 -35.26 -9.18 3.48
N ALA B 54 -34.67 -9.34 2.31
CA ALA B 54 -35.10 -8.54 1.18
C ALA B 54 -34.37 -8.89 -0.11
N ASP B 55 -34.91 -8.38 -1.22
CA ASP B 55 -34.24 -8.52 -2.52
C ASP B 55 -33.19 -7.43 -2.65
N ILE B 56 -31.93 -7.82 -2.49
CA ILE B 56 -30.83 -6.88 -2.39
C ILE B 56 -30.19 -6.55 -3.73
N SER B 57 -30.10 -5.25 -4.02
CA SER B 57 -29.24 -4.79 -5.10
C SER B 57 -28.23 -3.81 -4.51
N TRP B 58 -27.17 -3.56 -5.25
CA TRP B 58 -26.10 -2.70 -4.76
C TRP B 58 -25.42 -1.98 -5.90
N GLU B 59 -24.96 -0.77 -5.58
CA GLU B 59 -24.18 0.05 -6.49
C GLU B 59 -23.08 0.75 -5.67
N GLN B 60 -21.90 0.88 -6.24
CA GLN B 60 -20.80 1.61 -5.60
C GLN B 60 -20.85 3.04 -6.13
N ILE B 61 -21.12 4.00 -5.26
CA ILE B 61 -21.24 5.41 -5.65
C ILE B 61 -19.87 6.10 -5.57
N ALA B 62 -19.11 5.75 -4.53
CA ALA B 62 -17.73 6.19 -4.38
C ALA B 62 -17.08 5.19 -3.42
N ASN B 63 -15.77 5.24 -3.30
CA ASN B 63 -15.10 4.44 -2.27
C ASN B 63 -14.02 5.25 -1.57
N ILE B 64 -14.44 6.12 -0.65
CA ILE B 64 -13.54 7.12 -0.09
C ILE B 64 -13.54 7.16 1.43
N ASP B 65 -12.53 7.83 1.98
CA ASP B 65 -12.47 8.15 3.39
C ASP B 65 -13.49 9.28 3.58
N SER B 66 -14.42 9.15 4.53
CA SER B 66 -15.49 10.16 4.63
C SER B 66 -15.00 11.51 5.12
N SER B 67 -13.78 11.57 5.63
CA SER B 67 -13.22 12.86 5.98
C SER B 67 -12.97 13.66 4.71
N ASN B 68 -13.05 12.99 3.56
CA ASN B 68 -12.85 13.66 2.26
C ASN B 68 -14.13 13.78 1.48
N MSE B 69 -15.26 13.65 2.17
CA MSE B 69 -16.55 13.88 1.56
C MSE B 69 -16.59 15.25 0.86
O MSE B 69 -15.86 16.17 1.24
CB MSE B 69 -17.63 13.80 2.63
CG MSE B 69 -19.05 13.77 2.11
SE MSE B 69 -19.37 12.31 0.86
CE MSE B 69 -18.40 10.90 1.86
N CYS B 70 -17.42 15.37 -0.15
CA CYS B 70 -17.55 16.61 -0.92
C CYS B 70 -18.97 16.77 -1.48
N ASP B 71 -19.26 17.95 -2.04
CA ASP B 71 -20.58 18.32 -2.57
C ASP B 71 -21.05 17.43 -3.72
N GLU B 72 -20.11 17.06 -4.58
CA GLU B 72 -20.44 16.32 -5.78
C GLU B 72 -21.02 14.94 -5.42
N ILE B 73 -20.42 14.29 -4.42
CA ILE B 73 -20.92 12.98 -4.02
C ILE B 73 -22.32 13.12 -3.43
N TRP B 74 -22.53 14.15 -2.60
CA TRP B 74 -23.85 14.49 -2.09
C TRP B 74 -24.90 14.64 -3.19
N LEU B 75 -24.59 15.41 -4.23
CA LEU B 75 -25.54 15.65 -5.31
C LEU B 75 -25.83 14.35 -6.05
N ARG B 76 -24.78 13.59 -6.31
CA ARG B 76 -24.91 12.28 -6.93
C ARG B 76 -25.80 11.35 -6.08
N LEU B 77 -25.53 11.25 -4.79
CA LEU B 77 -26.36 10.43 -3.90
C LEU B 77 -27.83 10.82 -3.92
N ALA B 78 -28.09 12.11 -3.72
CA ALA B 78 -29.45 12.58 -3.66
C ALA B 78 -30.17 12.20 -4.93
N LYS B 79 -29.54 12.45 -6.08
CA LYS B 79 -30.20 12.16 -7.34
C LYS B 79 -30.44 10.67 -7.54
N LYS B 80 -29.45 9.83 -7.18
CA LYS B 80 -29.56 8.39 -7.38
C LYS B 80 -30.70 7.81 -6.55
N ILE B 81 -30.81 8.28 -5.32
CA ILE B 81 -31.87 7.80 -4.44
C ILE B 81 -33.23 8.16 -5.01
N ALA B 82 -33.39 9.39 -5.46
CA ALA B 82 -34.67 9.86 -5.97
C ALA B 82 -35.08 8.98 -7.15
N LYS B 83 -34.10 8.70 -7.99
CA LYS B 83 -34.29 7.87 -9.17
C LYS B 83 -34.68 6.44 -8.77
N LEU B 84 -33.89 5.81 -7.91
CA LEU B 84 -34.17 4.43 -7.52
C LEU B 84 -35.57 4.32 -6.92
N PHE B 85 -35.92 5.26 -6.02
CA PHE B 85 -37.24 5.29 -5.41
C PHE B 85 -38.37 5.40 -6.45
N ALA B 86 -38.16 6.19 -7.49
CA ALA B 86 -39.16 6.33 -8.53
C ALA B 86 -39.23 5.10 -9.45
N GLU B 87 -38.19 4.27 -9.43
CA GLU B 87 -38.14 3.06 -10.26
C GLU B 87 -38.43 1.75 -9.51
N GLY B 88 -38.92 1.84 -8.28
CA GLY B 88 -39.42 0.65 -7.60
C GLY B 88 -38.72 0.16 -6.35
N ILE B 89 -37.61 0.80 -5.97
CA ILE B 89 -36.90 0.41 -4.76
C ILE B 89 -37.71 0.81 -3.52
N ASP B 90 -37.80 -0.10 -2.55
CA ASP B 90 -38.62 0.15 -1.37
C ASP B 90 -37.86 0.85 -0.24
N GLY B 91 -36.54 0.70 -0.22
CA GLY B 91 -35.69 1.32 0.79
C GLY B 91 -34.23 1.39 0.33
N VAL B 92 -33.46 2.28 0.94
CA VAL B 92 -32.04 2.42 0.64
C VAL B 92 -31.19 2.37 1.91
N VAL B 93 -30.06 1.67 1.83
CA VAL B 93 -29.02 1.72 2.86
C VAL B 93 -27.74 2.27 2.21
N ILE B 94 -27.14 3.26 2.85
CA ILE B 94 -25.89 3.86 2.38
C ILE B 94 -24.77 3.51 3.37
N THR B 95 -23.75 2.78 2.92
CA THR B 95 -22.58 2.54 3.76
C THR B 95 -21.65 3.72 3.61
N HIS B 96 -21.18 4.24 4.74
CA HIS B 96 -20.59 5.56 4.78
C HIS B 96 -19.53 5.61 5.89
N GLY B 97 -18.52 6.45 5.72
CA GLY B 97 -17.52 6.62 6.76
C GLY B 97 -18.18 7.34 7.92
N THR B 98 -17.67 7.12 9.12
CA THR B 98 -18.34 7.69 10.28
C THR B 98 -18.01 9.17 10.50
N ASP B 99 -16.89 9.63 9.94
CA ASP B 99 -16.39 10.99 10.20
C ASP B 99 -17.32 12.13 9.81
N THR B 100 -18.02 12.00 8.69
CA THR B 100 -18.93 13.05 8.24
C THR B 100 -20.34 12.55 7.99
N MSE B 101 -20.64 11.37 8.53
CA MSE B 101 -21.94 10.75 8.40
C MSE B 101 -23.10 11.66 8.86
O MSE B 101 -24.18 11.66 8.25
CB MSE B 101 -21.96 9.42 9.16
CG MSE B 101 -23.24 8.61 9.02
SE MSE B 101 -23.04 6.75 9.60
CE MSE B 101 -22.09 6.04 8.07
N GLU B 102 -22.88 12.44 9.92
CA GLU B 102 -23.84 13.45 10.35
C GLU B 102 -24.22 14.35 9.17
N GLU B 103 -23.18 14.82 8.49
CA GLU B 103 -23.33 15.80 7.43
C GLU B 103 -24.12 15.21 6.28
N THR B 104 -23.64 14.12 5.70
CA THR B 104 -24.36 13.48 4.61
C THR B 104 -25.81 13.15 5.01
N ALA B 105 -26.00 12.66 6.22
CA ALA B 105 -27.30 12.19 6.64
C ALA B 105 -28.30 13.33 6.60
N TYR B 106 -27.86 14.48 7.10
CA TYR B 106 -28.73 15.64 7.23
C TYR B 106 -28.99 16.28 5.85
N PHE B 107 -27.98 16.26 4.97
CA PHE B 107 -28.18 16.71 3.60
C PHE B 107 -29.34 15.92 2.96
N LEU B 108 -29.30 14.61 3.09
CA LEU B 108 -30.29 13.77 2.47
C LEU B 108 -31.65 14.06 3.09
N ASN B 109 -31.67 14.28 4.41
CA ASN B 109 -32.91 14.56 5.14
C ASN B 109 -33.69 15.73 4.54
N LEU B 110 -32.96 16.66 3.95
CA LEU B 110 -33.54 17.90 3.45
C LEU B 110 -33.81 17.90 1.94
N THR B 111 -33.27 16.92 1.22
CA THR B 111 -33.30 16.92 -0.23
C THR B 111 -33.93 15.70 -0.93
N ILE B 112 -34.34 14.69 -0.16
CA ILE B 112 -34.99 13.52 -0.74
C ILE B 112 -36.52 13.59 -0.56
N LYS B 113 -37.24 13.70 -1.66
CA LYS B 113 -38.70 13.94 -1.63
C LYS B 113 -39.57 12.67 -1.55
N SER B 114 -39.18 11.74 -0.70
CA SER B 114 -39.87 10.46 -0.59
C SER B 114 -40.00 10.08 0.89
N ASP B 115 -41.02 9.28 1.21
CA ASP B 115 -41.22 8.79 2.57
C ASP B 115 -40.55 7.44 2.85
N LYS B 116 -40.05 6.80 1.80
CA LYS B 116 -39.38 5.49 1.92
C LYS B 116 -38.12 5.59 2.76
N PRO B 117 -37.88 4.58 3.60
CA PRO B 117 -36.72 4.62 4.51
C PRO B 117 -35.40 4.85 3.77
N VAL B 118 -34.57 5.74 4.29
CA VAL B 118 -33.18 5.85 3.87
C VAL B 118 -32.33 5.73 5.12
N VAL B 119 -31.41 4.76 5.15
CA VAL B 119 -30.57 4.54 6.32
C VAL B 119 -29.08 4.53 6.02
N LEU B 120 -28.35 5.40 6.72
CA LEU B 120 -26.89 5.39 6.69
C LEU B 120 -26.32 4.48 7.78
N VAL B 121 -25.20 3.83 7.48
CA VAL B 121 -24.60 2.88 8.39
C VAL B 121 -23.11 2.90 8.19
N GLY B 122 -22.35 2.59 9.23
CA GLY B 122 -20.91 2.54 9.12
C GLY B 122 -20.32 1.66 10.19
N ALA B 123 -19.05 1.85 10.49
CA ALA B 123 -18.39 1.06 11.53
C ALA B 123 -17.15 1.80 12.03
N MSE B 124 -16.78 1.56 13.27
CA MSE B 124 -15.62 2.20 13.85
C MSE B 124 -14.38 1.32 13.77
O MSE B 124 -13.27 1.78 14.02
CB MSE B 124 -15.92 2.56 15.30
CG MSE B 124 -17.09 3.49 15.44
SE MSE B 124 -16.64 5.27 14.79
CE MSE B 124 -15.32 5.72 16.17
N ARG B 125 -14.57 0.05 13.42
CA ARG B 125 -13.46 -0.88 13.23
C ARG B 125 -13.38 -1.38 11.79
N PRO B 126 -12.17 -1.46 11.26
CA PRO B 126 -12.00 -1.88 9.86
C PRO B 126 -12.56 -3.28 9.67
N SER B 127 -12.99 -3.57 8.46
CA SER B 127 -13.60 -4.86 8.13
C SER B 127 -12.79 -6.04 8.68
N THR B 128 -11.47 -5.87 8.70
CA THR B 128 -10.54 -6.96 8.90
C THR B 128 -10.14 -7.14 10.34
N ALA B 129 -10.63 -6.26 11.22
CA ALA B 129 -10.24 -6.29 12.62
C ALA B 129 -11.09 -7.30 13.36
N ILE B 130 -10.58 -7.83 14.46
CA ILE B 130 -11.36 -8.76 15.26
C ILE B 130 -12.48 -8.01 15.97
N SER B 131 -13.63 -8.67 16.10
CA SER B 131 -14.78 -8.05 16.71
C SER B 131 -15.20 -6.82 15.88
N ALA B 132 -14.97 -6.89 14.57
CA ALA B 132 -15.40 -5.82 13.71
C ALA B 132 -16.91 -5.64 13.82
N ASP B 133 -17.35 -4.40 13.87
CA ASP B 133 -18.75 -4.07 14.10
C ASP B 133 -19.56 -4.01 12.83
N GLY B 134 -18.86 -3.88 11.72
CA GLY B 134 -19.48 -3.61 10.44
C GLY B 134 -20.62 -4.54 10.11
N PRO B 135 -20.39 -5.86 10.22
CA PRO B 135 -21.36 -6.86 9.79
C PRO B 135 -22.71 -6.79 10.54
N LYS B 136 -22.70 -6.72 11.88
CA LYS B 136 -23.96 -6.59 12.62
C LYS B 136 -24.67 -5.27 12.26
N ASN B 137 -23.89 -4.20 12.10
CA ASN B 137 -24.45 -2.93 11.69
C ASN B 137 -25.14 -2.98 10.33
N LEU B 138 -24.51 -3.64 9.36
CA LEU B 138 -25.10 -3.75 8.03
C LEU B 138 -26.36 -4.58 8.09
N TYR B 139 -26.35 -5.64 8.91
CA TYR B 139 -27.55 -6.48 9.08
C TYR B 139 -28.70 -5.69 9.70
N ASN B 140 -28.45 -5.00 10.81
CA ASN B 140 -29.48 -4.21 11.47
C ASN B 140 -30.06 -3.15 10.54
N ALA B 141 -29.19 -2.57 9.72
CA ALA B 141 -29.60 -1.46 8.87
C ALA B 141 -30.58 -1.97 7.82
N VAL B 142 -30.35 -3.18 7.33
CA VAL B 142 -31.25 -3.76 6.35
C VAL B 142 -32.57 -4.13 7.01
N ALA B 143 -32.49 -4.70 8.20
CA ALA B 143 -33.71 -5.05 8.94
C ALA B 143 -34.57 -3.82 9.18
N LEU B 144 -33.91 -2.69 9.47
CA LEU B 144 -34.62 -1.45 9.73
C LEU B 144 -35.38 -0.94 8.51
N VAL B 145 -34.67 -0.87 7.38
CA VAL B 145 -35.21 -0.31 6.14
C VAL B 145 -36.32 -1.19 5.60
N VAL B 146 -36.44 -2.37 6.20
CA VAL B 146 -37.41 -3.36 5.78
C VAL B 146 -38.62 -3.33 6.71
N ASN B 147 -38.46 -2.73 7.88
CA ASN B 147 -39.52 -2.70 8.87
C ASN B 147 -40.71 -1.86 8.41
N LYS B 148 -41.91 -2.37 8.62
CA LYS B 148 -43.13 -1.67 8.23
C LYS B 148 -43.25 -0.29 8.90
N GLU B 149 -42.62 -0.11 10.05
CA GLU B 149 -42.76 1.14 10.79
C GLU B 149 -41.75 2.19 10.34
N ALA B 150 -40.93 1.83 9.37
CA ALA B 150 -39.77 2.63 8.98
C ALA B 150 -40.09 3.72 7.99
N LYS B 151 -41.35 3.79 7.57
CA LYS B 151 -41.76 4.74 6.54
C LYS B 151 -42.08 6.11 7.14
N ASN B 152 -41.72 7.17 6.41
CA ASN B 152 -41.98 8.52 6.85
C ASN B 152 -41.32 8.93 8.19
N LYS B 153 -40.22 8.28 8.56
CA LYS B 153 -39.54 8.62 9.82
C LYS B 153 -38.47 9.71 9.63
N GLY B 154 -38.25 10.14 8.39
CA GLY B 154 -37.12 10.99 8.07
C GLY B 154 -35.91 10.12 7.81
N VAL B 155 -34.84 10.69 7.29
CA VAL B 155 -33.61 9.93 7.03
C VAL B 155 -32.98 9.50 8.35
N MSE B 156 -32.42 8.30 8.39
CA MSE B 156 -31.93 7.77 9.66
C MSE B 156 -30.47 7.31 9.66
O MSE B 156 -29.90 6.94 8.62
CB MSE B 156 -32.83 6.62 10.15
CG MSE B 156 -34.23 7.08 10.56
SE MSE B 156 -35.54 5.63 10.66
CE MSE B 156 -35.77 5.30 8.73
N VAL B 157 -29.87 7.35 10.85
CA VAL B 157 -28.62 6.67 11.07
C VAL B 157 -28.86 5.50 12.00
N ALA B 158 -28.45 4.31 11.58
CA ALA B 158 -28.55 3.11 12.40
C ALA B 158 -27.14 2.57 12.60
N ILE B 159 -26.72 2.50 13.85
CA ILE B 159 -25.38 2.06 14.17
C ILE B 159 -25.32 1.64 15.64
N ASN B 160 -24.69 0.49 15.90
CA ASN B 160 -24.57 0.02 17.28
C ASN B 160 -25.93 -0.19 17.96
N ASP B 161 -26.90 -0.70 17.20
CA ASP B 161 -28.21 -1.12 17.71
C ASP B 161 -29.16 0.07 18.03
N LYS B 162 -28.68 1.28 17.77
CA LYS B 162 -29.46 2.50 17.97
C LYS B 162 -29.99 3.07 16.65
N ILE B 163 -31.17 3.68 16.70
CA ILE B 163 -31.71 4.37 15.54
C ILE B 163 -31.77 5.85 15.86
N LEU B 164 -31.13 6.67 15.04
CA LEU B 164 -31.04 8.10 15.30
C LEU B 164 -31.50 8.86 14.09
N SER B 165 -32.17 9.99 14.32
CA SER B 165 -32.64 10.79 13.20
C SER B 165 -31.49 11.65 12.68
N ALA B 166 -31.50 11.91 11.37
CA ALA B 166 -30.56 12.84 10.77
C ALA B 166 -30.59 14.17 11.49
N ARG B 167 -31.77 14.65 11.83
CA ARG B 167 -31.87 15.97 12.43
C ARG B 167 -31.10 16.07 13.76
N GLY B 168 -30.98 14.94 14.45
CA GLY B 168 -30.37 14.94 15.76
C GLY B 168 -29.01 14.29 15.88
N VAL B 169 -28.62 13.50 14.89
CA VAL B 169 -27.46 12.63 15.03
C VAL B 169 -26.16 13.40 15.04
N VAL B 170 -25.25 13.03 15.93
CA VAL B 170 -23.93 13.64 16.01
C VAL B 170 -22.89 12.61 16.46
N LYS B 171 -21.72 12.58 15.83
CA LYS B 171 -20.64 11.69 16.33
C LYS B 171 -20.07 12.30 17.61
N THR B 172 -20.15 11.54 18.70
CA THR B 172 -19.77 12.07 20.01
C THR B 172 -18.59 11.31 20.67
N HIS B 173 -18.19 10.20 20.09
CA HIS B 173 -16.94 9.55 20.48
C HIS B 173 -16.09 9.22 19.26
N SER B 174 -14.79 9.47 19.35
CA SER B 174 -13.93 9.33 18.19
C SER B 174 -13.39 7.92 17.99
N LEU B 175 -13.33 7.12 19.06
CA LEU B 175 -12.75 5.78 18.95
C LEU B 175 -13.74 4.64 19.22
N ASN B 176 -14.64 4.85 20.17
CA ASN B 176 -15.55 3.79 20.63
C ASN B 176 -16.54 3.29 19.56
N VAL B 177 -16.93 2.02 19.64
CA VAL B 177 -17.93 1.50 18.71
C VAL B 177 -19.26 2.21 18.90
N ASP B 178 -19.51 2.64 20.13
CA ASP B 178 -20.68 3.41 20.47
C ASP B 178 -20.37 4.88 20.22
N ALA B 179 -20.32 5.29 18.96
CA ALA B 179 -19.74 6.58 18.63
C ALA B 179 -20.75 7.71 18.40
N PHE B 180 -22.03 7.34 18.26
CA PHE B 180 -23.07 8.30 17.89
C PHE B 180 -24.18 8.43 18.91
N SER B 181 -24.70 9.65 19.04
CA SER B 181 -25.90 9.90 19.84
C SER B 181 -26.60 11.12 19.27
N SER B 182 -27.68 11.57 19.91
CA SER B 182 -28.32 12.85 19.59
C SER B 182 -28.35 13.69 20.85
N PRO B 183 -27.33 14.51 21.06
CA PRO B 183 -27.19 15.32 22.27
C PRO B 183 -28.50 15.97 22.69
N ASP B 184 -29.29 16.39 21.73
CA ASP B 184 -30.48 17.17 22.05
C ASP B 184 -31.80 16.44 21.83
N PHE B 185 -31.87 15.60 20.81
CA PHE B 185 -33.14 14.95 20.45
C PHE B 185 -33.25 13.56 21.06
N GLY B 186 -32.11 12.97 21.40
CA GLY B 186 -32.13 11.60 21.87
C GLY B 186 -32.38 10.63 20.72
N ASP B 187 -32.73 9.39 21.04
CA ASP B 187 -32.78 8.34 20.05
C ASP B 187 -34.21 8.12 19.56
N LEU B 188 -34.35 7.68 18.31
CA LEU B 188 -35.67 7.32 17.81
C LEU B 188 -36.09 5.94 18.28
N GLY B 189 -35.12 5.04 18.39
CA GLY B 189 -35.43 3.66 18.71
C GLY B 189 -34.19 2.82 18.88
N TYR B 190 -34.38 1.51 18.93
CA TYR B 190 -33.31 0.57 19.18
C TYR B 190 -33.57 -0.70 18.35
N ILE B 191 -32.51 -1.40 17.96
CA ILE B 191 -32.68 -2.66 17.24
C ILE B 191 -32.16 -3.82 18.08
N VAL B 192 -32.92 -4.90 18.15
CA VAL B 192 -32.48 -6.08 18.89
C VAL B 192 -32.50 -7.31 17.99
N ASP B 193 -31.37 -7.58 17.35
CA ASP B 193 -31.25 -8.70 16.41
C ASP B 193 -32.24 -8.55 15.26
N GLY B 194 -32.21 -7.40 14.60
CA GLY B 194 -33.12 -7.16 13.49
C GLY B 194 -34.54 -6.91 13.96
N LYS B 195 -34.75 -6.95 15.27
CA LYS B 195 -36.04 -6.60 15.82
C LYS B 195 -36.10 -5.08 16.08
N VAL B 196 -36.90 -4.37 15.30
CA VAL B 196 -36.95 -2.94 15.45
C VAL B 196 -37.96 -2.47 16.49
N PHE B 197 -37.55 -1.54 17.33
CA PHE B 197 -38.46 -0.88 18.26
C PHE B 197 -38.35 0.63 18.10
N PHE B 198 -39.44 1.29 17.72
CA PHE B 198 -39.45 2.74 17.67
C PHE B 198 -39.99 3.33 18.97
N TYR B 199 -39.43 4.45 19.40
CA TYR B 199 -39.89 5.15 20.60
C TYR B 199 -40.42 6.56 20.28
N ASN B 200 -39.91 7.17 19.22
CA ASN B 200 -40.25 8.55 18.92
C ASN B 200 -40.43 8.85 17.45
N ASN B 201 -41.20 9.90 17.19
CA ASN B 201 -41.20 10.60 15.93
C ASN B 201 -40.59 11.99 16.09
N VAL B 202 -39.54 12.28 15.34
CA VAL B 202 -38.97 13.63 15.37
C VAL B 202 -40.01 14.56 14.77
N ILE B 203 -40.14 15.76 15.33
CA ILE B 203 -41.19 16.69 14.91
C ILE B 203 -40.79 17.61 13.76
N LYS B 204 -39.52 17.93 13.65
CA LYS B 204 -39.00 18.83 12.59
C LYS B 204 -39.20 18.31 11.17
N ALA B 205 -39.69 19.18 10.29
CA ALA B 205 -40.01 18.80 8.92
C ALA B 205 -38.80 18.19 8.21
N HIS B 206 -39.06 17.19 7.39
CA HIS B 206 -38.01 16.52 6.67
C HIS B 206 -38.57 16.05 5.32
N THR B 207 -37.67 15.60 4.45
CA THR B 207 -38.05 14.96 3.18
C THR B 207 -39.12 15.68 2.33
N LYS B 208 -40.30 15.08 2.18
CA LYS B 208 -41.36 15.70 1.36
C LYS B 208 -41.63 17.15 1.78
N ASN B 209 -41.73 17.35 3.09
CA ASN B 209 -42.07 18.66 3.64
C ASN B 209 -40.89 19.63 3.77
N ALA B 210 -39.77 19.30 3.13
CA ALA B 210 -38.66 20.23 3.05
C ALA B 210 -38.64 20.80 1.63
N PRO B 211 -38.35 22.09 1.52
CA PRO B 211 -38.55 22.79 0.24
C PRO B 211 -37.33 22.78 -0.68
N PHE B 212 -36.29 22.04 -0.35
CA PHE B 212 -35.09 22.07 -1.18
C PHE B 212 -35.12 21.06 -2.33
N ASP B 213 -34.64 21.53 -3.48
CA ASP B 213 -34.69 20.77 -4.72
C ASP B 213 -33.33 20.86 -5.38
N VAL B 214 -32.54 19.80 -5.27
CA VAL B 214 -31.22 19.84 -5.85
C VAL B 214 -31.18 19.05 -7.15
N SER B 215 -32.35 18.73 -7.68
CA SER B 215 -32.44 17.88 -8.87
C SER B 215 -31.70 18.46 -10.08
N LYS B 216 -31.63 19.78 -10.19
CA LYS B 216 -30.95 20.40 -11.32
C LYS B 216 -29.59 21.00 -10.97
N LEU B 217 -29.12 20.81 -9.74
CA LEU B 217 -27.87 21.43 -9.30
C LEU B 217 -26.62 20.61 -9.64
N THR B 218 -25.62 21.29 -10.17
CA THR B 218 -24.31 20.66 -10.40
C THR B 218 -23.30 21.20 -9.38
N SER B 219 -23.73 22.19 -8.60
CA SER B 219 -22.87 22.75 -7.59
C SER B 219 -23.67 23.36 -6.44
N LEU B 220 -23.01 23.56 -5.31
CA LEU B 220 -23.66 24.14 -4.15
C LEU B 220 -22.96 25.43 -3.72
N PRO B 221 -23.70 26.32 -3.06
CA PRO B 221 -23.13 27.57 -2.54
C PRO B 221 -21.98 27.28 -1.59
N LYS B 222 -20.95 28.10 -1.63
CA LYS B 222 -19.74 27.88 -0.86
C LYS B 222 -19.93 28.38 0.58
N VAL B 223 -19.92 27.46 1.53
CA VAL B 223 -20.17 27.79 2.92
C VAL B 223 -19.02 27.22 3.74
N ASP B 224 -18.38 28.04 4.56
CA ASP B 224 -17.23 27.57 5.33
C ASP B 224 -17.45 27.71 6.83
N ILE B 225 -16.53 27.17 7.62
CA ILE B 225 -16.71 27.15 9.07
C ILE B 225 -15.50 27.68 9.82
N LEU B 226 -15.74 28.53 10.81
CA LEU B 226 -14.70 29.00 11.70
C LEU B 226 -15.06 28.71 13.16
N TYR B 227 -14.09 28.99 14.04
CA TYR B 227 -14.13 28.59 15.43
C TYR B 227 -13.85 29.81 16.27
N SER B 228 -14.46 29.89 17.45
CA SER B 228 -14.17 31.00 18.34
C SER B 228 -13.54 30.49 19.62
N TYR B 229 -12.63 31.29 20.17
CA TYR B 229 -11.79 30.86 21.27
C TYR B 229 -11.12 32.09 21.83
N SER B 230 -10.52 31.93 23.01
CA SER B 230 -9.81 33.02 23.67
C SER B 230 -8.78 33.63 22.72
N ASN B 231 -8.69 34.96 22.73
CA ASN B 231 -7.77 35.68 21.86
C ASN B 231 -8.00 35.38 20.37
N ASP B 232 -9.23 35.01 20.03
CA ASP B 232 -9.62 34.65 18.67
C ASP B 232 -8.87 35.44 17.60
N GLY B 233 -8.23 34.75 16.66
CA GLY B 233 -7.63 35.44 15.53
C GLY B 233 -8.27 35.09 14.19
N SER B 234 -9.53 34.65 14.22
CA SER B 234 -10.23 34.16 13.03
C SER B 234 -10.64 35.24 12.02
N GLY B 235 -10.56 36.51 12.42
CA GLY B 235 -10.88 37.61 11.54
C GLY B 235 -10.12 37.51 10.25
N VAL B 236 -8.82 37.25 10.38
CA VAL B 236 -7.96 37.05 9.22
C VAL B 236 -8.49 35.96 8.28
N ALA B 237 -8.82 34.79 8.83
CA ALA B 237 -9.28 33.70 7.97
C ALA B 237 -10.60 34.04 7.29
N ALA B 238 -11.46 34.75 8.03
CA ALA B 238 -12.75 35.15 7.50
C ALA B 238 -12.61 36.09 6.29
N LYS B 239 -11.67 37.03 6.35
CA LYS B 239 -11.51 37.96 5.23
C LYS B 239 -11.04 37.18 4.01
N ALA B 240 -10.11 36.26 4.23
CA ALA B 240 -9.55 35.45 3.16
C ALA B 240 -10.61 34.57 2.54
N LEU B 241 -11.46 33.99 3.37
CA LEU B 241 -12.47 33.06 2.86
C LEU B 241 -13.47 33.81 2.00
N PHE B 242 -13.84 35.00 2.46
CA PHE B 242 -14.85 35.78 1.77
C PHE B 242 -14.36 36.19 0.39
N GLU B 243 -13.12 36.69 0.37
CA GLU B 243 -12.47 37.16 -0.85
C GLU B 243 -12.27 36.08 -1.89
N HIS B 244 -12.04 34.84 -1.43
N HIS B 244 -12.04 34.85 -1.42
CA HIS B 244 -11.85 33.71 -2.34
CA HIS B 244 -11.83 33.71 -2.32
C HIS B 244 -13.16 33.04 -2.78
C HIS B 244 -13.15 33.05 -2.77
N GLY B 245 -14.29 33.61 -2.38
CA GLY B 245 -15.57 33.12 -2.87
C GLY B 245 -16.62 32.66 -1.89
N THR B 246 -16.24 32.41 -0.64
CA THR B 246 -17.18 31.98 0.37
C THR B 246 -18.43 32.87 0.40
N LYS B 247 -19.61 32.24 0.35
CA LYS B 247 -20.87 32.97 0.40
C LYS B 247 -21.41 33.05 1.82
N GLY B 248 -21.13 32.02 2.61
CA GLY B 248 -21.64 31.98 3.96
C GLY B 248 -20.63 31.36 4.90
N ILE B 249 -20.54 31.89 6.11
CA ILE B 249 -19.74 31.27 7.13
C ILE B 249 -20.57 30.85 8.34
N VAL B 250 -20.36 29.62 8.82
CA VAL B 250 -20.85 29.22 10.11
C VAL B 250 -19.76 29.36 11.15
N VAL B 251 -20.09 29.92 12.30
CA VAL B 251 -19.12 30.07 13.37
C VAL B 251 -19.39 29.15 14.56
N ALA B 252 -18.39 28.35 14.93
CA ALA B 252 -18.51 27.52 16.14
C ALA B 252 -18.22 28.38 17.38
N GLY B 253 -19.24 29.11 17.82
CA GLY B 253 -19.02 30.02 18.92
C GLY B 253 -18.81 29.32 20.24
N SER B 254 -18.37 30.10 21.23
CA SER B 254 -18.23 29.63 22.59
C SER B 254 -19.58 29.67 23.28
N GLY B 255 -19.79 28.72 24.19
CA GLY B 255 -21.07 28.62 24.87
C GLY B 255 -22.23 28.77 23.90
N ALA B 256 -23.15 29.67 24.20
CA ALA B 256 -24.40 29.71 23.43
C ALA B 256 -24.29 30.59 22.19
N GLY B 257 -23.20 30.43 21.45
CA GLY B 257 -23.00 31.15 20.20
C GLY B 257 -22.29 32.48 20.38
N SER B 258 -21.54 32.61 21.47
CA SER B 258 -20.77 33.82 21.68
C SER B 258 -19.56 33.82 20.74
N ILE B 259 -19.31 34.95 20.09
CA ILE B 259 -18.14 35.08 19.25
C ILE B 259 -17.23 36.17 19.81
N HIS B 260 -15.98 35.79 20.01
CA HIS B 260 -14.99 36.72 20.51
C HIS B 260 -15.00 37.94 19.63
N LYS B 261 -14.87 39.10 20.28
CA LYS B 261 -14.93 40.39 19.63
C LYS B 261 -14.01 40.56 18.42
N ASN B 262 -12.80 39.99 18.47
CA ASN B 262 -11.88 40.14 17.35
C ASN B 262 -12.47 39.60 16.07
N GLN B 263 -12.95 38.37 16.11
CA GLN B 263 -13.53 37.81 14.91
C GLN B 263 -14.86 38.52 14.63
N LYS B 264 -15.65 38.74 15.66
CA LYS B 264 -17.01 39.27 15.48
C LYS B 264 -17.07 40.66 14.83
N ASP B 265 -16.17 41.56 15.20
CA ASP B 265 -16.13 42.87 14.57
C ASP B 265 -15.83 42.76 13.08
N VAL B 266 -15.06 41.76 12.70
CA VAL B 266 -14.75 41.54 11.30
C VAL B 266 -15.96 40.98 10.54
N LEU B 267 -16.69 40.08 11.18
CA LEU B 267 -17.93 39.53 10.61
C LEU B 267 -18.99 40.62 10.39
N LYS B 268 -19.11 41.55 11.33
CA LYS B 268 -20.00 42.71 11.17
C LYS B 268 -19.67 43.49 9.89
N GLU B 269 -18.39 43.78 9.70
CA GLU B 269 -17.90 44.40 8.47
C GLU B 269 -18.22 43.54 7.24
N LEU B 270 -18.07 42.22 7.38
CA LEU B 270 -18.42 41.29 6.29
C LEU B 270 -19.92 41.17 6.05
N LEU B 271 -20.72 41.25 7.11
CA LEU B 271 -22.18 41.31 6.93
C LEU B 271 -22.59 42.46 6.00
N LYS B 272 -21.94 43.62 6.14
CA LYS B 272 -22.25 44.76 5.29
C LYS B 272 -21.78 44.58 3.85
N LYS B 273 -21.02 43.53 3.60
CA LYS B 273 -20.57 43.22 2.25
C LYS B 273 -21.31 42.01 1.66
N GLY B 274 -22.36 41.55 2.33
CA GLY B 274 -23.19 40.50 1.77
C GLY B 274 -22.88 39.08 2.23
N LEU B 275 -21.85 38.92 3.06
CA LEU B 275 -21.58 37.62 3.68
C LEU B 275 -22.81 37.23 4.49
N LYS B 276 -23.26 35.99 4.32
CA LYS B 276 -24.22 35.40 5.25
C LYS B 276 -23.46 34.81 6.43
N VAL B 277 -23.88 35.15 7.65
CA VAL B 277 -23.25 34.59 8.85
C VAL B 277 -24.22 33.77 9.70
N VAL B 278 -23.88 32.52 9.95
CA VAL B 278 -24.67 31.68 10.81
C VAL B 278 -23.88 31.35 12.08
N VAL B 279 -24.55 31.54 13.22
CA VAL B 279 -23.92 31.37 14.52
C VAL B 279 -24.30 30.03 15.13
N SER B 280 -23.30 29.15 15.30
CA SER B 280 -23.41 27.85 15.94
C SER B 280 -22.59 27.80 17.24
N SER B 281 -22.20 26.60 17.67
CA SER B 281 -21.50 26.45 18.94
C SER B 281 -20.50 25.29 18.92
N ARG B 282 -19.35 25.49 19.57
CA ARG B 282 -18.39 24.40 19.78
C ARG B 282 -18.88 23.42 20.85
N VAL B 283 -19.96 23.79 21.51
CA VAL B 283 -20.53 23.02 22.61
C VAL B 283 -21.51 21.97 22.08
N VAL B 284 -21.33 20.72 22.51
CA VAL B 284 -22.02 19.60 21.88
C VAL B 284 -23.55 19.64 22.04
N ALA B 285 -24.06 19.94 23.23
CA ALA B 285 -25.52 20.00 23.45
C ALA B 285 -25.97 21.42 23.80
N GLY B 286 -27.28 21.65 23.69
CA GLY B 286 -27.83 22.98 23.90
C GLY B 286 -28.19 23.75 22.62
N CYS B 287 -28.65 24.98 22.80
CA CYS B 287 -29.21 25.77 21.72
C CYS B 287 -28.54 27.16 21.76
N VAL B 288 -28.32 27.74 20.59
CA VAL B 288 -27.62 29.03 20.46
C VAL B 288 -28.55 30.23 20.71
N ALA B 289 -27.97 31.32 21.20
CA ALA B 289 -28.74 32.55 21.46
C ALA B 289 -28.24 33.75 20.64
N VAL B 290 -29.10 34.39 19.87
CA VAL B 290 -28.70 35.62 19.21
C VAL B 290 -29.59 36.82 19.58
N SER B 291 -28.96 37.92 19.94
CA SER B 291 -29.73 39.10 20.34
C SER B 291 -30.48 39.69 19.17
N ASP B 292 -31.56 40.41 19.46
CA ASP B 292 -32.32 41.11 18.44
C ASP B 292 -31.40 42.04 17.66
N SER B 293 -30.57 42.77 18.41
CA SER B 293 -29.60 43.69 17.81
C SER B 293 -28.69 42.94 16.83
N ASP B 294 -28.16 41.79 17.23
CA ASP B 294 -27.31 41.03 16.31
C ASP B 294 -28.13 40.47 15.13
N GLU B 295 -29.30 39.91 15.40
CA GLU B 295 -30.14 39.45 14.30
C GLU B 295 -30.39 40.58 13.29
N LYS B 296 -30.59 41.80 13.77
CA LYS B 296 -30.85 42.94 12.87
C LYS B 296 -29.67 43.25 11.94
N LEU B 297 -28.44 43.14 12.47
CA LEU B 297 -27.23 43.16 11.65
C LEU B 297 -27.20 41.99 10.64
N GLY B 298 -27.90 40.89 10.95
CA GLY B 298 -28.01 39.76 10.03
C GLY B 298 -27.40 38.43 10.49
N PHE B 299 -26.96 38.38 11.74
CA PHE B 299 -26.50 37.12 12.32
C PHE B 299 -27.67 36.18 12.40
N ILE B 300 -27.45 34.94 12.02
CA ILE B 300 -28.51 33.94 12.03
C ILE B 300 -28.17 32.89 13.08
N SER B 301 -29.13 32.58 13.96
CA SER B 301 -28.95 31.52 14.97
C SER B 301 -29.05 30.13 14.34
N ALA B 302 -28.08 29.27 14.61
CA ALA B 302 -28.15 27.88 14.16
C ALA B 302 -29.04 27.05 15.06
N GLU B 303 -29.68 27.70 16.04
CA GLU B 303 -30.39 26.99 17.11
C GLU B 303 -29.50 25.91 17.73
N ASP B 304 -29.92 24.67 17.60
CA ASP B 304 -29.18 23.56 18.19
C ASP B 304 -28.32 22.83 17.15
N LEU B 305 -28.32 23.31 15.92
CA LEU B 305 -27.51 22.69 14.88
C LEU B 305 -26.01 22.94 15.06
N ASN B 306 -25.21 21.87 15.11
CA ASN B 306 -23.76 22.04 15.26
C ASN B 306 -23.15 22.69 14.01
N PRO B 307 -21.90 23.15 14.07
CA PRO B 307 -21.33 23.87 12.92
C PRO B 307 -21.50 23.18 11.57
N GLN B 308 -21.15 21.89 11.50
CA GLN B 308 -21.08 21.18 10.23
C GLN B 308 -22.47 20.85 9.67
N LYS B 309 -23.44 20.61 10.55
CA LYS B 309 -24.80 20.35 10.09
C LYS B 309 -25.48 21.67 9.72
N ALA B 310 -25.19 22.72 10.48
CA ALA B 310 -25.66 24.06 10.13
C ALA B 310 -25.14 24.50 8.75
N ARG B 311 -23.91 24.15 8.45
CA ARG B 311 -23.39 24.40 7.12
C ARG B 311 -24.33 23.78 6.08
N VAL B 312 -24.78 22.54 6.32
CA VAL B 312 -25.66 21.86 5.36
C VAL B 312 -26.90 22.70 5.05
N LEU B 313 -27.53 23.23 6.10
CA LEU B 313 -28.78 23.98 5.96
C LEU B 313 -28.56 25.40 5.42
N LEU B 314 -27.45 26.04 5.78
CA LEU B 314 -27.17 27.37 5.28
C LEU B 314 -26.97 27.29 3.76
N MSE B 315 -26.27 26.24 3.36
CA MSE B 315 -25.92 25.99 1.98
C MSE B 315 -27.16 25.69 1.12
O MSE B 315 -27.25 26.15 -0.03
CB MSE B 315 -24.97 24.80 1.97
CG MSE B 315 -24.42 24.39 0.63
SE MSE B 315 -22.83 23.27 0.97
CE MSE B 315 -23.62 22.06 2.24
N LEU B 316 -28.11 24.92 1.65
CA LEU B 316 -29.32 24.64 0.89
C LEU B 316 -30.21 25.89 0.84
N ALA B 317 -30.27 26.62 1.95
CA ALA B 317 -31.00 27.88 1.97
C ALA B 317 -30.49 28.84 0.90
N LEU B 318 -29.18 28.92 0.75
CA LEU B 318 -28.61 29.82 -0.24
C LEU B 318 -28.99 29.46 -1.69
N THR B 319 -29.48 28.24 -1.90
CA THR B 319 -30.01 27.90 -3.22
C THR B 319 -31.40 28.49 -3.44
N LYS B 320 -32.02 29.05 -2.39
CA LYS B 320 -33.35 29.64 -2.51
C LYS B 320 -33.41 31.16 -2.27
N THR B 321 -32.62 31.65 -1.33
CA THR B 321 -32.69 33.06 -0.96
C THR B 321 -31.39 33.48 -0.29
N SER B 322 -31.08 34.77 -0.35
CA SER B 322 -29.99 35.30 0.46
C SER B 322 -30.53 36.19 1.57
N ASP B 323 -31.82 36.04 1.87
CA ASP B 323 -32.47 36.92 2.83
C ASP B 323 -32.30 36.40 4.27
N PRO B 324 -31.47 37.06 5.08
CA PRO B 324 -31.23 36.54 6.43
C PRO B 324 -32.53 36.23 7.18
N LYS B 325 -33.58 36.99 6.91
CA LYS B 325 -34.83 36.80 7.62
C LYS B 325 -35.41 35.47 7.23
N LYS B 326 -35.27 35.16 5.94
CA LYS B 326 -35.82 33.93 5.41
C LYS B 326 -34.99 32.72 5.87
N ILE B 327 -33.67 32.86 5.84
CA ILE B 327 -32.80 31.76 6.24
C ILE B 327 -33.00 31.38 7.69
N GLN B 328 -33.34 32.38 8.51
CA GLN B 328 -33.58 32.16 9.93
C GLN B 328 -34.83 31.34 10.14
N GLU B 329 -35.87 31.64 9.38
CA GLU B 329 -37.10 30.84 9.39
C GLU B 329 -36.83 29.36 9.08
N TYR B 330 -35.86 29.11 8.21
CA TYR B 330 -35.50 27.75 7.86
C TYR B 330 -34.83 27.05 9.04
N PHE B 331 -33.96 27.77 9.73
CA PHE B 331 -33.28 27.23 10.88
C PHE B 331 -34.23 26.98 12.05
N LEU B 332 -35.43 27.55 12.00
CA LEU B 332 -36.42 27.33 13.06
C LEU B 332 -37.34 26.16 12.76
N LYS B 333 -37.30 25.67 11.53
CA LYS B 333 -38.31 24.74 11.02
C LYS B 333 -37.74 23.37 10.61
N TYR B 334 -36.54 23.37 10.05
CA TYR B 334 -35.89 22.16 9.55
C TYR B 334 -34.72 21.72 10.41
N LYS C 8 -9.14 29.28 60.13
CA LYS C 8 -9.78 30.03 59.06
C LYS C 8 -8.78 30.35 57.95
N SER C 9 -8.86 29.60 56.86
CA SER C 9 -7.98 29.81 55.72
C SER C 9 -8.05 31.24 55.22
N ARG C 10 -6.94 31.71 54.65
CA ARG C 10 -6.93 33.01 53.99
C ARG C 10 -7.19 32.77 52.51
N ILE C 11 -8.37 33.19 52.06
CA ILE C 11 -8.80 32.91 50.71
C ILE C 11 -9.03 34.19 49.92
N ALA C 12 -8.42 34.28 48.75
CA ALA C 12 -8.65 35.40 47.85
C ALA C 12 -9.62 35.02 46.71
N ILE C 13 -10.63 35.84 46.50
CA ILE C 13 -11.55 35.67 45.38
C ILE C 13 -11.27 36.70 44.30
N LEU C 14 -10.96 36.21 43.09
CA LEU C 14 -10.61 37.10 41.98
C LEU C 14 -11.76 37.23 40.98
N GLY C 15 -12.29 38.45 40.86
CA GLY C 15 -13.37 38.72 39.95
C GLY C 15 -12.86 38.94 38.54
N THR C 16 -13.40 38.18 37.60
CA THR C 16 -12.97 38.23 36.22
C THR C 16 -14.15 38.68 35.35
N GLY C 17 -15.37 38.49 35.87
CA GLY C 17 -16.58 38.90 35.18
C GLY C 17 -17.51 37.72 34.96
N GLY C 18 -18.05 37.62 33.74
CA GLY C 18 -18.88 36.49 33.36
C GLY C 18 -20.33 36.60 33.79
N THR C 19 -21.11 35.57 33.48
CA THR C 19 -22.55 35.57 33.78
C THR C 19 -22.86 35.60 35.27
N ILE C 20 -21.97 35.01 36.09
CA ILE C 20 -22.14 34.99 37.55
C ILE C 20 -22.24 36.41 38.12
N ALA C 21 -21.60 37.36 37.45
CA ALA C 21 -21.74 38.76 37.79
C ALA C 21 -22.74 39.43 36.82
N GLY C 22 -23.56 38.61 36.16
CA GLY C 22 -24.50 39.08 35.16
C GLY C 22 -25.68 39.89 35.69
N PHE C 23 -26.22 40.75 34.83
CA PHE C 23 -27.42 41.52 35.15
C PHE C 23 -28.39 41.58 33.98
N ILE C 24 -29.67 41.78 34.28
CA ILE C 24 -30.67 42.11 33.27
C ILE C 24 -31.97 42.52 33.98
N ASP C 25 -32.83 43.27 33.29
CA ASP C 25 -34.03 43.83 33.92
C ASP C 25 -35.04 42.76 34.38
N SER C 26 -35.41 41.86 33.48
CA SER C 26 -36.32 40.78 33.83
C SER C 26 -35.68 39.75 34.75
N THR C 27 -36.50 39.23 35.66
CA THR C 27 -36.09 38.16 36.56
C THR C 27 -36.16 36.75 35.92
N ILE C 28 -37.13 36.53 35.04
CA ILE C 28 -37.25 35.25 34.35
C ILE C 28 -36.20 35.08 33.24
N ALA C 29 -35.62 36.19 32.80
CA ALA C 29 -34.72 36.15 31.66
C ALA C 29 -33.35 35.54 31.97
N THR C 30 -32.77 34.90 30.96
CA THR C 30 -31.51 34.19 31.10
C THR C 30 -30.62 34.32 29.85
N THR C 31 -31.21 34.64 28.71
CA THR C 31 -30.42 34.68 27.47
C THR C 31 -29.76 36.04 27.20
N GLY C 32 -30.54 37.12 27.32
CA GLY C 32 -30.06 38.43 26.92
C GLY C 32 -29.56 39.31 28.05
N TYR C 33 -28.75 38.73 28.95
CA TYR C 33 -28.19 39.48 30.08
C TYR C 33 -26.87 40.17 29.74
N ALA C 34 -26.36 40.96 30.68
CA ALA C 34 -25.09 41.66 30.51
C ALA C 34 -24.03 41.14 31.47
N ALA C 35 -23.24 40.18 31.01
CA ALA C 35 -22.18 39.57 31.81
C ALA C 35 -21.10 40.59 32.22
N GLY C 36 -20.81 40.64 33.52
CA GLY C 36 -19.80 41.54 34.04
C GLY C 36 -20.33 42.94 34.32
N ALA C 37 -21.56 43.01 34.82
CA ALA C 37 -22.17 44.29 35.15
C ALA C 37 -22.06 44.53 36.64
N ILE C 38 -22.02 43.45 37.41
CA ILE C 38 -22.00 43.51 38.88
C ILE C 38 -20.59 43.30 39.45
N ASP C 39 -20.14 44.26 40.26
CA ASP C 39 -18.85 44.19 40.96
C ASP C 39 -18.75 42.99 41.88
N ILE C 40 -17.56 42.41 41.95
CA ILE C 40 -17.34 41.14 42.62
C ILE C 40 -17.70 41.10 44.12
N ASP C 41 -17.49 42.22 44.81
CA ASP C 41 -17.79 42.27 46.25
C ASP C 41 -19.28 42.21 46.55
N VAL C 42 -20.09 42.68 45.60
CA VAL C 42 -21.54 42.61 45.73
C VAL C 42 -21.99 41.16 45.85
N LEU C 43 -21.47 40.33 44.94
CA LEU C 43 -21.81 38.92 44.87
C LEU C 43 -21.46 38.19 46.17
N ILE C 44 -20.37 38.58 46.80
CA ILE C 44 -19.98 37.96 48.07
C ILE C 44 -20.97 38.28 49.20
N LYS C 45 -21.29 39.55 49.38
CA LYS C 45 -22.23 39.95 50.42
C LYS C 45 -23.53 39.14 50.34
N ALA C 46 -23.87 38.69 49.13
CA ALA C 46 -25.13 37.99 48.89
C ALA C 46 -25.15 36.55 49.39
N VAL C 47 -23.97 36.00 49.66
CA VAL C 47 -23.88 34.69 50.33
C VAL C 47 -23.14 34.85 51.66
N PRO C 48 -23.87 35.30 52.69
CA PRO C 48 -23.35 35.59 54.04
C PRO C 48 -22.59 34.41 54.66
N GLN C 49 -23.01 33.18 54.36
CA GLN C 49 -22.41 32.00 54.96
C GLN C 49 -20.97 31.79 54.49
N ILE C 50 -20.57 32.60 53.53
CA ILE C 50 -19.26 32.45 52.91
C ILE C 50 -18.18 32.95 53.88
N ARG C 51 -18.44 34.09 54.51
CA ARG C 51 -17.49 34.68 55.45
C ARG C 51 -17.34 33.81 56.69
N ASP C 52 -18.18 32.78 56.79
CA ASP C 52 -18.06 31.83 57.90
C ASP C 52 -17.03 30.75 57.59
N LEU C 53 -16.74 30.53 56.30
CA LEU C 53 -15.84 29.46 55.88
C LEU C 53 -14.35 29.87 55.86
N ALA C 54 -14.09 31.15 55.65
CA ALA C 54 -12.72 31.63 55.51
C ALA C 54 -12.62 33.11 55.76
N ASP C 55 -11.38 33.56 55.90
CA ASP C 55 -11.04 34.97 55.98
C ASP C 55 -10.92 35.47 54.55
N ILE C 56 -11.96 36.13 54.06
CA ILE C 56 -12.05 36.39 52.62
C ILE C 56 -11.66 37.79 52.16
N SER C 57 -10.88 37.82 51.08
CA SER C 57 -10.47 39.05 50.43
C SER C 57 -10.76 38.93 48.95
N TRP C 58 -10.77 40.05 48.24
CA TRP C 58 -11.14 40.02 46.83
C TRP C 58 -10.52 41.19 46.08
N GLU C 59 -10.58 41.10 44.75
CA GLU C 59 -10.14 42.19 43.87
C GLU C 59 -10.60 41.92 42.44
N GLN C 60 -11.05 42.98 41.77
CA GLN C 60 -11.48 42.89 40.39
C GLN C 60 -10.29 42.90 39.42
N ILE C 61 -9.90 41.73 38.93
CA ILE C 61 -8.90 41.62 37.88
C ILE C 61 -9.43 42.08 36.52
N ALA C 62 -10.73 41.87 36.31
CA ALA C 62 -11.41 42.32 35.10
C ALA C 62 -12.89 42.02 35.25
N ASN C 63 -13.72 42.71 34.48
CA ASN C 63 -15.15 42.41 34.43
C ASN C 63 -15.62 42.33 32.98
N ILE C 64 -15.22 41.27 32.29
CA ILE C 64 -15.57 41.08 30.89
C ILE C 64 -16.42 39.84 30.65
N ASP C 65 -16.88 39.71 29.41
CA ASP C 65 -17.50 38.51 28.90
C ASP C 65 -16.39 37.50 28.61
N SER C 66 -16.51 36.28 29.12
CA SER C 66 -15.44 35.29 28.92
C SER C 66 -15.30 34.93 27.45
N SER C 67 -16.31 35.28 26.67
CA SER C 67 -16.23 35.18 25.21
C SER C 67 -15.03 35.96 24.63
N ASN C 68 -14.73 37.09 25.27
CA ASN C 68 -13.67 38.00 24.84
C ASN C 68 -12.39 37.85 25.64
N MSE C 69 -12.14 36.64 26.15
CA MSE C 69 -10.92 36.36 26.90
C MSE C 69 -9.70 36.53 26.02
O MSE C 69 -9.79 36.39 24.81
CB MSE C 69 -10.98 34.94 27.47
CG MSE C 69 -9.83 34.58 28.40
SE MSE C 69 -9.80 35.62 30.07
CE MSE C 69 -11.66 35.45 30.61
N CYS C 70 -8.57 36.85 26.63
CA CYS C 70 -7.34 37.13 25.89
C CYS C 70 -6.08 36.71 26.67
N ASP C 71 -4.93 36.72 26.01
CA ASP C 71 -3.66 36.35 26.62
C ASP C 71 -3.26 37.31 27.73
N GLU C 72 -3.56 38.60 27.55
CA GLU C 72 -3.21 39.59 28.56
C GLU C 72 -3.74 39.17 29.93
N ILE C 73 -5.05 38.97 30.00
CA ILE C 73 -5.73 38.62 31.24
C ILE C 73 -5.14 37.35 31.89
N TRP C 74 -4.81 36.35 31.05
CA TRP C 74 -4.22 35.10 31.50
C TRP C 74 -2.86 35.32 32.15
N LEU C 75 -2.01 36.09 31.49
CA LEU C 75 -0.70 36.42 32.01
C LEU C 75 -0.79 37.14 33.34
N ARG C 76 -1.65 38.15 33.42
CA ARG C 76 -1.85 38.92 34.65
C ARG C 76 -2.34 38.03 35.77
N LEU C 77 -3.33 37.20 35.44
CA LEU C 77 -4.05 36.38 36.39
C LEU C 77 -3.11 35.38 37.05
N ALA C 78 -2.17 34.88 36.26
CA ALA C 78 -1.22 33.87 36.70
C ALA C 78 -0.13 34.53 37.55
N LYS C 79 0.13 35.79 37.28
CA LYS C 79 1.13 36.53 38.06
C LYS C 79 0.54 36.96 39.39
N LYS C 80 -0.69 37.47 39.36
CA LYS C 80 -1.38 37.91 40.56
C LYS C 80 -1.57 36.77 41.56
N ILE C 81 -1.87 35.59 41.05
CA ILE C 81 -2.02 34.39 41.88
C ILE C 81 -0.65 33.98 42.44
N ALA C 82 0.39 34.05 41.63
CA ALA C 82 1.73 33.75 42.08
C ALA C 82 2.07 34.63 43.27
N LYS C 83 1.80 35.92 43.08
CA LYS C 83 2.00 36.90 44.13
C LYS C 83 1.25 36.47 45.38
N LEU C 84 -0.07 36.36 45.28
CA LEU C 84 -0.90 36.06 46.45
C LEU C 84 -0.40 34.88 47.29
N PHE C 85 -0.08 33.77 46.64
CA PHE C 85 0.39 32.58 47.36
C PHE C 85 1.73 32.80 48.04
N ALA C 86 2.45 33.83 47.61
CA ALA C 86 3.72 34.19 48.24
C ALA C 86 3.51 35.21 49.36
N GLU C 87 2.29 35.76 49.45
CA GLU C 87 1.93 36.65 50.55
C GLU C 87 1.07 35.95 51.58
N GLY C 88 1.10 34.61 51.57
CA GLY C 88 0.45 33.83 52.59
C GLY C 88 -0.97 33.36 52.31
N ILE C 89 -1.54 33.74 51.16
CA ILE C 89 -2.88 33.29 50.78
C ILE C 89 -2.87 31.77 50.67
N ASP C 90 -3.94 31.14 51.16
CA ASP C 90 -3.99 29.68 51.23
C ASP C 90 -4.64 29.04 50.01
N GLY C 91 -5.55 29.79 49.37
CA GLY C 91 -6.25 29.30 48.21
C GLY C 91 -6.92 30.41 47.41
N VAL C 92 -7.22 30.14 46.15
CA VAL C 92 -7.82 31.16 45.31
C VAL C 92 -9.07 30.67 44.59
N VAL C 93 -10.12 31.48 44.63
CA VAL C 93 -11.33 31.22 43.87
C VAL C 93 -11.42 32.23 42.73
N ILE C 94 -11.70 31.76 41.51
CA ILE C 94 -11.79 32.65 40.36
C ILE C 94 -13.20 32.60 39.79
N THR C 95 -13.94 33.69 39.94
CA THR C 95 -15.26 33.78 39.34
C THR C 95 -15.02 34.19 37.90
N HIS C 96 -15.58 33.41 36.98
CA HIS C 96 -15.22 33.51 35.57
C HIS C 96 -16.46 33.24 34.72
N GLY C 97 -16.52 33.80 33.52
CA GLY C 97 -17.58 33.46 32.59
C GLY C 97 -17.47 31.99 32.22
N THR C 98 -18.57 31.37 31.84
CA THR C 98 -18.56 29.94 31.51
C THR C 98 -17.99 29.59 30.12
N ASP C 99 -18.15 30.50 29.16
CA ASP C 99 -17.75 30.25 27.76
C ASP C 99 -16.33 29.71 27.52
N THR C 100 -15.32 30.31 28.14
CA THR C 100 -13.96 29.84 27.95
C THR C 100 -13.28 29.46 29.28
N MSE C 101 -14.07 29.12 30.28
CA MSE C 101 -13.51 28.80 31.58
C MSE C 101 -12.54 27.64 31.46
O MSE C 101 -11.55 27.57 32.17
CB MSE C 101 -14.64 28.47 32.56
CG MSE C 101 -14.20 28.12 33.96
SE MSE C 101 -15.75 28.17 35.16
CE MSE C 101 -16.84 26.86 34.30
N GLU C 102 -12.83 26.73 30.54
CA GLU C 102 -12.02 25.54 30.37
C GLU C 102 -10.62 25.86 29.85
N GLU C 103 -10.52 26.93 29.05
CA GLU C 103 -9.26 27.38 28.50
C GLU C 103 -8.42 28.06 29.60
N THR C 104 -9.02 29.03 30.29
CA THR C 104 -8.35 29.68 31.40
C THR C 104 -7.87 28.64 32.42
N ALA C 105 -8.77 27.75 32.86
CA ALA C 105 -8.43 26.70 33.83
C ALA C 105 -7.19 25.90 33.40
N TYR C 106 -7.18 25.45 32.16
CA TYR C 106 -6.07 24.63 31.69
C TYR C 106 -4.78 25.46 31.65
N PHE C 107 -4.89 26.73 31.25
CA PHE C 107 -3.74 27.60 31.25
C PHE C 107 -3.13 27.71 32.65
N LEU C 108 -3.95 28.04 33.63
CA LEU C 108 -3.48 28.22 34.98
C LEU C 108 -2.92 26.92 35.54
N ASN C 109 -3.49 25.80 35.11
CA ASN C 109 -3.05 24.50 35.58
C ASN C 109 -1.62 24.18 35.18
N LEU C 110 -1.15 24.83 34.12
CA LEU C 110 0.16 24.55 33.55
C LEU C 110 1.16 25.63 33.92
N THR C 111 0.69 26.68 34.60
CA THR C 111 1.49 27.90 34.80
C THR C 111 1.67 28.35 36.27
N ILE C 112 0.82 27.83 37.15
CA ILE C 112 0.88 28.14 38.58
C ILE C 112 1.88 27.24 39.30
N LYS C 113 2.86 27.83 39.96
CA LYS C 113 3.91 27.05 40.61
C LYS C 113 3.58 26.66 42.05
N SER C 114 2.32 26.73 42.44
CA SER C 114 1.95 26.35 43.80
C SER C 114 1.13 25.07 43.85
N ASP C 115 1.07 24.46 45.04
CA ASP C 115 0.21 23.30 45.28
C ASP C 115 -1.08 23.72 45.95
N LYS C 116 -1.22 25.02 46.23
CA LYS C 116 -2.39 25.53 46.90
C LYS C 116 -3.58 25.59 45.94
N PRO C 117 -4.78 25.28 46.44
CA PRO C 117 -6.00 25.17 45.66
C PRO C 117 -6.34 26.42 44.84
N VAL C 118 -6.63 26.19 43.57
CA VAL C 118 -7.18 27.23 42.70
C VAL C 118 -8.44 26.71 41.99
N VAL C 119 -9.56 27.35 42.30
CA VAL C 119 -10.88 26.90 41.88
C VAL C 119 -11.51 28.00 41.05
N LEU C 120 -11.86 27.67 39.82
CA LEU C 120 -12.67 28.54 39.00
C LEU C 120 -14.16 28.21 39.19
N VAL C 121 -14.99 29.24 39.24
CA VAL C 121 -16.43 29.07 39.39
C VAL C 121 -17.17 30.08 38.52
N GLY C 122 -18.33 29.68 38.03
CA GLY C 122 -19.17 30.55 37.22
C GLY C 122 -20.62 30.19 37.41
N ALA C 123 -21.49 30.79 36.61
CA ALA C 123 -22.92 30.48 36.67
C ALA C 123 -23.50 30.41 35.27
N MSE C 124 -24.61 29.71 35.10
CA MSE C 124 -25.24 29.66 33.79
C MSE C 124 -26.35 30.68 33.69
O MSE C 124 -26.77 31.04 32.60
CB MSE C 124 -25.76 28.25 33.48
CG MSE C 124 -24.65 27.26 33.19
SE MSE C 124 -23.54 27.76 31.63
CE MSE C 124 -24.79 27.35 30.19
N ARG C 125 -26.79 31.16 34.85
CA ARG C 125 -27.85 32.15 34.93
C ARG C 125 -27.30 33.43 35.56
N PRO C 126 -27.80 34.58 35.09
CA PRO C 126 -27.33 35.89 35.58
C PRO C 126 -27.77 36.08 37.02
N SER C 127 -26.94 36.73 37.83
CA SER C 127 -27.16 36.84 39.28
C SER C 127 -28.55 37.36 39.67
N THR C 128 -29.24 37.99 38.72
CA THR C 128 -30.55 38.58 38.96
C THR C 128 -31.75 37.69 38.62
N ALA C 129 -31.51 36.52 38.04
CA ALA C 129 -32.61 35.64 37.60
C ALA C 129 -33.20 34.82 38.75
N ILE C 130 -34.45 34.41 38.62
CA ILE C 130 -35.00 33.50 39.63
C ILE C 130 -34.26 32.19 39.55
N SER C 131 -33.97 31.61 40.70
CA SER C 131 -33.30 30.33 40.76
C SER C 131 -31.87 30.46 40.23
N ALA C 132 -31.32 31.68 40.32
CA ALA C 132 -29.93 31.92 39.95
C ALA C 132 -29.04 30.92 40.67
N ASP C 133 -28.15 30.29 39.91
N ASP C 133 -28.16 30.24 39.96
CA ASP C 133 -27.26 29.25 40.41
CA ASP C 133 -27.30 29.25 40.63
C ASP C 133 -25.98 29.80 41.04
C ASP C 133 -25.88 29.74 40.90
N GLY C 134 -25.63 31.02 40.66
CA GLY C 134 -24.40 31.65 41.10
C GLY C 134 -24.06 31.55 42.59
N PRO C 135 -25.00 31.93 43.46
CA PRO C 135 -24.74 31.92 44.91
C PRO C 135 -24.37 30.55 45.50
N LYS C 136 -25.12 29.51 45.17
CA LYS C 136 -24.74 28.16 45.59
C LYS C 136 -23.35 27.81 45.05
N ASN C 137 -23.12 28.05 43.77
CA ASN C 137 -21.85 27.71 43.15
C ASN C 137 -20.69 28.41 43.85
N LEU C 138 -20.88 29.67 44.20
CA LEU C 138 -19.82 30.46 44.84
C LEU C 138 -19.54 29.92 46.23
N TYR C 139 -20.60 29.61 46.97
CA TYR C 139 -20.49 28.95 48.26
C TYR C 139 -19.65 27.66 48.18
N ASN C 140 -20.01 26.75 47.27
CA ASN C 140 -19.31 25.48 47.09
C ASN C 140 -17.82 25.63 46.70
N ALA C 141 -17.52 26.68 45.97
CA ALA C 141 -16.14 26.88 45.52
C ALA C 141 -15.28 27.35 46.70
N VAL C 142 -15.86 28.12 47.61
CA VAL C 142 -15.17 28.56 48.81
C VAL C 142 -14.99 27.37 49.77
N ALA C 143 -16.02 26.54 49.85
CA ALA C 143 -15.96 25.32 50.64
C ALA C 143 -14.83 24.42 50.13
N LEU C 144 -14.63 24.39 48.82
CA LEU C 144 -13.64 23.53 48.19
C LEU C 144 -12.24 24.02 48.48
N VAL C 145 -12.03 25.32 48.31
CA VAL C 145 -10.69 25.87 48.42
C VAL C 145 -10.20 25.81 49.87
N VAL C 146 -11.15 25.90 50.79
CA VAL C 146 -10.86 25.83 52.22
C VAL C 146 -10.65 24.39 52.70
N ASN C 147 -11.18 23.44 51.94
CA ASN C 147 -11.06 22.03 52.33
C ASN C 147 -9.61 21.58 52.49
N LYS C 148 -9.35 20.83 53.55
CA LYS C 148 -8.00 20.39 53.85
C LYS C 148 -7.46 19.43 52.80
N GLU C 149 -8.35 18.83 52.03
CA GLU C 149 -7.96 17.80 51.09
C GLU C 149 -7.83 18.35 49.67
N ALA C 150 -7.93 19.66 49.53
CA ALA C 150 -7.88 20.27 48.21
C ALA C 150 -6.47 20.63 47.80
N LYS C 151 -5.48 20.09 48.51
CA LYS C 151 -4.08 20.39 48.19
C LYS C 151 -3.56 19.49 47.09
N ASN C 152 -2.71 20.05 46.23
CA ASN C 152 -2.05 19.28 45.18
C ASN C 152 -3.02 18.50 44.27
N LYS C 153 -4.19 19.07 44.01
CA LYS C 153 -5.19 18.38 43.18
C LYS C 153 -5.15 18.88 41.74
N GLY C 154 -4.41 19.96 41.52
CA GLY C 154 -4.44 20.67 40.25
C GLY C 154 -5.39 21.87 40.33
N VAL C 155 -5.40 22.69 39.28
CA VAL C 155 -6.40 23.73 39.16
C VAL C 155 -7.74 23.03 38.92
N MSE C 156 -8.79 23.53 39.56
CA MSE C 156 -10.08 22.87 39.45
C MSE C 156 -11.23 23.81 39.05
O MSE C 156 -11.14 25.03 39.19
CB MSE C 156 -10.43 22.20 40.78
CG MSE C 156 -9.40 21.24 41.31
SE MSE C 156 -9.82 20.53 43.09
CE MSE C 156 -9.23 22.05 44.17
N VAL C 157 -12.29 23.19 38.56
CA VAL C 157 -13.54 23.87 38.30
C VAL C 157 -14.67 23.32 39.19
N ALA C 158 -15.31 24.23 39.91
CA ALA C 158 -16.34 23.84 40.83
C ALA C 158 -17.63 24.50 40.39
N ILE C 159 -18.54 23.69 39.88
CA ILE C 159 -19.80 24.22 39.38
C ILE C 159 -20.87 23.12 39.41
N ASN C 160 -22.11 23.51 39.68
CA ASN C 160 -23.20 22.56 39.81
C ASN C 160 -22.90 21.34 40.70
N ASP C 161 -22.20 21.59 41.81
CA ASP C 161 -21.91 20.57 42.83
C ASP C 161 -20.83 19.58 42.38
N LYS C 162 -20.41 19.65 41.12
CA LYS C 162 -19.33 18.80 40.63
C LYS C 162 -17.97 19.48 40.72
N ILE C 163 -16.93 18.67 40.93
CA ILE C 163 -15.55 19.14 40.97
C ILE C 163 -14.78 18.51 39.82
N LEU C 164 -14.34 19.34 38.87
CA LEU C 164 -13.72 18.84 37.65
C LEU C 164 -12.27 19.30 37.54
N SER C 165 -11.41 18.44 37.03
CA SER C 165 -10.03 18.83 36.87
C SER C 165 -9.85 19.69 35.61
N ALA C 166 -8.90 20.61 35.66
CA ALA C 166 -8.64 21.49 34.54
C ALA C 166 -8.24 20.71 33.30
N ARG C 167 -7.61 19.56 33.48
CA ARG C 167 -7.12 18.83 32.33
C ARG C 167 -8.27 18.08 31.67
N GLY C 168 -9.37 17.91 32.38
CA GLY C 168 -10.50 17.17 31.84
C GLY C 168 -11.75 17.97 31.50
N VAL C 169 -11.87 19.19 32.02
CA VAL C 169 -13.12 19.95 31.96
C VAL C 169 -13.43 20.52 30.57
N VAL C 170 -14.69 20.40 30.17
CA VAL C 170 -15.22 21.07 28.98
C VAL C 170 -16.69 21.44 29.15
N LYS C 171 -17.10 22.55 28.56
CA LYS C 171 -18.50 22.91 28.56
C LYS C 171 -19.17 21.98 27.56
N THR C 172 -20.24 21.32 28.00
CA THR C 172 -20.90 20.34 27.13
C THR C 172 -22.39 20.62 27.03
N HIS C 173 -22.81 21.72 27.64
CA HIS C 173 -24.14 22.23 27.41
C HIS C 173 -24.16 23.75 27.45
N SER C 174 -24.85 24.35 26.50
CA SER C 174 -24.79 25.80 26.31
C SER C 174 -25.83 26.58 27.12
N LEU C 175 -26.83 25.89 27.67
CA LEU C 175 -27.93 26.56 28.35
C LEU C 175 -28.23 26.01 29.74
N ASN C 176 -27.91 24.75 29.98
CA ASN C 176 -28.37 24.12 31.22
C ASN C 176 -27.40 24.40 32.39
N VAL C 177 -27.93 24.56 33.59
CA VAL C 177 -27.05 24.77 34.73
C VAL C 177 -26.08 23.59 34.90
N ASP C 178 -26.45 22.44 34.37
CA ASP C 178 -25.55 21.30 34.37
C ASP C 178 -24.74 21.38 33.07
N ALA C 179 -23.73 22.23 33.07
CA ALA C 179 -23.15 22.71 31.85
C ALA C 179 -21.77 22.11 31.56
N PHE C 180 -21.16 21.53 32.60
CA PHE C 180 -19.77 21.10 32.52
C PHE C 180 -19.59 19.65 32.88
N SER C 181 -18.61 19.02 32.25
CA SER C 181 -18.24 17.63 32.58
C SER C 181 -16.83 17.29 32.07
N SER C 182 -16.37 16.08 32.33
CA SER C 182 -15.11 15.61 31.77
C SER C 182 -15.38 14.39 30.94
N PRO C 183 -15.60 14.59 29.63
CA PRO C 183 -16.06 13.51 28.77
C PRO C 183 -15.07 12.34 28.69
N ASP C 184 -13.84 12.57 29.14
CA ASP C 184 -12.81 11.54 29.13
C ASP C 184 -12.30 11.10 30.51
N PHE C 185 -12.06 12.05 31.41
CA PHE C 185 -11.54 11.70 32.75
C PHE C 185 -12.65 11.40 33.73
N GLY C 186 -13.66 12.25 33.72
CA GLY C 186 -14.70 12.18 34.72
C GLY C 186 -14.31 12.93 35.98
N ASP C 187 -15.33 13.30 36.73
CA ASP C 187 -15.22 14.19 37.88
C ASP C 187 -14.11 13.85 38.89
N LEU C 188 -13.47 14.89 39.43
CA LEU C 188 -12.59 14.71 40.59
C LEU C 188 -13.40 14.35 41.83
N GLY C 189 -14.51 15.05 42.04
CA GLY C 189 -15.40 14.72 43.12
C GLY C 189 -16.75 15.42 43.08
N TYR C 190 -17.41 15.47 44.22
CA TYR C 190 -18.74 16.05 44.29
C TYR C 190 -18.82 16.90 45.56
N ILE C 191 -19.77 17.82 45.59
CA ILE C 191 -20.02 18.58 46.80
C ILE C 191 -21.49 18.45 47.21
N VAL C 192 -21.73 18.10 48.47
CA VAL C 192 -23.09 18.18 48.99
C VAL C 192 -23.16 18.95 50.29
N ASP C 193 -23.76 20.14 50.21
CA ASP C 193 -24.03 20.96 51.38
C ASP C 193 -22.75 21.42 52.10
N GLY C 194 -21.78 21.84 51.30
CA GLY C 194 -20.52 22.35 51.82
C GLY C 194 -19.47 21.28 52.05
N LYS C 195 -19.89 20.02 51.96
CA LYS C 195 -19.01 18.90 52.23
C LYS C 195 -18.36 18.45 50.92
N VAL C 196 -17.03 18.34 50.94
CA VAL C 196 -16.27 17.97 49.75
C VAL C 196 -15.93 16.49 49.74
N PHE C 197 -16.28 15.80 48.66
CA PHE C 197 -15.95 14.38 48.51
C PHE C 197 -15.11 14.15 47.24
N PHE C 198 -13.93 13.56 47.42
CA PHE C 198 -13.04 13.32 46.29
C PHE C 198 -13.08 11.88 45.84
N TYR C 199 -13.22 11.67 44.52
CA TYR C 199 -13.30 10.32 43.94
C TYR C 199 -12.02 9.89 43.22
N ASN C 200 -11.34 10.84 42.58
CA ASN C 200 -10.11 10.56 41.86
C ASN C 200 -9.00 11.57 42.14
N ASN C 201 -7.77 11.16 41.84
CA ASN C 201 -6.70 12.10 41.62
C ASN C 201 -6.33 11.98 40.15
N VAL C 202 -6.24 13.10 39.44
CA VAL C 202 -5.81 13.06 38.04
C VAL C 202 -4.31 12.82 37.99
N ILE C 203 -3.89 11.93 37.10
CA ILE C 203 -2.50 11.52 37.09
C ILE C 203 -1.62 12.40 36.20
N LYS C 204 -2.20 13.01 35.17
CA LYS C 204 -1.44 13.96 34.34
C LYS C 204 -0.82 15.08 35.18
N ALA C 205 0.50 15.25 35.04
CA ALA C 205 1.25 16.27 35.77
C ALA C 205 0.77 17.69 35.53
N HIS C 206 0.97 18.54 36.52
CA HIS C 206 0.41 19.89 36.49
C HIS C 206 1.14 20.80 37.49
N THR C 207 0.77 22.07 37.48
CA THR C 207 1.29 23.05 38.44
C THR C 207 2.80 22.96 38.68
N LYS C 208 3.21 22.69 39.91
CA LYS C 208 4.65 22.63 40.23
C LYS C 208 5.43 21.79 39.23
N ASN C 209 4.79 20.74 38.74
CA ASN C 209 5.45 19.80 37.84
C ASN C 209 5.33 20.10 36.34
N ALA C 210 4.73 21.23 36.00
CA ALA C 210 4.68 21.64 34.60
C ALA C 210 5.79 22.64 34.35
N PRO C 211 6.57 22.41 33.30
CA PRO C 211 7.77 23.21 32.98
C PRO C 211 7.50 24.57 32.33
N PHE C 212 6.32 25.14 32.50
CA PHE C 212 6.03 26.41 31.83
C PHE C 212 6.13 27.61 32.75
N ASP C 213 6.92 28.60 32.34
CA ASP C 213 7.09 29.81 33.13
C ASP C 213 6.69 31.01 32.29
N VAL C 214 5.74 31.79 32.82
CA VAL C 214 5.21 32.92 32.07
C VAL C 214 5.47 34.22 32.82
N SER C 215 6.23 34.13 33.91
CA SER C 215 6.44 35.27 34.80
C SER C 215 7.11 36.45 34.11
N LYS C 216 7.89 36.18 33.07
CA LYS C 216 8.64 37.22 32.39
C LYS C 216 8.13 37.46 30.97
N LEU C 217 6.99 36.85 30.63
CA LEU C 217 6.42 37.03 29.29
C LEU C 217 5.33 38.08 29.30
N THR C 218 5.38 39.01 28.35
CA THR C 218 4.30 39.96 28.20
C THR C 218 3.35 39.53 27.09
N SER C 219 3.67 38.41 26.44
CA SER C 219 2.85 37.91 25.35
C SER C 219 3.18 36.44 25.04
N LEU C 220 2.26 35.76 24.38
CA LEU C 220 2.43 34.34 24.08
C LEU C 220 2.43 34.12 22.58
N PRO C 221 3.04 33.02 22.13
CA PRO C 221 3.04 32.71 20.69
C PRO C 221 1.63 32.63 20.10
N LYS C 222 1.48 33.14 18.89
CA LYS C 222 0.19 33.16 18.20
C LYS C 222 -0.23 31.78 17.73
N VAL C 223 -1.37 31.32 18.20
CA VAL C 223 -1.88 30.00 17.81
C VAL C 223 -3.35 30.09 17.50
N ASP C 224 -3.70 29.67 16.30
CA ASP C 224 -5.09 29.76 15.84
C ASP C 224 -5.72 28.39 15.57
N ILE C 225 -7.03 28.38 15.41
CA ILE C 225 -7.81 27.15 15.35
C ILE C 225 -8.62 27.09 14.06
N LEU C 226 -8.57 25.95 13.37
CA LEU C 226 -9.40 25.70 12.20
C LEU C 226 -10.19 24.41 12.35
N TYR C 227 -11.22 24.25 11.52
CA TYR C 227 -12.20 23.22 11.68
C TYR C 227 -12.15 22.37 10.41
N SER C 228 -12.51 21.09 10.50
CA SER C 228 -12.58 20.28 9.27
C SER C 228 -13.97 19.73 9.03
N TYR C 229 -14.38 19.67 7.77
CA TYR C 229 -15.73 19.29 7.41
C TYR C 229 -15.79 18.90 5.92
N SER C 230 -16.93 18.41 5.47
CA SER C 230 -17.10 17.97 4.09
C SER C 230 -16.86 19.13 3.14
N ASN C 231 -16.18 18.86 2.03
CA ASN C 231 -15.92 19.88 1.03
C ASN C 231 -15.13 21.05 1.64
N ASP C 232 -14.28 20.72 2.60
CA ASP C 232 -13.60 21.68 3.46
C ASP C 232 -12.90 22.77 2.62
N GLY C 233 -13.13 24.03 2.97
CA GLY C 233 -12.47 25.12 2.27
C GLY C 233 -11.39 25.84 3.09
N SER C 234 -11.01 25.24 4.21
CA SER C 234 -10.10 25.88 5.17
C SER C 234 -8.67 26.12 4.70
N GLY C 235 -8.25 25.41 3.66
CA GLY C 235 -6.93 25.60 3.10
C GLY C 235 -6.63 27.08 2.90
N VAL C 236 -7.60 27.80 2.34
CA VAL C 236 -7.46 29.23 2.12
C VAL C 236 -7.25 29.98 3.44
N ALA C 237 -7.89 29.49 4.51
CA ALA C 237 -7.73 30.14 5.81
C ALA C 237 -6.35 29.87 6.41
N ALA C 238 -5.87 28.66 6.23
CA ALA C 238 -4.57 28.29 6.78
C ALA C 238 -3.49 29.22 6.22
N LYS C 239 -3.48 29.39 4.90
CA LYS C 239 -2.50 30.24 4.24
C LYS C 239 -2.55 31.64 4.78
N ALA C 240 -3.76 32.22 4.82
CA ALA C 240 -3.91 33.59 5.31
C ALA C 240 -3.38 33.75 6.74
N LEU C 241 -3.81 32.88 7.64
CA LEU C 241 -3.32 32.90 9.01
C LEU C 241 -1.81 32.93 8.96
N PHE C 242 -1.23 31.95 8.27
CA PHE C 242 0.21 31.82 8.23
C PHE C 242 0.88 33.14 7.74
N GLU C 243 0.37 33.71 6.65
CA GLU C 243 0.87 35.00 6.16
C GLU C 243 0.74 36.14 7.19
N HIS C 244 -0.11 35.97 8.19
CA HIS C 244 -0.31 37.05 9.15
C HIS C 244 0.20 36.73 10.54
N GLY C 245 1.28 35.97 10.62
CA GLY C 245 2.01 35.79 11.87
C GLY C 245 1.64 34.59 12.71
N THR C 246 0.73 33.75 12.22
CA THR C 246 0.32 32.59 12.98
C THR C 246 1.45 31.59 13.09
N LYS C 247 1.80 31.23 14.32
CA LYS C 247 2.94 30.35 14.56
C LYS C 247 2.53 28.87 14.66
N GLY C 248 1.34 28.62 15.17
CA GLY C 248 0.78 27.28 15.12
C GLY C 248 -0.71 27.28 14.85
N ILE C 249 -1.20 26.24 14.19
CA ILE C 249 -2.63 26.07 13.98
C ILE C 249 -3.14 24.75 14.56
N VAL C 250 -4.14 24.83 15.43
CA VAL C 250 -4.83 23.63 15.89
C VAL C 250 -6.01 23.37 14.97
N VAL C 251 -6.08 22.15 14.45
CA VAL C 251 -7.20 21.72 13.60
C VAL C 251 -8.18 20.83 14.35
N ALA C 252 -9.47 21.17 14.29
CA ALA C 252 -10.51 20.30 14.83
C ALA C 252 -10.92 19.31 13.75
N GLY C 253 -10.28 18.17 13.71
CA GLY C 253 -10.61 17.22 12.67
C GLY C 253 -11.92 16.50 12.95
N SER C 254 -12.41 15.81 11.93
CA SER C 254 -13.57 14.94 12.08
C SER C 254 -13.10 13.63 12.66
N GLY C 255 -13.98 12.95 13.38
CA GLY C 255 -13.60 11.70 14.00
C GLY C 255 -12.33 11.86 14.79
N ALA C 256 -11.39 10.92 14.64
CA ALA C 256 -10.18 10.96 15.45
C ALA C 256 -9.04 11.69 14.75
N GLY C 257 -9.29 12.94 14.36
CA GLY C 257 -8.24 13.79 13.82
C GLY C 257 -8.04 13.69 12.32
N SER C 258 -9.09 13.34 11.60
CA SER C 258 -9.04 13.31 10.15
C SER C 258 -9.17 14.73 9.64
N ILE C 259 -8.32 15.09 8.69
CA ILE C 259 -8.35 16.42 8.12
C ILE C 259 -8.64 16.27 6.64
N HIS C 260 -9.65 16.98 6.15
CA HIS C 260 -9.98 16.92 4.74
C HIS C 260 -8.75 17.19 3.88
N LYS C 261 -8.56 16.34 2.88
CA LYS C 261 -7.49 16.46 1.88
C LYS C 261 -7.29 17.88 1.31
N ASN C 262 -8.35 18.68 1.22
CA ASN C 262 -8.18 20.05 0.75
C ASN C 262 -7.37 20.92 1.72
N GLN C 263 -7.70 20.83 3.01
CA GLN C 263 -6.96 21.57 4.04
C GLN C 263 -5.59 20.96 4.31
N LYS C 264 -5.56 19.63 4.44
CA LYS C 264 -4.34 18.92 4.82
C LYS C 264 -3.22 19.12 3.81
N ASP C 265 -3.57 19.19 2.53
CA ASP C 265 -2.54 19.46 1.53
C ASP C 265 -1.87 20.82 1.74
N VAL C 266 -2.66 21.85 2.06
CA VAL C 266 -2.12 23.15 2.41
C VAL C 266 -1.30 23.08 3.70
N LEU C 267 -1.89 22.47 4.73
CA LEU C 267 -1.19 22.28 5.99
C LEU C 267 0.19 21.63 5.78
N LYS C 268 0.29 20.77 4.76
CA LYS C 268 1.53 20.07 4.43
C LYS C 268 2.60 21.02 3.89
N GLU C 269 2.22 21.89 2.97
CA GLU C 269 3.16 22.89 2.46
C GLU C 269 3.60 23.80 3.59
N LEU C 270 2.66 24.18 4.46
CA LEU C 270 2.95 25.10 5.55
C LEU C 270 3.88 24.49 6.61
N LEU C 271 3.65 23.23 6.97
CA LEU C 271 4.61 22.48 7.80
C LEU C 271 6.04 22.70 7.33
N LYS C 272 6.25 22.64 6.01
CA LYS C 272 7.57 22.78 5.43
C LYS C 272 8.13 24.20 5.57
N LYS C 273 7.30 25.15 5.97
CA LYS C 273 7.77 26.52 6.04
C LYS C 273 7.85 27.03 7.45
N GLY C 274 7.66 26.13 8.42
CA GLY C 274 7.82 26.51 9.82
C GLY C 274 6.57 26.44 10.70
N LEU C 275 5.41 26.32 10.06
CA LEU C 275 4.16 26.25 10.82
C LEU C 275 4.12 24.99 11.69
N LYS C 276 3.74 25.15 12.95
CA LYS C 276 3.42 23.98 13.78
C LYS C 276 1.96 23.61 13.60
N VAL C 277 1.69 22.31 13.51
CA VAL C 277 0.31 21.84 13.35
C VAL C 277 -0.03 20.80 14.40
N VAL C 278 -1.09 21.07 15.16
CA VAL C 278 -1.61 20.14 16.14
C VAL C 278 -2.97 19.60 15.69
N VAL C 279 -3.11 18.28 15.70
CA VAL C 279 -4.36 17.64 15.29
C VAL C 279 -5.22 17.31 16.50
N SER C 280 -6.28 18.10 16.66
CA SER C 280 -7.31 17.91 17.67
C SER C 280 -8.60 17.38 16.97
N SER C 281 -9.74 17.50 17.62
CA SER C 281 -10.96 16.93 17.08
C SER C 281 -12.19 17.75 17.44
N ARG C 282 -13.25 17.57 16.66
CA ARG C 282 -14.49 18.31 16.80
C ARG C 282 -15.48 17.44 17.53
N VAL C 283 -15.11 16.18 17.70
CA VAL C 283 -15.88 15.18 18.46
C VAL C 283 -15.58 15.35 19.95
N VAL C 284 -16.61 15.40 20.78
CA VAL C 284 -16.40 15.82 22.17
C VAL C 284 -15.62 14.83 23.05
N ALA C 285 -15.80 13.53 22.85
CA ALA C 285 -15.00 12.59 23.63
C ALA C 285 -14.14 11.69 22.75
N GLY C 286 -13.04 11.23 23.31
CA GLY C 286 -12.17 10.30 22.64
C GLY C 286 -10.78 10.85 22.39
N CYS C 287 -9.97 10.05 21.74
CA CYS C 287 -8.58 10.40 21.48
C CYS C 287 -8.37 10.49 19.97
N VAL C 288 -7.46 11.38 19.54
CA VAL C 288 -7.13 11.47 18.11
C VAL C 288 -6.00 10.50 17.77
N ALA C 289 -5.95 10.02 16.53
CA ALA C 289 -4.89 9.10 16.12
C ALA C 289 -4.14 9.64 14.91
N VAL C 290 -2.91 10.07 15.11
CA VAL C 290 -2.10 10.49 13.97
C VAL C 290 -1.13 9.39 13.51
N SER C 291 -1.12 9.11 12.20
CA SER C 291 -0.29 8.04 11.65
C SER C 291 1.20 8.32 11.77
N ASP C 292 1.99 7.27 11.70
CA ASP C 292 3.45 7.41 11.79
C ASP C 292 4.01 8.38 10.74
N SER C 293 3.56 8.24 9.50
CA SER C 293 4.08 9.09 8.43
C SER C 293 3.59 10.54 8.53
N ASP C 294 2.37 10.77 9.00
CA ASP C 294 1.94 12.14 9.22
C ASP C 294 2.81 12.81 10.29
N GLU C 295 3.20 12.03 11.29
CA GLU C 295 4.00 12.56 12.38
C GLU C 295 5.44 12.88 11.95
N LYS C 296 5.96 12.15 10.96
CA LYS C 296 7.29 12.48 10.46
C LYS C 296 7.23 13.83 9.78
N LEU C 297 6.10 14.11 9.13
CA LEU C 297 5.88 15.37 8.46
C LEU C 297 5.89 16.50 9.46
N GLY C 298 5.56 16.20 10.70
CA GLY C 298 5.53 17.19 11.76
C GLY C 298 4.15 17.39 12.38
N PHE C 299 3.16 16.63 11.93
CA PHE C 299 1.85 16.68 12.56
C PHE C 299 1.98 16.21 14.02
N ILE C 300 1.45 17.02 14.93
CA ILE C 300 1.49 16.68 16.34
C ILE C 300 0.10 16.26 16.79
N SER C 301 0.01 15.13 17.48
CA SER C 301 -1.27 14.68 18.01
C SER C 301 -1.65 15.40 19.32
N ALA C 302 -2.92 15.81 19.41
CA ALA C 302 -3.41 16.49 20.60
C ALA C 302 -3.91 15.47 21.61
N GLU C 303 -3.96 14.22 21.18
CA GLU C 303 -4.44 13.17 22.06
C GLU C 303 -5.93 13.41 22.33
N ASP C 304 -6.31 13.67 23.58
CA ASP C 304 -7.73 13.85 23.87
C ASP C 304 -8.08 15.30 24.09
N LEU C 305 -7.10 16.18 23.96
CA LEU C 305 -7.38 17.59 24.21
C LEU C 305 -8.30 18.15 23.14
N ASN C 306 -9.30 18.92 23.55
CA ASN C 306 -10.12 19.54 22.56
C ASN C 306 -9.41 20.72 21.89
N PRO C 307 -10.03 21.32 20.88
CA PRO C 307 -9.20 22.28 20.14
C PRO C 307 -8.71 23.45 20.98
N GLN C 308 -9.62 24.10 21.69
CA GLN C 308 -9.29 25.30 22.44
C GLN C 308 -8.31 25.02 23.60
N LYS C 309 -8.45 23.84 24.21
CA LYS C 309 -7.54 23.42 25.25
C LYS C 309 -6.19 23.02 24.68
N ALA C 310 -6.19 22.38 23.50
CA ALA C 310 -4.97 22.00 22.80
C ALA C 310 -4.20 23.25 22.43
N ARG C 311 -4.94 24.34 22.18
CA ARG C 311 -4.33 25.61 21.85
C ARG C 311 -3.44 26.11 22.98
N VAL C 312 -3.90 25.91 24.21
CA VAL C 312 -3.14 26.34 25.37
C VAL C 312 -1.81 25.61 25.46
N LEU C 313 -1.84 24.30 25.29
CA LEU C 313 -0.62 23.51 25.42
C LEU C 313 0.36 23.79 24.27
N LEU C 314 -0.14 23.97 23.05
CA LEU C 314 0.75 24.24 21.91
C LEU C 314 1.40 25.60 22.08
N MSE C 315 0.60 26.55 22.53
CA MSE C 315 1.07 27.90 22.77
C MSE C 315 2.22 27.91 23.79
O MSE C 315 3.30 28.43 23.50
CB MSE C 315 -0.08 28.76 23.26
CG MSE C 315 0.00 30.21 22.83
SE MSE C 315 -1.63 31.16 23.29
CE MSE C 315 -1.65 30.82 25.21
N LEU C 316 1.97 27.35 24.97
CA LEU C 316 2.98 27.25 26.02
C LEU C 316 4.16 26.44 25.53
N ALA C 317 3.88 25.32 24.87
CA ALA C 317 4.91 24.52 24.23
C ALA C 317 5.88 25.40 23.43
N LEU C 318 5.34 26.41 22.74
CA LEU C 318 6.17 27.26 21.87
C LEU C 318 7.00 28.31 22.59
N THR C 319 6.75 28.49 23.88
CA THR C 319 7.64 29.30 24.70
C THR C 319 8.97 28.56 24.96
N LYS C 320 8.99 27.24 24.78
CA LYS C 320 10.19 26.45 25.10
C LYS C 320 10.86 25.84 23.89
N THR C 321 10.08 25.49 22.86
CA THR C 321 10.66 24.80 21.74
C THR C 321 9.87 25.03 20.46
N SER C 322 10.43 24.61 19.34
CA SER C 322 9.70 24.59 18.07
C SER C 322 9.94 23.26 17.37
N ASP C 323 10.50 22.30 18.11
CA ASP C 323 10.70 20.95 17.63
C ASP C 323 9.44 20.13 17.80
N PRO C 324 8.80 19.75 16.69
CA PRO C 324 7.56 18.97 16.75
C PRO C 324 7.73 17.72 17.60
N LYS C 325 8.89 17.10 17.55
CA LYS C 325 9.10 15.86 18.30
C LYS C 325 9.01 16.07 19.81
N LYS C 326 9.33 17.27 20.27
CA LYS C 326 9.29 17.56 21.70
C LYS C 326 7.96 18.16 22.19
N ILE C 327 7.34 18.94 21.33
CA ILE C 327 5.97 19.39 21.58
C ILE C 327 5.09 18.16 21.75
N GLN C 328 5.27 17.18 20.88
CA GLN C 328 4.54 15.92 20.94
C GLN C 328 4.73 15.22 22.29
N GLU C 329 5.92 15.30 22.85
CA GLU C 329 6.15 14.74 24.18
C GLU C 329 5.36 15.53 25.21
N TYR C 330 5.28 16.84 25.03
CA TYR C 330 4.51 17.68 25.95
C TYR C 330 3.04 17.29 25.92
N PHE C 331 2.54 16.92 24.75
CA PHE C 331 1.15 16.50 24.62
C PHE C 331 0.87 15.14 25.22
N LEU C 332 1.92 14.35 25.41
CA LEU C 332 1.78 13.02 26.00
C LEU C 332 1.78 13.09 27.51
N LYS C 333 2.27 14.20 28.06
CA LYS C 333 2.57 14.27 29.49
C LYS C 333 1.64 15.21 30.25
N TYR C 334 1.27 16.33 29.63
CA TYR C 334 0.47 17.34 30.34
C TYR C 334 -1.03 17.38 29.98
N ALA D 7 -57.77 36.64 26.65
CA ALA D 7 -58.21 35.95 27.86
C ALA D 7 -57.31 34.76 28.20
N LYS D 8 -57.01 34.60 29.49
CA LYS D 8 -55.99 33.65 29.95
C LYS D 8 -56.51 32.23 30.07
N SER D 9 -55.63 31.25 29.83
CA SER D 9 -55.95 29.84 30.09
C SER D 9 -56.20 29.64 31.58
N ARG D 10 -57.20 28.84 31.92
CA ARG D 10 -57.42 28.44 33.33
C ARG D 10 -56.57 27.21 33.71
N ILE D 11 -55.53 27.45 34.50
CA ILE D 11 -54.63 26.39 34.94
C ILE D 11 -54.83 26.09 36.42
N ALA D 12 -54.94 24.81 36.74
CA ALA D 12 -55.03 24.37 38.12
C ALA D 12 -53.73 23.70 38.57
N ILE D 13 -53.26 24.07 39.75
CA ILE D 13 -52.11 23.44 40.37
C ILE D 13 -52.57 22.51 41.49
N LEU D 14 -52.27 21.23 41.36
CA LEU D 14 -52.58 20.27 42.40
C LEU D 14 -51.33 19.96 43.22
N GLY D 15 -51.37 20.30 44.51
CA GLY D 15 -50.25 20.03 45.37
C GLY D 15 -50.33 18.64 45.99
N THR D 16 -49.19 17.97 46.06
CA THR D 16 -49.06 16.65 46.68
C THR D 16 -48.01 16.64 47.80
N GLY D 17 -47.23 17.72 47.89
CA GLY D 17 -46.15 17.84 48.86
C GLY D 17 -44.81 18.06 48.15
N GLY D 18 -43.74 17.51 48.74
CA GLY D 18 -42.44 17.48 48.10
C GLY D 18 -41.45 18.55 48.53
N THR D 19 -40.19 18.35 48.17
CA THR D 19 -39.16 19.35 48.48
C THR D 19 -39.52 20.76 47.93
N ILE D 20 -40.24 20.79 46.81
CA ILE D 20 -40.59 22.07 46.22
C ILE D 20 -41.47 22.94 47.15
N ALA D 21 -42.20 22.32 48.06
CA ALA D 21 -43.04 23.09 48.96
C ALA D 21 -42.59 22.87 50.39
N GLY D 22 -41.34 22.45 50.54
CA GLY D 22 -40.75 22.23 51.86
C GLY D 22 -39.83 23.36 52.28
N PHE D 23 -39.49 23.37 53.56
CA PHE D 23 -38.49 24.31 54.03
C PHE D 23 -37.67 23.66 55.13
N ILE D 24 -36.39 23.97 55.14
CA ILE D 24 -35.47 23.53 56.17
C ILE D 24 -34.95 24.79 56.83
N ASP D 25 -34.48 24.69 58.05
CA ASP D 25 -34.05 25.86 58.82
C ASP D 25 -32.82 26.56 58.23
N SER D 26 -31.85 25.76 57.78
CA SER D 26 -30.65 26.28 57.12
C SER D 26 -30.93 26.58 55.65
N THR D 27 -30.08 27.40 55.04
CA THR D 27 -30.22 27.77 53.64
C THR D 27 -29.24 27.01 52.76
N ILE D 28 -28.20 26.47 53.38
CA ILE D 28 -27.19 25.68 52.71
C ILE D 28 -27.65 24.22 52.60
N ALA D 29 -28.56 23.84 53.48
CA ALA D 29 -29.03 22.46 53.63
C ALA D 29 -30.16 22.08 52.66
N THR D 30 -29.99 20.93 52.01
CA THR D 30 -30.89 20.50 50.94
C THR D 30 -31.68 19.24 51.33
N THR D 31 -31.12 18.42 52.21
CA THR D 31 -31.74 17.15 52.55
C THR D 31 -32.70 17.19 53.74
N GLY D 32 -33.84 16.50 53.59
CA GLY D 32 -34.85 16.40 54.63
C GLY D 32 -35.70 15.15 54.49
N GLY D 36 -40.26 21.10 57.57
CA GLY D 36 -41.67 21.46 57.55
C GLY D 36 -42.26 21.69 56.17
N ALA D 37 -43.42 22.34 56.13
CA ALA D 37 -44.16 22.57 54.88
C ALA D 37 -44.49 24.05 54.64
N ILE D 38 -44.73 24.39 53.37
CA ILE D 38 -45.02 25.76 52.93
C ILE D 38 -46.33 25.80 52.13
N ASP D 39 -47.04 26.92 52.18
CA ASP D 39 -48.27 27.06 51.38
C ASP D 39 -47.96 27.40 49.91
N ILE D 40 -48.81 26.91 49.03
CA ILE D 40 -48.60 27.09 47.60
C ILE D 40 -48.75 28.54 47.17
N ASP D 41 -49.63 29.27 47.86
CA ASP D 41 -49.70 30.72 47.63
C ASP D 41 -48.33 31.35 47.77
N VAL D 42 -47.59 30.93 48.81
CA VAL D 42 -46.24 31.43 49.08
C VAL D 42 -45.24 31.03 47.98
N LEU D 43 -45.50 29.89 47.34
CA LEU D 43 -44.72 29.43 46.19
C LEU D 43 -44.87 30.39 45.01
N ILE D 44 -46.11 30.76 44.73
CA ILE D 44 -46.45 31.67 43.64
C ILE D 44 -45.89 33.09 43.82
N LYS D 45 -45.74 33.54 45.06
CA LYS D 45 -45.19 34.87 45.30
C LYS D 45 -43.68 34.95 45.02
N ALA D 46 -43.04 33.79 44.86
CA ALA D 46 -41.65 33.76 44.45
C ALA D 46 -41.52 33.89 42.92
N VAL D 47 -42.61 33.63 42.22
CA VAL D 47 -42.68 33.79 40.77
C VAL D 47 -43.96 34.51 40.39
N PRO D 48 -44.11 35.78 40.77
CA PRO D 48 -45.39 36.48 40.57
C PRO D 48 -45.91 36.36 39.13
N GLN D 49 -45.01 36.63 38.17
CA GLN D 49 -45.29 36.57 36.73
C GLN D 49 -45.96 35.30 36.27
N ILE D 50 -45.94 34.28 37.12
CA ILE D 50 -46.72 33.09 36.84
C ILE D 50 -48.20 33.47 36.60
N ARG D 51 -48.67 34.49 37.32
CA ARG D 51 -50.05 34.95 37.20
C ARG D 51 -50.30 35.68 35.90
N ASP D 52 -49.22 35.95 35.17
CA ASP D 52 -49.34 36.58 33.86
C ASP D 52 -49.58 35.53 32.77
N LEU D 53 -49.12 34.31 33.02
CA LEU D 53 -49.24 33.25 32.01
C LEU D 53 -50.61 32.59 32.04
N ALA D 54 -51.28 32.64 33.19
CA ALA D 54 -52.55 31.94 33.37
C ALA D 54 -53.37 32.46 34.56
N ASP D 55 -54.68 32.23 34.55
CA ASP D 55 -55.44 32.49 35.76
C ASP D 55 -55.42 31.22 36.62
N ILE D 56 -54.75 31.33 37.76
CA ILE D 56 -54.32 30.15 38.48
C ILE D 56 -55.18 29.82 39.67
N SER D 57 -55.69 28.59 39.69
CA SER D 57 -56.42 28.08 40.83
C SER D 57 -55.70 26.85 41.38
N TRP D 58 -55.82 26.59 42.67
CA TRP D 58 -55.09 25.47 43.24
C TRP D 58 -55.82 24.73 44.36
N GLU D 59 -55.46 23.45 44.51
CA GLU D 59 -56.01 22.58 45.53
C GLU D 59 -54.92 21.65 46.04
N GLN D 60 -55.08 21.23 47.29
CA GLN D 60 -54.16 20.28 47.93
C GLN D 60 -54.73 18.87 47.84
N ILE D 61 -54.08 18.03 47.03
CA ILE D 61 -54.43 16.62 46.95
C ILE D 61 -53.71 15.81 48.04
N ALA D 62 -52.48 16.21 48.34
CA ALA D 62 -51.74 15.59 49.42
C ALA D 62 -50.65 16.51 49.92
N ASN D 63 -50.03 16.12 51.03
CA ASN D 63 -48.93 16.88 51.58
C ASN D 63 -47.92 15.90 52.19
N ILE D 64 -47.13 15.28 51.33
CA ILE D 64 -46.23 14.26 51.79
C ILE D 64 -44.90 14.34 51.11
N ASP D 65 -43.93 13.69 51.72
CA ASP D 65 -42.72 13.31 51.00
C ASP D 65 -43.13 12.17 50.07
N SER D 66 -42.72 12.29 48.81
CA SER D 66 -43.23 11.43 47.74
C SER D 66 -42.76 10.03 47.96
N SER D 67 -41.68 9.88 48.73
CA SER D 67 -41.20 8.55 49.09
C SER D 67 -42.29 7.79 49.80
N ASN D 68 -43.23 8.53 50.43
CA ASN D 68 -44.42 7.94 51.06
C ASN D 68 -45.70 7.87 50.21
N MSE D 69 -45.58 8.02 48.90
CA MSE D 69 -46.71 7.90 47.99
C MSE D 69 -47.55 6.64 48.25
O MSE D 69 -47.05 5.67 48.82
CB MSE D 69 -46.21 7.89 46.54
CG MSE D 69 -47.29 8.10 45.50
SE MSE D 69 -48.24 9.80 45.67
CE MSE D 69 -46.72 10.97 46.04
N CYS D 70 -48.82 6.68 47.87
CA CYS D 70 -49.70 5.54 48.08
C CYS D 70 -50.82 5.52 47.03
N ASP D 71 -51.43 4.37 46.80
CA ASP D 71 -52.48 4.19 45.78
C ASP D 71 -53.60 5.21 45.89
N GLU D 72 -54.06 5.45 47.12
CA GLU D 72 -55.16 6.37 47.34
C GLU D 72 -54.89 7.69 46.61
N ILE D 73 -53.69 8.24 46.80
CA ILE D 73 -53.31 9.49 46.15
C ILE D 73 -53.43 9.43 44.61
N TRP D 74 -52.93 8.36 44.00
CA TRP D 74 -53.07 8.18 42.55
C TRP D 74 -54.54 8.19 42.13
N LEU D 75 -55.41 7.56 42.92
CA LEU D 75 -56.81 7.46 42.54
C LEU D 75 -57.48 8.82 42.56
N ARG D 76 -57.28 9.55 43.65
CA ARG D 76 -57.82 10.90 43.78
C ARG D 76 -57.38 11.82 42.64
N LEU D 77 -56.07 11.90 42.42
CA LEU D 77 -55.48 12.69 41.34
C LEU D 77 -56.17 12.44 39.99
N ALA D 78 -56.27 11.17 39.60
CA ALA D 78 -56.89 10.81 38.33
C ALA D 78 -58.35 11.27 38.24
N LYS D 79 -59.09 11.09 39.34
CA LYS D 79 -60.49 11.50 39.40
C LYS D 79 -60.65 13.01 39.49
N LYS D 80 -59.76 13.66 40.24
CA LYS D 80 -59.78 15.12 40.33
C LYS D 80 -59.50 15.79 38.98
N ILE D 81 -58.50 15.28 38.27
CA ILE D 81 -58.08 15.88 37.03
C ILE D 81 -59.18 15.79 35.98
N ALA D 82 -59.82 14.63 35.89
CA ALA D 82 -60.91 14.42 34.95
C ALA D 82 -62.09 15.34 35.24
N LYS D 83 -62.34 15.56 36.53
CA LYS D 83 -63.40 16.46 36.99
C LYS D 83 -63.16 17.92 36.59
N LEU D 84 -61.96 18.43 36.85
CA LEU D 84 -61.59 19.80 36.48
C LEU D 84 -61.56 20.01 34.96
N PHE D 85 -61.10 19.03 34.21
CA PHE D 85 -61.08 19.14 32.76
C PHE D 85 -62.51 19.20 32.23
N ALA D 86 -63.45 18.57 32.94
CA ALA D 86 -64.86 18.59 32.57
C ALA D 86 -65.47 19.97 32.81
N GLU D 87 -64.85 20.72 33.71
CA GLU D 87 -65.35 22.03 34.11
C GLU D 87 -64.63 23.15 33.39
N GLY D 88 -63.88 22.81 32.35
CA GLY D 88 -63.22 23.81 31.54
C GLY D 88 -61.86 24.27 32.04
N ILE D 89 -61.23 23.49 32.90
CA ILE D 89 -59.84 23.74 33.21
C ILE D 89 -59.01 23.39 31.98
N ASP D 90 -58.09 24.28 31.63
CA ASP D 90 -57.33 24.13 30.40
C ASP D 90 -56.09 23.25 30.56
N GLY D 91 -55.52 23.24 31.76
CA GLY D 91 -54.36 22.43 32.02
C GLY D 91 -54.04 22.30 33.49
N VAL D 92 -53.31 21.25 33.82
CA VAL D 92 -53.02 20.96 35.22
C VAL D 92 -51.53 20.81 35.51
N VAL D 93 -51.09 21.47 36.57
CA VAL D 93 -49.74 21.31 37.05
C VAL D 93 -49.81 20.60 38.39
N ILE D 94 -49.03 19.54 38.55
CA ILE D 94 -48.99 18.83 39.82
C ILE D 94 -47.64 19.07 40.53
N THR D 95 -47.64 19.82 41.62
CA THR D 95 -46.44 19.93 42.43
C THR D 95 -46.24 18.60 43.17
N HIS D 96 -45.06 18.01 43.02
CA HIS D 96 -44.82 16.64 43.45
C HIS D 96 -43.38 16.53 43.94
N GLY D 97 -43.10 15.57 44.80
CA GLY D 97 -41.73 15.31 45.21
C GLY D 97 -41.00 14.51 44.15
N THR D 98 -39.67 14.61 44.09
CA THR D 98 -38.93 13.98 43.00
C THR D 98 -38.77 12.47 43.12
N ASP D 99 -38.82 11.94 44.33
CA ASP D 99 -38.50 10.54 44.58
C ASP D 99 -39.39 9.55 43.82
N THR D 100 -40.67 9.87 43.70
CA THR D 100 -41.59 8.92 43.08
C THR D 100 -42.39 9.63 42.00
N MSE D 101 -41.90 10.78 41.55
CA MSE D 101 -42.57 11.51 40.49
C MSE D 101 -42.75 10.65 39.24
O MSE D 101 -43.80 10.70 38.58
CB MSE D 101 -41.78 12.76 40.13
CG MSE D 101 -42.47 13.72 39.18
SE MSE D 101 -41.59 15.49 39.22
CE MSE D 101 -39.84 15.05 38.57
N GLU D 102 -41.71 9.89 38.88
CA GLU D 102 -41.77 9.01 37.72
C GLU D 102 -42.92 8.00 37.82
N GLU D 103 -43.13 7.47 39.03
CA GLU D 103 -44.21 6.53 39.27
C GLU D 103 -45.59 7.18 39.10
N THR D 104 -45.82 8.32 39.74
CA THR D 104 -47.09 9.03 39.59
C THR D 104 -47.36 9.42 38.14
N ALA D 105 -46.32 9.88 37.46
CA ALA D 105 -46.43 10.34 36.09
C ALA D 105 -46.94 9.26 35.15
N TYR D 106 -46.36 8.06 35.23
CA TYR D 106 -46.76 6.99 34.35
C TYR D 106 -48.20 6.52 34.68
N PHE D 107 -48.55 6.53 35.96
CA PHE D 107 -49.90 6.14 36.35
C PHE D 107 -50.94 7.05 35.69
N LEU D 108 -50.79 8.35 35.89
CA LEU D 108 -51.74 9.31 35.34
C LEU D 108 -51.76 9.24 33.81
N ASN D 109 -50.60 8.92 33.23
CA ASN D 109 -50.48 8.79 31.79
C ASN D 109 -51.33 7.68 31.20
N LEU D 110 -51.74 6.73 32.04
CA LEU D 110 -52.49 5.57 31.58
C LEU D 110 -53.95 5.61 32.04
N THR D 111 -54.34 6.69 32.71
CA THR D 111 -55.65 6.76 33.36
C THR D 111 -56.42 8.07 33.12
N ILE D 112 -55.84 8.99 32.36
CA ILE D 112 -56.49 10.27 32.11
C ILE D 112 -56.88 10.43 30.65
N LYS D 113 -58.17 10.56 30.37
CA LYS D 113 -58.67 10.47 29.00
C LYS D 113 -58.47 11.73 28.15
N SER D 114 -58.35 12.88 28.81
CA SER D 114 -58.17 14.14 28.10
C SER D 114 -56.84 14.23 27.32
N ASP D 115 -56.85 15.07 26.30
CA ASP D 115 -55.64 15.43 25.55
C ASP D 115 -55.02 16.68 26.16
N LYS D 116 -55.69 17.25 27.16
CA LYS D 116 -55.21 18.47 27.79
C LYS D 116 -53.91 18.25 28.57
N PRO D 117 -53.05 19.28 28.65
CA PRO D 117 -51.74 19.22 29.31
C PRO D 117 -51.82 18.89 30.80
N VAL D 118 -51.09 17.86 31.20
CA VAL D 118 -50.92 17.50 32.60
C VAL D 118 -49.41 17.44 32.89
N VAL D 119 -48.90 18.40 33.65
CA VAL D 119 -47.46 18.46 33.93
C VAL D 119 -47.12 18.27 35.39
N LEU D 120 -46.17 17.38 35.64
CA LEU D 120 -45.62 17.19 36.98
C LEU D 120 -44.32 17.95 37.12
N VAL D 121 -44.13 18.60 38.26
CA VAL D 121 -42.94 19.42 38.51
C VAL D 121 -42.53 19.29 39.96
N GLY D 122 -41.23 19.36 40.23
CA GLY D 122 -40.73 19.35 41.58
C GLY D 122 -39.42 20.13 41.68
N ALA D 123 -38.66 19.90 42.73
CA ALA D 123 -37.39 20.60 42.90
C ALA D 123 -36.45 19.75 43.73
N MSE D 124 -35.16 19.90 43.49
CA MSE D 124 -34.20 19.14 44.27
C MSE D 124 -33.78 19.91 45.52
O MSE D 124 -33.21 19.34 46.43
CB MSE D 124 -32.99 18.76 43.40
CG MSE D 124 -33.39 17.88 42.22
SE MSE D 124 -33.95 16.08 42.79
CE MSE D 124 -32.26 15.49 43.52
N ARG D 125 -34.09 21.20 45.58
CA ARG D 125 -33.66 22.02 46.72
C ARG D 125 -34.88 22.62 47.37
N PRO D 126 -34.91 22.61 48.71
CA PRO D 126 -36.06 23.19 49.42
C PRO D 126 -36.21 24.66 49.06
N SER D 127 -37.39 25.22 49.33
CA SER D 127 -37.72 26.59 48.92
C SER D 127 -36.84 27.64 49.60
N THR D 128 -36.20 27.26 50.70
CA THR D 128 -35.40 28.20 51.49
C THR D 128 -33.92 28.03 51.24
N ALA D 129 -33.55 27.13 50.34
CA ALA D 129 -32.14 26.92 50.07
C ALA D 129 -31.63 28.05 49.17
N ILE D 130 -30.34 28.35 49.26
CA ILE D 130 -29.74 29.27 48.32
C ILE D 130 -29.71 28.62 46.94
N SER D 131 -30.07 29.39 45.91
CA SER D 131 -30.11 28.86 44.54
C SER D 131 -31.18 27.80 44.40
N ALA D 132 -32.31 28.04 45.02
CA ALA D 132 -33.43 27.13 44.97
C ALA D 132 -33.91 27.06 43.53
N ASP D 133 -34.06 25.83 43.04
CA ASP D 133 -34.48 25.53 41.67
C ASP D 133 -36.00 25.44 41.50
N GLY D 134 -36.74 25.45 42.61
CA GLY D 134 -38.19 25.36 42.55
C GLY D 134 -38.93 26.49 41.85
N PRO D 135 -38.58 27.74 42.15
CA PRO D 135 -39.25 28.85 41.46
C PRO D 135 -39.22 28.78 39.93
N LYS D 136 -38.05 28.73 39.33
CA LYS D 136 -37.94 28.59 37.88
C LYS D 136 -38.70 27.37 37.30
N ASN D 137 -38.57 26.22 37.97
CA ASN D 137 -39.27 25.02 37.54
C ASN D 137 -40.80 25.21 37.48
N LEU D 138 -41.35 25.82 38.52
CA LEU D 138 -42.77 26.08 38.55
C LEU D 138 -43.13 27.00 37.40
N TYR D 139 -42.34 28.05 37.22
CA TYR D 139 -42.59 29.00 36.13
C TYR D 139 -42.67 28.30 34.81
N ASN D 140 -41.67 27.46 34.54
CA ASN D 140 -41.58 26.73 33.28
C ASN D 140 -42.70 25.75 33.09
N ALA D 141 -43.13 25.14 34.19
CA ALA D 141 -44.22 24.17 34.18
C ALA D 141 -45.54 24.86 33.79
N VAL D 142 -45.78 26.05 34.34
CA VAL D 142 -46.98 26.81 34.00
C VAL D 142 -46.90 27.28 32.56
N ALA D 143 -45.71 27.72 32.15
CA ALA D 143 -45.48 28.12 30.76
C ALA D 143 -45.70 26.95 29.80
N LEU D 144 -45.42 25.75 30.26
CA LEU D 144 -45.59 24.59 29.41
C LEU D 144 -47.07 24.24 29.22
N VAL D 145 -47.86 24.30 30.29
CA VAL D 145 -49.27 23.90 30.18
C VAL D 145 -50.16 24.87 29.42
N VAL D 146 -49.70 26.10 29.21
CA VAL D 146 -50.52 27.05 28.44
C VAL D 146 -50.09 27.09 26.96
N ASN D 147 -48.87 26.64 26.68
CA ASN D 147 -48.35 26.63 25.31
C ASN D 147 -49.26 25.83 24.40
N LYS D 148 -49.44 26.32 23.18
CA LYS D 148 -50.45 25.78 22.29
C LYS D 148 -50.09 24.37 21.79
N GLU D 149 -48.80 24.08 21.73
CA GLU D 149 -48.36 22.79 21.21
C GLU D 149 -48.38 21.69 22.27
N ALA D 150 -48.82 22.02 23.48
CA ALA D 150 -48.79 21.09 24.62
C ALA D 150 -49.92 20.05 24.66
N LYS D 151 -50.87 20.14 23.74
CA LYS D 151 -51.96 19.17 23.72
C LYS D 151 -51.52 17.83 23.16
N ASN D 152 -52.14 16.76 23.62
CA ASN D 152 -51.89 15.45 23.05
C ASN D 152 -50.48 14.89 23.19
N LYS D 153 -49.68 15.47 24.08
CA LYS D 153 -48.31 15.01 24.25
C LYS D 153 -48.17 13.82 25.20
N GLY D 154 -49.22 13.55 25.97
CA GLY D 154 -49.14 12.62 27.08
C GLY D 154 -48.79 13.37 28.35
N VAL D 155 -48.96 12.73 29.52
CA VAL D 155 -48.54 13.34 30.78
C VAL D 155 -47.03 13.60 30.71
N MSE D 156 -46.57 14.71 31.27
CA MSE D 156 -45.16 15.10 31.11
C MSE D 156 -44.52 15.51 32.43
O MSE D 156 -45.17 16.00 33.34
CB MSE D 156 -45.01 16.28 30.12
CG MSE D 156 -45.49 16.02 28.66
SE MSE D 156 -45.75 17.68 27.63
CE MSE D 156 -47.53 18.18 28.23
N VAL D 157 -43.21 15.32 32.51
CA VAL D 157 -42.46 15.90 33.61
C VAL D 157 -41.66 17.07 33.04
N ALA D 158 -41.65 18.19 33.77
CA ALA D 158 -40.84 19.35 33.37
C ALA D 158 -39.94 19.73 34.53
N ILE D 159 -38.64 19.46 34.41
CA ILE D 159 -37.68 19.82 35.45
C ILE D 159 -36.38 20.27 34.83
N ASN D 160 -35.77 21.31 35.40
CA ASN D 160 -34.47 21.76 34.92
C ASN D 160 -34.49 22.01 33.41
N ASP D 161 -35.52 22.71 32.94
CA ASP D 161 -35.63 23.15 31.55
C ASP D 161 -35.83 22.02 30.53
N LYS D 162 -35.96 20.79 31.00
CA LYS D 162 -36.19 19.65 30.12
C LYS D 162 -37.64 19.18 30.21
N ILE D 163 -38.18 18.75 29.08
CA ILE D 163 -39.50 18.17 29.06
C ILE D 163 -39.35 16.67 28.79
N LEU D 164 -39.88 15.86 29.69
CA LEU D 164 -39.73 14.41 29.64
C LEU D 164 -41.09 13.74 29.51
N SER D 165 -41.16 12.65 28.76
CA SER D 165 -42.44 11.97 28.67
C SER D 165 -42.62 11.09 29.89
N ALA D 166 -43.87 10.95 30.32
CA ALA D 166 -44.19 10.02 31.40
C ALA D 166 -43.63 8.64 31.10
N ARG D 167 -43.75 8.21 29.85
CA ARG D 167 -43.42 6.83 29.49
C ARG D 167 -41.93 6.61 29.58
N GLY D 168 -41.16 7.69 29.49
CA GLY D 168 -39.71 7.55 29.44
C GLY D 168 -38.97 8.06 30.65
N VAL D 169 -39.62 8.94 31.43
CA VAL D 169 -38.96 9.66 32.52
C VAL D 169 -38.48 8.75 33.65
N VAL D 170 -37.24 8.98 34.08
CA VAL D 170 -36.67 8.26 35.22
C VAL D 170 -35.77 9.18 36.05
N LYS D 171 -35.78 9.03 37.37
CA LYS D 171 -34.84 9.77 38.19
C LYS D 171 -33.46 9.13 38.16
N THR D 172 -32.46 9.87 37.67
CA THR D 172 -31.15 9.26 37.44
C THR D 172 -29.98 9.87 38.24
N HIS D 173 -30.24 10.94 38.97
CA HIS D 173 -29.26 11.44 39.95
C HIS D 173 -29.99 11.75 41.26
N SER D 174 -29.40 11.35 42.39
CA SER D 174 -30.10 11.42 43.66
C SER D 174 -29.97 12.78 44.33
N LEU D 175 -28.95 13.54 43.93
CA LEU D 175 -28.68 14.80 44.61
C LEU D 175 -28.70 16.01 43.68
N ASN D 176 -28.34 15.81 42.42
CA ASN D 176 -28.15 16.92 41.51
C ASN D 176 -29.41 17.60 40.96
N VAL D 177 -29.35 18.91 40.87
CA VAL D 177 -30.45 19.70 40.37
C VAL D 177 -30.94 19.12 39.03
N ASP D 178 -30.00 18.58 38.26
CA ASP D 178 -30.32 17.96 37.00
C ASP D 178 -30.55 16.47 37.27
N ALA D 179 -31.75 16.11 37.71
CA ALA D 179 -31.94 14.81 38.35
C ALA D 179 -32.68 13.79 37.49
N PHE D 180 -33.29 14.27 36.41
CA PHE D 180 -34.16 13.45 35.57
C PHE D 180 -33.72 13.24 34.14
N SER D 181 -34.21 12.15 33.56
CA SER D 181 -33.71 11.64 32.29
C SER D 181 -34.75 10.72 31.67
N SER D 182 -34.57 10.42 30.39
CA SER D 182 -35.28 9.33 29.73
C SER D 182 -34.24 8.43 29.15
N PRO D 183 -33.80 7.43 29.92
CA PRO D 183 -32.60 6.67 29.54
C PRO D 183 -32.75 5.97 28.20
N ASP D 184 -33.98 5.63 27.83
CA ASP D 184 -34.18 4.96 26.55
C ASP D 184 -34.75 5.85 25.42
N PHE D 185 -35.53 6.88 25.73
CA PHE D 185 -36.18 7.74 24.73
C PHE D 185 -35.54 9.10 24.57
N GLY D 186 -34.99 9.63 25.63
CA GLY D 186 -34.53 10.99 25.55
C GLY D 186 -35.72 11.93 25.44
N ASP D 187 -35.43 13.20 25.68
CA ASP D 187 -36.41 14.21 26.02
C ASP D 187 -37.44 14.54 24.93
N LEU D 188 -38.65 14.90 25.35
CA LEU D 188 -39.66 15.38 24.41
C LEU D 188 -39.30 16.78 23.90
N GLY D 189 -38.60 17.54 24.75
CA GLY D 189 -38.21 18.90 24.39
C GLY D 189 -37.56 19.69 25.51
N TYR D 190 -37.35 20.98 25.26
CA TYR D 190 -36.60 21.83 26.16
C TYR D 190 -37.29 23.19 26.33
N ILE D 191 -37.06 23.85 27.47
CA ILE D 191 -37.65 25.16 27.73
C ILE D 191 -36.61 26.22 28.02
N VAL D 192 -36.62 27.28 27.23
CA VAL D 192 -35.68 28.38 27.36
C VAL D 192 -36.44 29.64 27.76
N ASP D 193 -36.47 29.92 29.06
CA ASP D 193 -37.15 31.10 29.63
C ASP D 193 -38.61 31.22 29.21
N GLY D 194 -39.42 30.24 29.61
CA GLY D 194 -40.82 30.25 29.26
C GLY D 194 -41.10 29.93 27.80
N LYS D 195 -40.05 29.82 26.99
CA LYS D 195 -40.23 29.45 25.61
C LYS D 195 -40.12 27.92 25.40
N VAL D 196 -41.23 27.29 25.00
CA VAL D 196 -41.28 25.84 24.81
C VAL D 196 -40.88 25.41 23.39
N PHE D 197 -40.02 24.41 23.32
CA PHE D 197 -39.58 23.81 22.05
C PHE D 197 -39.73 22.31 22.14
N PHE D 198 -40.56 21.74 21.28
CA PHE D 198 -40.68 20.28 21.23
C PHE D 198 -39.72 19.65 20.19
N TYR D 199 -39.08 18.57 20.60
CA TYR D 199 -38.21 17.84 19.71
C TYR D 199 -38.89 16.56 19.20
N ASN D 200 -39.63 15.89 20.08
CA ASN D 200 -40.22 14.58 19.75
C ASN D 200 -41.68 14.41 20.14
N ASN D 201 -42.34 13.49 19.47
CA ASN D 201 -43.60 12.96 19.96
C ASN D 201 -43.37 11.54 20.38
N VAL D 202 -43.83 11.20 21.57
CA VAL D 202 -43.70 9.84 22.07
C VAL D 202 -44.71 8.99 21.33
N ILE D 203 -44.27 7.82 20.85
CA ILE D 203 -45.08 6.93 20.02
C ILE D 203 -46.02 6.08 20.87
N LYS D 204 -45.52 5.54 21.97
CA LYS D 204 -46.31 4.70 22.88
C LYS D 204 -47.66 5.34 23.21
N ALA D 205 -48.73 4.56 23.06
CA ALA D 205 -50.08 5.08 23.24
C ALA D 205 -50.36 5.45 24.70
N HIS D 206 -51.16 6.49 24.90
CA HIS D 206 -51.37 7.05 26.21
C HIS D 206 -52.74 7.71 26.29
N THR D 207 -53.10 8.12 27.51
CA THR D 207 -54.32 8.88 27.80
C THR D 207 -55.59 8.28 27.16
N LYS D 208 -56.29 9.04 26.32
CA LYS D 208 -57.54 8.56 25.72
C LYS D 208 -57.34 7.24 25.01
N ASN D 209 -56.11 7.01 24.55
CA ASN D 209 -55.77 5.78 23.84
C ASN D 209 -55.28 4.62 24.72
N ALA D 210 -55.31 4.81 26.03
CA ALA D 210 -55.06 3.74 26.99
C ALA D 210 -56.40 3.31 27.58
N PRO D 211 -56.61 1.99 27.72
CA PRO D 211 -57.93 1.46 28.06
C PRO D 211 -58.17 1.27 29.56
N PHE D 212 -57.45 2.00 30.41
CA PHE D 212 -57.61 1.81 31.85
C PHE D 212 -58.57 2.85 32.46
N ASP D 213 -59.56 2.35 33.19
CA ASP D 213 -60.61 3.19 33.75
C ASP D 213 -60.70 3.00 35.26
N VAL D 214 -60.17 3.95 36.01
CA VAL D 214 -60.08 3.78 37.46
C VAL D 214 -61.15 4.59 38.19
N SER D 215 -62.04 5.23 37.44
CA SER D 215 -63.08 6.10 38.00
C SER D 215 -63.93 5.43 39.08
N LYS D 216 -64.05 4.11 39.02
CA LYS D 216 -64.90 3.39 39.95
C LYS D 216 -64.11 2.68 41.06
N LEU D 217 -62.79 2.76 41.01
CA LEU D 217 -61.96 1.99 41.94
C LEU D 217 -61.55 2.74 43.21
N THR D 218 -61.44 1.99 44.30
CA THR D 218 -61.11 2.57 45.60
C THR D 218 -59.74 2.09 46.04
N SER D 219 -59.32 0.95 45.48
CA SER D 219 -58.00 0.39 45.74
C SER D 219 -57.47 -0.28 44.47
N LEU D 220 -56.17 -0.56 44.43
CA LEU D 220 -55.60 -1.25 43.26
C LEU D 220 -55.01 -2.60 43.64
N PRO D 221 -54.96 -3.54 42.68
CA PRO D 221 -54.39 -4.86 42.95
C PRO D 221 -53.01 -4.77 43.58
N LYS D 222 -52.73 -5.62 44.56
CA LYS D 222 -51.48 -5.50 45.30
C LYS D 222 -50.30 -6.01 44.48
N VAL D 223 -49.39 -5.10 44.14
CA VAL D 223 -48.18 -5.46 43.42
C VAL D 223 -46.94 -4.99 44.17
N ASP D 224 -45.97 -5.88 44.35
CA ASP D 224 -44.74 -5.58 45.08
C ASP D 224 -43.48 -5.88 44.27
N ILE D 225 -42.32 -5.57 44.85
CA ILE D 225 -41.08 -5.54 44.07
C ILE D 225 -39.90 -6.16 44.79
N LEU D 226 -39.26 -7.13 44.11
CA LEU D 226 -38.07 -7.80 44.64
C LEU D 226 -36.88 -7.56 43.73
N TYR D 227 -35.70 -7.84 44.24
CA TYR D 227 -34.44 -7.55 43.57
C TYR D 227 -33.67 -8.85 43.37
N SER D 228 -32.74 -8.87 42.42
CA SER D 228 -31.94 -10.06 42.20
C SER D 228 -30.45 -9.72 42.22
N TYR D 229 -29.66 -10.62 42.78
CA TYR D 229 -28.24 -10.35 43.01
C TYR D 229 -27.50 -11.64 43.24
N SER D 230 -26.18 -11.55 43.34
CA SER D 230 -25.36 -12.71 43.69
C SER D 230 -25.88 -13.36 44.98
N ASN D 231 -25.99 -14.69 45.00
CA ASN D 231 -26.43 -15.37 46.21
C ASN D 231 -27.84 -14.98 46.66
N ASP D 232 -28.69 -14.65 45.68
CA ASP D 232 -30.04 -14.15 45.87
C ASP D 232 -30.79 -14.95 46.93
N GLY D 233 -31.32 -14.25 47.95
CA GLY D 233 -32.08 -14.90 49.00
C GLY D 233 -33.52 -14.45 49.04
N SER D 234 -33.97 -13.82 47.96
CA SER D 234 -35.31 -13.26 47.85
C SER D 234 -36.45 -14.27 47.71
N GLY D 235 -36.10 -15.52 47.45
CA GLY D 235 -37.10 -16.59 47.46
C GLY D 235 -37.96 -16.55 48.72
N VAL D 236 -37.31 -16.34 49.85
CA VAL D 236 -38.02 -16.22 51.13
C VAL D 236 -39.01 -15.09 51.09
N ALA D 237 -38.57 -13.93 50.61
CA ALA D 237 -39.44 -12.75 50.58
C ALA D 237 -40.64 -12.94 49.64
N ALA D 238 -40.47 -13.69 48.57
CA ALA D 238 -41.56 -13.85 47.61
C ALA D 238 -42.68 -14.69 48.19
N LYS D 239 -42.33 -15.84 48.77
CA LYS D 239 -43.32 -16.69 49.43
C LYS D 239 -44.10 -15.90 50.47
N ALA D 240 -43.41 -15.06 51.25
CA ALA D 240 -44.06 -14.33 52.33
C ALA D 240 -44.98 -13.25 51.78
N LEU D 241 -44.60 -12.64 50.65
CA LEU D 241 -45.42 -11.63 50.00
C LEU D 241 -46.68 -12.26 49.43
N PHE D 242 -46.53 -13.46 48.87
CA PHE D 242 -47.66 -14.16 48.27
C PHE D 242 -48.66 -14.58 49.35
N GLU D 243 -48.16 -15.00 50.51
CA GLU D 243 -49.00 -15.38 51.64
C GLU D 243 -49.63 -14.18 52.33
N HIS D 244 -49.31 -12.98 51.89
CA HIS D 244 -49.90 -11.81 52.53
C HIS D 244 -50.71 -10.96 51.57
N GLY D 245 -51.14 -11.55 50.46
CA GLY D 245 -52.04 -10.90 49.53
C GLY D 245 -51.44 -10.27 48.30
N THR D 246 -50.13 -10.38 48.12
CA THR D 246 -49.51 -9.86 46.89
C THR D 246 -50.08 -10.56 45.68
N LYS D 247 -50.61 -9.78 44.73
CA LYS D 247 -51.19 -10.37 43.51
C LYS D 247 -50.14 -10.45 42.41
N GLY D 248 -49.20 -9.52 42.45
CA GLY D 248 -48.15 -9.46 41.46
C GLY D 248 -46.78 -9.11 42.02
N ILE D 249 -45.76 -9.67 41.41
CA ILE D 249 -44.40 -9.36 41.75
C ILE D 249 -43.64 -8.90 40.51
N VAL D 250 -43.04 -7.71 40.60
CA VAL D 250 -42.07 -7.22 39.64
C VAL D 250 -40.67 -7.49 40.19
N VAL D 251 -39.82 -8.11 39.38
CA VAL D 251 -38.49 -8.43 39.80
C VAL D 251 -37.47 -7.55 39.07
N ALA D 252 -36.62 -6.87 39.83
CA ALA D 252 -35.52 -6.10 39.26
C ALA D 252 -34.36 -7.02 38.98
N GLY D 253 -34.36 -7.65 37.81
CA GLY D 253 -33.36 -8.66 37.49
C GLY D 253 -32.00 -8.07 37.20
N SER D 254 -30.99 -8.92 37.16
CA SER D 254 -29.65 -8.47 36.77
C SER D 254 -29.53 -8.49 35.24
N GLY D 255 -28.67 -7.62 34.72
CA GLY D 255 -28.60 -7.41 33.28
C GLY D 255 -30.00 -7.30 32.67
N ALA D 256 -30.20 -8.03 31.58
CA ALA D 256 -31.44 -8.00 30.81
C ALA D 256 -32.51 -8.92 31.38
N GLY D 257 -32.80 -8.74 32.67
CA GLY D 257 -33.90 -9.43 33.32
C GLY D 257 -33.55 -10.82 33.83
N SER D 258 -32.29 -11.02 34.21
CA SER D 258 -31.88 -12.32 34.75
C SER D 258 -32.21 -12.45 36.22
N ILE D 259 -32.99 -13.47 36.55
CA ILE D 259 -33.35 -13.72 37.94
C ILE D 259 -32.56 -14.89 38.47
N HIS D 260 -31.83 -14.65 39.56
CA HIS D 260 -31.01 -15.68 40.16
C HIS D 260 -31.83 -16.93 40.51
N LYS D 261 -31.30 -18.11 40.17
CA LYS D 261 -32.01 -19.37 40.35
C LYS D 261 -32.60 -19.61 41.76
N ASN D 262 -31.90 -19.16 42.80
CA ASN D 262 -32.45 -19.31 44.14
C ASN D 262 -33.85 -18.71 44.18
N GLN D 263 -34.00 -17.52 43.59
CA GLN D 263 -35.27 -16.82 43.59
C GLN D 263 -36.22 -17.33 42.51
N LYS D 264 -35.67 -17.67 41.35
CA LYS D 264 -36.45 -18.06 40.18
C LYS D 264 -37.21 -19.37 40.37
N ASP D 265 -36.63 -20.29 41.15
CA ASP D 265 -37.31 -21.55 41.41
C ASP D 265 -38.57 -21.27 42.22
N VAL D 266 -38.44 -20.39 43.21
CA VAL D 266 -39.58 -20.06 44.06
C VAL D 266 -40.67 -19.36 43.27
N LEU D 267 -40.28 -18.41 42.41
CA LEU D 267 -41.26 -17.71 41.58
C LEU D 267 -41.97 -18.70 40.63
N LYS D 268 -41.22 -19.69 40.12
CA LYS D 268 -41.83 -20.73 39.29
C LYS D 268 -42.93 -21.48 40.04
N GLU D 269 -42.64 -21.86 41.27
N GLU D 269 -42.67 -21.83 41.29
CA GLU D 269 -43.64 -22.49 42.12
CA GLU D 269 -43.68 -22.52 42.08
C GLU D 269 -44.87 -21.59 42.21
C GLU D 269 -44.87 -21.62 42.44
N LEU D 270 -44.63 -20.32 42.54
CA LEU D 270 -45.72 -19.39 42.80
C LEU D 270 -46.54 -19.06 41.55
N LEU D 271 -45.92 -19.14 40.38
CA LEU D 271 -46.66 -18.95 39.12
C LEU D 271 -47.78 -19.99 39.03
N LYS D 272 -47.48 -21.23 39.39
CA LYS D 272 -48.49 -22.28 39.30
C LYS D 272 -49.61 -22.11 40.34
N LYS D 273 -49.44 -21.14 41.24
CA LYS D 273 -50.45 -20.88 42.25
C LYS D 273 -51.22 -19.57 41.98
N GLY D 274 -50.87 -18.89 40.89
CA GLY D 274 -51.66 -17.77 40.43
C GLY D 274 -51.00 -16.39 40.55
N LEU D 275 -49.79 -16.35 41.09
CA LEU D 275 -49.09 -15.08 41.18
C LEU D 275 -48.71 -14.62 39.76
N LYS D 276 -48.77 -13.32 39.51
CA LYS D 276 -48.27 -12.80 38.24
C LYS D 276 -46.85 -12.32 38.46
N VAL D 277 -45.96 -12.68 37.55
CA VAL D 277 -44.58 -12.26 37.66
C VAL D 277 -44.10 -11.49 36.45
N VAL D 278 -43.68 -10.25 36.68
CA VAL D 278 -43.13 -9.41 35.64
C VAL D 278 -41.62 -9.30 35.82
N VAL D 279 -40.90 -9.50 34.73
CA VAL D 279 -39.45 -9.42 34.77
C VAL D 279 -38.98 -8.03 34.31
N SER D 280 -38.38 -7.30 35.24
CA SER D 280 -37.82 -6.00 34.94
C SER D 280 -36.31 -6.05 35.13
N SER D 281 -35.69 -4.92 35.44
CA SER D 281 -34.24 -4.87 35.52
C SER D 281 -33.70 -3.80 36.46
N ARG D 282 -32.61 -4.15 37.15
CA ARG D 282 -31.95 -3.20 38.03
C ARG D 282 -31.04 -2.26 37.22
N VAL D 283 -30.98 -2.47 35.92
CA VAL D 283 -30.09 -1.71 35.04
C VAL D 283 -30.85 -0.52 34.45
N VAL D 284 -30.20 0.64 34.40
CA VAL D 284 -30.95 1.86 34.11
C VAL D 284 -31.43 1.92 32.67
N ALA D 285 -30.58 1.59 31.71
CA ALA D 285 -31.00 1.64 30.31
C ALA D 285 -30.99 0.26 29.64
N GLY D 286 -31.84 0.12 28.62
CA GLY D 286 -31.98 -1.14 27.91
C GLY D 286 -33.33 -1.83 28.09
N CYS D 287 -33.49 -2.95 27.42
CA CYS D 287 -34.70 -3.74 27.46
C CYS D 287 -34.36 -5.10 28.09
N VAL D 288 -35.32 -5.76 28.73
CA VAL D 288 -35.08 -7.10 29.26
C VAL D 288 -35.38 -8.17 28.21
N ALA D 289 -34.81 -9.35 28.37
CA ALA D 289 -35.16 -10.48 27.51
C ALA D 289 -35.68 -11.68 28.30
N VAL D 290 -36.89 -12.11 27.97
CA VAL D 290 -37.48 -13.28 28.59
C VAL D 290 -37.60 -14.39 27.56
N SER D 291 -36.96 -15.52 27.83
CA SER D 291 -36.97 -16.64 26.88
C SER D 291 -38.38 -17.11 26.59
N ASP D 292 -38.54 -17.78 25.44
CA ASP D 292 -39.84 -18.31 25.02
C ASP D 292 -40.31 -19.34 26.05
N SER D 293 -39.35 -20.06 26.60
CA SER D 293 -39.61 -21.05 27.61
C SER D 293 -40.28 -20.44 28.85
N ASP D 294 -39.67 -19.40 29.42
CA ASP D 294 -40.17 -18.76 30.64
C ASP D 294 -41.50 -18.05 30.41
N GLU D 295 -41.66 -17.53 29.21
CA GLU D 295 -42.89 -16.82 28.82
C GLU D 295 -44.05 -17.81 28.89
N LYS D 296 -43.79 -19.04 28.44
CA LYS D 296 -44.74 -20.13 28.52
C LYS D 296 -45.18 -20.43 29.96
N LEU D 297 -44.29 -20.20 30.91
CA LEU D 297 -44.61 -20.42 32.30
C LEU D 297 -45.44 -19.27 32.87
N GLY D 298 -45.43 -18.13 32.18
CA GLY D 298 -46.17 -16.98 32.65
C GLY D 298 -45.31 -15.74 32.90
N PHE D 299 -43.99 -15.91 32.91
CA PHE D 299 -43.14 -14.75 33.07
C PHE D 299 -43.49 -13.68 32.02
N ILE D 300 -43.74 -12.46 32.49
CA ILE D 300 -44.05 -11.32 31.63
C ILE D 300 -42.84 -10.38 31.51
N SER D 301 -42.49 -10.01 30.28
CA SER D 301 -41.40 -9.07 30.04
C SER D 301 -41.86 -7.63 30.24
N ALA D 302 -41.09 -6.84 30.98
CA ALA D 302 -41.43 -5.44 31.19
C ALA D 302 -40.78 -4.55 30.15
N GLU D 303 -40.16 -5.18 29.14
CA GLU D 303 -39.49 -4.40 28.10
C GLU D 303 -38.41 -3.47 28.67
N ASP D 304 -38.57 -2.16 28.46
CA ASP D 304 -37.59 -1.19 28.93
C ASP D 304 -38.06 -0.53 30.23
N LEU D 305 -39.28 -0.83 30.66
CA LEU D 305 -39.87 -0.27 31.87
C LEU D 305 -39.13 -0.71 33.16
N ASN D 306 -38.57 0.24 33.90
CA ASN D 306 -37.92 -0.04 35.19
C ASN D 306 -38.89 -0.58 36.27
N PRO D 307 -38.35 -1.15 37.35
CA PRO D 307 -39.24 -1.89 38.24
C PRO D 307 -40.44 -1.09 38.75
N GLN D 308 -40.22 0.12 39.26
CA GLN D 308 -41.35 0.88 39.80
C GLN D 308 -42.35 1.32 38.73
N LYS D 309 -41.90 1.49 37.50
CA LYS D 309 -42.85 1.83 36.45
C LYS D 309 -43.60 0.58 35.96
N ALA D 310 -42.90 -0.55 35.97
CA ALA D 310 -43.49 -1.82 35.56
C ALA D 310 -44.61 -2.20 36.52
N ARG D 311 -44.40 -1.92 37.79
CA ARG D 311 -45.44 -2.12 38.79
C ARG D 311 -46.72 -1.35 38.44
N VAL D 312 -46.57 -0.11 37.96
CA VAL D 312 -47.71 0.72 37.62
C VAL D 312 -48.57 0.04 36.55
N LEU D 313 -47.93 -0.48 35.51
CA LEU D 313 -48.69 -1.00 34.38
C LEU D 313 -49.28 -2.35 34.70
N LEU D 314 -48.55 -3.17 35.47
CA LEU D 314 -49.05 -4.47 35.92
C LEU D 314 -50.29 -4.38 36.82
N MSE D 315 -50.27 -3.42 37.74
CA MSE D 315 -51.42 -3.10 38.55
C MSE D 315 -52.64 -2.82 37.68
O MSE D 315 -53.68 -3.45 37.81
CB MSE D 315 -51.11 -1.87 39.38
CG MSE D 315 -51.18 -2.07 40.88
SE MSE D 315 -50.56 -0.48 41.79
CE MSE D 315 -51.20 -0.88 43.57
N LEU D 316 -52.51 -1.84 36.78
CA LEU D 316 -53.63 -1.43 35.95
C LEU D 316 -54.08 -2.57 35.04
N ALA D 317 -53.12 -3.33 34.52
CA ALA D 317 -53.44 -4.51 33.72
C ALA D 317 -54.28 -5.51 34.52
N LEU D 318 -53.98 -5.68 35.80
CA LEU D 318 -54.73 -6.59 36.65
C LEU D 318 -56.14 -6.10 37.02
N THR D 319 -56.49 -4.87 36.65
CA THR D 319 -57.86 -4.38 36.86
C THR D 319 -58.74 -4.86 35.72
N LYS D 320 -58.12 -5.39 34.66
CA LYS D 320 -58.85 -5.80 33.47
C LYS D 320 -58.79 -7.30 33.17
N THR D 321 -57.62 -7.91 33.37
CA THR D 321 -57.39 -9.30 33.00
C THR D 321 -56.49 -9.99 34.02
N SER D 322 -56.50 -11.32 34.01
CA SER D 322 -55.61 -12.11 34.85
C SER D 322 -54.72 -13.02 33.99
N ASP D 323 -54.79 -12.81 32.67
CA ASP D 323 -54.16 -13.69 31.68
C ASP D 323 -52.80 -13.12 31.26
N PRO D 324 -51.71 -13.79 31.66
CA PRO D 324 -50.35 -13.31 31.40
C PRO D 324 -50.11 -12.96 29.94
N LYS D 325 -50.75 -13.66 29.02
CA LYS D 325 -50.62 -13.35 27.60
C LYS D 325 -51.19 -11.96 27.26
N LYS D 326 -52.35 -11.62 27.84
CA LYS D 326 -52.93 -10.30 27.62
C LYS D 326 -52.11 -9.22 28.32
N ILE D 327 -51.61 -9.53 29.51
CA ILE D 327 -50.73 -8.61 30.21
C ILE D 327 -49.48 -8.31 29.38
N GLN D 328 -48.90 -9.33 28.76
CA GLN D 328 -47.72 -9.13 27.91
C GLN D 328 -48.05 -8.21 26.73
N GLU D 329 -49.26 -8.34 26.22
CA GLU D 329 -49.72 -7.48 25.13
C GLU D 329 -49.69 -6.02 25.58
N TYR D 330 -50.22 -5.75 26.79
CA TYR D 330 -50.15 -4.41 27.40
C TYR D 330 -48.71 -3.87 27.49
N PHE D 331 -47.78 -4.71 27.93
CA PHE D 331 -46.39 -4.28 28.11
C PHE D 331 -45.70 -4.00 26.78
N LEU D 332 -46.27 -4.51 25.70
CA LEU D 332 -45.70 -4.29 24.40
C LEU D 332 -46.22 -2.98 23.80
N LYS D 333 -47.35 -2.50 24.30
CA LYS D 333 -48.08 -1.39 23.69
C LYS D 333 -48.02 -0.04 24.46
N TYR D 334 -48.04 -0.10 25.79
CA TYR D 334 -48.17 1.12 26.62
C TYR D 334 -46.89 1.54 27.34
N LYS E 8 -10.89 -30.50 -28.10
CA LYS E 8 -10.06 -29.37 -27.70
C LYS E 8 -9.24 -29.66 -26.44
N SER E 9 -7.96 -29.30 -26.47
CA SER E 9 -7.03 -29.71 -25.42
C SER E 9 -7.14 -28.96 -24.09
N ARG E 10 -6.80 -29.64 -23.00
CA ARG E 10 -6.96 -29.13 -21.64
C ARG E 10 -5.68 -28.52 -21.09
N ILE E 11 -5.64 -27.19 -21.03
CA ILE E 11 -4.46 -26.49 -20.56
C ILE E 11 -4.67 -25.96 -19.14
N ALA E 12 -3.69 -26.20 -18.28
CA ALA E 12 -3.76 -25.68 -16.93
C ALA E 12 -2.69 -24.61 -16.72
N ILE E 13 -3.12 -23.42 -16.33
CA ILE E 13 -2.21 -22.31 -16.08
C ILE E 13 -2.02 -22.14 -14.56
N LEU E 14 -0.78 -22.24 -14.11
CA LEU E 14 -0.43 -22.13 -12.69
C LEU E 14 0.20 -20.75 -12.40
N GLY E 15 -0.35 -20.03 -11.43
CA GLY E 15 0.20 -18.73 -11.10
C GLY E 15 1.26 -18.85 -10.03
N THR E 16 2.34 -18.08 -10.13
CA THR E 16 3.31 -18.03 -9.04
C THR E 16 3.49 -16.60 -8.57
N GLY E 17 3.01 -15.66 -9.37
CA GLY E 17 3.23 -14.24 -9.12
C GLY E 17 4.05 -13.63 -10.23
N GLY E 18 5.06 -12.84 -9.86
CA GLY E 18 5.95 -12.23 -10.84
C GLY E 18 5.57 -10.82 -11.23
N THR E 19 5.85 -10.45 -12.48
CA THR E 19 5.53 -9.13 -12.99
C THR E 19 4.32 -9.18 -13.93
N ILE E 20 4.09 -10.35 -14.52
CA ILE E 20 2.95 -10.62 -15.41
C ILE E 20 1.61 -10.62 -14.65
N ALA E 21 1.69 -10.73 -13.33
CA ALA E 21 0.55 -10.54 -12.46
C ALA E 21 0.78 -9.27 -11.64
N GLY E 22 1.64 -8.39 -12.16
CA GLY E 22 2.07 -7.20 -11.44
C GLY E 22 1.16 -5.99 -11.55
N PHE E 23 1.22 -5.14 -10.52
CA PHE E 23 0.41 -3.93 -10.48
C PHE E 23 1.25 -2.75 -10.01
N ALA E 37 0.58 -9.53 -7.25
CA ALA E 37 -0.42 -8.54 -6.85
C ALA E 37 -1.76 -8.73 -7.56
N ILE E 38 -1.81 -9.66 -8.51
CA ILE E 38 -3.02 -9.90 -9.30
C ILE E 38 -3.42 -11.39 -9.34
N ASP E 39 -4.73 -11.64 -9.43
CA ASP E 39 -5.29 -12.99 -9.44
C ASP E 39 -5.26 -13.63 -10.83
N ILE E 40 -4.77 -14.87 -10.90
CA ILE E 40 -4.58 -15.59 -12.16
C ILE E 40 -5.80 -15.55 -13.09
N ASP E 41 -6.99 -15.47 -12.50
CA ASP E 41 -8.26 -15.44 -13.24
C ASP E 41 -8.42 -14.16 -14.06
N VAL E 42 -8.06 -13.02 -13.46
CA VAL E 42 -8.15 -11.73 -14.11
C VAL E 42 -7.33 -11.63 -15.40
N LEU E 43 -6.04 -11.95 -15.29
CA LEU E 43 -5.08 -11.86 -16.41
C LEU E 43 -5.50 -12.67 -17.64
N ILE E 44 -6.34 -13.67 -17.43
CA ILE E 44 -6.77 -14.55 -18.50
C ILE E 44 -8.05 -14.03 -19.15
N LYS E 45 -8.61 -12.96 -18.60
CA LYS E 45 -9.79 -12.33 -19.18
C LYS E 45 -9.36 -11.14 -20.03
N ALA E 46 -8.08 -10.79 -19.90
CA ALA E 46 -7.49 -9.66 -20.62
C ALA E 46 -6.81 -10.12 -21.91
N VAL E 47 -6.87 -11.43 -22.17
CA VAL E 47 -6.38 -12.02 -23.40
C VAL E 47 -7.47 -12.98 -23.88
N PRO E 48 -8.52 -12.42 -24.49
CA PRO E 48 -9.78 -13.15 -24.61
C PRO E 48 -9.71 -14.26 -25.65
N GLN E 49 -8.89 -14.06 -26.67
CA GLN E 49 -8.77 -15.04 -27.75
C GLN E 49 -8.17 -16.35 -27.26
N ILE E 50 -7.78 -16.38 -25.99
CA ILE E 50 -7.17 -17.55 -25.38
C ILE E 50 -8.14 -18.73 -25.23
N ARG E 51 -9.42 -18.44 -25.09
CA ARG E 51 -10.44 -19.48 -24.98
C ARG E 51 -10.57 -20.27 -26.27
N ASP E 52 -10.25 -19.64 -27.39
CA ASP E 52 -10.32 -20.33 -28.68
C ASP E 52 -9.23 -21.38 -28.82
N LEU E 53 -8.07 -21.12 -28.23
CA LEU E 53 -6.95 -22.03 -28.32
C LEU E 53 -7.18 -23.34 -27.56
N ALA E 54 -7.74 -23.25 -26.36
CA ALA E 54 -7.85 -24.43 -25.52
C ALA E 54 -8.92 -24.32 -24.44
N ASP E 55 -9.13 -25.45 -23.76
CA ASP E 55 -10.00 -25.54 -22.60
C ASP E 55 -9.18 -25.21 -21.35
N ILE E 56 -9.35 -24.01 -20.83
CA ILE E 56 -8.42 -23.43 -19.87
C ILE E 56 -8.85 -23.50 -18.40
N SER E 57 -7.91 -23.82 -17.52
CA SER E 57 -8.14 -23.78 -16.07
C SER E 57 -6.97 -23.12 -15.36
N TRP E 58 -7.26 -22.57 -14.20
CA TRP E 58 -6.29 -21.76 -13.47
C TRP E 58 -6.28 -22.09 -11.98
N GLU E 59 -5.10 -21.91 -11.38
CA GLU E 59 -4.90 -22.14 -9.96
C GLU E 59 -3.67 -21.36 -9.54
N GLN E 60 -3.80 -20.61 -8.44
CA GLN E 60 -2.69 -19.85 -7.88
C GLN E 60 -1.87 -20.82 -7.03
N ILE E 61 -0.60 -21.01 -7.36
CA ILE E 61 0.26 -21.88 -6.56
C ILE E 61 0.97 -21.10 -5.45
N ALA E 62 1.46 -19.91 -5.78
CA ALA E 62 2.02 -19.00 -4.79
C ALA E 62 1.83 -17.61 -5.33
N ASN E 63 2.04 -16.60 -4.51
CA ASN E 63 2.09 -15.24 -5.06
C ASN E 63 3.24 -14.45 -4.46
N ILE E 64 4.39 -14.50 -5.14
CA ILE E 64 5.62 -13.90 -4.66
C ILE E 64 6.37 -13.27 -5.82
N ASP E 65 7.32 -12.38 -5.52
CA ASP E 65 8.27 -11.94 -6.53
C ASP E 65 9.21 -13.11 -6.71
N SER E 66 9.69 -13.33 -7.92
CA SER E 66 10.46 -14.53 -8.18
C SER E 66 11.86 -14.41 -7.56
N SER E 67 12.30 -13.20 -7.27
CA SER E 67 13.56 -13.05 -6.58
C SER E 67 13.48 -13.67 -5.17
N ASN E 68 12.28 -14.03 -4.73
CA ASN E 68 12.16 -14.70 -3.45
C ASN E 68 11.76 -16.17 -3.56
N MSE E 69 11.94 -16.73 -4.75
CA MSE E 69 11.72 -18.15 -5.01
C MSE E 69 12.41 -19.02 -3.95
O MSE E 69 13.43 -18.63 -3.40
CB MSE E 69 12.24 -18.50 -6.41
CG MSE E 69 11.84 -19.86 -6.95
SE MSE E 69 9.90 -20.12 -6.89
CE MSE E 69 9.29 -18.43 -7.62
N CYS E 70 11.84 -20.19 -3.67
CA CYS E 70 12.46 -21.14 -2.74
C CYS E 70 12.25 -22.61 -3.14
N ASP E 71 12.96 -23.51 -2.48
CA ASP E 71 12.83 -24.94 -2.71
C ASP E 71 11.39 -25.42 -2.57
N GLU E 72 10.71 -24.94 -1.53
CA GLU E 72 9.34 -25.35 -1.24
C GLU E 72 8.41 -25.20 -2.44
N ILE E 73 8.34 -24.00 -3.00
CA ILE E 73 7.50 -23.81 -4.18
C ILE E 73 7.95 -24.71 -5.34
N TRP E 74 9.26 -24.91 -5.48
CA TRP E 74 9.73 -25.86 -6.49
C TRP E 74 9.11 -27.24 -6.29
N LEU E 75 9.19 -27.77 -5.06
CA LEU E 75 8.65 -29.10 -4.78
C LEU E 75 7.14 -29.16 -5.07
N ARG E 76 6.42 -28.11 -4.69
CA ARG E 76 4.98 -28.06 -4.93
C ARG E 76 4.62 -28.02 -6.42
N LEU E 77 5.29 -27.15 -7.18
CA LEU E 77 5.16 -27.16 -8.62
C LEU E 77 5.33 -28.55 -9.22
N ALA E 78 6.46 -29.19 -8.93
CA ALA E 78 6.75 -30.50 -9.51
C ALA E 78 5.65 -31.51 -9.22
N LYS E 79 5.06 -31.44 -8.03
CA LYS E 79 4.06 -32.43 -7.67
C LYS E 79 2.73 -32.10 -8.30
N LYS E 80 2.38 -30.81 -8.29
CA LYS E 80 1.13 -30.35 -8.88
C LYS E 80 1.10 -30.78 -10.33
N ILE E 81 2.22 -30.59 -11.01
CA ILE E 81 2.34 -30.89 -12.43
C ILE E 81 2.21 -32.40 -12.69
N ALA E 82 2.90 -33.21 -11.88
CA ALA E 82 2.79 -34.66 -11.96
C ALA E 82 1.35 -35.12 -11.80
N LYS E 83 0.63 -34.47 -10.89
CA LYS E 83 -0.76 -34.79 -10.66
C LYS E 83 -1.64 -34.31 -11.83
N LEU E 84 -1.59 -33.02 -12.15
CA LEU E 84 -2.32 -32.50 -13.29
C LEU E 84 -2.20 -33.40 -14.52
N PHE E 85 -0.98 -33.77 -14.87
CA PHE E 85 -0.75 -34.62 -16.03
C PHE E 85 -1.42 -36.00 -15.87
N ALA E 86 -1.35 -36.54 -14.67
CA ALA E 86 -1.99 -37.82 -14.38
C ALA E 86 -3.50 -37.75 -14.56
N GLU E 87 -4.08 -36.57 -14.33
CA GLU E 87 -5.51 -36.34 -14.43
C GLU E 87 -5.99 -35.98 -15.83
N GLY E 88 -5.11 -36.10 -16.82
CA GLY E 88 -5.49 -35.91 -18.20
C GLY E 88 -5.15 -34.58 -18.84
N ILE E 89 -4.54 -33.67 -18.08
CA ILE E 89 -4.19 -32.37 -18.63
C ILE E 89 -3.16 -32.53 -19.75
N ASP E 90 -3.35 -31.78 -20.85
CA ASP E 90 -2.51 -31.91 -22.01
C ASP E 90 -1.26 -31.04 -21.96
N GLY E 91 -1.29 -30.03 -21.10
CA GLY E 91 -0.23 -29.04 -21.03
C GLY E 91 -0.37 -28.03 -19.91
N VAL E 92 0.77 -27.49 -19.48
CA VAL E 92 0.82 -26.57 -18.36
C VAL E 92 1.60 -25.32 -18.71
N VAL E 93 1.04 -24.17 -18.34
CA VAL E 93 1.73 -22.89 -18.38
C VAL E 93 1.94 -22.37 -16.96
N ILE E 94 3.18 -22.01 -16.64
CA ILE E 94 3.50 -21.41 -15.36
C ILE E 94 3.88 -19.96 -15.62
N THR E 95 3.05 -19.05 -15.13
CA THR E 95 3.36 -17.63 -15.15
C THR E 95 4.28 -17.39 -13.95
N HIS E 96 5.40 -16.73 -14.21
CA HIS E 96 6.51 -16.74 -13.26
C HIS E 96 7.25 -15.40 -13.35
N GLY E 97 7.89 -14.99 -12.27
CA GLY E 97 8.70 -13.79 -12.31
C GLY E 97 9.90 -14.08 -13.16
N THR E 98 10.38 -13.08 -13.89
CA THR E 98 11.50 -13.32 -14.81
C THR E 98 12.85 -13.52 -14.08
N ASP E 99 12.96 -12.99 -12.87
CA ASP E 99 14.25 -12.97 -12.17
C ASP E 99 14.88 -14.34 -11.98
N THR E 100 14.08 -15.33 -11.59
CA THR E 100 14.61 -16.66 -11.35
C THR E 100 13.99 -17.75 -12.25
N MSE E 101 13.30 -17.29 -13.29
CA MSE E 101 12.60 -18.20 -14.20
C MSE E 101 13.52 -19.31 -14.71
O MSE E 101 13.11 -20.48 -14.83
CB MSE E 101 12.00 -17.42 -15.38
CG MSE E 101 11.14 -18.26 -16.35
SE MSE E 101 9.84 -17.20 -17.40
CE MSE E 101 11.08 -16.08 -18.33
N GLU E 102 14.77 -18.95 -15.00
CA GLU E 102 15.75 -19.90 -15.52
C GLU E 102 16.03 -21.03 -14.51
N GLU E 103 16.03 -20.71 -13.22
CA GLU E 103 16.31 -21.73 -12.22
C GLU E 103 15.12 -22.66 -12.09
N THR E 104 13.93 -22.10 -11.91
CA THR E 104 12.72 -22.92 -11.87
C THR E 104 12.56 -23.81 -13.11
N ALA E 105 12.76 -23.23 -14.28
CA ALA E 105 12.56 -23.96 -15.53
C ALA E 105 13.48 -25.19 -15.58
N TYR E 106 14.74 -24.99 -15.19
CA TYR E 106 15.73 -26.07 -15.20
C TYR E 106 15.40 -27.17 -14.18
N PHE E 107 14.97 -26.78 -12.99
CA PHE E 107 14.57 -27.74 -11.97
C PHE E 107 13.45 -28.63 -12.53
N LEU E 108 12.42 -28.00 -13.07
CA LEU E 108 11.30 -28.75 -13.60
C LEU E 108 11.79 -29.69 -14.70
N ASN E 109 12.73 -29.22 -15.52
CA ASN E 109 13.28 -29.99 -16.63
C ASN E 109 13.95 -31.29 -16.19
N LEU E 110 14.34 -31.34 -14.91
CA LEU E 110 15.05 -32.51 -14.39
C LEU E 110 14.20 -33.40 -13.49
N THR E 111 12.98 -32.97 -13.16
CA THR E 111 12.17 -33.64 -12.15
C THR E 111 10.74 -34.01 -12.60
N ILE E 112 10.36 -33.61 -13.80
CA ILE E 112 9.05 -33.91 -14.32
C ILE E 112 9.09 -35.09 -15.29
N LYS E 113 8.37 -36.16 -14.96
CA LYS E 113 8.43 -37.44 -15.70
C LYS E 113 7.47 -37.56 -16.87
N SER E 114 7.10 -36.44 -17.47
CA SER E 114 6.16 -36.45 -18.58
C SER E 114 6.77 -35.81 -19.83
N ASP E 115 6.29 -36.24 -21.00
CA ASP E 115 6.73 -35.69 -22.27
C ASP E 115 5.76 -34.61 -22.67
N LYS E 116 4.76 -34.36 -21.82
CA LYS E 116 3.79 -33.32 -22.15
C LYS E 116 4.43 -31.96 -21.92
N PRO E 117 4.08 -31.00 -22.77
CA PRO E 117 4.71 -29.68 -22.69
C PRO E 117 4.38 -28.93 -21.40
N VAL E 118 5.44 -28.36 -20.81
CA VAL E 118 5.33 -27.45 -19.68
C VAL E 118 6.07 -26.16 -20.05
N VAL E 119 5.36 -25.05 -20.00
CA VAL E 119 5.95 -23.79 -20.45
C VAL E 119 5.95 -22.72 -19.36
N LEU E 120 7.11 -22.14 -19.07
CA LEU E 120 7.16 -20.96 -18.22
C LEU E 120 7.13 -19.71 -19.06
N VAL E 121 6.42 -18.71 -18.55
CA VAL E 121 6.32 -17.42 -19.23
C VAL E 121 6.25 -16.35 -18.18
N GLY E 122 6.72 -15.15 -18.53
CA GLY E 122 6.58 -13.99 -17.66
C GLY E 122 6.49 -12.72 -18.48
N ALA E 123 6.89 -11.61 -17.90
CA ALA E 123 6.75 -10.32 -18.54
C ALA E 123 7.67 -9.29 -17.87
N MSE E 124 8.32 -8.45 -18.66
CA MSE E 124 9.20 -7.42 -18.13
C MSE E 124 8.49 -6.13 -17.70
O MSE E 124 9.07 -5.31 -17.00
CB MSE E 124 10.31 -7.11 -19.13
CG MSE E 124 11.10 -8.34 -19.49
SE MSE E 124 12.11 -8.94 -17.93
CE MSE E 124 13.62 -7.70 -18.11
N ARG E 125 7.25 -5.95 -18.15
CA ARG E 125 6.45 -4.79 -17.73
C ARG E 125 5.20 -5.26 -16.98
N PRO E 126 4.85 -4.52 -15.93
CA PRO E 126 3.65 -4.76 -15.12
C PRO E 126 2.39 -4.72 -15.96
N SER E 127 1.44 -5.57 -15.63
CA SER E 127 0.23 -5.71 -16.41
C SER E 127 -0.48 -4.37 -16.60
N THR E 128 -0.26 -3.44 -15.68
CA THR E 128 -0.95 -2.16 -15.69
C THR E 128 -0.26 -1.11 -16.52
N ALA E 129 0.91 -1.42 -17.08
CA ALA E 129 1.72 -0.44 -17.79
C ALA E 129 1.33 -0.37 -19.27
N ILE E 130 1.76 0.69 -19.95
CA ILE E 130 1.47 0.82 -21.37
C ILE E 130 2.39 -0.08 -22.17
N SER E 131 1.84 -0.73 -23.19
CA SER E 131 2.58 -1.70 -23.96
C SER E 131 3.10 -2.82 -23.04
N ALA E 132 2.30 -3.20 -22.06
CA ALA E 132 2.62 -4.37 -21.25
C ALA E 132 2.76 -5.59 -22.16
N ASP E 133 3.82 -6.35 -21.94
CA ASP E 133 4.19 -7.43 -22.84
C ASP E 133 3.48 -8.74 -22.51
N GLY E 134 3.01 -8.84 -21.27
CA GLY E 134 2.48 -10.07 -20.74
C GLY E 134 1.32 -10.70 -21.51
N PRO E 135 0.32 -9.88 -21.87
CA PRO E 135 -0.82 -10.45 -22.60
C PRO E 135 -0.38 -11.24 -23.83
N LYS E 136 0.46 -10.65 -24.68
CA LYS E 136 0.93 -11.34 -25.87
C LYS E 136 1.76 -12.57 -25.49
N ASN E 137 2.58 -12.42 -24.46
CA ASN E 137 3.40 -13.52 -23.95
C ASN E 137 2.54 -14.71 -23.47
N LEU E 138 1.47 -14.42 -22.73
CA LEU E 138 0.58 -15.47 -22.22
C LEU E 138 -0.13 -16.18 -23.38
N TYR E 139 -0.65 -15.38 -24.30
CA TYR E 139 -1.21 -15.91 -25.53
C TYR E 139 -0.24 -16.84 -26.26
N ASN E 140 1.01 -16.40 -26.40
CA ASN E 140 1.98 -17.20 -27.13
C ASN E 140 2.29 -18.51 -26.40
N ALA E 141 2.28 -18.46 -25.07
CA ALA E 141 2.55 -19.64 -24.28
C ALA E 141 1.45 -20.68 -24.45
N VAL E 142 0.21 -20.21 -24.47
CA VAL E 142 -0.92 -21.12 -24.60
C VAL E 142 -0.90 -21.73 -26.00
N ALA E 143 -0.59 -20.91 -27.00
CA ALA E 143 -0.51 -21.42 -28.37
C ALA E 143 0.55 -22.49 -28.47
N LEU E 144 1.64 -22.33 -27.73
CA LEU E 144 2.75 -23.28 -27.75
C LEU E 144 2.39 -24.64 -27.17
N VAL E 145 1.83 -24.66 -25.95
CA VAL E 145 1.42 -25.91 -25.31
C VAL E 145 0.32 -26.72 -26.05
N VAL E 146 -0.53 -26.06 -26.85
CA VAL E 146 -1.54 -26.77 -27.63
C VAL E 146 -1.02 -27.31 -28.96
N ASN E 147 0.11 -26.76 -29.42
CA ASN E 147 0.73 -27.20 -30.68
C ASN E 147 1.18 -28.65 -30.60
N LYS E 148 1.02 -29.37 -31.70
CA LYS E 148 1.27 -30.82 -31.67
C LYS E 148 2.75 -31.16 -31.63
N GLU E 149 3.59 -30.27 -32.13
CA GLU E 149 5.02 -30.52 -32.11
C GLU E 149 5.63 -30.33 -30.71
N ALA E 150 4.80 -29.91 -29.77
CA ALA E 150 5.28 -29.44 -28.47
C ALA E 150 5.62 -30.55 -27.46
N LYS E 151 5.30 -31.80 -27.80
CA LYS E 151 5.60 -32.92 -26.91
C LYS E 151 7.07 -33.36 -26.97
N ASN E 152 7.60 -33.78 -25.83
CA ASN E 152 8.93 -34.34 -25.76
C ASN E 152 10.04 -33.34 -26.12
N LYS E 153 9.80 -32.06 -25.84
CA LYS E 153 10.79 -31.03 -26.21
C LYS E 153 11.61 -30.58 -25.01
N GLY E 154 11.26 -31.12 -23.84
CA GLY E 154 11.81 -30.65 -22.59
C GLY E 154 11.00 -29.48 -22.10
N VAL E 155 11.17 -29.10 -20.83
CA VAL E 155 10.56 -27.88 -20.32
C VAL E 155 11.08 -26.67 -21.09
N MSE E 156 10.16 -25.75 -21.38
CA MSE E 156 10.51 -24.60 -22.20
C MSE E 156 10.13 -23.30 -21.54
O MSE E 156 9.23 -23.22 -20.68
CB MSE E 156 9.80 -24.69 -23.56
CG MSE E 156 10.05 -25.99 -24.30
SE MSE E 156 8.91 -26.19 -25.88
CE MSE E 156 7.27 -26.85 -25.09
N VAL E 157 10.82 -22.24 -21.95
CA VAL E 157 10.40 -20.89 -21.62
C VAL E 157 10.00 -20.19 -22.91
N ALA E 158 8.80 -19.62 -22.94
CA ALA E 158 8.36 -18.86 -24.09
C ALA E 158 8.13 -17.42 -23.70
N ILE E 159 8.91 -16.53 -24.29
CA ILE E 159 8.82 -15.11 -23.97
C ILE E 159 9.28 -14.25 -25.17
N ASN E 160 8.55 -13.17 -25.43
CA ASN E 160 8.87 -12.30 -26.55
C ASN E 160 9.02 -13.03 -27.90
N ASP E 161 8.10 -13.94 -28.18
CA ASP E 161 8.04 -14.64 -29.48
C ASP E 161 9.14 -15.70 -29.69
N LYS E 162 9.97 -15.92 -28.68
CA LYS E 162 11.05 -16.91 -28.77
C LYS E 162 10.74 -18.13 -27.96
N ILE E 163 11.21 -19.28 -28.41
CA ILE E 163 11.06 -20.49 -27.63
C ILE E 163 12.44 -21.01 -27.26
N LEU E 164 12.68 -21.06 -25.95
CA LEU E 164 13.99 -21.39 -25.42
C LEU E 164 13.87 -22.66 -24.57
N SER E 165 14.91 -23.48 -24.57
CA SER E 165 14.92 -24.69 -23.77
C SER E 165 15.33 -24.38 -22.33
N ALA E 166 14.81 -25.14 -21.37
CA ALA E 166 15.19 -24.98 -19.98
C ALA E 166 16.70 -25.16 -19.84
N ARG E 167 17.27 -26.10 -20.60
CA ARG E 167 18.68 -26.40 -20.47
C ARG E 167 19.58 -25.23 -20.90
N GLY E 168 19.06 -24.35 -21.73
CA GLY E 168 19.87 -23.27 -22.24
C GLY E 168 19.48 -21.85 -21.83
N VAL E 169 18.28 -21.69 -21.29
CA VAL E 169 17.76 -20.34 -21.15
C VAL E 169 18.50 -19.62 -20.05
N VAL E 170 18.68 -18.32 -20.24
CA VAL E 170 19.37 -17.43 -19.30
C VAL E 170 18.80 -16.03 -19.51
N LYS E 171 18.51 -15.32 -18.43
CA LYS E 171 18.12 -13.91 -18.55
C LYS E 171 19.38 -13.10 -18.85
N THR E 172 19.36 -12.40 -19.99
CA THR E 172 20.54 -11.70 -20.47
C THR E 172 20.36 -10.18 -20.56
N HIS E 173 19.15 -9.71 -20.27
CA HIS E 173 18.91 -8.27 -20.11
C HIS E 173 17.98 -8.02 -18.95
N SER E 174 18.32 -7.03 -18.15
CA SER E 174 17.61 -6.83 -16.90
C SER E 174 16.41 -5.89 -17.05
N LEU E 175 16.28 -5.21 -18.19
CA LEU E 175 15.21 -4.23 -18.38
C LEU E 175 14.35 -4.51 -19.59
N ASN E 176 15.01 -4.79 -20.72
CA ASN E 176 14.37 -4.87 -22.04
C ASN E 176 13.31 -5.98 -22.13
N VAL E 177 12.26 -5.78 -22.94
CA VAL E 177 11.26 -6.84 -23.06
C VAL E 177 11.92 -8.06 -23.68
N ASP E 178 12.96 -7.82 -24.48
CA ASP E 178 13.75 -8.94 -25.02
C ASP E 178 14.85 -9.34 -24.04
N ALA E 179 14.49 -10.16 -23.06
CA ALA E 179 15.34 -10.31 -21.89
C ALA E 179 16.00 -11.67 -21.79
N PHE E 180 15.53 -12.64 -22.57
CA PHE E 180 16.02 -14.02 -22.47
C PHE E 180 16.65 -14.52 -23.76
N SER E 181 17.65 -15.37 -23.60
CA SER E 181 18.34 -15.99 -24.74
C SER E 181 19.03 -17.25 -24.25
N SER E 182 19.72 -17.98 -25.14
CA SER E 182 20.50 -19.15 -24.72
C SER E 182 21.92 -18.98 -25.22
N PRO E 183 22.76 -18.32 -24.42
CA PRO E 183 24.13 -17.95 -24.81
C PRO E 183 24.88 -19.05 -25.54
N ASP E 184 24.59 -20.30 -25.21
CA ASP E 184 25.37 -21.39 -25.75
C ASP E 184 24.61 -22.24 -26.74
N PHE E 185 23.33 -22.49 -26.46
CA PHE E 185 22.47 -23.37 -27.25
C PHE E 185 21.67 -22.62 -28.33
N GLY E 186 21.18 -21.43 -27.99
CA GLY E 186 20.28 -20.73 -28.89
C GLY E 186 18.85 -21.23 -28.79
N ASP E 187 17.99 -20.79 -29.70
CA ASP E 187 16.56 -21.00 -29.56
C ASP E 187 16.04 -22.33 -30.06
N LEU E 188 15.06 -22.89 -29.35
CA LEU E 188 14.34 -24.04 -29.85
C LEU E 188 13.49 -23.63 -31.08
N GLY E 189 12.97 -22.40 -31.07
CA GLY E 189 12.09 -21.94 -32.13
C GLY E 189 11.56 -20.54 -31.95
N TYR E 190 10.53 -20.20 -32.71
CA TYR E 190 9.97 -18.86 -32.71
C TYR E 190 8.46 -18.91 -32.90
N ILE E 191 7.75 -17.99 -32.27
CA ILE E 191 6.30 -17.91 -32.45
C ILE E 191 5.92 -16.64 -33.23
N VAL E 192 5.23 -16.84 -34.36
CA VAL E 192 4.83 -15.78 -35.27
C VAL E 192 3.32 -15.71 -35.36
N ASP E 193 2.73 -14.72 -34.70
CA ASP E 193 1.28 -14.52 -34.76
C ASP E 193 0.48 -15.67 -34.15
N GLY E 194 1.05 -16.34 -33.16
CA GLY E 194 0.35 -17.46 -32.56
C GLY E 194 0.68 -18.78 -33.24
N LYS E 195 1.44 -18.70 -34.32
CA LYS E 195 1.89 -19.93 -34.97
C LYS E 195 3.28 -20.32 -34.49
N VAL E 196 3.44 -21.59 -34.16
CA VAL E 196 4.67 -22.11 -33.61
C VAL E 196 5.57 -22.68 -34.70
N PHE E 197 6.82 -22.30 -34.70
CA PHE E 197 7.80 -22.89 -35.61
C PHE E 197 9.00 -23.46 -34.86
N PHE E 198 9.22 -24.77 -34.94
CA PHE E 198 10.39 -25.35 -34.29
C PHE E 198 11.61 -25.42 -35.22
N TYR E 199 12.79 -25.07 -34.69
CA TYR E 199 14.06 -25.14 -35.43
C TYR E 199 15.00 -26.26 -34.96
N ASN E 200 15.06 -26.49 -33.66
CA ASN E 200 15.98 -27.44 -33.03
C ASN E 200 15.33 -28.34 -32.00
N ASN E 201 15.94 -29.50 -31.79
CA ASN E 201 15.75 -30.29 -30.59
C ASN E 201 17.01 -30.25 -29.74
N VAL E 202 16.91 -29.81 -28.49
CA VAL E 202 18.05 -29.92 -27.57
C VAL E 202 18.40 -31.38 -27.35
N ILE E 203 19.70 -31.69 -27.26
CA ILE E 203 20.14 -33.08 -27.18
C ILE E 203 20.33 -33.58 -25.75
N LYS E 204 20.59 -32.67 -24.82
CA LYS E 204 20.75 -33.03 -23.41
C LYS E 204 19.49 -33.70 -22.82
N ALA E 205 19.70 -34.80 -22.12
CA ALA E 205 18.60 -35.58 -21.55
C ALA E 205 17.69 -34.75 -20.64
N HIS E 206 16.39 -35.03 -20.69
CA HIS E 206 15.42 -34.28 -19.90
C HIS E 206 14.20 -35.11 -19.49
N THR E 207 13.44 -34.58 -18.53
CA THR E 207 12.18 -35.17 -18.10
C THR E 207 12.24 -36.69 -17.83
N LYS E 208 11.50 -37.47 -18.61
CA LYS E 208 11.46 -38.93 -18.41
C LYS E 208 12.85 -39.56 -18.31
N ASN E 209 13.79 -39.05 -19.10
CA ASN E 209 15.13 -39.59 -19.19
C ASN E 209 16.12 -38.98 -18.21
N ALA E 210 15.62 -38.19 -17.27
CA ALA E 210 16.41 -37.73 -16.12
C ALA E 210 16.03 -38.56 -14.89
N PRO E 211 17.02 -38.83 -14.03
CA PRO E 211 16.85 -39.78 -12.95
C PRO E 211 16.55 -39.15 -11.61
N PHE E 212 16.13 -37.90 -11.56
CA PHE E 212 15.82 -37.32 -10.25
C PHE E 212 14.35 -37.42 -9.91
N ASP E 213 14.07 -37.95 -8.72
CA ASP E 213 12.70 -38.09 -8.26
C ASP E 213 12.53 -37.34 -6.94
N VAL E 214 11.70 -36.30 -6.97
CA VAL E 214 11.50 -35.46 -5.79
C VAL E 214 10.12 -35.67 -5.18
N SER E 215 9.42 -36.71 -5.64
CA SER E 215 8.03 -36.91 -5.27
C SER E 215 7.86 -37.15 -3.78
N LYS E 216 8.88 -37.68 -3.12
CA LYS E 216 8.83 -37.92 -1.69
C LYS E 216 9.67 -36.95 -0.86
N LEU E 217 10.10 -35.83 -1.44
CA LEU E 217 10.96 -34.91 -0.68
C LEU E 217 10.21 -33.67 -0.15
N THR E 218 10.60 -33.27 1.06
CA THR E 218 9.99 -32.10 1.70
C THR E 218 11.05 -31.05 1.84
N SER E 219 12.28 -31.41 1.51
CA SER E 219 13.34 -30.42 1.46
C SER E 219 14.46 -30.91 0.55
N LEU E 220 15.39 -30.01 0.21
CA LEU E 220 16.48 -30.31 -0.72
C LEU E 220 17.81 -29.94 -0.08
N PRO E 221 18.90 -30.55 -0.56
CA PRO E 221 20.25 -30.29 0.00
C PRO E 221 20.66 -28.83 -0.09
N LYS E 222 21.30 -28.32 0.94
CA LYS E 222 21.71 -26.92 0.96
C LYS E 222 22.88 -26.67 -0.01
N VAL E 223 22.69 -25.78 -0.97
CA VAL E 223 23.74 -25.47 -1.92
C VAL E 223 23.79 -23.97 -2.15
N ASP E 224 24.97 -23.39 -2.02
CA ASP E 224 25.11 -21.95 -2.11
C ASP E 224 26.13 -21.50 -3.15
N ILE E 225 26.16 -20.19 -3.40
CA ILE E 225 26.95 -19.64 -4.50
C ILE E 225 27.87 -18.51 -4.06
N LEU E 226 29.11 -18.59 -4.53
CA LEU E 226 30.12 -17.58 -4.30
C LEU E 226 30.62 -17.08 -5.65
N TYR E 227 31.37 -15.98 -5.61
CA TYR E 227 31.82 -15.26 -6.80
C TYR E 227 33.34 -15.13 -6.71
N SER E 228 34.01 -15.06 -7.86
CA SER E 228 35.45 -14.84 -7.84
C SER E 228 35.77 -13.55 -8.54
N TYR E 229 36.81 -12.88 -8.05
CA TYR E 229 37.16 -11.56 -8.52
C TYR E 229 38.57 -11.25 -8.07
N SER E 230 39.05 -10.07 -8.43
CA SER E 230 40.41 -9.69 -8.10
C SER E 230 40.52 -9.54 -6.58
N ASN E 231 41.64 -9.97 -6.00
CA ASN E 231 41.86 -9.81 -4.56
C ASN E 231 40.74 -10.47 -3.77
N ASP E 232 40.28 -11.62 -4.27
CA ASP E 232 39.10 -12.33 -3.75
C ASP E 232 39.16 -12.59 -2.24
N GLY E 233 38.06 -12.31 -1.55
CA GLY E 233 37.94 -12.60 -0.13
C GLY E 233 36.79 -13.54 0.25
N SER E 234 36.31 -14.31 -0.72
CA SER E 234 35.23 -15.26 -0.50
C SER E 234 35.62 -16.42 0.39
N GLY E 235 36.92 -16.67 0.49
CA GLY E 235 37.42 -17.63 1.46
C GLY E 235 36.68 -17.56 2.78
N VAL E 236 36.54 -16.35 3.31
CA VAL E 236 35.84 -16.16 4.58
C VAL E 236 34.38 -16.63 4.52
N ALA E 237 33.68 -16.32 3.42
CA ALA E 237 32.27 -16.69 3.30
C ALA E 237 32.07 -18.20 3.14
N ALA E 238 32.96 -18.81 2.38
CA ALA E 238 32.93 -20.24 2.19
C ALA E 238 32.94 -20.96 3.55
N LYS E 239 33.85 -20.57 4.45
CA LYS E 239 33.92 -21.21 5.76
C LYS E 239 32.62 -21.05 6.55
N ALA E 240 32.13 -19.83 6.61
CA ALA E 240 30.87 -19.55 7.30
C ALA E 240 29.74 -20.41 6.74
N LEU E 241 29.62 -20.51 5.41
CA LEU E 241 28.54 -21.31 4.82
C LEU E 241 28.68 -22.78 5.19
N PHE E 242 29.88 -23.30 5.07
CA PHE E 242 30.07 -24.73 5.33
C PHE E 242 29.73 -25.07 6.78
N GLU E 243 30.19 -24.22 7.68
CA GLU E 243 29.92 -24.40 9.09
C GLU E 243 28.43 -24.31 9.42
N HIS E 244 27.72 -23.43 8.72
N HIS E 244 27.71 -23.44 8.71
CA HIS E 244 26.27 -23.25 8.91
CA HIS E 244 26.27 -23.28 8.95
C HIS E 244 25.43 -24.33 8.23
C HIS E 244 25.42 -24.33 8.22
N GLY E 245 26.06 -25.26 7.50
CA GLY E 245 25.32 -26.39 6.99
C GLY E 245 25.29 -26.59 5.49
N THR E 246 25.90 -25.67 4.74
CA THR E 246 26.00 -25.83 3.29
C THR E 246 26.66 -27.17 2.93
N LYS E 247 26.01 -27.94 2.06
CA LYS E 247 26.56 -29.22 1.62
C LYS E 247 27.40 -29.06 0.35
N GLY E 248 27.13 -28.01 -0.41
CA GLY E 248 27.81 -27.81 -1.68
C GLY E 248 27.86 -26.35 -2.06
N ILE E 249 28.96 -25.94 -2.68
CA ILE E 249 29.09 -24.58 -3.13
C ILE E 249 29.34 -24.52 -4.64
N VAL E 250 28.62 -23.65 -5.34
CA VAL E 250 28.96 -23.39 -6.73
C VAL E 250 29.76 -22.09 -6.82
N VAL E 251 30.86 -22.12 -7.56
CA VAL E 251 31.66 -20.90 -7.67
C VAL E 251 31.58 -20.25 -9.04
N ALA E 252 31.17 -18.99 -9.07
CA ALA E 252 31.21 -18.22 -10.29
C ALA E 252 32.64 -17.81 -10.57
N GLY E 253 33.43 -18.72 -11.12
CA GLY E 253 34.82 -18.41 -11.37
C GLY E 253 34.99 -17.33 -12.44
N SER E 254 36.20 -16.79 -12.53
CA SER E 254 36.47 -15.81 -13.56
C SER E 254 36.92 -16.56 -14.83
N GLY E 255 36.59 -16.01 -15.99
CA GLY E 255 36.85 -16.71 -17.23
C GLY E 255 36.29 -18.12 -17.25
N ALA E 256 37.15 -19.08 -17.54
CA ALA E 256 36.69 -20.46 -17.73
C ALA E 256 36.78 -21.28 -16.45
N GLY E 257 36.18 -20.77 -15.36
CA GLY E 257 36.18 -21.44 -14.08
C GLY E 257 37.42 -21.19 -13.21
N SER E 258 38.22 -20.18 -13.54
CA SER E 258 39.36 -19.86 -12.72
C SER E 258 38.91 -19.35 -11.35
N ILE E 259 39.49 -19.90 -10.29
CA ILE E 259 39.21 -19.40 -8.95
C ILE E 259 40.45 -18.78 -8.33
N HIS E 260 40.29 -17.56 -7.84
CA HIS E 260 41.38 -16.82 -7.23
C HIS E 260 41.97 -17.66 -6.11
N LYS E 261 43.29 -17.70 -6.04
CA LYS E 261 44.00 -18.51 -5.06
C LYS E 261 43.44 -18.35 -3.64
N ASN E 262 43.36 -17.11 -3.16
CA ASN E 262 42.75 -16.83 -1.86
C ASN E 262 41.57 -17.76 -1.57
N GLN E 263 40.56 -17.71 -2.43
CA GLN E 263 39.38 -18.51 -2.18
C GLN E 263 39.67 -19.97 -2.44
N LYS E 264 40.41 -20.24 -3.52
CA LYS E 264 40.61 -21.63 -3.94
C LYS E 264 41.32 -22.54 -2.92
N ASP E 265 42.38 -22.08 -2.26
CA ASP E 265 42.94 -23.04 -1.31
C ASP E 265 42.12 -23.17 -0.02
N VAL E 266 41.21 -22.22 0.23
CA VAL E 266 40.16 -22.42 1.22
C VAL E 266 39.16 -23.53 0.81
N LEU E 267 38.74 -23.54 -0.46
CA LEU E 267 37.92 -24.62 -0.98
C LEU E 267 38.67 -25.98 -0.93
N LYS E 268 39.95 -25.95 -1.25
CA LYS E 268 40.81 -27.13 -1.08
C LYS E 268 40.69 -27.70 0.35
N GLU E 269 40.88 -26.84 1.36
CA GLU E 269 40.70 -27.26 2.75
C GLU E 269 39.29 -27.85 2.96
N LEU E 270 38.28 -27.19 2.38
CA LEU E 270 36.88 -27.63 2.56
C LEU E 270 36.56 -28.91 1.80
N LEU E 271 37.19 -29.11 0.64
CA LEU E 271 37.09 -30.39 -0.09
C LEU E 271 37.43 -31.58 0.80
N LYS E 272 38.49 -31.44 1.60
CA LYS E 272 38.94 -32.52 2.48
C LYS E 272 38.01 -32.75 3.67
N LYS E 273 37.15 -31.78 3.97
CA LYS E 273 36.12 -31.94 5.00
C LYS E 273 34.75 -32.34 4.41
N GLY E 274 34.70 -32.56 3.11
CA GLY E 274 33.50 -33.18 2.55
C GLY E 274 32.56 -32.19 1.88
N LEU E 275 32.95 -30.93 1.78
CA LEU E 275 32.21 -29.96 0.99
C LEU E 275 32.27 -30.37 -0.47
N LYS E 276 31.16 -30.14 -1.18
CA LYS E 276 31.09 -30.41 -2.62
C LYS E 276 31.36 -29.11 -3.37
N VAL E 277 32.28 -29.12 -4.32
CA VAL E 277 32.57 -27.91 -5.06
C VAL E 277 32.39 -27.99 -6.58
N VAL E 278 31.52 -27.12 -7.08
CA VAL E 278 31.23 -27.05 -8.49
C VAL E 278 31.74 -25.73 -9.05
N VAL E 279 32.55 -25.84 -10.09
CA VAL E 279 33.16 -24.69 -10.71
C VAL E 279 32.28 -24.22 -11.86
N SER E 280 31.75 -23.01 -11.74
CA SER E 280 30.94 -22.38 -12.79
C SER E 280 31.65 -21.08 -13.21
N SER E 281 30.99 -20.26 -14.01
CA SER E 281 31.63 -19.03 -14.48
C SER E 281 30.74 -17.80 -14.30
N ARG E 282 31.36 -16.66 -14.05
CA ARG E 282 30.63 -15.38 -14.07
C ARG E 282 30.44 -14.84 -15.49
N VAL E 283 30.93 -15.58 -16.49
CA VAL E 283 30.89 -15.17 -17.90
C VAL E 283 29.67 -15.81 -18.60
N VAL E 284 28.90 -15.06 -19.40
CA VAL E 284 27.63 -15.62 -19.94
C VAL E 284 27.76 -16.87 -20.79
N ALA E 285 28.75 -16.91 -21.68
CA ALA E 285 28.82 -17.96 -22.69
C ALA E 285 30.10 -18.76 -22.58
N GLY E 286 30.06 -20.03 -22.99
CA GLY E 286 31.22 -20.90 -22.92
C GLY E 286 31.19 -21.96 -21.83
N CYS E 287 32.20 -22.82 -21.81
CA CYS E 287 32.34 -23.90 -20.84
C CYS E 287 33.56 -23.64 -19.97
N VAL E 288 33.53 -24.14 -18.74
CA VAL E 288 34.66 -24.02 -17.81
C VAL E 288 35.66 -25.16 -18.01
N ALA E 289 36.93 -24.87 -17.76
CA ALA E 289 37.94 -25.92 -17.80
C ALA E 289 38.42 -26.22 -16.38
N VAL E 290 38.28 -27.46 -15.96
CA VAL E 290 38.90 -27.87 -14.70
C VAL E 290 40.00 -28.89 -14.96
N SER E 291 41.18 -28.65 -14.39
CA SER E 291 42.33 -29.53 -14.66
C SER E 291 42.15 -30.93 -14.08
N ASP E 292 42.94 -31.87 -14.58
CA ASP E 292 42.90 -33.23 -14.05
C ASP E 292 43.20 -33.21 -12.57
N SER E 293 44.26 -32.51 -12.17
CA SER E 293 44.66 -32.54 -10.77
C SER E 293 43.59 -31.92 -9.88
N ASP E 294 42.89 -30.90 -10.38
CA ASP E 294 41.81 -30.31 -9.62
C ASP E 294 40.64 -31.28 -9.49
N GLU E 295 40.35 -31.99 -10.58
CA GLU E 295 39.25 -32.96 -10.57
C GLU E 295 39.53 -34.12 -9.63
N LYS E 296 40.82 -34.41 -9.42
CA LYS E 296 41.24 -35.47 -8.47
C LYS E 296 40.95 -35.04 -7.03
N LEU E 297 41.19 -33.75 -6.75
CA LEU E 297 40.89 -33.17 -5.46
C LEU E 297 39.38 -33.10 -5.19
N GLY E 298 38.59 -33.19 -6.26
CA GLY E 298 37.14 -33.19 -6.11
C GLY E 298 36.40 -32.02 -6.76
N PHE E 299 37.10 -31.14 -7.44
CA PHE E 299 36.43 -30.03 -8.12
C PHE E 299 35.55 -30.57 -9.26
N ILE E 300 34.31 -30.11 -9.32
CA ILE E 300 33.41 -30.55 -10.38
C ILE E 300 33.16 -29.44 -11.42
N SER E 301 33.38 -29.74 -12.71
CA SER E 301 33.10 -28.75 -13.76
C SER E 301 31.61 -28.58 -14.01
N ALA E 302 31.14 -27.34 -14.04
CA ALA E 302 29.72 -27.07 -14.29
C ALA E 302 29.45 -27.08 -15.77
N GLU E 303 30.49 -27.35 -16.56
CA GLU E 303 30.40 -27.30 -18.03
C GLU E 303 29.96 -25.90 -18.49
N ASP E 304 28.81 -25.79 -19.13
CA ASP E 304 28.34 -24.48 -19.60
C ASP E 304 27.23 -23.90 -18.72
N LEU E 305 26.87 -24.61 -17.66
CA LEU E 305 25.83 -24.15 -16.74
C LEU E 305 26.28 -22.99 -15.87
N ASN E 306 25.52 -21.90 -15.86
CA ASN E 306 25.86 -20.74 -15.02
C ASN E 306 25.69 -21.08 -13.53
N PRO E 307 26.09 -20.15 -12.66
CA PRO E 307 26.09 -20.59 -11.25
C PRO E 307 24.73 -21.06 -10.73
N GLN E 308 23.71 -20.26 -10.96
CA GLN E 308 22.38 -20.54 -10.43
C GLN E 308 21.76 -21.81 -11.04
N LYS E 309 22.07 -22.10 -12.29
CA LYS E 309 21.57 -23.34 -12.91
C LYS E 309 22.40 -24.57 -12.50
N ALA E 310 23.70 -24.39 -12.32
CA ALA E 310 24.57 -25.44 -11.79
C ALA E 310 24.14 -25.82 -10.37
N ARG E 311 23.73 -24.82 -9.61
CA ARG E 311 23.17 -25.05 -8.29
C ARG E 311 22.01 -26.05 -8.39
N VAL E 312 21.06 -25.78 -9.29
CA VAL E 312 19.91 -26.66 -9.42
C VAL E 312 20.36 -28.11 -9.59
N LEU E 313 21.33 -28.36 -10.48
CA LEU E 313 21.75 -29.72 -10.79
C LEU E 313 22.64 -30.38 -9.72
N LEU E 314 23.47 -29.59 -9.03
CA LEU E 314 24.24 -30.10 -7.89
C LEU E 314 23.30 -30.52 -6.75
N MSE E 315 22.29 -29.69 -6.51
CA MSE E 315 21.28 -29.99 -5.52
C MSE E 315 20.61 -31.32 -5.78
O MSE E 315 20.55 -32.16 -4.90
CB MSE E 315 20.23 -28.88 -5.53
CG MSE E 315 19.99 -28.26 -4.20
SE MSE E 315 18.60 -26.96 -4.41
CE MSE E 315 18.33 -26.56 -2.53
N LEU E 316 20.07 -31.51 -6.99
CA LEU E 316 19.39 -32.76 -7.30
C LEU E 316 20.35 -33.94 -7.23
N ALA E 317 21.60 -33.72 -7.62
CA ALA E 317 22.58 -34.79 -7.63
C ALA E 317 22.88 -35.20 -6.21
N LEU E 318 22.87 -34.23 -5.32
CA LEU E 318 23.11 -34.50 -3.92
C LEU E 318 21.97 -35.34 -3.31
N THR E 319 20.85 -35.46 -4.02
CA THR E 319 19.79 -36.36 -3.54
C THR E 319 20.06 -37.82 -3.90
N LYS E 320 21.12 -38.08 -4.66
CA LYS E 320 21.45 -39.45 -5.06
C LYS E 320 22.81 -39.95 -4.59
N THR E 321 23.80 -39.06 -4.54
CA THR E 321 25.19 -39.43 -4.25
C THR E 321 25.97 -38.25 -3.72
N SER E 322 27.10 -38.53 -3.06
CA SER E 322 28.01 -37.50 -2.58
C SER E 322 29.31 -37.64 -3.34
N ASP E 323 29.31 -38.49 -4.36
CA ASP E 323 30.53 -38.88 -5.04
C ASP E 323 30.90 -37.88 -6.14
N PRO E 324 32.01 -37.15 -5.95
CA PRO E 324 32.34 -36.16 -6.97
C PRO E 324 32.37 -36.77 -8.36
N LYS E 325 32.98 -37.95 -8.49
CA LYS E 325 33.05 -38.63 -9.79
C LYS E 325 31.67 -38.83 -10.43
N LYS E 326 30.69 -39.28 -9.65
CA LYS E 326 29.34 -39.44 -10.16
C LYS E 326 28.66 -38.12 -10.49
N ILE E 327 28.78 -37.15 -9.60
CA ILE E 327 28.22 -35.82 -9.85
C ILE E 327 28.70 -35.25 -11.19
N GLN E 328 30.00 -35.35 -11.43
CA GLN E 328 30.59 -34.90 -12.68
C GLN E 328 29.89 -35.58 -13.86
N GLU E 329 29.60 -36.87 -13.73
CA GLU E 329 28.87 -37.59 -14.78
C GLU E 329 27.52 -36.97 -15.11
N TYR E 330 26.82 -36.49 -14.07
CA TYR E 330 25.53 -35.86 -14.26
C TYR E 330 25.69 -34.59 -15.08
N PHE E 331 26.72 -33.83 -14.73
CA PHE E 331 26.98 -32.53 -15.33
C PHE E 331 27.42 -32.61 -16.77
N LEU E 332 27.93 -33.77 -17.18
CA LEU E 332 28.28 -33.99 -18.59
C LEU E 332 27.05 -34.41 -19.38
N LYS E 333 25.99 -34.84 -18.69
CA LYS E 333 24.85 -35.47 -19.36
C LYS E 333 23.53 -34.67 -19.38
N TYR E 334 23.27 -33.95 -18.29
CA TYR E 334 21.97 -33.30 -18.09
C TYR E 334 22.00 -31.78 -18.23
N ALA F 7 6.80 27.10 -20.67
CA ALA F 7 7.62 26.31 -19.75
C ALA F 7 7.73 24.85 -20.20
N LYS F 8 7.15 24.56 -21.34
CA LYS F 8 7.26 23.23 -21.95
C LYS F 8 7.88 23.35 -23.34
N SER F 9 8.82 22.45 -23.66
CA SER F 9 9.41 22.45 -24.99
C SER F 9 8.30 22.44 -26.03
N ARG F 10 8.53 23.14 -27.13
CA ARG F 10 7.65 23.06 -28.29
C ARG F 10 8.11 21.92 -29.18
N ILE F 11 7.33 20.85 -29.21
CA ILE F 11 7.67 19.64 -29.96
C ILE F 11 6.67 19.36 -31.08
N ALA F 12 7.18 19.17 -32.28
CA ALA F 12 6.36 18.88 -33.43
C ALA F 12 6.49 17.41 -33.80
N ILE F 13 5.36 16.71 -33.82
CA ILE F 13 5.35 15.32 -34.26
C ILE F 13 4.87 15.27 -35.71
N LEU F 14 5.79 15.01 -36.63
CA LEU F 14 5.45 14.82 -38.03
C LEU F 14 5.13 13.35 -38.31
N GLY F 15 4.03 13.09 -38.99
CA GLY F 15 3.66 11.73 -39.35
C GLY F 15 4.00 11.44 -40.81
N THR F 16 4.54 10.25 -41.07
CA THR F 16 4.80 9.84 -42.45
C THR F 16 4.13 8.51 -42.76
N GLY F 17 3.45 7.95 -41.75
CA GLY F 17 2.82 6.64 -41.86
C GLY F 17 3.38 5.66 -40.84
N GLY F 18 3.39 4.39 -41.20
CA GLY F 18 3.97 3.37 -40.35
C GLY F 18 2.95 2.62 -39.51
N THR F 19 3.39 1.48 -39.00
CA THR F 19 2.52 0.61 -38.21
C THR F 19 2.05 1.28 -36.91
N ILE F 20 2.81 2.26 -36.46
CA ILE F 20 2.48 3.03 -35.27
C ILE F 20 1.35 4.02 -35.55
N ALA F 21 0.98 4.14 -36.83
CA ALA F 21 -0.04 5.10 -37.26
C ALA F 21 -1.14 4.42 -38.06
N ILE F 44 -1.88 9.88 -29.10
CA ILE F 44 -1.68 11.08 -28.30
C ILE F 44 -2.85 11.27 -27.34
N LYS F 45 -4.06 10.96 -27.82
CA LYS F 45 -5.20 10.81 -26.94
C LYS F 45 -5.25 9.34 -26.52
N ALA F 46 -4.22 8.59 -26.92
CA ALA F 46 -4.05 7.19 -26.56
C ALA F 46 -2.90 7.02 -25.56
N VAL F 47 -2.06 8.05 -25.48
CA VAL F 47 -0.98 8.10 -24.50
C VAL F 47 -0.95 9.49 -23.89
N PRO F 48 -1.78 9.70 -22.85
CA PRO F 48 -2.01 11.01 -22.25
C PRO F 48 -0.75 11.61 -21.63
N GLN F 49 0.14 10.76 -21.13
CA GLN F 49 1.33 11.23 -20.43
C GLN F 49 2.17 12.18 -21.28
N ILE F 50 2.18 12.00 -22.59
CA ILE F 50 3.07 12.78 -23.45
C ILE F 50 2.75 14.27 -23.40
N ARG F 51 1.52 14.62 -23.05
CA ARG F 51 1.11 16.00 -22.89
C ARG F 51 1.81 16.62 -21.68
N ASP F 52 2.11 15.79 -20.69
CA ASP F 52 2.89 16.23 -19.54
C ASP F 52 4.26 16.73 -19.99
N LEU F 53 4.81 16.09 -21.00
CA LEU F 53 6.20 16.32 -21.37
C LEU F 53 6.43 17.58 -22.21
N ALA F 54 5.46 17.98 -23.01
CA ALA F 54 5.72 19.02 -23.98
C ALA F 54 4.48 19.74 -24.51
N ASP F 55 4.72 20.87 -25.16
CA ASP F 55 3.70 21.54 -25.95
C ASP F 55 3.72 20.83 -27.30
N ILE F 56 2.77 19.92 -27.52
CA ILE F 56 2.82 19.04 -28.68
C ILE F 56 1.92 19.48 -29.83
N SER F 57 2.46 19.46 -31.05
CA SER F 57 1.72 19.74 -32.28
C SER F 57 1.98 18.68 -33.35
N TRP F 58 0.93 18.30 -34.08
CA TRP F 58 0.99 17.18 -35.00
C TRP F 58 0.71 17.61 -36.43
N GLU F 59 1.28 16.88 -37.39
CA GLU F 59 1.09 17.22 -38.79
C GLU F 59 1.43 16.04 -39.71
N GLN F 60 0.51 15.74 -40.63
CA GLN F 60 0.68 14.63 -41.55
C GLN F 60 1.53 15.06 -42.75
N ILE F 61 2.75 14.55 -42.84
CA ILE F 61 3.56 14.81 -44.03
C ILE F 61 3.19 13.83 -45.14
N ALA F 62 2.83 12.62 -44.74
CA ALA F 62 2.36 11.58 -45.65
C ALA F 62 1.81 10.40 -44.85
N ASN F 63 1.04 9.55 -45.50
CA ASN F 63 0.57 8.32 -44.86
C ASN F 63 0.75 7.10 -45.76
N ILE F 64 1.97 6.56 -45.79
CA ILE F 64 2.28 5.40 -46.63
C ILE F 64 2.97 4.30 -45.85
N ASP F 65 2.97 3.11 -46.43
CA ASP F 65 3.86 2.03 -46.03
C ASP F 65 5.29 2.50 -46.24
N SER F 66 6.15 2.35 -45.24
CA SER F 66 7.54 2.82 -45.39
C SER F 66 8.29 2.07 -46.48
N SER F 67 7.85 0.85 -46.81
CA SER F 67 8.47 0.12 -47.92
C SER F 67 8.30 0.85 -49.26
N ASN F 68 7.35 1.80 -49.31
CA ASN F 68 7.13 2.60 -50.52
C ASN F 68 7.70 4.00 -50.43
N MSE F 69 8.67 4.18 -49.53
CA MSE F 69 9.32 5.47 -49.30
C MSE F 69 9.99 5.98 -50.59
O MSE F 69 10.40 5.20 -51.45
CB MSE F 69 10.32 5.30 -48.16
CG MSE F 69 11.01 6.55 -47.68
SE MSE F 69 9.87 8.04 -47.14
CE MSE F 69 8.75 7.22 -45.77
N CYS F 70 10.08 7.30 -50.74
CA CYS F 70 10.61 7.87 -51.97
C CYS F 70 11.38 9.16 -51.77
N ASP F 71 12.14 9.55 -52.79
CA ASP F 71 12.97 10.76 -52.71
C ASP F 71 12.16 12.00 -52.34
N GLU F 72 10.98 12.16 -52.96
CA GLU F 72 10.21 13.39 -52.77
C GLU F 72 9.72 13.52 -51.33
N ILE F 73 9.41 12.42 -50.67
CA ILE F 73 9.04 12.51 -49.26
C ILE F 73 10.22 12.97 -48.40
N TRP F 74 11.38 12.38 -48.61
CA TRP F 74 12.57 12.82 -47.90
C TRP F 74 12.75 14.32 -48.09
N LEU F 75 12.65 14.75 -49.34
CA LEU F 75 12.84 16.15 -49.68
C LEU F 75 11.85 17.02 -48.92
N ARG F 76 10.58 16.65 -48.96
CA ARG F 76 9.56 17.43 -48.29
C ARG F 76 9.85 17.50 -46.79
N LEU F 77 10.22 16.36 -46.24
CA LEU F 77 10.41 16.19 -44.81
C LEU F 77 11.57 17.04 -44.29
N ALA F 78 12.67 17.07 -45.05
CA ALA F 78 13.84 17.86 -44.68
C ALA F 78 13.58 19.37 -44.76
N LYS F 79 12.69 19.77 -45.67
CA LYS F 79 12.34 21.17 -45.80
C LYS F 79 11.41 21.61 -44.68
N LYS F 80 10.43 20.77 -44.34
CA LYS F 80 9.47 21.08 -43.29
C LYS F 80 10.12 21.14 -41.91
N ILE F 81 11.09 20.28 -41.66
CA ILE F 81 11.82 20.33 -40.39
C ILE F 81 12.62 21.63 -40.30
N ALA F 82 13.24 22.02 -41.40
CA ALA F 82 14.02 23.25 -41.42
C ALA F 82 13.15 24.47 -41.10
N LYS F 83 11.93 24.48 -41.63
CA LYS F 83 10.99 25.58 -41.39
C LYS F 83 10.49 25.60 -39.95
N LEU F 84 10.31 24.42 -39.37
CA LEU F 84 9.88 24.30 -37.98
C LEU F 84 10.94 24.79 -37.02
N PHE F 85 12.19 24.43 -37.27
CA PHE F 85 13.28 24.86 -36.39
C PHE F 85 13.51 26.37 -36.46
N ALA F 86 13.11 26.97 -37.58
CA ALA F 86 13.22 28.42 -37.77
C ALA F 86 12.03 29.17 -37.19
N GLU F 87 11.01 28.41 -36.79
CA GLU F 87 9.80 28.98 -36.16
C GLU F 87 9.80 28.79 -34.64
N GLY F 88 10.94 28.38 -34.08
CA GLY F 88 11.07 28.22 -32.65
C GLY F 88 10.68 26.86 -32.08
N ILE F 89 10.45 25.86 -32.94
CA ILE F 89 10.24 24.51 -32.41
C ILE F 89 11.53 23.99 -31.79
N ASP F 90 11.41 23.28 -30.67
CA ASP F 90 12.59 22.84 -29.92
C ASP F 90 13.18 21.51 -30.39
N GLY F 91 12.31 20.63 -30.85
CA GLY F 91 12.70 19.32 -31.33
C GLY F 91 11.58 18.70 -32.14
N VAL F 92 11.94 17.72 -32.95
CA VAL F 92 10.96 17.06 -33.77
C VAL F 92 10.97 15.55 -33.62
N VAL F 93 9.78 14.97 -33.65
CA VAL F 93 9.62 13.53 -33.62
C VAL F 93 8.94 13.12 -34.91
N ILE F 94 9.48 12.09 -35.54
CA ILE F 94 8.91 11.61 -36.80
C ILE F 94 8.39 10.21 -36.62
N THR F 95 7.07 10.05 -36.76
CA THR F 95 6.49 8.71 -36.80
C THR F 95 6.64 8.17 -38.23
N HIS F 96 7.04 6.90 -38.31
CA HIS F 96 7.60 6.34 -39.54
C HIS F 96 7.42 4.83 -39.48
N GLY F 97 7.38 4.18 -40.63
CA GLY F 97 7.38 2.73 -40.66
C GLY F 97 8.79 2.19 -40.45
N THR F 98 8.90 0.94 -40.00
CA THR F 98 10.19 0.43 -39.58
C THR F 98 11.06 -0.05 -40.74
N ASP F 99 10.42 -0.45 -41.84
CA ASP F 99 11.11 -1.08 -42.96
C ASP F 99 12.28 -0.27 -43.49
N THR F 100 12.06 1.03 -43.69
CA THR F 100 13.06 1.90 -44.28
C THR F 100 13.47 3.02 -43.35
N MSE F 101 13.11 2.88 -42.08
CA MSE F 101 13.44 3.92 -41.10
C MSE F 101 14.92 4.32 -41.07
O MSE F 101 15.24 5.50 -40.89
CB MSE F 101 12.99 3.50 -39.71
CG MSE F 101 13.08 4.62 -38.69
SE MSE F 101 12.33 4.17 -36.95
CE MSE F 101 10.53 3.61 -37.49
N GLU F 102 15.81 3.34 -41.24
CA GLU F 102 17.26 3.56 -41.18
C GLU F 102 17.76 4.39 -42.35
N GLU F 103 17.06 4.31 -43.49
CA GLU F 103 17.34 5.13 -44.66
C GLU F 103 16.95 6.60 -44.44
N THR F 104 15.69 6.83 -44.09
CA THR F 104 15.23 8.20 -43.79
C THR F 104 16.03 8.85 -42.67
N ALA F 105 16.38 8.09 -41.63
CA ALA F 105 17.17 8.64 -40.53
C ALA F 105 18.51 9.17 -41.03
N TYR F 106 19.22 8.32 -41.76
CA TYR F 106 20.55 8.69 -42.24
C TYR F 106 20.48 9.87 -43.21
N PHE F 107 19.51 9.84 -44.12
CA PHE F 107 19.28 10.98 -45.02
C PHE F 107 19.10 12.31 -44.28
N LEU F 108 18.33 12.27 -43.20
CA LEU F 108 18.07 13.44 -42.37
C LEU F 108 19.29 13.86 -41.55
N ASN F 109 20.17 12.91 -41.26
CA ASN F 109 21.40 13.16 -40.49
C ASN F 109 22.38 13.99 -41.30
N LEU F 110 22.25 13.90 -42.61
CA LEU F 110 23.19 14.52 -43.51
C LEU F 110 22.63 15.81 -44.09
N THR F 111 21.33 16.05 -43.90
CA THR F 111 20.67 17.18 -44.57
C THR F 111 20.13 18.30 -43.69
N ILE F 112 19.94 18.03 -42.40
CA ILE F 112 19.31 18.99 -41.50
C ILE F 112 20.35 19.83 -40.80
N LYS F 113 20.19 21.14 -40.85
CA LYS F 113 21.25 22.04 -40.38
C LYS F 113 21.14 22.41 -38.91
N SER F 114 20.17 21.84 -38.21
CA SER F 114 19.97 22.19 -36.82
C SER F 114 20.67 21.19 -35.90
N ASP F 115 20.94 21.63 -34.68
CA ASP F 115 21.51 20.78 -33.64
C ASP F 115 20.42 20.30 -32.70
N LYS F 116 19.22 20.85 -32.85
CA LYS F 116 18.06 20.44 -32.06
C LYS F 116 17.67 18.99 -32.36
N PRO F 117 17.08 18.30 -31.38
CA PRO F 117 16.81 16.86 -31.51
C PRO F 117 15.84 16.54 -32.64
N VAL F 118 16.20 15.54 -33.45
CA VAL F 118 15.27 14.93 -34.38
C VAL F 118 15.26 13.44 -34.12
N VAL F 119 14.08 12.90 -33.79
CA VAL F 119 13.94 11.50 -33.40
C VAL F 119 12.91 10.77 -34.27
N LEU F 120 13.33 9.66 -34.86
CA LEU F 120 12.40 8.78 -35.59
C LEU F 120 11.98 7.63 -34.69
N VAL F 121 10.70 7.34 -34.70
CA VAL F 121 10.15 6.25 -33.92
C VAL F 121 9.06 5.53 -34.70
N GLY F 122 8.93 4.24 -34.44
CA GLY F 122 7.86 3.46 -35.04
C GLY F 122 7.48 2.30 -34.15
N ALA F 123 6.73 1.36 -34.70
CA ALA F 123 6.29 0.22 -33.92
C ALA F 123 6.34 -1.03 -34.78
N MSE F 124 6.65 -2.16 -34.17
CA MSE F 124 6.69 -3.42 -34.90
C MSE F 124 5.34 -4.10 -34.92
O MSE F 124 5.07 -4.86 -35.83
CB MSE F 124 7.74 -4.34 -34.28
CG MSE F 124 9.16 -3.89 -34.58
SE MSE F 124 9.56 -3.91 -36.50
CE MSE F 124 9.79 -5.84 -36.76
N ARG F 125 4.52 -3.83 -33.92
CA ARG F 125 3.18 -4.37 -33.84
C ARG F 125 2.16 -3.29 -34.16
N PRO F 126 1.06 -3.66 -34.83
CA PRO F 126 -0.02 -2.72 -35.13
C PRO F 126 -0.69 -2.19 -33.86
N SER F 127 -1.15 -0.94 -33.92
CA SER F 127 -1.65 -0.27 -32.73
C SER F 127 -2.89 -0.92 -32.11
N THR F 128 -3.58 -1.75 -32.88
CA THR F 128 -4.77 -2.41 -32.38
C THR F 128 -4.49 -3.81 -31.81
N ALA F 129 -3.25 -4.25 -31.88
CA ALA F 129 -2.87 -5.60 -31.46
C ALA F 129 -2.60 -5.63 -29.97
N ILE F 130 -2.65 -6.82 -29.37
CA ILE F 130 -2.36 -6.86 -27.96
C ILE F 130 -0.86 -6.61 -27.77
N SER F 131 -0.51 -6.01 -26.63
CA SER F 131 0.87 -5.70 -26.34
C SER F 131 1.50 -4.92 -27.48
N ALA F 132 0.72 -4.00 -28.04
CA ALA F 132 1.24 -3.08 -29.05
C ALA F 132 2.34 -2.26 -28.41
N ASP F 133 3.44 -2.08 -29.13
CA ASP F 133 4.61 -1.36 -28.62
C ASP F 133 4.57 0.14 -28.94
N GLY F 134 3.71 0.52 -29.88
CA GLY F 134 3.61 1.88 -30.37
C GLY F 134 3.47 2.94 -29.29
N PRO F 135 2.55 2.72 -28.35
CA PRO F 135 2.29 3.69 -27.27
C PRO F 135 3.53 4.01 -26.45
N LYS F 136 4.21 2.98 -25.95
CA LYS F 136 5.40 3.17 -25.13
C LYS F 136 6.56 3.79 -25.91
N ASN F 137 6.77 3.31 -27.14
CA ASN F 137 7.76 3.91 -28.03
C ASN F 137 7.53 5.39 -28.28
N LEU F 138 6.27 5.77 -28.48
CA LEU F 138 5.95 7.17 -28.73
C LEU F 138 6.25 7.99 -27.48
N TYR F 139 5.85 7.48 -26.32
CA TYR F 139 6.18 8.13 -25.07
C TYR F 139 7.69 8.38 -24.93
N ASN F 140 8.47 7.31 -25.06
CA ASN F 140 9.93 7.42 -25.00
C ASN F 140 10.54 8.43 -25.97
N ALA F 141 10.03 8.45 -27.20
CA ALA F 141 10.59 9.36 -28.20
C ALA F 141 10.40 10.80 -27.76
N VAL F 142 9.25 11.08 -27.16
CA VAL F 142 8.92 12.43 -26.71
C VAL F 142 9.75 12.79 -25.49
N ALA F 143 10.00 11.79 -24.64
CA ALA F 143 10.88 12.01 -23.50
C ALA F 143 12.30 12.34 -23.97
N LEU F 144 12.80 11.58 -24.95
CA LEU F 144 14.14 11.84 -25.51
C LEU F 144 14.24 13.25 -26.06
N VAL F 145 13.31 13.61 -26.93
CA VAL F 145 13.38 14.88 -27.65
C VAL F 145 13.32 16.09 -26.72
N VAL F 146 12.70 15.91 -25.56
CA VAL F 146 12.59 17.01 -24.62
C VAL F 146 13.80 17.05 -23.68
N ASN F 147 14.58 15.98 -23.66
CA ASN F 147 15.70 15.89 -22.73
C ASN F 147 16.81 16.91 -22.93
N LYS F 148 17.28 17.43 -21.80
CA LYS F 148 18.24 18.51 -21.76
C LYS F 148 19.52 18.25 -22.56
N GLU F 149 19.86 16.98 -22.76
CA GLU F 149 21.12 16.62 -23.40
C GLU F 149 20.95 16.04 -24.80
N ALA F 150 19.77 16.22 -25.37
CA ALA F 150 19.49 15.63 -26.68
C ALA F 150 19.92 16.59 -27.80
N LYS F 151 20.60 17.67 -27.40
CA LYS F 151 21.13 18.62 -28.37
C LYS F 151 22.44 18.12 -28.95
N ASN F 152 22.58 18.26 -30.26
CA ASN F 152 23.83 17.97 -30.97
C ASN F 152 24.19 16.48 -31.00
N LYS F 153 23.17 15.61 -30.98
CA LYS F 153 23.43 14.18 -31.00
C LYS F 153 23.40 13.63 -32.41
N GLY F 154 22.97 14.44 -33.36
CA GLY F 154 22.66 13.97 -34.70
C GLY F 154 21.27 13.36 -34.67
N VAL F 155 20.69 13.09 -35.84
CA VAL F 155 19.38 12.45 -35.89
C VAL F 155 19.44 11.11 -35.19
N MSE F 156 18.39 10.76 -34.45
CA MSE F 156 18.36 9.51 -33.70
C MSE F 156 17.14 8.67 -34.02
O MSE F 156 16.09 9.18 -34.42
CB MSE F 156 18.38 9.80 -32.20
CG MSE F 156 19.62 10.54 -31.72
SE MSE F 156 19.36 11.37 -29.98
CE MSE F 156 18.41 12.99 -30.50
N VAL F 157 17.27 7.37 -33.84
CA VAL F 157 16.14 6.49 -33.80
C VAL F 157 15.94 6.06 -32.36
N ALA F 158 14.72 6.14 -31.88
CA ALA F 158 14.42 5.64 -30.55
C ALA F 158 13.35 4.57 -30.63
N ILE F 159 13.76 3.32 -30.51
CA ILE F 159 12.83 2.20 -30.49
C ILE F 159 13.13 1.23 -29.34
N ASN F 160 12.09 0.63 -28.77
CA ASN F 160 12.26 -0.39 -27.74
C ASN F 160 13.24 -0.01 -26.61
N ASP F 161 13.11 1.22 -26.12
CA ASP F 161 13.89 1.71 -24.98
C ASP F 161 15.35 2.02 -25.34
N LYS F 162 15.73 1.76 -26.60
CA LYS F 162 17.10 1.94 -27.04
C LYS F 162 17.23 3.23 -27.83
N ILE F 163 18.35 3.92 -27.68
CA ILE F 163 18.62 5.10 -28.49
C ILE F 163 19.75 4.83 -29.48
N LEU F 164 19.50 5.05 -30.75
CA LEU F 164 20.47 4.61 -31.77
C LEU F 164 20.79 5.76 -32.71
N SER F 165 22.03 5.84 -33.17
CA SER F 165 22.40 6.96 -34.06
C SER F 165 22.04 6.65 -35.51
N ALA F 166 21.61 7.66 -36.22
CA ALA F 166 21.27 7.51 -37.63
C ALA F 166 22.40 6.81 -38.38
N ARG F 167 23.63 7.08 -37.96
CA ARG F 167 24.80 6.60 -38.69
C ARG F 167 25.07 5.11 -38.46
N GLY F 168 24.63 4.58 -37.31
CA GLY F 168 24.83 3.18 -37.02
C GLY F 168 23.60 2.30 -37.17
N VAL F 169 22.41 2.90 -37.14
CA VAL F 169 21.18 2.13 -37.02
C VAL F 169 20.89 1.24 -38.23
N VAL F 170 20.52 -0.01 -37.95
CA VAL F 170 20.13 -0.94 -38.98
C VAL F 170 18.98 -1.79 -38.41
N LYS F 171 17.93 -2.02 -39.19
CA LYS F 171 16.92 -2.98 -38.76
C LYS F 171 17.49 -4.38 -38.81
N THR F 172 17.56 -5.07 -37.68
CA THR F 172 18.23 -6.38 -37.66
C THR F 172 17.31 -7.54 -37.37
N HIS F 173 16.04 -7.28 -37.07
CA HIS F 173 15.07 -8.36 -36.97
C HIS F 173 13.76 -7.99 -37.66
N SER F 174 13.21 -8.92 -38.41
CA SER F 174 12.09 -8.65 -39.31
C SER F 174 10.72 -8.68 -38.62
N LEU F 175 10.69 -9.24 -37.41
CA LEU F 175 9.43 -9.43 -36.70
C LEU F 175 9.47 -8.98 -35.25
N ASN F 176 10.60 -9.19 -34.57
CA ASN F 176 10.66 -8.94 -33.13
C ASN F 176 10.56 -7.45 -32.77
N VAL F 177 9.90 -7.15 -31.64
CA VAL F 177 9.79 -5.75 -31.22
C VAL F 177 11.18 -5.14 -31.01
N ASP F 178 12.13 -5.97 -30.61
CA ASP F 178 13.52 -5.51 -30.54
C ASP F 178 14.13 -5.69 -31.91
N ALA F 179 13.79 -4.81 -32.83
CA ALA F 179 14.09 -5.01 -34.24
C ALA F 179 15.30 -4.22 -34.69
N PHE F 180 15.73 -3.26 -33.88
CA PHE F 180 16.79 -2.36 -34.30
C PHE F 180 18.05 -2.48 -33.48
N SER F 181 19.17 -2.19 -34.12
CA SER F 181 20.46 -2.48 -33.56
C SER F 181 21.50 -1.61 -34.29
N SER F 182 22.62 -1.35 -33.63
CA SER F 182 23.74 -0.65 -34.25
C SER F 182 24.92 -1.62 -34.39
N PRO F 183 24.91 -2.40 -35.47
CA PRO F 183 25.81 -3.55 -35.69
C PRO F 183 27.28 -3.26 -35.39
N ASP F 184 27.77 -2.10 -35.82
CA ASP F 184 29.21 -1.80 -35.77
C ASP F 184 29.62 -0.83 -34.66
N PHE F 185 28.80 0.18 -34.40
CA PHE F 185 29.08 1.27 -33.46
C PHE F 185 28.54 0.94 -32.08
N GLY F 186 27.25 0.63 -32.01
CA GLY F 186 26.60 0.42 -30.74
C GLY F 186 25.96 1.68 -30.17
N ASP F 187 24.84 1.45 -29.51
CA ASP F 187 23.92 2.48 -29.02
C ASP F 187 24.48 3.81 -28.47
N LEU F 188 23.71 4.87 -28.71
CA LEU F 188 23.95 6.17 -28.08
C LEU F 188 23.61 6.11 -26.61
N GLY F 189 22.49 5.45 -26.32
CA GLY F 189 22.01 5.33 -24.95
C GLY F 189 20.80 4.42 -24.75
N TYR F 190 20.10 4.65 -23.66
CA TYR F 190 19.00 3.81 -23.23
C TYR F 190 17.95 4.65 -22.50
N ILE F 191 16.69 4.23 -22.54
CA ILE F 191 15.61 4.94 -21.85
C ILE F 191 14.85 4.03 -20.90
N VAL F 192 14.92 4.34 -19.60
CA VAL F 192 14.22 3.56 -18.57
C VAL F 192 13.15 4.41 -17.92
N ASP F 193 11.89 4.08 -18.19
CA ASP F 193 10.79 4.83 -17.63
C ASP F 193 10.87 6.34 -17.89
N GLY F 194 11.08 6.72 -19.14
CA GLY F 194 11.06 8.11 -19.51
C GLY F 194 12.32 8.89 -19.17
N LYS F 195 13.21 8.26 -18.39
CA LYS F 195 14.48 8.89 -18.06
C LYS F 195 15.55 8.51 -19.08
N VAL F 196 16.27 9.51 -19.60
CA VAL F 196 17.22 9.29 -20.69
C VAL F 196 18.65 9.14 -20.19
N PHE F 197 19.34 8.10 -20.67
CA PHE F 197 20.73 7.88 -20.29
C PHE F 197 21.57 7.77 -21.54
N PHE F 198 22.58 8.63 -21.63
CA PHE F 198 23.48 8.58 -22.77
C PHE F 198 24.79 7.88 -22.40
N TYR F 199 25.29 7.07 -23.32
CA TYR F 199 26.53 6.32 -23.13
C TYR F 199 27.64 6.85 -24.03
N ASN F 200 27.27 7.23 -25.25
CA ASN F 200 28.24 7.58 -26.27
C ASN F 200 27.80 8.81 -27.07
N ASN F 201 28.79 9.50 -27.63
CA ASN F 201 28.57 10.42 -28.74
C ASN F 201 29.15 9.76 -29.98
N VAL F 202 28.40 9.77 -31.07
CA VAL F 202 28.92 9.28 -32.32
C VAL F 202 29.89 10.33 -32.88
N ILE F 203 30.93 9.87 -33.56
CA ILE F 203 32.05 10.72 -33.96
C ILE F 203 31.94 11.19 -35.41
N LYS F 204 31.16 10.47 -36.20
CA LYS F 204 30.94 10.85 -37.58
C LYS F 204 30.24 12.19 -37.68
N ALA F 205 30.79 13.06 -38.51
CA ALA F 205 30.27 14.40 -38.72
C ALA F 205 28.83 14.30 -39.19
N HIS F 206 27.99 15.24 -38.76
CA HIS F 206 26.58 15.16 -39.03
C HIS F 206 25.95 16.54 -38.89
N THR F 207 24.69 16.64 -39.30
CA THR F 207 23.88 17.87 -39.22
C THR F 207 24.59 19.17 -39.68
N LYS F 208 24.91 20.08 -38.77
CA LYS F 208 25.55 21.35 -39.17
C LYS F 208 26.90 21.11 -39.85
N ASN F 209 27.51 19.97 -39.54
CA ASN F 209 28.82 19.63 -40.10
C ASN F 209 28.80 18.76 -41.37
N ALA F 210 27.61 18.52 -41.90
CA ALA F 210 27.50 17.83 -43.19
C ALA F 210 27.26 18.87 -44.28
N PRO F 211 28.03 18.80 -45.36
CA PRO F 211 28.04 19.83 -46.40
C PRO F 211 26.92 19.70 -47.45
N PHE F 212 25.90 18.87 -47.21
CA PHE F 212 24.83 18.70 -48.19
C PHE F 212 23.64 19.64 -48.01
N ASP F 213 23.27 20.33 -49.08
CA ASP F 213 22.13 21.24 -49.07
C ASP F 213 21.09 20.75 -50.08
N VAL F 214 19.96 20.22 -49.60
CA VAL F 214 18.89 19.78 -50.49
C VAL F 214 17.75 20.80 -50.51
N SER F 215 18.01 21.94 -49.89
CA SER F 215 17.05 23.05 -49.77
C SER F 215 16.29 23.39 -51.07
N LYS F 216 17.04 23.53 -52.17
CA LYS F 216 16.47 23.92 -53.47
C LYS F 216 16.27 22.76 -54.46
N LEU F 217 16.57 21.55 -54.01
CA LEU F 217 16.50 20.39 -54.90
C LEU F 217 15.08 19.88 -54.98
N THR F 218 14.67 19.50 -56.19
CA THR F 218 13.34 18.96 -56.43
C THR F 218 13.46 17.48 -56.79
N SER F 219 14.69 17.02 -56.90
CA SER F 219 14.95 15.61 -57.18
C SER F 219 16.38 15.23 -56.77
N LEU F 220 16.66 13.94 -56.70
CA LEU F 220 17.98 13.50 -56.28
C LEU F 220 18.55 12.54 -57.30
N PRO F 221 19.87 12.55 -57.46
CA PRO F 221 20.54 11.67 -58.42
C PRO F 221 20.06 10.23 -58.27
N LYS F 222 19.91 9.52 -59.37
CA LYS F 222 19.40 8.16 -59.37
C LYS F 222 20.49 7.14 -58.98
N VAL F 223 20.28 6.46 -57.85
CA VAL F 223 21.21 5.44 -57.40
C VAL F 223 20.47 4.16 -57.07
N ASP F 224 20.88 3.05 -57.67
CA ASP F 224 20.20 1.78 -57.46
C ASP F 224 21.12 0.73 -56.84
N ILE F 225 20.54 -0.40 -56.44
CA ILE F 225 21.29 -1.39 -55.68
C ILE F 225 21.28 -2.78 -56.31
N LEU F 226 22.47 -3.32 -56.56
CA LEU F 226 22.63 -4.71 -56.97
C LEU F 226 23.23 -5.56 -55.86
N TYR F 227 23.14 -6.87 -56.05
CA TYR F 227 23.52 -7.86 -55.05
C TYR F 227 24.55 -8.77 -55.68
N SER F 228 25.40 -9.39 -54.89
CA SER F 228 26.29 -10.40 -55.46
C SER F 228 26.16 -11.72 -54.74
N TYR F 229 26.39 -12.81 -55.45
CA TYR F 229 26.11 -14.13 -54.94
C TYR F 229 26.70 -15.14 -55.91
N SER F 230 26.68 -16.43 -55.56
CA SER F 230 27.29 -17.43 -56.43
C SER F 230 26.65 -17.42 -57.84
N ASN F 231 27.47 -17.56 -58.88
CA ASN F 231 26.96 -17.64 -60.26
C ASN F 231 26.17 -16.37 -60.59
N ASP F 232 26.62 -15.26 -60.03
CA ASP F 232 26.05 -13.91 -60.19
C ASP F 232 25.58 -13.55 -61.61
N GLY F 233 24.31 -13.20 -61.76
CA GLY F 233 23.82 -12.78 -63.05
C GLY F 233 23.40 -11.32 -63.09
N SER F 234 23.88 -10.53 -62.14
CA SER F 234 23.44 -9.14 -62.00
C SER F 234 24.02 -8.27 -63.11
N GLY F 235 25.01 -8.78 -63.81
CA GLY F 235 25.58 -8.10 -64.96
C GLY F 235 24.52 -7.55 -65.89
N VAL F 236 23.56 -8.40 -66.26
CA VAL F 236 22.45 -7.99 -67.12
C VAL F 236 21.68 -6.83 -66.49
N ALA F 237 21.43 -6.92 -65.19
CA ALA F 237 20.74 -5.85 -64.48
C ALA F 237 21.53 -4.54 -64.50
N ALA F 238 22.84 -4.64 -64.37
CA ALA F 238 23.64 -3.41 -64.30
C ALA F 238 23.59 -2.68 -65.64
N LYS F 239 23.68 -3.42 -66.73
CA LYS F 239 23.59 -2.82 -68.05
C LYS F 239 22.27 -2.05 -68.24
N ALA F 240 21.16 -2.69 -67.88
CA ALA F 240 19.84 -2.10 -68.10
C ALA F 240 19.59 -0.86 -67.21
N LEU F 241 20.02 -0.91 -65.95
CA LEU F 241 19.93 0.25 -65.07
C LEU F 241 20.65 1.44 -65.66
N PHE F 242 21.89 1.22 -66.08
CA PHE F 242 22.66 2.29 -66.67
C PHE F 242 21.94 2.83 -67.91
N GLU F 243 21.41 1.94 -68.73
CA GLU F 243 20.71 2.37 -69.93
C GLU F 243 19.36 3.05 -69.64
N HIS F 244 18.81 2.83 -68.45
CA HIS F 244 17.60 3.58 -68.07
C HIS F 244 17.82 4.69 -67.02
N GLY F 245 18.95 5.39 -67.11
CA GLY F 245 19.17 6.60 -66.32
C GLY F 245 19.94 6.48 -65.00
N THR F 246 20.25 5.26 -64.57
CA THR F 246 20.92 5.05 -63.27
C THR F 246 22.32 5.65 -63.28
N LYS F 247 22.55 6.63 -62.40
CA LYS F 247 23.85 7.31 -62.34
C LYS F 247 24.83 6.61 -61.41
N GLY F 248 24.33 6.00 -60.34
CA GLY F 248 25.17 5.23 -59.43
C GLY F 248 24.60 3.85 -59.09
N ILE F 249 25.48 2.88 -58.88
CA ILE F 249 25.07 1.60 -58.34
C ILE F 249 25.80 1.22 -57.05
N VAL F 250 25.05 0.79 -56.04
CA VAL F 250 25.65 0.23 -54.84
C VAL F 250 25.57 -1.28 -54.92
N VAL F 251 26.69 -1.96 -54.69
CA VAL F 251 26.71 -3.41 -54.74
C VAL F 251 26.85 -3.98 -53.32
N ALA F 252 25.87 -4.80 -52.93
CA ALA F 252 25.96 -5.57 -51.71
C ALA F 252 26.82 -6.76 -52.01
N GLY F 253 28.11 -6.60 -51.84
CA GLY F 253 29.05 -7.65 -52.17
C GLY F 253 29.07 -8.76 -51.15
N SER F 254 29.69 -9.87 -51.49
CA SER F 254 29.84 -10.91 -50.50
C SER F 254 31.08 -10.61 -49.64
N GLY F 255 31.07 -11.11 -48.42
CA GLY F 255 32.15 -10.81 -47.49
C GLY F 255 32.43 -9.32 -47.41
N ALA F 256 33.71 -8.99 -47.50
CA ALA F 256 34.14 -7.62 -47.35
C ALA F 256 34.08 -6.83 -48.65
N GLY F 257 32.95 -6.89 -49.34
CA GLY F 257 32.75 -6.14 -50.58
C GLY F 257 33.26 -6.82 -51.85
N SER F 258 33.23 -8.15 -51.86
CA SER F 258 33.68 -8.91 -53.00
C SER F 258 32.53 -8.99 -54.01
N ILE F 259 32.88 -8.83 -55.27
CA ILE F 259 31.90 -8.88 -56.36
C ILE F 259 32.25 -9.95 -57.39
N HIS F 260 31.36 -10.93 -57.55
CA HIS F 260 31.55 -11.97 -58.54
C HIS F 260 32.06 -11.38 -59.87
N LYS F 261 33.01 -12.08 -60.47
CA LYS F 261 33.59 -11.68 -61.73
C LYS F 261 32.56 -11.42 -62.86
N ASN F 262 31.53 -12.25 -63.01
CA ASN F 262 30.48 -11.94 -64.01
C ASN F 262 29.90 -10.51 -63.92
N GLN F 263 29.70 -10.03 -62.70
CA GLN F 263 29.17 -8.69 -62.48
C GLN F 263 30.29 -7.64 -62.45
N LYS F 264 31.45 -8.00 -61.93
CA LYS F 264 32.52 -7.02 -61.82
C LYS F 264 33.04 -6.63 -63.21
N ASP F 265 33.13 -7.60 -64.10
CA ASP F 265 33.50 -7.32 -65.49
C ASP F 265 32.63 -6.21 -66.11
N VAL F 266 31.32 -6.30 -65.85
CA VAL F 266 30.37 -5.33 -66.40
C VAL F 266 30.48 -3.97 -65.70
N LEU F 267 30.50 -3.97 -64.38
CA LEU F 267 30.70 -2.71 -63.68
C LEU F 267 31.97 -2.01 -64.18
N LYS F 268 33.03 -2.77 -64.45
CA LYS F 268 34.25 -2.17 -65.00
C LYS F 268 33.98 -1.45 -66.33
N GLU F 269 33.32 -2.14 -67.26
CA GLU F 269 32.90 -1.53 -68.52
C GLU F 269 32.06 -0.29 -68.26
N LEU F 270 31.20 -0.35 -67.24
CA LEU F 270 30.34 0.78 -66.95
C LEU F 270 31.08 1.91 -66.26
N LEU F 271 32.10 1.58 -65.47
CA LEU F 271 32.95 2.60 -64.85
C LEU F 271 33.54 3.51 -65.91
N LYS F 272 34.06 2.91 -66.98
CA LYS F 272 34.64 3.69 -68.07
C LYS F 272 33.63 4.64 -68.74
N LYS F 273 32.33 4.37 -68.57
CA LYS F 273 31.29 5.18 -69.21
C LYS F 273 30.65 6.23 -68.30
N GLY F 274 31.11 6.30 -67.05
CA GLY F 274 30.66 7.36 -66.16
C GLY F 274 29.75 6.91 -65.03
N LEU F 275 29.43 5.62 -64.98
CA LEU F 275 28.70 5.10 -63.83
C LEU F 275 29.61 5.25 -62.60
N LYS F 276 29.04 5.72 -61.48
CA LYS F 276 29.69 5.58 -60.17
C LYS F 276 29.40 4.20 -59.57
N VAL F 277 30.42 3.54 -59.03
CA VAL F 277 30.20 2.27 -58.33
C VAL F 277 30.71 2.28 -56.89
N VAL F 278 29.78 2.12 -55.95
CA VAL F 278 30.08 2.03 -54.53
C VAL F 278 30.02 0.58 -54.08
N VAL F 279 31.05 0.12 -53.37
CA VAL F 279 31.15 -1.27 -52.94
C VAL F 279 30.75 -1.45 -51.48
N SER F 280 29.58 -2.05 -51.28
CA SER F 280 29.07 -2.30 -49.97
C SER F 280 29.01 -3.82 -49.74
N SER F 281 28.21 -4.26 -48.78
CA SER F 281 28.28 -5.65 -48.37
C SER F 281 26.92 -6.17 -47.96
N ARG F 282 26.67 -7.43 -48.27
CA ARG F 282 25.43 -8.08 -47.86
C ARG F 282 25.56 -8.62 -46.45
N VAL F 283 26.75 -8.46 -45.85
CA VAL F 283 26.97 -8.96 -44.49
C VAL F 283 26.60 -7.86 -43.49
N VAL F 284 25.96 -8.22 -42.37
CA VAL F 284 25.37 -7.21 -41.49
C VAL F 284 26.43 -6.37 -40.74
N ALA F 285 27.49 -7.01 -40.26
CA ALA F 285 28.46 -6.27 -39.46
C ALA F 285 29.84 -6.28 -40.09
N GLY F 286 30.57 -5.18 -39.90
CA GLY F 286 31.93 -5.07 -40.41
C GLY F 286 32.13 -4.15 -41.62
N CYS F 287 33.38 -4.00 -41.99
CA CYS F 287 33.83 -3.05 -42.98
C CYS F 287 34.17 -3.79 -44.28
N VAL F 288 33.96 -3.10 -45.39
CA VAL F 288 34.27 -3.58 -46.74
C VAL F 288 35.75 -3.35 -47.05
N ALA F 289 36.38 -4.19 -47.87
CA ALA F 289 37.77 -3.93 -48.29
C ALA F 289 37.87 -3.79 -49.81
N VAL F 290 38.31 -2.63 -50.27
CA VAL F 290 38.49 -2.41 -51.71
C VAL F 290 39.95 -2.24 -52.07
N SER F 291 40.45 -3.13 -52.92
CA SER F 291 41.85 -3.10 -53.38
C SER F 291 42.27 -1.77 -54.00
N ASP F 292 43.52 -1.40 -53.76
CA ASP F 292 44.04 -0.15 -54.30
C ASP F 292 43.92 -0.08 -55.82
N SER F 293 44.02 -1.21 -56.50
CA SER F 293 43.89 -1.20 -57.96
C SER F 293 42.46 -0.97 -58.44
N ASP F 294 41.47 -1.43 -57.65
CA ASP F 294 40.07 -1.23 -58.00
C ASP F 294 39.68 0.17 -57.66
N GLU F 295 40.36 0.72 -56.67
CA GLU F 295 40.08 2.08 -56.22
C GLU F 295 40.49 3.03 -57.33
N LYS F 296 41.57 2.69 -58.03
CA LYS F 296 42.07 3.46 -59.15
C LYS F 296 41.11 3.39 -60.36
N LEU F 297 40.41 2.27 -60.51
CA LEU F 297 39.35 2.14 -61.52
C LEU F 297 38.13 3.03 -61.24
N GLY F 298 37.92 3.38 -59.98
CA GLY F 298 36.76 4.16 -59.63
C GLY F 298 35.88 3.52 -58.57
N PHE F 299 36.09 2.24 -58.29
CA PHE F 299 35.36 1.55 -57.22
C PHE F 299 35.56 2.26 -55.89
N ILE F 300 34.45 2.67 -55.28
CA ILE F 300 34.46 3.41 -54.01
C ILE F 300 34.03 2.51 -52.85
N SER F 301 34.75 2.60 -51.73
CA SER F 301 34.41 1.83 -50.54
C SER F 301 33.31 2.45 -49.68
N ALA F 302 32.18 1.76 -49.56
CA ALA F 302 31.11 2.18 -48.67
C ALA F 302 31.50 2.05 -47.21
N GLU F 303 32.75 1.66 -46.97
CA GLU F 303 33.23 1.34 -45.63
C GLU F 303 32.31 0.35 -44.89
N ASP F 304 31.62 0.81 -43.86
CA ASP F 304 30.79 -0.06 -43.05
C ASP F 304 29.30 0.17 -43.28
N LEU F 305 28.95 1.18 -44.07
CA LEU F 305 27.54 1.42 -44.42
C LEU F 305 26.95 0.24 -45.21
N ASN F 306 25.75 -0.20 -44.83
CA ASN F 306 25.03 -1.23 -45.62
C ASN F 306 24.47 -0.67 -46.94
N PRO F 307 23.97 -1.56 -47.81
CA PRO F 307 23.70 -1.08 -49.16
C PRO F 307 22.76 0.11 -49.22
N GLN F 308 21.62 0.02 -48.56
CA GLN F 308 20.61 1.07 -48.59
C GLN F 308 21.08 2.35 -47.89
N LYS F 309 21.94 2.22 -46.89
CA LYS F 309 22.51 3.43 -46.28
C LYS F 309 23.63 4.04 -47.13
N ALA F 310 24.44 3.21 -47.78
CA ALA F 310 25.45 3.68 -48.73
C ALA F 310 24.83 4.41 -49.91
N ARG F 311 23.68 3.93 -50.38
CA ARG F 311 22.90 4.62 -51.41
C ARG F 311 22.63 6.08 -51.04
N VAL F 312 22.16 6.30 -49.81
CA VAL F 312 21.85 7.63 -49.32
C VAL F 312 23.06 8.56 -49.46
N LEU F 313 24.24 8.07 -49.08
CA LEU F 313 25.43 8.90 -49.08
C LEU F 313 25.93 9.12 -50.52
N LEU F 314 25.94 8.07 -51.33
CA LEU F 314 26.35 8.21 -52.73
C LEU F 314 25.50 9.23 -53.47
N MSE F 315 24.19 9.14 -53.25
CA MSE F 315 23.22 10.05 -53.81
C MSE F 315 23.49 11.52 -53.46
O MSE F 315 23.53 12.38 -54.34
CB MSE F 315 21.86 9.65 -53.28
CG MSE F 315 20.74 9.75 -54.27
SE MSE F 315 19.13 8.99 -53.49
CE MSE F 315 17.92 9.28 -54.99
N LEU F 316 23.66 11.79 -52.17
CA LEU F 316 23.94 13.14 -51.70
C LEU F 316 25.31 13.61 -52.17
N ALA F 317 26.27 12.70 -52.26
CA ALA F 317 27.58 13.06 -52.78
C ALA F 317 27.52 13.49 -54.27
N LEU F 318 26.67 12.82 -55.04
CA LEU F 318 26.49 13.17 -56.46
C LEU F 318 25.87 14.55 -56.60
N THR F 319 25.23 15.01 -55.53
CA THR F 319 24.67 16.33 -55.46
C THR F 319 25.74 17.41 -55.48
N LYS F 320 26.95 17.04 -55.05
CA LYS F 320 28.07 17.98 -54.90
C LYS F 320 29.21 17.72 -55.87
N THR F 321 29.43 16.47 -56.25
CA THR F 321 30.59 16.15 -57.04
C THR F 321 30.42 14.89 -57.87
N SER F 322 31.23 14.77 -58.92
CA SER F 322 31.23 13.60 -59.78
C SER F 322 32.55 12.83 -59.73
N ASP F 323 33.51 13.32 -58.95
CA ASP F 323 34.84 12.72 -58.87
C ASP F 323 34.91 11.60 -57.83
N PRO F 324 35.17 10.37 -58.29
CA PRO F 324 35.21 9.20 -57.41
C PRO F 324 36.13 9.41 -56.22
N LYS F 325 37.21 10.14 -56.42
CA LYS F 325 38.13 10.39 -55.32
C LYS F 325 37.50 11.18 -54.17
N LYS F 326 36.60 12.13 -54.49
CA LYS F 326 35.97 12.98 -53.47
C LYS F 326 34.79 12.29 -52.82
N ILE F 327 34.02 11.57 -53.61
CA ILE F 327 33.00 10.70 -53.09
C ILE F 327 33.58 9.74 -52.04
N GLN F 328 34.75 9.18 -52.34
CA GLN F 328 35.47 8.35 -51.36
C GLN F 328 35.79 9.06 -50.04
N GLU F 329 36.25 10.30 -50.10
CA GLU F 329 36.55 11.02 -48.87
C GLU F 329 35.26 11.27 -48.09
N TYR F 330 34.17 11.50 -48.82
CA TYR F 330 32.88 11.66 -48.17
C TYR F 330 32.56 10.43 -47.35
N PHE F 331 32.84 9.26 -47.94
CA PHE F 331 32.53 7.98 -47.29
C PHE F 331 33.41 7.62 -46.08
N LEU F 332 34.57 8.27 -45.96
CA LEU F 332 35.45 8.05 -44.81
C LEU F 332 35.04 8.93 -43.63
N LYS F 333 34.27 9.98 -43.92
CA LYS F 333 34.02 11.05 -42.98
C LYS F 333 32.62 11.07 -42.42
N TYR F 334 31.62 10.83 -43.26
CA TYR F 334 30.22 11.03 -42.87
C TYR F 334 29.43 9.76 -42.61
N LYS G 8 41.60 -46.71 -38.49
CA LYS G 8 41.56 -45.25 -38.58
C LYS G 8 40.58 -44.77 -39.66
N SER G 9 39.82 -43.72 -39.37
CA SER G 9 38.83 -43.21 -40.31
C SER G 9 39.48 -42.76 -41.61
N ARG G 10 38.79 -42.95 -42.74
CA ARG G 10 39.27 -42.40 -44.02
C ARG G 10 38.58 -41.07 -44.38
N ILE G 11 39.31 -39.98 -44.23
CA ILE G 11 38.79 -38.64 -44.44
C ILE G 11 39.32 -38.06 -45.75
N ALA G 12 38.41 -37.54 -46.56
CA ALA G 12 38.77 -36.88 -47.80
C ALA G 12 38.65 -35.37 -47.64
N ILE G 13 39.68 -34.64 -48.05
CA ILE G 13 39.63 -33.19 -48.06
C ILE G 13 39.51 -32.73 -49.52
N LEU G 14 38.50 -31.89 -49.79
CA LEU G 14 38.28 -31.40 -51.14
C LEU G 14 38.59 -29.93 -51.14
N GLY G 15 39.66 -29.55 -51.81
CA GLY G 15 40.05 -28.15 -51.90
C GLY G 15 39.16 -27.40 -52.86
N THR G 16 38.84 -26.15 -52.52
CA THR G 16 37.99 -25.33 -53.35
C THR G 16 38.62 -23.95 -53.63
N GLY G 17 39.67 -23.64 -52.88
CA GLY G 17 40.30 -22.33 -52.94
C GLY G 17 40.14 -21.62 -51.59
N GLY G 18 39.82 -20.32 -51.64
CA GLY G 18 39.58 -19.57 -50.43
C GLY G 18 40.83 -19.08 -49.73
N THR G 19 40.64 -18.04 -48.92
CA THR G 19 41.70 -17.44 -48.12
C THR G 19 42.53 -18.50 -47.39
N ILE G 20 41.87 -19.56 -46.94
CA ILE G 20 42.55 -20.60 -46.18
C ILE G 20 43.71 -21.25 -46.92
N ALA G 21 43.68 -21.20 -48.24
CA ALA G 21 44.73 -21.81 -49.03
C ALA G 21 45.48 -20.74 -49.83
N GLY G 22 45.32 -19.50 -49.41
CA GLY G 22 45.96 -18.40 -50.09
C GLY G 22 47.15 -17.83 -49.34
N PHE G 23 47.81 -16.87 -49.97
CA PHE G 23 48.94 -16.23 -49.32
C PHE G 23 49.18 -14.83 -49.88
N ILE G 24 49.86 -14.02 -49.07
CA ILE G 24 50.09 -12.61 -49.37
C ILE G 24 51.48 -12.28 -48.86
N ASP G 25 52.17 -11.35 -49.52
CA ASP G 25 53.52 -10.94 -49.10
C ASP G 25 53.64 -10.60 -47.62
N SER G 26 52.81 -9.64 -47.16
CA SER G 26 52.87 -9.16 -45.78
C SER G 26 52.29 -10.16 -44.79
N THR G 27 52.75 -10.10 -43.53
CA THR G 27 52.18 -10.95 -42.49
C THR G 27 51.05 -10.23 -41.76
N ILE G 28 50.97 -8.92 -41.96
CA ILE G 28 49.87 -8.12 -41.42
C ILE G 28 48.67 -8.04 -42.35
N ALA G 29 48.94 -7.99 -43.65
CA ALA G 29 47.88 -7.88 -44.66
C ALA G 29 46.96 -9.11 -44.67
N THR G 30 45.66 -8.85 -44.75
CA THR G 30 44.67 -9.92 -44.69
C THR G 30 43.77 -9.94 -45.93
N THR G 31 43.56 -8.78 -46.53
CA THR G 31 42.62 -8.66 -47.65
C THR G 31 43.31 -8.84 -49.02
N GLY G 32 42.64 -9.55 -49.93
CA GLY G 32 43.21 -9.81 -51.24
C GLY G 32 42.74 -11.13 -51.83
N GLY G 36 48.03 -15.18 -54.75
CA GLY G 36 48.79 -16.42 -54.61
C GLY G 36 48.06 -17.59 -53.99
N ALA G 37 48.22 -18.77 -54.58
CA ALA G 37 47.62 -20.00 -54.05
C ALA G 37 48.66 -20.85 -53.30
N ILE G 38 48.17 -21.82 -52.54
CA ILE G 38 49.04 -22.68 -51.73
C ILE G 38 48.59 -24.15 -51.79
N ASP G 39 49.57 -25.05 -51.86
CA ASP G 39 49.28 -26.48 -51.91
C ASP G 39 48.60 -26.98 -50.63
N ILE G 40 47.65 -27.92 -50.77
CA ILE G 40 46.99 -28.50 -49.60
C ILE G 40 47.98 -29.22 -48.70
N ASP G 41 48.97 -29.87 -49.30
CA ASP G 41 50.08 -30.47 -48.55
C ASP G 41 50.59 -29.51 -47.48
N VAL G 42 51.03 -28.33 -47.91
CA VAL G 42 51.49 -27.26 -47.02
C VAL G 42 50.56 -26.96 -45.84
N LEU G 43 49.25 -26.99 -46.07
CA LEU G 43 48.28 -26.78 -44.99
C LEU G 43 48.34 -27.90 -43.98
N ILE G 44 48.19 -29.13 -44.48
CA ILE G 44 48.20 -30.32 -43.63
C ILE G 44 49.51 -30.47 -42.84
N LYS G 45 50.60 -29.92 -43.36
CA LYS G 45 51.89 -30.02 -42.68
C LYS G 45 52.17 -28.86 -41.72
N ALA G 46 51.30 -27.86 -41.73
CA ALA G 46 51.36 -26.79 -40.74
C ALA G 46 50.75 -27.29 -39.44
N VAL G 47 49.92 -28.32 -39.54
CA VAL G 47 49.30 -28.91 -38.36
C VAL G 47 49.29 -30.44 -38.53
N PRO G 48 50.49 -31.04 -38.48
CA PRO G 48 50.73 -32.45 -38.81
C PRO G 48 49.95 -33.44 -37.94
N GLN G 49 49.58 -33.01 -36.74
CA GLN G 49 48.82 -33.86 -35.83
C GLN G 49 47.42 -34.21 -36.38
N ILE G 50 47.09 -33.60 -37.51
CA ILE G 50 45.85 -33.90 -38.20
C ILE G 50 45.89 -35.29 -38.85
N ARG G 51 47.10 -35.79 -39.11
CA ARG G 51 47.28 -37.14 -39.67
C ARG G 51 47.22 -38.20 -38.58
N ASP G 52 47.22 -37.76 -37.33
CA ASP G 52 47.00 -38.67 -36.21
C ASP G 52 45.52 -38.91 -35.96
N LEU G 53 44.67 -38.07 -36.53
CA LEU G 53 43.22 -38.20 -36.36
C LEU G 53 42.62 -39.11 -37.42
N ALA G 54 43.22 -39.13 -38.60
CA ALA G 54 42.59 -39.79 -39.74
C ALA G 54 43.59 -40.16 -40.83
N ASP G 55 43.20 -41.15 -41.62
CA ASP G 55 43.87 -41.48 -42.87
C ASP G 55 43.39 -40.45 -43.92
N ILE G 56 44.27 -39.53 -44.28
CA ILE G 56 43.85 -38.37 -45.06
C ILE G 56 44.29 -38.38 -46.52
N SER G 57 43.33 -38.17 -47.42
CA SER G 57 43.62 -37.99 -48.85
C SER G 57 42.93 -36.71 -49.33
N TRP G 58 43.30 -36.22 -50.51
CA TRP G 58 42.74 -34.95 -50.94
C TRP G 58 42.66 -34.78 -52.44
N GLU G 59 41.73 -33.92 -52.84
CA GLU G 59 41.56 -33.60 -54.25
C GLU G 59 41.20 -32.14 -54.38
N GLN G 60 41.44 -31.61 -55.57
CA GLN G 60 41.16 -30.21 -55.88
C GLN G 60 39.93 -30.16 -56.78
N ILE G 61 38.85 -29.58 -56.27
CA ILE G 61 37.63 -29.47 -57.06
C ILE G 61 37.65 -28.14 -57.76
N ALA G 62 38.22 -27.15 -57.09
CA ALA G 62 38.40 -25.85 -57.71
C ALA G 62 39.47 -25.11 -56.94
N ASN G 63 39.82 -23.95 -57.44
CA ASN G 63 40.83 -23.12 -56.81
C ASN G 63 40.50 -21.68 -57.13
N ILE G 64 39.49 -21.14 -56.46
CA ILE G 64 39.02 -19.81 -56.75
C ILE G 64 38.76 -19.04 -55.48
N ASP G 65 38.57 -17.74 -55.64
CA ASP G 65 37.96 -16.91 -54.61
C ASP G 65 36.50 -17.27 -54.51
N SER G 66 36.05 -17.48 -53.28
CA SER G 66 34.69 -17.89 -52.94
C SER G 66 33.68 -17.03 -53.69
N SER G 67 33.98 -15.73 -53.75
CA SER G 67 33.09 -14.77 -54.38
C SER G 67 32.88 -15.04 -55.86
N ASN G 68 33.70 -15.90 -56.46
CA ASN G 68 33.55 -16.30 -57.87
C ASN G 68 32.93 -17.68 -58.07
N MSE G 69 32.27 -18.17 -57.03
CA MSE G 69 31.60 -19.46 -57.05
C MSE G 69 30.65 -19.58 -58.24
O MSE G 69 30.16 -18.56 -58.76
CB MSE G 69 30.85 -19.66 -55.74
CG MSE G 69 30.31 -21.07 -55.50
SE MSE G 69 31.65 -22.52 -55.56
CE MSE G 69 32.97 -21.89 -54.27
N CYS G 70 30.39 -20.81 -58.69
CA CYS G 70 29.47 -21.03 -59.80
C CYS G 70 28.80 -22.41 -59.73
N ASP G 71 27.71 -22.58 -60.47
CA ASP G 71 26.90 -23.80 -60.44
C ASP G 71 27.72 -25.08 -60.71
N GLU G 72 28.62 -25.02 -61.69
CA GLU G 72 29.43 -26.18 -62.04
C GLU G 72 30.17 -26.79 -60.84
N ILE G 73 30.82 -25.96 -60.03
CA ILE G 73 31.49 -26.39 -58.79
C ILE G 73 30.56 -27.07 -57.77
N TRP G 74 29.36 -26.52 -57.57
CA TRP G 74 28.36 -27.14 -56.71
C TRP G 74 28.03 -28.52 -57.26
N LEU G 75 27.87 -28.59 -58.58
CA LEU G 75 27.50 -29.84 -59.22
C LEU G 75 28.58 -30.90 -59.04
N ARG G 76 29.82 -30.53 -59.35
CA ARG G 76 30.96 -31.44 -59.17
C ARG G 76 31.08 -31.94 -57.73
N LEU G 77 30.93 -31.04 -56.75
CA LEU G 77 31.04 -31.41 -55.34
C LEU G 77 30.01 -32.45 -54.91
N ALA G 78 28.75 -32.26 -55.31
CA ALA G 78 27.69 -33.18 -54.92
C ALA G 78 27.95 -34.56 -55.51
N LYS G 79 28.36 -34.59 -56.77
CA LYS G 79 28.65 -35.82 -57.47
C LYS G 79 29.89 -36.50 -56.89
N LYS G 80 30.91 -35.69 -56.63
CA LYS G 80 32.17 -36.22 -56.14
C LYS G 80 32.03 -36.80 -54.73
N ILE G 81 31.32 -36.10 -53.88
CA ILE G 81 31.09 -36.52 -52.50
C ILE G 81 30.29 -37.82 -52.44
N ALA G 82 29.31 -37.98 -53.34
CA ALA G 82 28.56 -39.23 -53.43
C ALA G 82 29.47 -40.35 -53.86
N LYS G 83 30.29 -40.08 -54.87
CA LYS G 83 31.24 -41.05 -55.36
C LYS G 83 32.16 -41.56 -54.23
N LEU G 84 32.81 -40.64 -53.51
CA LEU G 84 33.71 -40.98 -52.40
C LEU G 84 33.03 -41.78 -51.27
N PHE G 85 31.81 -41.39 -50.90
CA PHE G 85 31.11 -42.07 -49.81
C PHE G 85 30.80 -43.51 -50.20
N ALA G 86 30.58 -43.73 -51.50
CA ALA G 86 30.29 -45.05 -52.02
C ALA G 86 31.55 -45.92 -52.12
N GLU G 87 32.72 -45.28 -52.18
CA GLU G 87 33.99 -46.01 -52.22
C GLU G 87 34.54 -46.27 -50.82
N GLY G 88 33.77 -45.90 -49.79
CA GLY G 88 34.14 -46.21 -48.42
C GLY G 88 34.79 -45.09 -47.62
N ILE G 89 34.85 -43.89 -48.17
CA ILE G 89 35.28 -42.71 -47.44
C ILE G 89 34.31 -42.45 -46.29
N ASP G 90 34.83 -42.16 -45.11
CA ASP G 90 33.99 -42.03 -43.91
C ASP G 90 33.43 -40.64 -43.72
N GLY G 91 34.10 -39.64 -44.28
CA GLY G 91 33.73 -38.25 -44.10
C GLY G 91 34.50 -37.32 -45.01
N VAL G 92 33.97 -36.13 -45.19
CA VAL G 92 34.57 -35.17 -46.09
C VAL G 92 34.73 -33.80 -45.44
N VAL G 93 35.89 -33.21 -45.61
CA VAL G 93 36.10 -31.83 -45.27
C VAL G 93 36.29 -31.05 -46.55
N ILE G 94 35.60 -29.94 -46.68
CA ILE G 94 35.75 -29.08 -47.83
C ILE G 94 36.39 -27.73 -47.42
N THR G 95 37.61 -27.48 -47.89
CA THR G 95 38.22 -26.18 -47.67
C THR G 95 37.61 -25.24 -48.70
N HIS G 96 37.21 -24.04 -48.27
CA HIS G 96 36.33 -23.19 -49.08
C HIS G 96 36.51 -21.75 -48.62
N GLY G 97 36.28 -20.79 -49.51
CA GLY G 97 36.29 -19.39 -49.12
C GLY G 97 35.11 -19.08 -48.22
N THR G 98 35.22 -18.05 -47.41
CA THR G 98 34.13 -17.69 -46.50
C THR G 98 32.97 -16.91 -47.13
N ASP G 99 33.23 -16.13 -48.17
CA ASP G 99 32.19 -15.27 -48.76
C ASP G 99 30.90 -15.99 -49.18
N THR G 100 31.03 -17.19 -49.74
CA THR G 100 29.86 -17.91 -50.22
C THR G 100 29.78 -19.31 -49.60
N MSE G 101 30.52 -19.51 -48.53
CA MSE G 101 30.47 -20.79 -47.83
C MSE G 101 29.05 -21.18 -47.43
O MSE G 101 28.68 -22.36 -47.49
CB MSE G 101 31.36 -20.76 -46.59
CG MSE G 101 31.55 -22.10 -45.90
SE MSE G 101 33.04 -22.07 -44.61
CE MSE G 101 34.49 -21.87 -45.88
N GLU G 102 28.24 -20.20 -47.03
CA GLU G 102 26.87 -20.47 -46.59
C GLU G 102 26.01 -20.97 -47.75
N GLU G 103 26.24 -20.46 -48.94
CA GLU G 103 25.48 -20.95 -50.11
C GLU G 103 25.89 -22.36 -50.52
N THR G 104 27.20 -22.60 -50.63
CA THR G 104 27.66 -23.93 -50.99
C THR G 104 27.14 -24.94 -49.96
N ALA G 105 27.24 -24.58 -48.68
CA ALA G 105 26.79 -25.47 -47.61
C ALA G 105 25.32 -25.91 -47.76
N TYR G 106 24.44 -24.95 -47.97
CA TYR G 106 23.03 -25.27 -48.02
C TYR G 106 22.69 -26.13 -49.25
N PHE G 107 23.32 -25.84 -50.37
CA PHE G 107 23.18 -26.65 -51.59
C PHE G 107 23.44 -28.14 -51.34
N LEU G 108 24.60 -28.45 -50.74
CA LEU G 108 24.95 -29.84 -50.49
C LEU G 108 24.03 -30.47 -49.43
N ASN G 109 23.61 -29.66 -48.47
CA ASN G 109 22.62 -30.10 -47.50
C ASN G 109 21.34 -30.64 -48.16
N LEU G 110 21.06 -30.17 -49.36
CA LEU G 110 19.85 -30.60 -50.04
C LEU G 110 20.09 -31.61 -51.17
N THR G 111 21.35 -31.99 -51.40
CA THR G 111 21.69 -32.79 -52.60
C THR G 111 22.51 -34.08 -52.37
N ILE G 112 23.03 -34.24 -51.17
CA ILE G 112 23.89 -35.37 -50.85
C ILE G 112 23.13 -36.40 -49.99
N LYS G 113 22.99 -37.61 -50.50
CA LYS G 113 22.11 -38.62 -49.86
C LYS G 113 22.66 -39.30 -48.61
N SER G 114 23.93 -39.12 -48.33
CA SER G 114 24.58 -39.81 -47.22
C SER G 114 24.31 -39.19 -45.85
N ASP G 115 24.50 -40.00 -44.82
CA ASP G 115 24.42 -39.56 -43.43
C ASP G 115 25.82 -39.33 -42.84
N LYS G 116 26.84 -39.54 -43.65
CA LYS G 116 28.21 -39.33 -43.19
C LYS G 116 28.52 -37.85 -43.04
N PRO G 117 29.46 -37.51 -42.17
CA PRO G 117 29.81 -36.10 -42.00
C PRO G 117 30.40 -35.42 -43.26
N VAL G 118 29.86 -34.26 -43.58
CA VAL G 118 30.38 -33.37 -44.60
C VAL G 118 30.52 -31.99 -43.95
N VAL G 119 31.76 -31.51 -43.82
CA VAL G 119 32.03 -30.26 -43.14
C VAL G 119 32.83 -29.26 -43.97
N LEU G 120 32.30 -28.05 -44.13
CA LEU G 120 33.03 -26.99 -44.80
C LEU G 120 33.82 -26.21 -43.78
N VAL G 121 35.02 -25.79 -44.16
CA VAL G 121 35.88 -25.03 -43.26
C VAL G 121 36.62 -24.02 -44.11
N GLY G 122 36.95 -22.87 -43.51
CA GLY G 122 37.75 -21.87 -44.20
C GLY G 122 38.49 -21.02 -43.18
N ALA G 123 39.04 -19.89 -43.62
CA ALA G 123 39.72 -18.99 -42.71
C ALA G 123 39.43 -17.54 -43.06
N MSE G 124 39.54 -16.65 -42.07
CA MSE G 124 39.40 -15.22 -42.33
C MSE G 124 40.74 -14.54 -42.55
O MSE G 124 40.80 -13.45 -43.10
CB MSE G 124 38.61 -14.52 -41.21
CG MSE G 124 37.17 -15.08 -41.08
SE MSE G 124 36.06 -14.42 -42.55
CE MSE G 124 36.05 -12.55 -42.02
N ARG G 125 41.83 -15.19 -42.16
CA ARG G 125 43.16 -14.63 -42.40
C ARG G 125 43.94 -15.59 -43.26
N PRO G 126 44.73 -15.08 -44.21
CA PRO G 126 45.48 -15.98 -45.11
C PRO G 126 46.56 -16.75 -44.33
N SER G 127 47.03 -17.86 -44.89
CA SER G 127 47.96 -18.74 -44.16
C SER G 127 49.26 -18.07 -43.76
N THR G 128 49.61 -16.99 -44.44
CA THR G 128 50.86 -16.29 -44.20
C THR G 128 50.74 -15.19 -43.16
N ALA G 129 49.52 -14.91 -42.73
CA ALA G 129 49.26 -13.80 -41.83
C ALA G 129 49.64 -14.20 -40.42
N ILE G 130 49.99 -13.24 -39.58
CA ILE G 130 50.29 -13.60 -38.19
C ILE G 130 48.97 -13.87 -37.50
N SER G 131 48.95 -14.92 -36.70
CA SER G 131 47.74 -15.37 -36.01
C SER G 131 46.71 -15.95 -36.98
N ALA G 132 47.18 -16.51 -38.08
CA ALA G 132 46.31 -17.17 -39.05
C ALA G 132 45.39 -18.13 -38.34
N ASP G 133 44.11 -18.08 -38.68
CA ASP G 133 43.09 -18.92 -38.02
C ASP G 133 42.90 -20.25 -38.75
N GLY G 134 43.51 -20.36 -39.93
CA GLY G 134 43.37 -21.53 -40.78
C GLY G 134 43.85 -22.86 -40.23
N PRO G 135 45.09 -22.91 -39.73
CA PRO G 135 45.57 -24.16 -39.15
C PRO G 135 44.61 -24.76 -38.10
N LYS G 136 44.23 -23.98 -37.11
CA LYS G 136 43.36 -24.51 -36.05
C LYS G 136 41.97 -24.87 -36.57
N ASN G 137 41.46 -24.10 -37.52
CA ASN G 137 40.15 -24.43 -38.09
C ASN G 137 40.13 -25.79 -38.77
N LEU G 138 41.14 -26.04 -39.59
CA LEU G 138 41.27 -27.29 -40.32
C LEU G 138 41.34 -28.45 -39.35
N TYR G 139 42.17 -28.31 -38.32
CA TYR G 139 42.28 -29.35 -37.30
C TYR G 139 40.97 -29.69 -36.66
N ASN G 140 40.21 -28.67 -36.26
CA ASN G 140 38.90 -28.87 -35.64
C ASN G 140 37.91 -29.55 -36.57
N ALA G 141 38.01 -29.22 -37.85
CA ALA G 141 37.13 -29.77 -38.87
C ALA G 141 37.38 -31.25 -39.10
N VAL G 142 38.65 -31.65 -39.05
CA VAL G 142 39.00 -33.06 -39.12
C VAL G 142 38.61 -33.78 -37.84
N ALA G 143 38.73 -33.09 -36.71
CA ALA G 143 38.24 -33.65 -35.44
C ALA G 143 36.72 -33.87 -35.49
N LEU G 144 35.99 -32.90 -36.03
CA LEU G 144 34.54 -33.05 -36.11
C LEU G 144 34.17 -34.21 -37.02
N VAL G 145 34.76 -34.21 -38.21
CA VAL G 145 34.35 -35.16 -39.25
C VAL G 145 34.66 -36.61 -38.89
N VAL G 146 35.52 -36.79 -37.90
CA VAL G 146 35.94 -38.12 -37.47
C VAL G 146 35.20 -38.52 -36.17
N ASN G 147 34.53 -37.56 -35.55
CA ASN G 147 33.81 -37.81 -34.31
C ASN G 147 32.60 -38.71 -34.56
N LYS G 148 32.26 -39.53 -33.56
CA LYS G 148 31.21 -40.54 -33.75
C LYS G 148 29.79 -39.99 -33.72
N GLU G 149 29.61 -38.90 -32.97
CA GLU G 149 28.31 -38.23 -32.87
C GLU G 149 28.03 -37.35 -34.10
N ALA G 150 28.90 -37.40 -35.09
CA ALA G 150 28.82 -36.48 -36.24
C ALA G 150 27.89 -36.93 -37.38
N LYS G 151 27.59 -38.23 -37.46
CA LYS G 151 26.74 -38.75 -38.53
C LYS G 151 25.32 -38.20 -38.43
N ASN G 152 24.65 -38.11 -39.58
CA ASN G 152 23.24 -37.74 -39.62
C ASN G 152 22.94 -36.35 -39.07
N LYS G 153 23.95 -35.50 -39.03
CA LYS G 153 23.75 -34.14 -38.52
C LYS G 153 23.31 -33.13 -39.61
N GLY G 154 23.35 -33.53 -40.87
CA GLY G 154 23.15 -32.62 -41.99
C GLY G 154 24.52 -32.07 -42.34
N VAL G 155 24.63 -31.29 -43.41
CA VAL G 155 25.91 -30.67 -43.74
C VAL G 155 26.26 -29.57 -42.73
N MSE G 156 27.54 -29.40 -42.42
CA MSE G 156 27.92 -28.50 -41.33
C MSE G 156 29.07 -27.55 -41.70
O MSE G 156 29.96 -27.89 -42.48
CB MSE G 156 28.35 -29.32 -40.10
CG MSE G 156 27.29 -30.23 -39.51
SE MSE G 156 28.02 -31.40 -38.11
CE MSE G 156 28.91 -32.80 -39.12
N VAL G 157 29.03 -26.35 -41.13
CA VAL G 157 30.16 -25.44 -41.15
C VAL G 157 30.81 -25.44 -39.77
N ALA G 158 32.12 -25.67 -39.74
CA ALA G 158 32.86 -25.64 -38.50
C ALA G 158 33.95 -24.64 -38.67
N ILE G 159 33.93 -23.61 -37.84
CA ILE G 159 34.81 -22.47 -37.99
C ILE G 159 34.85 -21.72 -36.66
N ASN G 160 36.04 -21.27 -36.25
CA ASN G 160 36.22 -20.53 -35.00
C ASN G 160 35.64 -21.29 -33.82
N ASP G 161 35.90 -22.59 -33.79
CA ASP G 161 35.51 -23.48 -32.70
C ASP G 161 34.00 -23.67 -32.59
N LYS G 162 33.26 -23.22 -33.59
CA LYS G 162 31.80 -23.31 -33.55
C LYS G 162 31.34 -24.26 -34.64
N ILE G 163 30.32 -25.05 -34.35
CA ILE G 163 29.72 -25.95 -35.35
C ILE G 163 28.33 -25.41 -35.68
N LEU G 164 28.14 -25.04 -36.94
CA LEU G 164 26.88 -24.45 -37.39
C LEU G 164 26.19 -25.37 -38.42
N SER G 165 24.87 -25.36 -38.44
CA SER G 165 24.15 -26.17 -39.42
C SER G 165 24.07 -25.44 -40.75
N ALA G 166 24.09 -26.21 -41.84
CA ALA G 166 23.99 -25.64 -43.19
C ALA G 166 22.73 -24.78 -43.34
N ARG G 167 21.66 -25.20 -42.67
CA ARG G 167 20.35 -24.59 -42.84
C ARG G 167 20.25 -23.28 -42.07
N GLY G 168 21.06 -23.13 -41.05
CA GLY G 168 21.03 -21.91 -40.25
C GLY G 168 22.18 -20.96 -40.54
N VAL G 169 23.26 -21.47 -41.13
CA VAL G 169 24.52 -20.75 -41.18
C VAL G 169 24.50 -19.52 -42.08
N VAL G 170 25.05 -18.42 -41.56
CA VAL G 170 25.09 -17.17 -42.29
C VAL G 170 26.35 -16.41 -41.90
N LYS G 171 27.07 -15.86 -42.88
CA LYS G 171 28.23 -15.00 -42.58
C LYS G 171 27.73 -13.65 -42.08
N THR G 172 28.17 -13.25 -40.90
CA THR G 172 27.55 -12.11 -40.23
C THR G 172 28.57 -11.04 -39.82
N HIS G 173 29.87 -11.34 -40.01
CA HIS G 173 30.88 -10.28 -39.97
C HIS G 173 31.79 -10.39 -41.18
N SER G 174 32.20 -9.26 -41.76
CA SER G 174 32.96 -9.31 -43.00
C SER G 174 34.46 -9.46 -42.77
N LEU G 175 34.92 -9.13 -41.57
CA LEU G 175 36.35 -9.08 -41.31
C LEU G 175 36.83 -9.94 -40.14
N ASN G 176 35.98 -10.09 -39.12
CA ASN G 176 36.38 -10.74 -37.86
C ASN G 176 36.54 -12.26 -37.96
N VAL G 177 37.54 -12.83 -37.27
CA VAL G 177 37.72 -14.28 -37.35
C VAL G 177 36.45 -14.96 -36.86
N ASP G 178 35.71 -14.26 -36.02
CA ASP G 178 34.40 -14.75 -35.61
C ASP G 178 33.32 -14.29 -36.60
N ALA G 179 33.41 -14.80 -37.84
CA ALA G 179 32.62 -14.31 -38.97
C ALA G 179 31.27 -14.99 -39.19
N PHE G 180 31.03 -16.13 -38.53
CA PHE G 180 29.84 -16.93 -38.80
C PHE G 180 28.95 -17.15 -37.57
N SER G 181 27.64 -17.11 -37.82
CA SER G 181 26.62 -17.38 -36.82
C SER G 181 25.38 -17.98 -37.49
N SER G 182 24.35 -18.25 -36.69
CA SER G 182 23.06 -18.69 -37.21
C SER G 182 22.07 -17.73 -36.62
N PRO G 183 21.67 -16.70 -37.38
CA PRO G 183 20.79 -15.67 -36.82
C PRO G 183 19.47 -16.24 -36.28
N ASP G 184 18.98 -17.34 -36.81
CA ASP G 184 17.71 -17.87 -36.31
C ASP G 184 17.76 -19.19 -35.52
N PHE G 185 18.73 -20.06 -35.82
CA PHE G 185 18.81 -21.37 -35.17
C PHE G 185 19.84 -21.43 -34.02
N GLY G 186 20.80 -20.52 -34.01
CA GLY G 186 21.92 -20.66 -33.09
C GLY G 186 22.84 -21.78 -33.58
N ASP G 187 23.70 -22.29 -32.71
CA ASP G 187 24.72 -23.23 -33.13
C ASP G 187 24.32 -24.68 -32.81
N LEU G 188 24.87 -25.62 -33.58
CA LEU G 188 24.68 -27.05 -33.35
C LEU G 188 25.62 -27.61 -32.25
N GLY G 189 26.82 -27.03 -32.15
CA GLY G 189 27.77 -27.42 -31.12
C GLY G 189 29.01 -26.56 -31.04
N TYR G 190 29.98 -27.02 -30.27
CA TYR G 190 31.22 -26.29 -30.04
C TYR G 190 32.39 -27.28 -29.96
N ILE G 191 33.57 -26.84 -30.37
CA ILE G 191 34.75 -27.71 -30.35
C ILE G 191 35.86 -27.11 -29.48
N VAL G 192 36.23 -27.84 -28.43
CA VAL G 192 37.30 -27.41 -27.52
C VAL G 192 38.57 -28.25 -27.65
N ASP G 193 39.45 -27.90 -28.60
CA ASP G 193 40.70 -28.62 -28.84
C ASP G 193 40.53 -30.03 -29.38
N GLY G 194 39.82 -30.18 -30.50
CA GLY G 194 39.60 -31.49 -31.07
C GLY G 194 38.48 -32.24 -30.37
N LYS G 195 37.99 -31.68 -29.27
CA LYS G 195 36.87 -32.29 -28.55
C LYS G 195 35.50 -31.64 -28.88
N VAL G 196 34.63 -32.44 -29.49
CA VAL G 196 33.33 -32.00 -30.02
C VAL G 196 32.23 -32.08 -28.97
N PHE G 197 31.46 -31.01 -28.86
CA PHE G 197 30.29 -31.01 -27.99
C PHE G 197 29.07 -30.61 -28.82
N PHE G 198 28.07 -31.48 -28.87
CA PHE G 198 26.82 -31.17 -29.57
C PHE G 198 25.72 -30.75 -28.58
N TYR G 199 24.94 -29.75 -28.97
CA TYR G 199 23.86 -29.24 -28.15
C TYR G 199 22.49 -29.43 -28.81
N ASN G 200 22.47 -29.31 -30.13
CA ASN G 200 21.22 -29.39 -30.86
C ASN G 200 21.29 -30.32 -32.05
N ASN G 201 20.15 -30.89 -32.41
CA ASN G 201 19.95 -31.46 -33.72
C ASN G 201 18.99 -30.56 -34.46
N VAL G 202 19.36 -30.19 -35.68
CA VAL G 202 18.51 -29.35 -36.50
C VAL G 202 17.31 -30.20 -37.00
N ILE G 203 16.11 -29.65 -36.90
CA ILE G 203 14.88 -30.36 -37.25
C ILE G 203 14.57 -30.39 -38.76
N LYS G 204 14.83 -29.30 -39.45
CA LYS G 204 14.56 -29.18 -40.90
C LYS G 204 15.15 -30.35 -41.67
N ALA G 205 14.39 -30.92 -42.59
CA ALA G 205 14.85 -32.12 -43.32
C ALA G 205 16.07 -31.84 -44.22
N HIS G 206 17.07 -32.72 -44.20
CA HIS G 206 18.30 -32.55 -44.98
C HIS G 206 18.77 -33.90 -45.49
N THR G 207 19.73 -33.88 -46.42
CA THR G 207 20.36 -35.08 -47.00
C THR G 207 19.38 -36.15 -47.53
N LYS G 208 19.42 -37.35 -46.95
CA LYS G 208 18.61 -38.45 -47.47
C LYS G 208 17.12 -38.15 -47.41
N ASN G 209 16.72 -37.23 -46.54
CA ASN G 209 15.32 -36.83 -46.46
C ASN G 209 14.98 -35.58 -47.30
N ALA G 210 15.95 -35.12 -48.09
CA ALA G 210 15.70 -34.07 -49.07
C ALA G 210 15.58 -34.72 -50.44
N PRO G 211 14.53 -34.37 -51.17
CA PRO G 211 14.16 -35.00 -52.44
C PRO G 211 14.81 -34.41 -53.70
N PHE G 212 16.04 -33.90 -53.59
CA PHE G 212 16.66 -33.30 -54.77
C PHE G 212 17.79 -34.16 -55.32
N ASP G 213 17.73 -34.44 -56.61
CA ASP G 213 18.73 -35.30 -57.25
C ASP G 213 19.36 -34.61 -58.46
N VAL G 214 20.62 -34.22 -58.32
CA VAL G 214 21.32 -33.44 -59.34
C VAL G 214 22.39 -34.26 -60.06
N SER G 215 22.39 -35.56 -59.83
CA SER G 215 23.37 -36.48 -60.41
C SER G 215 23.40 -36.50 -61.93
N LYS G 216 22.26 -36.21 -62.55
CA LYS G 216 22.20 -36.19 -64.01
C LYS G 216 22.11 -34.77 -64.61
N LEU G 217 22.45 -33.77 -63.80
CA LEU G 217 22.35 -32.38 -64.24
C LEU G 217 23.71 -31.79 -64.51
N THR G 218 23.82 -31.06 -65.60
CA THR G 218 25.05 -30.36 -65.90
C THR G 218 24.78 -28.87 -65.84
N SER G 219 23.54 -28.52 -65.51
CA SER G 219 23.12 -27.14 -65.32
C SER G 219 22.02 -27.03 -64.29
N LEU G 220 21.85 -25.84 -63.74
CA LEU G 220 20.77 -25.55 -62.80
C LEU G 220 19.91 -24.40 -63.32
N PRO G 221 18.59 -24.49 -63.11
CA PRO G 221 17.67 -23.42 -63.55
C PRO G 221 18.17 -22.05 -63.08
N LYS G 222 18.12 -21.05 -63.94
CA LYS G 222 18.72 -19.77 -63.63
C LYS G 222 17.89 -18.93 -62.64
N VAL G 223 18.53 -18.50 -61.55
CA VAL G 223 17.91 -17.67 -60.53
C VAL G 223 18.79 -16.47 -60.11
N ASP G 224 18.18 -15.29 -60.01
CA ASP G 224 18.91 -14.07 -59.73
C ASP G 224 18.34 -13.32 -58.55
N ILE G 225 19.08 -12.32 -58.06
CA ILE G 225 18.66 -11.62 -56.84
C ILE G 225 18.50 -10.14 -57.05
N LEU G 226 17.40 -9.59 -56.53
CA LEU G 226 17.20 -8.16 -56.52
C LEU G 226 16.98 -7.72 -55.08
N TYR G 227 17.08 -6.43 -54.83
CA TYR G 227 17.06 -5.85 -53.52
C TYR G 227 15.96 -4.78 -53.54
N SER G 228 15.39 -4.46 -52.38
CA SER G 228 14.43 -3.38 -52.32
C SER G 228 14.84 -2.31 -51.32
N TYR G 229 14.42 -1.07 -51.60
CA TYR G 229 14.90 0.05 -50.83
C TYR G 229 14.09 1.28 -51.23
N SER G 230 14.35 2.41 -50.58
CA SER G 230 13.59 3.62 -50.86
C SER G 230 13.74 4.10 -52.32
N ASN G 231 12.63 4.49 -52.94
CA ASN G 231 12.68 4.94 -54.34
C ASN G 231 13.21 3.82 -55.24
N ASP G 232 12.86 2.59 -54.87
CA ASP G 232 13.31 1.40 -55.60
C ASP G 232 13.16 1.52 -57.12
N GLY G 233 14.26 1.28 -57.84
CA GLY G 233 14.21 1.30 -59.29
C GLY G 233 14.53 -0.07 -59.86
N SER G 234 14.39 -1.11 -59.03
CA SER G 234 14.75 -2.48 -59.44
C SER G 234 13.84 -3.10 -60.49
N GLY G 235 12.66 -2.51 -60.70
CA GLY G 235 11.76 -2.97 -61.74
C GLY G 235 12.41 -3.05 -63.10
N VAL G 236 13.25 -2.06 -63.41
CA VAL G 236 13.99 -2.05 -64.66
C VAL G 236 14.87 -3.29 -64.77
N ALA G 237 15.46 -3.66 -63.65
CA ALA G 237 16.38 -4.79 -63.60
C ALA G 237 15.66 -6.15 -63.70
N ALA G 238 14.43 -6.22 -63.19
CA ALA G 238 13.68 -7.47 -63.23
C ALA G 238 13.28 -7.81 -64.68
N LYS G 239 12.79 -6.81 -65.39
CA LYS G 239 12.46 -6.95 -66.81
C LYS G 239 13.65 -7.46 -67.61
N ALA G 240 14.81 -6.82 -67.40
CA ALA G 240 16.00 -7.20 -68.14
C ALA G 240 16.46 -8.63 -67.82
N LEU G 241 16.46 -8.99 -66.54
CA LEU G 241 16.79 -10.35 -66.12
C LEU G 241 15.86 -11.37 -66.74
N PHE G 242 14.56 -11.09 -66.69
CA PHE G 242 13.56 -11.97 -67.29
C PHE G 242 13.76 -12.13 -68.82
N GLU G 243 14.15 -11.06 -69.49
CA GLU G 243 14.37 -11.11 -70.93
C GLU G 243 15.75 -11.65 -71.28
N HIS G 244 16.49 -12.10 -70.27
CA HIS G 244 17.79 -12.72 -70.54
C HIS G 244 17.87 -14.09 -69.91
N GLY G 245 16.71 -14.68 -69.66
CA GLY G 245 16.64 -16.09 -69.33
C GLY G 245 16.62 -16.44 -67.86
N THR G 246 16.39 -15.43 -67.02
CA THR G 246 16.25 -15.68 -65.59
C THR G 246 14.93 -16.41 -65.39
N LYS G 247 14.97 -17.58 -64.75
CA LYS G 247 13.76 -18.35 -64.52
C LYS G 247 13.10 -17.89 -63.23
N GLY G 248 13.94 -17.49 -62.26
CA GLY G 248 13.46 -17.09 -60.96
C GLY G 248 14.20 -15.91 -60.37
N ILE G 249 13.48 -15.10 -59.62
CA ILE G 249 14.07 -13.99 -58.89
C ILE G 249 13.75 -14.10 -57.40
N VAL G 250 14.79 -13.96 -56.56
CA VAL G 250 14.61 -13.80 -55.12
C VAL G 250 14.78 -12.31 -54.79
N VAL G 251 13.84 -11.76 -54.01
CA VAL G 251 13.88 -10.36 -53.65
C VAL G 251 14.23 -10.19 -52.19
N ALA G 252 15.28 -9.43 -51.93
CA ALA G 252 15.64 -9.14 -50.57
C ALA G 252 14.77 -7.98 -50.13
N GLY G 253 13.59 -8.28 -49.60
CA GLY G 253 12.67 -7.23 -49.22
C GLY G 253 13.11 -6.41 -48.01
N SER G 254 12.44 -5.28 -47.83
CA SER G 254 12.51 -4.54 -46.61
C SER G 254 11.83 -5.34 -45.51
N GLY G 255 12.28 -5.11 -44.29
CA GLY G 255 11.73 -5.83 -43.15
C GLY G 255 11.30 -7.25 -43.48
N ALA G 256 10.02 -7.53 -43.23
CA ALA G 256 9.47 -8.87 -43.34
C ALA G 256 8.94 -9.17 -44.72
N GLY G 257 9.77 -8.93 -45.74
CA GLY G 257 9.43 -9.31 -47.10
C GLY G 257 8.65 -8.25 -47.87
N SER G 258 8.87 -6.98 -47.54
CA SER G 258 8.20 -5.86 -48.19
C SER G 258 8.97 -5.42 -49.43
N ILE G 259 8.27 -5.37 -50.56
CA ILE G 259 8.86 -4.94 -51.82
C ILE G 259 8.26 -3.61 -52.22
N HIS G 260 9.12 -2.63 -52.48
CA HIS G 260 8.66 -1.31 -52.89
C HIS G 260 7.76 -1.41 -54.14
N LYS G 261 6.66 -0.65 -54.15
CA LYS G 261 5.65 -0.69 -55.20
C LYS G 261 6.18 -0.52 -56.64
N ASN G 262 7.23 0.28 -56.80
CA ASN G 262 7.81 0.43 -58.13
C ASN G 262 8.23 -0.92 -58.68
N GLN G 263 8.85 -1.72 -57.80
CA GLN G 263 9.34 -3.03 -58.20
C GLN G 263 8.24 -4.08 -58.15
N LYS G 264 7.37 -4.00 -57.16
CA LYS G 264 6.34 -5.03 -57.00
C LYS G 264 5.36 -5.07 -58.17
N ASP G 265 5.03 -3.89 -58.70
CA ASP G 265 4.12 -3.82 -59.83
C ASP G 265 4.70 -4.56 -61.02
N VAL G 266 6.00 -4.42 -61.23
CA VAL G 266 6.67 -5.09 -62.33
C VAL G 266 6.70 -6.60 -62.08
N LEU G 267 7.06 -7.01 -60.88
CA LEU G 267 7.08 -8.43 -60.60
C LEU G 267 5.66 -9.03 -60.73
N LYS G 268 4.63 -8.25 -60.35
CA LYS G 268 3.24 -8.65 -60.62
C LYS G 268 2.98 -8.88 -62.12
N GLU G 269 3.43 -7.97 -62.97
CA GLU G 269 3.30 -8.17 -64.41
C GLU G 269 4.07 -9.41 -64.83
N LEU G 270 5.25 -9.62 -64.25
CA LEU G 270 6.10 -10.71 -64.72
C LEU G 270 5.63 -12.08 -64.21
N LEU G 271 5.05 -12.12 -63.01
CA LEU G 271 4.45 -13.34 -62.48
C LEU G 271 3.43 -13.92 -63.46
N LYS G 272 2.66 -13.05 -64.09
CA LYS G 272 1.65 -13.49 -65.04
C LYS G 272 2.33 -14.03 -66.31
N LYS G 273 3.54 -13.56 -66.58
CA LYS G 273 4.26 -14.00 -67.77
C LYS G 273 5.08 -15.25 -67.52
N GLY G 274 5.14 -15.75 -66.29
CA GLY G 274 5.83 -17.00 -66.06
C GLY G 274 7.06 -16.99 -65.16
N LEU G 275 7.49 -15.80 -64.70
CA LEU G 275 8.58 -15.72 -63.73
C LEU G 275 8.17 -16.28 -62.36
N LYS G 276 9.06 -17.03 -61.73
CA LYS G 276 8.87 -17.41 -60.34
C LYS G 276 9.43 -16.31 -59.45
N VAL G 277 8.71 -15.94 -58.41
CA VAL G 277 9.19 -14.92 -57.48
C VAL G 277 9.15 -15.41 -56.04
N VAL G 278 10.31 -15.33 -55.39
CA VAL G 278 10.42 -15.67 -53.98
C VAL G 278 10.74 -14.41 -53.21
N VAL G 279 10.04 -14.23 -52.10
CA VAL G 279 10.25 -13.06 -51.26
C VAL G 279 11.15 -13.42 -50.08
N SER G 280 12.36 -12.91 -50.10
CA SER G 280 13.25 -12.99 -48.96
C SER G 280 13.36 -11.62 -48.28
N SER G 281 14.41 -11.40 -47.52
CA SER G 281 14.55 -10.13 -46.82
C SER G 281 16.00 -9.70 -46.69
N ARG G 282 16.22 -8.40 -46.67
CA ARG G 282 17.55 -7.85 -46.44
C ARG G 282 17.93 -7.82 -44.95
N VAL G 283 17.01 -8.25 -44.09
CA VAL G 283 17.21 -8.24 -42.63
C VAL G 283 17.80 -9.58 -42.16
N VAL G 284 18.82 -9.53 -41.31
CA VAL G 284 19.59 -10.72 -41.00
C VAL G 284 18.79 -11.75 -40.19
N ALA G 285 17.97 -11.28 -39.25
CA ALA G 285 17.18 -12.22 -38.45
C ALA G 285 15.69 -12.08 -38.69
N GLY G 286 14.98 -13.19 -38.53
CA GLY G 286 13.54 -13.18 -38.69
C GLY G 286 12.98 -13.90 -39.91
N CYS G 287 11.67 -13.99 -39.91
CA CYS G 287 10.92 -14.67 -40.93
C CYS G 287 10.19 -13.62 -41.77
N VAL G 288 9.90 -13.98 -43.02
CA VAL G 288 9.23 -13.12 -43.97
C VAL G 288 7.73 -13.39 -43.89
N ALA G 289 6.90 -12.40 -44.20
CA ALA G 289 5.46 -12.65 -44.33
C ALA G 289 4.89 -12.25 -45.69
N VAL G 290 4.24 -13.21 -46.34
CA VAL G 290 3.61 -12.96 -47.63
C VAL G 290 2.10 -13.06 -47.52
N SER G 291 1.39 -11.97 -47.83
CA SER G 291 -0.07 -11.95 -47.67
C SER G 291 -0.75 -13.09 -48.42
N ASP G 292 -1.92 -13.48 -47.94
CA ASP G 292 -2.68 -14.53 -48.60
C ASP G 292 -3.00 -14.15 -50.04
N SER G 293 -3.41 -12.91 -50.25
CA SER G 293 -3.69 -12.45 -51.59
C SER G 293 -2.43 -12.49 -52.47
N ASP G 294 -1.28 -12.12 -51.90
CA ASP G 294 -0.02 -12.15 -52.65
C ASP G 294 0.45 -13.55 -53.02
N GLU G 295 0.23 -14.51 -52.11
CA GLU G 295 0.59 -15.91 -52.39
C GLU G 295 -0.20 -16.47 -53.56
N LYS G 296 -1.50 -16.18 -53.60
CA LYS G 296 -2.35 -16.59 -54.72
C LYS G 296 -1.87 -15.98 -56.04
N LEU G 297 -1.24 -14.81 -55.97
CA LEU G 297 -0.70 -14.13 -57.14
C LEU G 297 0.52 -14.90 -57.63
N GLY G 298 1.10 -15.70 -56.74
CA GLY G 298 2.31 -16.44 -57.09
C GLY G 298 3.53 -16.12 -56.24
N PHE G 299 3.49 -15.04 -55.47
CA PHE G 299 4.59 -14.75 -54.54
C PHE G 299 4.84 -15.89 -53.54
N ILE G 300 6.08 -16.34 -53.46
CA ILE G 300 6.49 -17.41 -52.56
C ILE G 300 7.34 -16.85 -51.40
N SER G 301 7.01 -17.23 -50.17
CA SER G 301 7.73 -16.75 -48.98
C SER G 301 8.95 -17.60 -48.73
N ALA G 302 10.10 -16.96 -48.52
CA ALA G 302 11.33 -17.71 -48.23
C ALA G 302 11.45 -17.97 -46.74
N GLU G 303 10.42 -17.62 -45.97
CA GLU G 303 10.46 -17.86 -44.53
C GLU G 303 11.61 -17.10 -43.89
N ASP G 304 12.59 -17.84 -43.39
CA ASP G 304 13.75 -17.23 -42.74
C ASP G 304 15.02 -17.29 -43.57
N LEU G 305 14.98 -17.92 -44.74
CA LEU G 305 16.18 -18.02 -45.57
C LEU G 305 16.54 -16.68 -46.22
N ASN G 306 17.79 -16.25 -46.07
CA ASN G 306 18.27 -15.01 -46.71
C ASN G 306 18.37 -15.14 -48.23
N PRO G 307 18.56 -14.01 -48.95
CA PRO G 307 18.44 -14.10 -50.42
C PRO G 307 19.29 -15.19 -51.07
N GLN G 308 20.58 -15.22 -50.80
CA GLN G 308 21.46 -16.18 -51.46
C GLN G 308 21.09 -17.60 -51.08
N LYS G 309 20.66 -17.80 -49.85
CA LYS G 309 20.22 -19.14 -49.45
C LYS G 309 18.82 -19.52 -49.97
N ALA G 310 17.96 -18.52 -50.18
CA ALA G 310 16.66 -18.74 -50.81
C ALA G 310 16.89 -19.11 -52.27
N ARG G 311 17.97 -18.61 -52.84
CA ARG G 311 18.27 -18.88 -54.24
C ARG G 311 18.55 -20.36 -54.44
N VAL G 312 19.33 -20.94 -53.53
CA VAL G 312 19.71 -22.34 -53.60
C VAL G 312 18.49 -23.25 -53.63
N LEU G 313 17.55 -22.98 -52.73
CA LEU G 313 16.35 -23.81 -52.61
C LEU G 313 15.44 -23.61 -53.81
N LEU G 314 15.38 -22.38 -54.31
CA LEU G 314 14.54 -22.09 -55.48
C LEU G 314 15.08 -22.75 -56.76
N MSE G 315 16.39 -22.72 -56.98
CA MSE G 315 16.94 -23.42 -58.15
C MSE G 315 16.61 -24.91 -58.04
O MSE G 315 16.14 -25.52 -59.01
CB MSE G 315 18.45 -23.34 -58.23
CG MSE G 315 19.05 -21.96 -58.20
SE MSE G 315 20.98 -22.19 -58.48
CE MSE G 315 21.03 -21.83 -60.37
N LEU G 316 16.87 -25.47 -56.87
CA LEU G 316 16.65 -26.89 -56.68
C LEU G 316 15.18 -27.23 -56.81
N ALA G 317 14.31 -26.37 -56.29
CA ALA G 317 12.88 -26.57 -56.45
C ALA G 317 12.43 -26.59 -57.92
N LEU G 318 13.04 -25.73 -58.74
CA LEU G 318 12.70 -25.65 -60.15
C LEU G 318 13.18 -26.86 -60.97
N THR G 319 13.98 -27.74 -60.37
CA THR G 319 14.34 -28.98 -61.03
C THR G 319 13.21 -30.04 -60.91
N LYS G 320 12.34 -29.87 -59.91
CA LYS G 320 11.28 -30.84 -59.62
C LYS G 320 9.90 -30.32 -60.01
N THR G 321 9.72 -29.01 -60.02
CA THR G 321 8.39 -28.44 -60.23
C THR G 321 8.41 -26.99 -60.67
N SER G 322 7.32 -26.59 -61.31
CA SER G 322 7.15 -25.20 -61.72
C SER G 322 5.96 -24.55 -60.98
N ASP G 323 5.29 -25.33 -60.15
CA ASP G 323 4.08 -24.88 -59.45
C ASP G 323 4.43 -24.06 -58.22
N PRO G 324 4.05 -22.77 -58.19
CA PRO G 324 4.37 -21.91 -57.03
C PRO G 324 3.77 -22.42 -55.73
N LYS G 325 2.65 -23.14 -55.80
CA LYS G 325 2.09 -23.79 -54.62
C LYS G 325 3.01 -24.89 -54.05
N LYS G 326 3.67 -25.64 -54.94
CA LYS G 326 4.60 -26.70 -54.53
C LYS G 326 5.95 -26.17 -54.02
N ILE G 327 6.51 -25.22 -54.74
CA ILE G 327 7.70 -24.53 -54.28
C ILE G 327 7.49 -23.99 -52.87
N GLN G 328 6.33 -23.41 -52.61
CA GLN G 328 6.05 -22.85 -51.29
C GLN G 328 6.12 -23.92 -50.22
N GLU G 329 5.75 -25.15 -50.58
CA GLU G 329 5.80 -26.26 -49.64
C GLU G 329 7.25 -26.64 -49.34
N TYR G 330 8.07 -26.68 -50.38
CA TYR G 330 9.51 -26.85 -50.24
C TYR G 330 10.08 -25.87 -49.20
N PHE G 331 9.72 -24.59 -49.32
CA PHE G 331 10.26 -23.59 -48.40
C PHE G 331 9.77 -23.74 -46.96
N LEU G 332 8.69 -24.48 -46.76
CA LEU G 332 8.22 -24.71 -45.40
C LEU G 332 8.98 -25.84 -44.74
N LYS G 333 9.61 -26.68 -45.53
CA LYS G 333 10.11 -27.96 -45.04
C LYS G 333 11.65 -28.08 -45.02
N TYR G 334 12.31 -27.48 -46.01
CA TYR G 334 13.75 -27.69 -46.20
C TYR G 334 14.61 -26.48 -45.78
N LYS H 8 58.81 9.61 -34.40
CA LYS H 8 58.29 8.32 -33.97
C LYS H 8 58.02 8.32 -32.46
N SER H 9 56.89 7.75 -32.05
CA SER H 9 56.47 7.84 -30.65
C SER H 9 57.05 6.77 -29.73
N ARG H 10 57.02 7.08 -28.43
CA ARG H 10 57.66 6.27 -27.41
C ARG H 10 56.62 5.51 -26.61
N ILE H 11 56.65 4.19 -26.76
CA ILE H 11 55.63 3.34 -26.20
C ILE H 11 56.24 2.34 -25.22
N ALA H 12 55.67 2.30 -24.03
CA ALA H 12 56.08 1.36 -23.00
C ALA H 12 55.08 0.20 -22.93
N ILE H 13 55.59 -1.01 -23.07
CA ILE H 13 54.78 -2.19 -22.92
C ILE H 13 55.08 -2.86 -21.58
N LEU H 14 54.11 -2.78 -20.66
CA LEU H 14 54.25 -3.41 -19.36
C LEU H 14 53.65 -4.82 -19.38
N GLY H 15 54.47 -5.80 -19.04
CA GLY H 15 54.02 -7.18 -18.97
C GLY H 15 53.43 -7.47 -17.61
N THR H 16 52.28 -8.13 -17.61
CA THR H 16 51.57 -8.40 -16.37
C THR H 16 51.37 -9.92 -16.22
N GLY H 17 51.39 -10.64 -17.33
CA GLY H 17 51.26 -12.08 -17.35
C GLY H 17 50.20 -12.57 -18.33
N GLY H 18 49.37 -13.50 -17.88
CA GLY H 18 48.23 -13.96 -18.65
C GLY H 18 48.51 -15.06 -19.66
N THR H 19 47.44 -15.52 -20.29
CA THR H 19 47.53 -16.55 -21.33
C THR H 19 48.41 -16.13 -22.51
N ILE H 20 48.38 -14.84 -22.84
CA ILE H 20 49.23 -14.28 -23.91
C ILE H 20 50.73 -14.61 -23.70
N ALA H 21 51.16 -14.69 -22.44
CA ALA H 21 52.51 -15.13 -22.11
C ALA H 21 52.50 -16.59 -21.68
N GLY H 22 51.44 -17.31 -22.05
CA GLY H 22 51.28 -18.68 -21.62
C GLY H 22 52.12 -19.69 -22.39
N PHE H 23 52.41 -20.81 -21.74
CA PHE H 23 53.14 -21.89 -22.35
C PHE H 23 52.56 -23.27 -22.05
N ILE H 24 52.65 -24.16 -23.03
CA ILE H 24 52.39 -25.58 -22.84
C ILE H 24 53.01 -26.31 -24.03
N ASP H 25 53.54 -27.52 -23.81
CA ASP H 25 54.26 -28.26 -24.86
C ASP H 25 53.36 -28.64 -26.02
N SER H 26 52.16 -29.12 -25.72
CA SER H 26 51.20 -29.46 -26.77
C SER H 26 50.82 -28.20 -27.55
N THR H 27 51.13 -28.23 -28.84
CA THR H 27 50.81 -27.13 -29.74
C THR H 27 49.29 -26.94 -29.93
N ILE H 28 48.56 -28.05 -29.85
CA ILE H 28 47.11 -28.08 -30.01
C ILE H 28 46.33 -27.49 -28.85
N ALA H 29 46.80 -27.76 -27.64
CA ALA H 29 46.03 -27.48 -26.43
C ALA H 29 45.82 -26.00 -26.16
N THR H 30 44.81 -25.69 -25.35
CA THR H 30 44.34 -24.32 -25.21
C THR H 30 43.83 -23.98 -23.81
N THR H 31 43.65 -25.00 -22.97
CA THR H 31 43.07 -24.75 -21.66
C THR H 31 43.92 -25.20 -20.46
N GLY H 32 44.94 -26.02 -20.72
CA GLY H 32 45.80 -26.52 -19.65
C GLY H 32 47.18 -25.89 -19.56
N TYR H 33 47.33 -24.67 -20.06
CA TYR H 33 48.61 -23.98 -20.10
C TYR H 33 48.94 -23.33 -18.76
N ALA H 34 50.20 -22.95 -18.61
CA ALA H 34 50.62 -22.14 -17.46
C ALA H 34 50.81 -20.68 -17.89
N ALA H 35 49.88 -19.82 -17.49
CA ALA H 35 49.91 -18.40 -17.85
C ALA H 35 51.01 -17.63 -17.08
N GLY H 36 51.63 -16.66 -17.76
CA GLY H 36 52.73 -15.91 -17.20
C GLY H 36 54.03 -16.70 -17.15
N ALA H 37 54.35 -17.37 -18.27
CA ALA H 37 55.57 -18.15 -18.37
C ALA H 37 56.60 -17.53 -19.33
N ILE H 38 56.14 -16.66 -20.22
CA ILE H 38 57.00 -16.03 -21.22
C ILE H 38 57.18 -14.55 -20.94
N ASP H 39 58.43 -14.13 -20.70
CA ASP H 39 58.74 -12.73 -20.43
C ASP H 39 58.28 -11.80 -21.55
N ILE H 40 57.85 -10.61 -21.18
CA ILE H 40 57.25 -9.68 -22.13
C ILE H 40 58.16 -9.37 -23.34
N ASP H 41 59.46 -9.26 -23.10
CA ASP H 41 60.42 -9.01 -24.19
C ASP H 41 60.43 -10.09 -25.28
N VAL H 42 60.22 -11.34 -24.89
CA VAL H 42 60.19 -12.44 -25.86
C VAL H 42 59.01 -12.32 -26.83
N LEU H 43 57.85 -11.94 -26.30
CA LEU H 43 56.65 -11.77 -27.10
C LEU H 43 56.78 -10.57 -28.03
N ILE H 44 57.30 -9.47 -27.50
CA ILE H 44 57.55 -8.29 -28.30
C ILE H 44 58.40 -8.64 -29.52
N LYS H 45 59.55 -9.27 -29.30
CA LYS H 45 60.45 -9.61 -30.41
C LYS H 45 59.83 -10.58 -31.41
N ALA H 46 58.88 -11.38 -30.94
CA ALA H 46 58.20 -12.35 -31.81
C ALA H 46 57.36 -11.69 -32.91
N VAL H 47 57.05 -10.41 -32.73
CA VAL H 47 56.29 -9.63 -33.71
C VAL H 47 57.15 -8.47 -34.20
N PRO H 48 58.03 -8.74 -35.18
CA PRO H 48 59.04 -7.79 -35.65
C PRO H 48 58.45 -6.45 -36.10
N GLN H 49 57.36 -6.52 -36.88
CA GLN H 49 56.72 -5.33 -37.44
C GLN H 49 56.31 -4.31 -36.39
N ILE H 50 56.40 -4.70 -35.12
CA ILE H 50 56.03 -3.85 -33.99
C ILE H 50 56.98 -2.68 -33.79
N ARG H 51 58.29 -2.94 -33.86
CA ARG H 51 59.27 -1.87 -33.64
C ARG H 51 59.32 -0.86 -34.79
N ASP H 52 58.58 -1.14 -35.86
CA ASP H 52 58.50 -0.19 -36.97
C ASP H 52 57.38 0.81 -36.71
N LEU H 53 56.50 0.49 -35.77
CA LEU H 53 55.39 1.39 -35.45
C LEU H 53 55.82 2.43 -34.41
N ALA H 54 56.81 2.08 -33.59
CA ALA H 54 57.20 2.91 -32.47
C ALA H 54 58.55 2.50 -31.90
N ASP H 55 59.14 3.37 -31.07
CA ASP H 55 60.30 2.98 -30.28
C ASP H 55 59.83 2.38 -28.97
N ILE H 56 60.01 1.07 -28.83
CA ILE H 56 59.43 0.32 -27.74
C ILE H 56 60.35 0.11 -26.55
N SER H 57 59.84 0.38 -25.35
CA SER H 57 60.51 -0.03 -24.12
C SER H 57 59.57 -0.96 -23.36
N TRP H 58 60.12 -1.84 -22.54
CA TRP H 58 59.32 -2.85 -21.89
C TRP H 58 59.77 -3.10 -20.46
N GLU H 59 58.83 -3.57 -19.64
CA GLU H 59 59.09 -3.87 -18.23
C GLU H 59 58.14 -4.95 -17.75
N GLN H 60 58.69 -5.99 -17.14
CA GLN H 60 57.87 -7.05 -16.57
C GLN H 60 57.43 -6.63 -15.17
N ILE H 61 56.22 -6.07 -15.08
CA ILE H 61 55.65 -5.70 -13.79
C ILE H 61 55.25 -6.91 -12.93
N ALA H 62 54.71 -7.94 -13.59
CA ALA H 62 54.49 -9.22 -12.95
C ALA H 62 54.33 -10.29 -14.01
N ASN H 63 54.25 -11.55 -13.57
CA ASN H 63 53.94 -12.62 -14.50
C ASN H 63 52.97 -13.65 -13.89
N ILE H 64 51.72 -13.26 -13.72
CA ILE H 64 50.76 -14.11 -13.03
C ILE H 64 49.52 -14.41 -13.84
N ASP H 65 48.78 -15.41 -13.40
CA ASP H 65 47.43 -15.64 -13.87
C ASP H 65 46.62 -14.45 -13.39
N SER H 66 45.75 -13.91 -14.24
CA SER H 66 44.99 -12.72 -13.84
C SER H 66 43.80 -13.06 -12.93
N SER H 67 43.41 -14.32 -12.92
CA SER H 67 42.46 -14.77 -11.90
C SER H 67 43.07 -14.61 -10.50
N ASN H 68 44.39 -14.55 -10.41
CA ASN H 68 45.04 -14.31 -9.12
C ASN H 68 45.35 -12.83 -8.87
N MSE H 69 44.80 -11.96 -9.70
CA MSE H 69 45.01 -10.51 -9.56
C MSE H 69 44.81 -10.02 -8.11
O MSE H 69 44.10 -10.64 -7.33
CB MSE H 69 44.09 -9.77 -10.54
CG MSE H 69 44.41 -8.29 -10.74
SE MSE H 69 46.24 -7.89 -11.33
CE MSE H 69 46.41 -9.13 -12.81
N CYS H 70 45.43 -8.89 -7.78
CA CYS H 70 45.38 -8.35 -6.41
C CYS H 70 45.59 -6.84 -6.39
N ASP H 71 44.90 -6.16 -5.46
CA ASP H 71 45.07 -4.74 -5.24
C ASP H 71 46.50 -4.23 -5.41
N GLU H 72 47.47 -4.97 -4.87
CA GLU H 72 48.85 -4.48 -4.84
C GLU H 72 49.42 -4.23 -6.24
N ILE H 73 49.04 -5.07 -7.20
CA ILE H 73 49.47 -4.95 -8.58
C ILE H 73 48.79 -3.75 -9.26
N TRP H 74 47.51 -3.55 -8.99
CA TRP H 74 46.82 -2.35 -9.44
C TRP H 74 47.50 -1.05 -8.99
N LEU H 75 47.86 -0.97 -7.72
CA LEU H 75 48.49 0.23 -7.18
C LEU H 75 49.84 0.45 -7.87
N ARG H 76 50.62 -0.61 -7.92
CA ARG H 76 51.93 -0.57 -8.55
C ARG H 76 51.80 -0.11 -10.00
N LEU H 77 50.85 -0.70 -10.74
CA LEU H 77 50.61 -0.37 -12.15
C LEU H 77 50.20 1.09 -12.34
N ALA H 78 49.37 1.62 -11.46
CA ALA H 78 48.94 3.00 -11.62
C ALA H 78 50.12 3.94 -11.42
N LYS H 79 50.90 3.69 -10.38
CA LYS H 79 52.05 4.54 -10.07
C LYS H 79 53.09 4.51 -11.20
N LYS H 80 53.32 3.33 -11.74
CA LYS H 80 54.29 3.14 -12.81
C LYS H 80 53.92 3.92 -14.05
N ILE H 81 52.64 3.85 -14.41
CA ILE H 81 52.14 4.54 -15.60
C ILE H 81 52.24 6.06 -15.43
N ALA H 82 51.87 6.56 -14.26
CA ALA H 82 51.95 7.99 -14.03
C ALA H 82 53.40 8.47 -14.13
N LYS H 83 54.34 7.66 -13.67
CA LYS H 83 55.76 8.03 -13.79
C LYS H 83 56.25 8.00 -15.24
N LEU H 84 55.89 6.94 -15.97
CA LEU H 84 56.29 6.83 -17.36
C LEU H 84 55.80 8.03 -18.18
N PHE H 85 54.53 8.39 -17.97
CA PHE H 85 53.95 9.54 -18.66
C PHE H 85 54.60 10.87 -18.26
N ALA H 86 55.25 10.90 -17.11
CA ALA H 86 55.99 12.07 -16.65
C ALA H 86 57.40 12.08 -17.24
N GLU H 87 57.89 10.89 -17.59
CA GLU H 87 59.19 10.76 -18.25
C GLU H 87 59.06 10.85 -19.77
N GLY H 88 57.91 11.33 -20.24
CA GLY H 88 57.71 11.58 -21.66
C GLY H 88 57.32 10.40 -22.52
N ILE H 89 56.89 9.30 -21.89
CA ILE H 89 56.31 8.19 -22.63
C ILE H 89 55.01 8.67 -23.28
N ASP H 90 54.75 8.25 -24.51
CA ASP H 90 53.59 8.76 -25.25
C ASP H 90 52.34 7.88 -25.08
N GLY H 91 52.54 6.63 -24.70
CA GLY H 91 51.45 5.69 -24.57
C GLY H 91 51.92 4.40 -23.92
N VAL H 92 50.97 3.70 -23.30
CA VAL H 92 51.29 2.48 -22.60
C VAL H 92 50.40 1.35 -23.10
N VAL H 93 51.02 0.20 -23.38
CA VAL H 93 50.29 -1.04 -23.64
C VAL H 93 50.57 -1.99 -22.49
N ILE H 94 49.52 -2.64 -21.99
CA ILE H 94 49.64 -3.57 -20.86
C ILE H 94 49.15 -4.92 -21.33
N THR H 95 50.03 -5.92 -21.31
CA THR H 95 49.63 -7.30 -21.58
C THR H 95 49.15 -7.93 -20.28
N HIS H 96 47.98 -8.55 -20.33
CA HIS H 96 47.25 -8.92 -19.13
C HIS H 96 46.46 -10.20 -19.41
N GLY H 97 46.17 -10.97 -18.38
CA GLY H 97 45.31 -12.11 -18.55
C GLY H 97 43.92 -11.60 -18.88
N THR H 98 43.09 -12.43 -19.52
CA THR H 98 41.75 -11.99 -19.86
C THR H 98 40.75 -12.11 -18.71
N ASP H 99 41.01 -13.01 -17.76
CA ASP H 99 40.07 -13.30 -16.66
C ASP H 99 39.56 -12.05 -15.94
N THR H 100 40.48 -11.18 -15.54
CA THR H 100 40.08 -9.98 -14.80
C THR H 100 40.46 -8.65 -15.49
N MSE H 101 40.75 -8.72 -16.78
CA MSE H 101 41.17 -7.54 -17.52
C MSE H 101 40.17 -6.39 -17.38
O MSE H 101 40.55 -5.23 -17.25
CB MSE H 101 41.39 -7.91 -18.98
CG MSE H 101 42.15 -6.87 -19.79
SE MSE H 101 42.46 -7.53 -21.61
CE MSE H 101 42.57 -5.84 -22.52
N GLU H 102 38.88 -6.73 -17.40
CA GLU H 102 37.86 -5.70 -17.26
C GLU H 102 37.95 -4.96 -15.94
N GLU H 103 38.44 -5.65 -14.90
CA GLU H 103 38.63 -5.02 -13.59
C GLU H 103 39.85 -4.10 -13.58
N THR H 104 40.99 -4.59 -14.03
CA THR H 104 42.19 -3.76 -14.13
C THR H 104 41.96 -2.53 -15.01
N ALA H 105 41.40 -2.74 -16.19
CA ALA H 105 41.15 -1.65 -17.12
C ALA H 105 40.33 -0.54 -16.49
N TYR H 106 39.30 -0.93 -15.74
CA TYR H 106 38.41 0.05 -15.15
C TYR H 106 39.08 0.74 -13.97
N PHE H 107 39.91 0.02 -13.21
CA PHE H 107 40.66 0.64 -12.13
C PHE H 107 41.54 1.74 -12.70
N LEU H 108 42.31 1.42 -13.73
CA LEU H 108 43.18 2.38 -14.38
C LEU H 108 42.42 3.55 -15.02
N ASN H 109 41.21 3.29 -15.52
CA ASN H 109 40.40 4.35 -16.11
C ASN H 109 40.05 5.45 -15.10
N LEU H 110 40.00 5.08 -13.82
CA LEU H 110 39.55 6.00 -12.79
C LEU H 110 40.72 6.57 -11.99
N THR H 111 41.94 6.08 -12.25
CA THR H 111 43.08 6.41 -11.41
C THR H 111 44.30 6.99 -12.14
N ILE H 112 44.24 7.06 -13.45
CA ILE H 112 45.35 7.58 -14.23
C ILE H 112 45.03 9.00 -14.76
N LYS H 113 45.77 9.99 -14.26
CA LYS H 113 45.45 11.39 -14.53
C LYS H 113 45.91 11.92 -15.89
N SER H 114 46.26 11.04 -16.81
CA SER H 114 46.74 11.45 -18.12
C SER H 114 45.73 11.20 -19.23
N ASP H 115 45.86 11.94 -20.33
CA ASP H 115 45.01 11.74 -21.48
C ASP H 115 45.72 10.89 -22.53
N LYS H 116 46.93 10.45 -22.22
CA LYS H 116 47.67 9.60 -23.14
C LYS H 116 47.08 8.20 -23.18
N PRO H 117 47.08 7.57 -24.38
CA PRO H 117 46.45 6.26 -24.56
C PRO H 117 47.04 5.17 -23.68
N VAL H 118 46.16 4.52 -22.92
CA VAL H 118 46.52 3.32 -22.16
C VAL H 118 45.64 2.16 -22.66
N VAL H 119 46.30 1.17 -23.26
CA VAL H 119 45.62 0.04 -23.93
C VAL H 119 46.00 -1.29 -23.30
N LEU H 120 45.01 -1.97 -22.72
CA LEU H 120 45.21 -3.33 -22.23
C LEU H 120 44.95 -4.30 -23.36
N VAL H 121 45.68 -5.41 -23.36
CA VAL H 121 45.57 -6.42 -24.40
C VAL H 121 45.94 -7.78 -23.86
N GLY H 122 45.22 -8.81 -24.31
CA GLY H 122 45.57 -10.18 -23.99
C GLY H 122 45.31 -11.15 -25.13
N ALA H 123 45.33 -12.43 -24.82
CA ALA H 123 45.00 -13.46 -25.79
C ALA H 123 44.19 -14.57 -25.12
N MSE H 124 43.43 -15.32 -25.89
CA MSE H 124 42.62 -16.39 -25.34
C MSE H 124 43.32 -17.74 -25.52
O MSE H 124 42.93 -18.74 -24.91
CB MSE H 124 41.23 -16.40 -26.00
CG MSE H 124 40.40 -15.20 -25.60
SE MSE H 124 39.92 -15.33 -23.69
CE MSE H 124 38.55 -16.72 -23.82
N ARG H 125 44.32 -17.76 -26.39
CA ARG H 125 45.10 -18.98 -26.61
C ARG H 125 46.54 -18.76 -26.16
N PRO H 126 47.15 -19.80 -25.60
CA PRO H 126 48.51 -19.64 -25.10
C PRO H 126 49.46 -19.42 -26.29
N SER H 127 50.60 -18.76 -26.05
CA SER H 127 51.46 -18.28 -27.13
C SER H 127 52.09 -19.40 -27.98
N THR H 128 51.98 -20.63 -27.49
CA THR H 128 52.53 -21.79 -28.18
C THR H 128 51.48 -22.53 -29.02
N ALA H 129 50.21 -22.17 -28.85
CA ALA H 129 49.13 -22.87 -29.58
C ALA H 129 49.14 -22.54 -31.08
N ILE H 130 48.70 -23.47 -31.91
CA ILE H 130 48.55 -23.14 -33.32
C ILE H 130 47.41 -22.13 -33.47
N SER H 131 47.56 -21.22 -34.43
CA SER H 131 46.64 -20.12 -34.58
C SER H 131 46.53 -19.29 -33.29
N ALA H 132 47.61 -19.21 -32.52
CA ALA H 132 47.65 -18.32 -31.34
C ALA H 132 47.27 -16.88 -31.72
N ASP H 133 46.36 -16.28 -30.95
CA ASP H 133 45.81 -14.97 -31.28
C ASP H 133 46.67 -13.82 -30.74
N GLY H 134 47.55 -14.11 -29.81
CA GLY H 134 48.31 -13.09 -29.11
C GLY H 134 49.10 -12.10 -29.95
N PRO H 135 49.94 -12.63 -30.83
CA PRO H 135 50.80 -11.78 -31.67
C PRO H 135 50.00 -10.70 -32.40
N LYS H 136 48.91 -11.08 -33.03
CA LYS H 136 48.11 -10.12 -33.79
C LYS H 136 47.51 -9.08 -32.84
N ASN H 137 46.98 -9.55 -31.72
CA ASN H 137 46.44 -8.68 -30.70
C ASN H 137 47.48 -7.66 -30.22
N LEU H 138 48.69 -8.15 -29.98
CA LEU H 138 49.77 -7.28 -29.52
C LEU H 138 50.12 -6.25 -30.59
N TYR H 139 50.23 -6.67 -31.85
CA TYR H 139 50.45 -5.73 -32.97
C TYR H 139 49.38 -4.63 -33.00
N ASN H 140 48.12 -5.04 -33.01
CA ASN H 140 46.99 -4.11 -33.05
C ASN H 140 46.93 -3.11 -31.88
N ALA H 141 47.47 -3.52 -30.75
CA ALA H 141 47.45 -2.72 -29.53
C ALA H 141 48.51 -1.63 -29.61
N VAL H 142 49.63 -1.95 -30.22
CA VAL H 142 50.67 -0.94 -30.43
C VAL H 142 50.21 -0.02 -31.54
N ALA H 143 49.66 -0.60 -32.60
CA ALA H 143 49.03 0.20 -33.65
C ALA H 143 48.08 1.24 -33.05
N LEU H 144 47.19 0.79 -32.18
CA LEU H 144 46.19 1.66 -31.58
C LEU H 144 46.81 2.73 -30.70
N VAL H 145 47.80 2.36 -29.88
CA VAL H 145 48.33 3.27 -28.90
C VAL H 145 49.17 4.39 -29.57
N VAL H 146 49.58 4.16 -30.80
CA VAL H 146 50.38 5.11 -31.55
C VAL H 146 49.51 6.04 -32.42
N ASN H 147 48.23 5.72 -32.53
CA ASN H 147 47.32 6.43 -33.41
C ASN H 147 47.04 7.85 -32.94
N LYS H 148 47.08 8.80 -33.88
CA LYS H 148 46.84 10.20 -33.60
C LYS H 148 45.53 10.46 -32.89
N GLU H 149 44.54 9.61 -33.16
N GLU H 149 44.54 9.60 -33.16
CA GLU H 149 43.18 9.80 -32.62
CA GLU H 149 43.21 9.81 -32.62
C GLU H 149 42.97 9.11 -31.27
C GLU H 149 42.98 9.13 -31.27
N ALA H 150 44.01 8.48 -30.74
CA ALA H 150 43.85 7.72 -29.50
C ALA H 150 43.94 8.56 -28.24
N LYS H 151 44.17 9.87 -28.38
CA LYS H 151 44.26 10.72 -27.19
C LYS H 151 42.91 10.93 -26.54
N ASN H 152 42.90 10.98 -25.22
CA ASN H 152 41.70 11.34 -24.47
C ASN H 152 40.49 10.49 -24.83
N LYS H 153 40.69 9.18 -24.89
CA LYS H 153 39.61 8.26 -25.18
C LYS H 153 39.18 7.45 -23.95
N GLY H 154 39.89 7.65 -22.84
CA GLY H 154 39.74 6.82 -21.67
C GLY H 154 40.57 5.56 -21.83
N VAL H 155 40.78 4.82 -20.73
CA VAL H 155 41.53 3.58 -20.82
C VAL H 155 40.81 2.58 -21.76
N MSE H 156 41.57 1.84 -22.56
CA MSE H 156 40.96 0.99 -23.57
C MSE H 156 41.37 -0.48 -23.48
O MSE H 156 42.41 -0.82 -22.93
CB MSE H 156 41.23 1.52 -24.97
CG MSE H 156 40.59 2.89 -25.25
SE MSE H 156 41.17 3.70 -26.96
CE MSE H 156 43.00 4.14 -26.38
N VAL H 157 40.52 -1.33 -24.03
CA VAL H 157 40.81 -2.75 -24.24
C VAL H 157 40.78 -3.05 -25.75
N ALA H 158 41.80 -3.74 -26.24
CA ALA H 158 41.86 -4.07 -27.65
C ALA H 158 42.22 -5.53 -27.83
N ILE H 159 41.28 -6.32 -28.30
CA ILE H 159 41.47 -7.77 -28.51
C ILE H 159 40.62 -8.10 -29.69
N ASN H 160 41.04 -9.08 -30.48
CA ASN H 160 40.22 -9.55 -31.58
C ASN H 160 39.73 -8.44 -32.51
N ASP H 161 40.58 -7.43 -32.69
CA ASP H 161 40.33 -6.35 -33.63
C ASP H 161 39.31 -5.33 -33.13
N LYS H 162 38.88 -5.46 -31.88
CA LYS H 162 37.87 -4.53 -31.37
C LYS H 162 38.47 -3.56 -30.38
N ILE H 163 37.95 -2.33 -30.38
CA ILE H 163 38.37 -1.32 -29.42
C ILE H 163 37.24 -1.02 -28.44
N LEU H 164 37.46 -1.34 -27.15
CA LEU H 164 36.38 -1.23 -26.18
C LEU H 164 36.82 -0.32 -25.04
N SER H 165 35.85 0.37 -24.45
CA SER H 165 36.12 1.28 -23.36
C SER H 165 36.14 0.53 -22.01
N ALA H 166 37.07 0.94 -21.15
CA ALA H 166 37.21 0.37 -19.82
C ALA H 166 35.86 0.40 -19.11
N ARG H 167 35.12 1.46 -19.29
CA ARG H 167 33.83 1.62 -18.64
C ARG H 167 32.80 0.62 -19.16
N GLY H 168 32.92 0.23 -20.43
CA GLY H 168 31.96 -0.70 -20.98
C GLY H 168 32.41 -2.16 -21.13
N VAL H 169 33.70 -2.43 -20.98
CA VAL H 169 34.20 -3.75 -21.37
C VAL H 169 33.83 -4.85 -20.38
N VAL H 170 33.55 -6.04 -20.91
CA VAL H 170 33.13 -7.18 -20.11
C VAL H 170 33.56 -8.44 -20.86
N LYS H 171 34.15 -9.39 -20.15
CA LYS H 171 34.42 -10.67 -20.78
C LYS H 171 33.09 -11.41 -20.90
N THR H 172 32.71 -11.76 -22.13
CA THR H 172 31.42 -12.41 -22.36
C THR H 172 31.50 -13.80 -23.04
N HIS H 173 32.71 -14.30 -23.27
CA HIS H 173 32.88 -15.70 -23.65
C HIS H 173 34.10 -16.29 -22.94
N SER H 174 33.96 -17.48 -22.37
CA SER H 174 35.03 -18.09 -21.59
C SER H 174 36.12 -18.78 -22.43
N LEU H 175 35.85 -19.02 -23.71
CA LEU H 175 36.75 -19.83 -24.52
C LEU H 175 37.16 -19.22 -25.85
N ASN H 176 36.22 -18.56 -26.50
CA ASN H 176 36.42 -18.07 -27.87
C ASN H 176 37.37 -16.87 -27.98
N VAL H 177 38.17 -16.83 -29.03
CA VAL H 177 39.04 -15.68 -29.24
C VAL H 177 38.23 -14.41 -29.25
N ASP H 178 36.95 -14.49 -29.64
CA ASP H 178 36.05 -13.33 -29.57
C ASP H 178 35.41 -13.29 -28.18
N ALA H 179 36.16 -12.84 -27.21
CA ALA H 179 35.81 -13.08 -25.82
C ALA H 179 35.23 -11.83 -25.14
N PHE H 180 35.41 -10.67 -25.75
CA PHE H 180 35.05 -9.42 -25.12
C PHE H 180 34.04 -8.60 -25.91
N SER H 181 33.17 -7.91 -25.18
CA SER H 181 32.28 -6.95 -25.79
C SER H 181 31.89 -5.86 -24.79
N SER H 182 30.96 -4.99 -25.17
CA SER H 182 30.41 -4.01 -24.25
C SER H 182 28.92 -4.13 -24.28
N PRO H 183 28.37 -4.92 -23.36
CA PRO H 183 26.96 -5.31 -23.49
C PRO H 183 26.07 -4.09 -23.53
N ASP H 184 26.49 -3.00 -22.89
CA ASP H 184 25.64 -1.82 -22.85
C ASP H 184 26.10 -0.65 -23.71
N PHE H 185 27.41 -0.41 -23.74
CA PHE H 185 27.98 0.72 -24.48
C PHE H 185 28.32 0.37 -25.92
N GLY H 186 28.71 -0.88 -26.15
CA GLY H 186 29.17 -1.28 -27.46
C GLY H 186 30.45 -0.54 -27.89
N ASP H 187 31.15 -1.14 -28.83
CA ASP H 187 32.51 -0.76 -29.20
C ASP H 187 32.84 0.73 -29.43
N LEU H 188 34.04 1.13 -29.04
CA LEU H 188 34.60 2.41 -29.45
C LEU H 188 34.98 2.40 -30.94
N GLY H 189 35.54 1.29 -31.43
CA GLY H 189 36.03 1.21 -32.79
C GLY H 189 36.53 -0.17 -33.19
N TYR H 190 37.25 -0.21 -34.31
CA TYR H 190 37.71 -1.46 -34.88
C TYR H 190 39.12 -1.26 -35.40
N ILE H 191 39.87 -2.35 -35.56
CA ILE H 191 41.17 -2.29 -36.22
C ILE H 191 41.25 -3.26 -37.39
N VAL H 192 41.56 -2.73 -38.57
CA VAL H 192 41.76 -3.54 -39.76
C VAL H 192 43.22 -3.42 -40.23
N ASP H 193 44.03 -4.43 -39.94
CA ASP H 193 45.44 -4.45 -40.37
C ASP H 193 46.28 -3.23 -39.96
N GLY H 194 46.34 -2.94 -38.66
CA GLY H 194 47.09 -1.81 -38.16
C GLY H 194 46.34 -0.48 -38.26
N LYS H 195 45.34 -0.44 -39.13
CA LYS H 195 44.60 0.79 -39.36
C LYS H 195 43.45 0.92 -38.37
N VAL H 196 43.39 2.07 -37.70
CA VAL H 196 42.46 2.30 -36.60
C VAL H 196 41.22 3.11 -37.00
N PHE H 197 40.04 2.62 -36.62
CA PHE H 197 38.78 3.31 -36.92
C PHE H 197 37.92 3.52 -35.67
N PHE H 198 37.69 4.77 -35.30
CA PHE H 198 36.87 5.08 -34.13
C PHE H 198 35.46 5.44 -34.55
N TYR H 199 34.48 4.85 -33.89
CA TYR H 199 33.08 5.23 -34.09
C TYR H 199 32.53 6.14 -33.00
N ASN H 200 32.91 5.87 -31.75
CA ASN H 200 32.33 6.57 -30.60
C ASN H 200 33.33 7.23 -29.67
N ASN H 201 32.87 8.27 -28.97
CA ASN H 201 33.52 8.69 -27.75
C ASN H 201 32.62 8.31 -26.60
N VAL H 202 33.17 7.62 -25.61
CA VAL H 202 32.41 7.31 -24.39
C VAL H 202 32.16 8.62 -23.65
N ILE H 203 31.01 8.73 -23.00
CA ILE H 203 30.63 9.96 -22.34
C ILE H 203 31.04 10.00 -20.88
N LYS H 204 31.05 8.84 -20.21
CA LYS H 204 31.39 8.80 -18.79
C LYS H 204 32.74 9.45 -18.51
N ALA H 205 32.78 10.30 -17.50
CA ALA H 205 34.01 10.99 -17.12
C ALA H 205 35.07 9.94 -16.74
N HIS H 206 36.32 10.22 -17.06
CA HIS H 206 37.37 9.26 -16.85
C HIS H 206 38.72 9.97 -16.71
N THR H 207 39.73 9.21 -16.29
CA THR H 207 41.11 9.69 -16.20
C THR H 207 41.27 11.06 -15.50
N LYS H 208 41.70 12.07 -16.26
CA LYS H 208 41.92 13.39 -15.66
C LYS H 208 40.69 13.89 -14.93
N ASN H 209 39.51 13.41 -15.35
CA ASN H 209 38.28 13.94 -14.79
C ASN H 209 37.61 13.11 -13.73
N ALA H 210 38.28 12.07 -13.26
CA ALA H 210 37.78 11.29 -12.14
C ALA H 210 38.60 11.70 -10.93
N PRO H 211 37.95 11.81 -9.77
CA PRO H 211 38.56 12.37 -8.55
C PRO H 211 39.32 11.36 -7.69
N PHE H 212 39.94 10.35 -8.27
CA PHE H 212 40.58 9.31 -7.48
C PHE H 212 42.11 9.36 -7.53
N ASP H 213 42.73 9.52 -6.37
CA ASP H 213 44.17 9.66 -6.30
C ASP H 213 44.74 8.52 -5.49
N VAL H 214 45.41 7.57 -6.15
CA VAL H 214 45.94 6.42 -5.43
C VAL H 214 47.45 6.49 -5.20
N SER H 215 48.07 7.59 -5.64
CA SER H 215 49.52 7.77 -5.56
C SER H 215 50.14 7.57 -4.18
N LYS H 216 49.41 7.92 -3.13
CA LYS H 216 49.91 7.78 -1.76
C LYS H 216 49.31 6.63 -0.95
N LEU H 217 48.53 5.76 -1.59
CA LEU H 217 47.94 4.62 -0.88
C LEU H 217 48.79 3.36 -1.02
N THR H 218 48.72 2.48 -0.04
CA THR H 218 49.39 1.20 -0.14
C THR H 218 48.39 0.06 0.02
N SER H 219 47.12 0.44 0.22
CA SER H 219 46.03 -0.53 0.38
C SER H 219 44.73 0.10 -0.05
N LEU H 220 43.77 -0.72 -0.45
CA LEU H 220 42.42 -0.25 -0.76
C LEU H 220 41.41 -0.86 0.20
N PRO H 221 40.28 -0.18 0.41
CA PRO H 221 39.26 -0.68 1.33
C PRO H 221 38.75 -2.09 0.96
N LYS H 222 38.33 -2.85 1.95
CA LYS H 222 37.88 -4.21 1.71
C LYS H 222 36.48 -4.25 1.12
N VAL H 223 36.39 -4.65 -0.15
CA VAL H 223 35.11 -4.85 -0.83
C VAL H 223 34.99 -6.25 -1.38
N ASP H 224 33.94 -6.94 -0.97
CA ASP H 224 33.70 -8.31 -1.40
C ASP H 224 32.39 -8.45 -2.19
N ILE H 225 32.16 -9.62 -2.79
CA ILE H 225 30.99 -9.82 -3.67
C ILE H 225 30.16 -11.03 -3.27
N LEU H 226 28.84 -10.87 -3.30
CA LEU H 226 27.93 -11.97 -3.04
C LEU H 226 26.91 -12.02 -4.15
N TYR H 227 26.17 -13.11 -4.20
CA TYR H 227 25.35 -13.45 -5.35
C TYR H 227 23.96 -13.64 -4.78
N SER H 228 22.93 -13.49 -5.60
CA SER H 228 21.61 -13.89 -5.12
C SER H 228 20.96 -14.92 -6.04
N TYR H 229 20.14 -15.77 -5.47
CA TYR H 229 19.51 -16.83 -6.23
C TYR H 229 18.36 -17.39 -5.43
N SER H 230 17.62 -18.31 -6.04
CA SER H 230 16.51 -18.97 -5.39
C SER H 230 16.96 -19.63 -4.08
N ASN H 231 16.19 -19.43 -3.01
CA ASN H 231 16.49 -20.01 -1.72
C ASN H 231 17.85 -19.51 -1.18
N ASP H 232 18.17 -18.28 -1.54
CA ASP H 232 19.45 -17.64 -1.21
C ASP H 232 19.86 -17.90 0.24
N GLY H 233 21.09 -18.35 0.45
CA GLY H 233 21.59 -18.52 1.81
C GLY H 233 22.71 -17.54 2.15
N SER H 234 22.86 -16.48 1.36
CA SER H 234 24.03 -15.63 1.50
C SER H 234 24.07 -14.81 2.77
N GLY H 235 22.91 -14.62 3.40
CA GLY H 235 22.83 -13.91 4.66
C GLY H 235 23.98 -14.29 5.58
N VAL H 236 24.18 -15.60 5.70
CA VAL H 236 25.24 -16.16 6.52
C VAL H 236 26.61 -15.67 6.08
N ALA H 237 26.82 -15.65 4.76
CA ALA H 237 28.08 -15.21 4.19
C ALA H 237 28.33 -13.71 4.46
N ALA H 238 27.26 -12.92 4.37
CA ALA H 238 27.36 -11.50 4.61
C ALA H 238 27.80 -11.17 6.05
N LYS H 239 27.25 -11.86 7.05
CA LYS H 239 27.63 -11.60 8.43
C LYS H 239 29.11 -11.87 8.65
N ALA H 240 29.56 -13.01 8.13
CA ALA H 240 30.94 -13.39 8.31
C ALA H 240 31.90 -12.39 7.67
N LEU H 241 31.61 -11.93 6.46
CA LEU H 241 32.50 -10.96 5.82
C LEU H 241 32.62 -9.72 6.68
N PHE H 242 31.47 -9.14 7.01
CA PHE H 242 31.44 -7.97 7.88
C PHE H 242 32.28 -8.20 9.15
N GLU H 243 32.12 -9.34 9.80
CA GLU H 243 32.83 -9.61 11.05
C GLU H 243 34.33 -9.78 10.85
N HIS H 244 34.75 -9.99 9.61
CA HIS H 244 36.17 -10.16 9.33
C HIS H 244 36.73 -8.93 8.63
N GLY H 245 35.96 -7.84 8.71
CA GLY H 245 36.44 -6.54 8.29
C GLY H 245 36.06 -6.06 6.90
N THR H 246 35.14 -6.76 6.24
CA THR H 246 34.75 -6.33 4.91
C THR H 246 34.03 -5.01 5.08
N LYS H 247 34.45 -3.98 4.35
CA LYS H 247 33.87 -2.64 4.47
C LYS H 247 32.71 -2.44 3.52
N GLY H 248 32.74 -3.16 2.39
CA GLY H 248 31.71 -3.03 1.39
C GLY H 248 31.38 -4.35 0.72
N ILE H 249 30.09 -4.56 0.45
CA ILE H 249 29.62 -5.73 -0.27
C ILE H 249 28.83 -5.31 -1.50
N VAL H 250 29.23 -5.79 -2.66
CA VAL H 250 28.42 -5.69 -3.87
C VAL H 250 27.61 -6.96 -4.05
N VAL H 251 26.31 -6.79 -4.25
CA VAL H 251 25.45 -7.93 -4.55
C VAL H 251 25.12 -8.05 -6.04
N ALA H 252 25.41 -9.23 -6.59
CA ALA H 252 24.98 -9.58 -7.94
C ALA H 252 23.55 -10.00 -7.86
N GLY H 253 22.66 -9.03 -7.86
CA GLY H 253 21.24 -9.32 -7.78
C GLY H 253 20.68 -10.11 -8.96
N SER H 254 19.56 -10.75 -8.68
CA SER H 254 18.66 -11.35 -9.64
C SER H 254 18.00 -10.24 -10.51
N GLY H 255 17.84 -10.49 -11.80
CA GLY H 255 17.27 -9.47 -12.67
C GLY H 255 17.85 -8.07 -12.51
N ALA H 256 17.00 -7.06 -12.38
CA ALA H 256 17.46 -5.68 -12.20
C ALA H 256 17.82 -5.31 -10.74
N GLY H 257 18.56 -6.18 -10.06
CA GLY H 257 19.07 -5.86 -8.74
C GLY H 257 18.12 -6.26 -7.62
N SER H 258 17.48 -7.41 -7.79
CA SER H 258 16.64 -7.98 -6.75
C SER H 258 17.50 -8.86 -5.88
N ILE H 259 17.25 -8.78 -4.57
CA ILE H 259 18.06 -9.50 -3.62
C ILE H 259 17.09 -10.31 -2.80
N HIS H 260 17.21 -11.64 -2.85
CA HIS H 260 16.31 -12.53 -2.13
C HIS H 260 16.17 -12.07 -0.70
N LYS H 261 14.97 -12.17 -0.15
CA LYS H 261 14.69 -11.68 1.21
C LYS H 261 15.65 -12.23 2.26
N ASN H 262 16.09 -13.48 2.11
CA ASN H 262 16.94 -14.07 3.12
C ASN H 262 18.23 -13.27 3.26
N GLN H 263 18.87 -12.95 2.14
CA GLN H 263 20.08 -12.14 2.17
C GLN H 263 19.75 -10.68 2.51
N LYS H 264 18.74 -10.14 1.85
CA LYS H 264 18.38 -8.73 1.99
C LYS H 264 18.08 -8.31 3.42
N ASP H 265 17.35 -9.15 4.15
CA ASP H 265 17.05 -8.85 5.55
C ASP H 265 18.33 -8.62 6.31
N VAL H 266 19.31 -9.48 6.04
CA VAL H 266 20.57 -9.43 6.76
C VAL H 266 21.39 -8.23 6.33
N LEU H 267 21.35 -7.90 5.04
CA LEU H 267 22.06 -6.72 4.56
C LEU H 267 21.52 -5.45 5.21
N LYS H 268 20.22 -5.45 5.53
CA LYS H 268 19.58 -4.27 6.11
C LYS H 268 20.11 -4.02 7.51
N GLU H 269 20.31 -5.09 8.27
CA GLU H 269 20.88 -4.99 9.62
C GLU H 269 22.36 -4.61 9.60
N LEU H 270 23.06 -4.98 8.54
CA LEU H 270 24.47 -4.62 8.40
C LEU H 270 24.54 -3.18 7.99
N LEU H 271 23.67 -2.77 7.06
CA LEU H 271 23.60 -1.38 6.64
C LEU H 271 23.56 -0.50 7.87
N LYS H 272 22.74 -0.91 8.82
CA LYS H 272 22.54 -0.14 10.03
C LYS H 272 23.80 -0.11 10.88
N LYS H 273 24.77 -0.96 10.57
CA LYS H 273 26.00 -1.03 11.34
C LYS H 273 27.22 -0.48 10.62
N GLY H 274 27.04 0.16 9.48
CA GLY H 274 28.17 0.79 8.83
C GLY H 274 28.61 0.17 7.52
N LEU H 275 28.11 -1.02 7.21
CA LEU H 275 28.45 -1.67 5.95
C LEU H 275 27.93 -0.86 4.77
N LYS H 276 28.76 -0.68 3.76
CA LYS H 276 28.27 -0.15 2.47
C LYS H 276 27.77 -1.30 1.58
N VAL H 277 26.57 -1.15 1.02
CA VAL H 277 26.00 -2.14 0.13
C VAL H 277 25.63 -1.56 -1.22
N VAL H 278 26.26 -2.09 -2.27
CA VAL H 278 26.01 -1.66 -3.63
C VAL H 278 25.27 -2.78 -4.32
N VAL H 279 24.22 -2.43 -5.05
CA VAL H 279 23.35 -3.42 -5.68
C VAL H 279 23.68 -3.47 -7.15
N SER H 280 24.18 -4.63 -7.58
CA SER H 280 24.52 -4.91 -8.98
C SER H 280 23.65 -6.09 -9.50
N SER H 281 24.10 -6.73 -10.57
CA SER H 281 23.29 -7.74 -11.22
C SER H 281 24.11 -8.89 -11.79
N ARG H 282 23.59 -10.11 -11.67
CA ARG H 282 24.19 -11.28 -12.28
C ARG H 282 23.87 -11.31 -13.77
N VAL H 283 22.99 -10.41 -14.22
CA VAL H 283 22.56 -10.35 -15.62
C VAL H 283 23.52 -9.49 -16.43
N VAL H 284 24.02 -10.01 -17.54
CA VAL H 284 25.13 -9.37 -18.27
C VAL H 284 24.81 -7.97 -18.80
N ALA H 285 23.57 -7.73 -19.21
CA ALA H 285 23.20 -6.46 -19.82
C ALA H 285 22.05 -5.78 -19.11
N GLY H 286 22.04 -4.46 -19.18
CA GLY H 286 20.99 -3.67 -18.57
C GLY H 286 21.43 -2.91 -17.33
N CYS H 287 20.46 -2.31 -16.66
CA CYS H 287 20.69 -1.43 -15.54
C CYS H 287 19.87 -1.91 -14.34
N VAL H 288 20.45 -1.81 -13.14
CA VAL H 288 19.76 -2.19 -11.91
C VAL H 288 18.82 -1.06 -11.48
N ALA H 289 17.78 -1.41 -10.71
CA ALA H 289 16.83 -0.41 -10.22
C ALA H 289 16.63 -0.59 -8.72
N VAL H 290 17.02 0.41 -7.96
CA VAL H 290 16.83 0.37 -6.53
C VAL H 290 15.70 1.33 -6.16
N SER H 291 14.71 0.82 -5.44
CA SER H 291 13.61 1.67 -5.00
C SER H 291 14.10 2.88 -4.19
N ASP H 292 13.19 3.82 -3.94
CA ASP H 292 13.53 5.01 -3.16
C ASP H 292 13.63 4.69 -1.67
N SER H 293 12.77 3.80 -1.18
CA SER H 293 12.84 3.45 0.23
C SER H 293 14.07 2.57 0.50
N ASP H 294 14.48 1.78 -0.49
CA ASP H 294 15.72 1.00 -0.34
C ASP H 294 16.90 1.94 -0.35
N GLU H 295 16.84 2.94 -1.23
CA GLU H 295 17.91 3.92 -1.35
C GLU H 295 18.09 4.70 -0.04
N LYS H 296 16.98 5.03 0.62
CA LYS H 296 17.06 5.74 1.90
C LYS H 296 17.73 4.89 2.97
N LEU H 297 17.55 3.58 2.89
CA LEU H 297 18.19 2.66 3.82
C LEU H 297 19.70 2.68 3.66
N GLY H 298 20.16 3.06 2.47
CA GLY H 298 21.59 3.08 2.19
C GLY H 298 21.99 2.21 1.00
N PHE H 299 21.04 1.44 0.46
CA PHE H 299 21.32 0.64 -0.72
C PHE H 299 21.74 1.55 -1.86
N ILE H 300 22.84 1.18 -2.51
CA ILE H 300 23.41 2.01 -3.58
C ILE H 300 23.27 1.28 -4.91
N SER H 301 22.72 1.95 -5.92
CA SER H 301 22.58 1.30 -7.23
C SER H 301 23.88 1.32 -8.05
N ALA H 302 24.26 0.18 -8.61
CA ALA H 302 25.48 0.07 -9.40
C ALA H 302 25.22 0.49 -10.84
N GLU H 303 23.96 0.78 -11.13
CA GLU H 303 23.56 1.14 -12.47
C GLU H 303 23.84 -0.03 -13.40
N ASP H 304 24.57 0.18 -14.48
CA ASP H 304 24.83 -0.90 -15.42
C ASP H 304 26.14 -1.60 -15.12
N LEU H 305 26.85 -1.18 -14.08
CA LEU H 305 28.13 -1.81 -13.73
C LEU H 305 27.91 -3.24 -13.25
N ASN H 306 28.61 -4.20 -13.84
CA ASN H 306 28.55 -5.55 -13.34
C ASN H 306 29.21 -5.62 -11.96
N PRO H 307 29.16 -6.79 -11.29
CA PRO H 307 29.58 -6.81 -9.89
C PRO H 307 31.09 -6.55 -9.68
N GLN H 308 31.93 -7.15 -10.51
CA GLN H 308 33.37 -7.03 -10.30
C GLN H 308 33.84 -5.61 -10.59
N LYS H 309 33.23 -4.98 -11.60
CA LYS H 309 33.59 -3.63 -11.94
C LYS H 309 33.00 -2.67 -10.92
N ALA H 310 31.81 -3.00 -10.43
CA ALA H 310 31.16 -2.20 -9.39
C ALA H 310 32.06 -2.16 -8.18
N ARG H 311 32.68 -3.30 -7.89
CA ARG H 311 33.62 -3.39 -6.77
C ARG H 311 34.73 -2.34 -6.87
N VAL H 312 35.24 -2.15 -8.08
CA VAL H 312 36.32 -1.20 -8.33
C VAL H 312 35.93 0.21 -7.94
N LEU H 313 34.75 0.63 -8.39
CA LEU H 313 34.24 1.97 -8.10
C LEU H 313 33.81 2.17 -6.65
N LEU H 314 33.29 1.12 -6.00
CA LEU H 314 32.90 1.25 -4.59
C LEU H 314 34.14 1.39 -3.72
N MSE H 315 35.16 0.61 -4.05
CA MSE H 315 36.43 0.62 -3.34
C MSE H 315 37.08 2.02 -3.36
O MSE H 315 37.49 2.55 -2.32
CB MSE H 315 37.37 -0.40 -3.99
CG MSE H 315 37.98 -1.39 -3.02
SE MSE H 315 39.06 -2.70 -4.00
CE MSE H 315 40.13 -3.37 -2.51
N LEU H 316 37.14 2.60 -4.55
CA LEU H 316 37.75 3.92 -4.72
C LEU H 316 36.91 5.01 -4.06
N ALA H 317 35.60 4.90 -4.21
CA ALA H 317 34.67 5.79 -3.53
C ALA H 317 35.02 5.81 -2.05
N LEU H 318 35.38 4.64 -1.52
CA LEU H 318 35.61 4.51 -0.08
C LEU H 318 36.89 5.20 0.36
N THR H 319 37.74 5.60 -0.58
CA THR H 319 38.94 6.35 -0.23
C THR H 319 38.60 7.82 -0.02
N LYS H 320 37.45 8.26 -0.52
CA LYS H 320 37.06 9.66 -0.45
C LYS H 320 35.99 9.93 0.60
N THR H 321 35.06 8.99 0.76
CA THR H 321 33.91 9.21 1.61
C THR H 321 33.33 7.90 2.10
N SER H 322 32.46 7.98 3.10
CA SER H 322 31.68 6.82 3.50
C SER H 322 30.18 7.14 3.45
N ASP H 323 29.83 8.21 2.76
CA ASP H 323 28.45 8.66 2.66
C ASP H 323 27.76 7.94 1.51
N PRO H 324 26.75 7.11 1.83
CA PRO H 324 26.02 6.37 0.79
C PRO H 324 25.48 7.30 -0.27
N LYS H 325 25.02 8.46 0.15
CA LYS H 325 24.46 9.40 -0.81
C LYS H 325 25.51 9.90 -1.83
N LYS H 326 26.75 10.07 -1.40
CA LYS H 326 27.80 10.55 -2.31
C LYS H 326 28.43 9.44 -3.15
N ILE H 327 28.60 8.28 -2.54
CA ILE H 327 29.01 7.09 -3.30
C ILE H 327 28.05 6.94 -4.47
N GLN H 328 26.76 7.10 -4.20
CA GLN H 328 25.75 6.98 -5.24
C GLN H 328 25.97 7.94 -6.40
N GLU H 329 26.34 9.18 -6.08
CA GLU H 329 26.60 10.17 -7.12
C GLU H 329 27.76 9.73 -8.00
N TYR H 330 28.81 9.21 -7.36
CA TYR H 330 29.93 8.61 -8.09
C TYR H 330 29.42 7.56 -9.08
N PHE H 331 28.50 6.71 -8.63
CA PHE H 331 27.98 5.65 -9.48
C PHE H 331 27.15 6.15 -10.66
N LEU H 332 26.67 7.38 -10.55
CA LEU H 332 25.95 8.00 -11.65
C LEU H 332 26.87 8.67 -12.66
N LYS H 333 28.09 8.99 -12.24
CA LYS H 333 28.95 9.83 -13.07
C LYS H 333 30.10 9.08 -13.72
N TYR H 334 30.66 8.08 -13.03
CA TYR H 334 31.85 7.36 -13.52
C TYR H 334 31.60 5.95 -14.06
S SO4 I . -23.91 -13.38 31.91
O1 SO4 I . -25.25 -13.64 31.40
O2 SO4 I . -23.27 -14.65 32.28
O3 SO4 I . -23.11 -12.70 30.89
O4 SO4 I . -24.02 -12.55 33.11
S SO4 J . 2.44 -8.14 45.64
O1 SO4 J . 1.96 -9.53 45.63
O2 SO4 J . 3.90 -8.11 45.70
O3 SO4 J . 2.04 -7.44 44.42
O4 SO4 J . 1.90 -7.43 46.80
C ACY K . -17.49 -5.45 67.43
O ACY K . -16.80 -6.49 67.37
OXT ACY K . -18.72 -5.44 67.70
CH3 ACY K . -16.80 -4.14 67.14
C1 GOL L . 0.73 2.80 25.63
O1 GOL L . 0.39 3.88 26.47
C2 GOL L . 1.02 1.55 26.46
O2 GOL L . 0.35 1.64 27.69
C3 GOL L . 0.62 0.31 25.68
O3 GOL L . -0.32 -0.48 26.39
S SO4 M . -14.26 7.01 7.93
O1 SO4 M . -15.07 5.86 8.34
O2 SO4 M . -12.95 6.99 8.60
O3 SO4 M . -14.13 6.95 6.49
O4 SO4 M . -14.97 8.23 8.30
S SO4 N . -43.17 8.05 -1.69
O1 SO4 N . -42.56 6.79 -2.09
O2 SO4 N . -43.07 8.24 -0.25
O3 SO4 N . -42.48 9.14 -2.38
O4 SO4 N . -44.57 8.06 -2.06
C1 GOL O . -40.10 27.28 5.20
O1 GOL O . -40.02 28.40 6.10
C2 GOL O . -41.16 27.47 4.10
O2 GOL O . -42.38 26.91 4.51
C3 GOL O . -40.70 26.79 2.81
O3 GOL O . -40.39 27.75 1.79
C1 GOL P . -19.24 40.66 21.19
O1 GOL P . -18.37 39.59 21.55
C2 GOL P . -18.41 41.81 20.62
O2 GOL P . -18.47 42.88 21.56
C3 GOL P . -19.06 42.29 19.34
O3 GOL P . -18.10 42.67 18.35
C1 GOL Q . -36.79 34.00 11.90
O1 GOL Q . -37.81 33.49 12.77
C2 GOL Q . -36.93 35.51 11.71
O2 GOL Q . -37.58 35.77 10.47
C3 GOL Q . -35.53 36.12 11.63
O3 GOL Q . -35.52 37.42 12.17
S SO4 R . -20.04 34.26 30.07
O1 SO4 R . -21.25 34.55 29.31
O2 SO4 R . -19.21 33.33 29.31
O3 SO4 R . -19.30 35.49 30.32
O4 SO4 R . -20.42 33.61 31.34
S SO4 S . 3.27 25.97 47.76
O1 SO4 S . 2.55 25.02 46.91
O2 SO4 S . 4.70 25.69 47.64
O3 SO4 S . 3.01 27.35 47.35
O4 SO4 S . 2.83 25.77 49.14
C1 GOL T . 14.04 26.54 20.60
O1 GOL T . 13.05 27.48 20.21
C2 GOL T . 13.71 25.15 20.09
O2 GOL T . 13.20 25.20 18.77
C3 GOL T . 14.95 24.27 20.11
O3 GOL T . 14.74 23.14 19.29
C ACY U . -4.26 10.36 26.53
O ACY U . -5.10 9.58 26.01
OXT ACY U . -4.58 11.26 27.34
CH3 ACY U . -2.82 10.24 26.16
S SO4 V . -39.46 14.53 47.86
O1 SO4 V . -40.68 14.70 48.66
O2 SO4 V . -39.50 13.25 47.18
O3 SO4 V . -39.35 15.66 46.95
O4 SO4 V . -38.29 14.50 48.71
S SO4 W . -60.38 16.82 25.56
O1 SO4 W . -59.53 15.74 25.08
O2 SO4 W . -59.95 18.09 25.00
O3 SO4 W . -61.74 16.53 25.11
O4 SO4 W . -60.35 16.89 27.03
C1 GOL X . -58.60 -12.75 31.20
O1 GOL X . -59.72 -11.89 31.09
C2 GOL X . -58.81 -13.77 32.32
O2 GOL X . -58.35 -13.26 33.56
C3 GOL X . -58.10 -15.09 31.96
O3 GOL X . -57.20 -15.51 32.97
C1 GOL Y . -32.96 -20.48 35.54
O1 GOL Y . -31.73 -20.88 36.10
C2 GOL Y . -32.95 -20.73 34.04
O2 GOL Y . -32.71 -19.54 33.34
C3 GOL Y . -34.25 -21.41 33.55
O3 GOL Y . -35.39 -20.59 33.76
S SO4 Z . 9.90 -10.74 -11.02
O1 SO4 Z . 9.22 -10.77 -12.33
O2 SO4 Z . 11.17 -11.45 -11.11
O3 SO4 Z . 10.19 -9.35 -10.67
O4 SO4 Z . 9.04 -11.38 -10.03
S SO4 AA . 3.27 -38.71 -20.87
O1 SO4 AA . 2.36 -38.84 -22.00
O2 SO4 AA . 3.60 -40.02 -20.31
O3 SO4 AA . 4.50 -38.10 -21.37
O4 SO4 AA . 2.64 -37.91 -19.81
C1 GOL BA . 45.76 -22.24 -5.96
O1 GOL BA . 44.81 -23.20 -5.45
C2 GOL BA . 45.53 -21.95 -7.46
O2 GOL BA . 46.71 -21.41 -8.04
C3 GOL BA . 44.41 -20.91 -7.60
O3 GOL BA . 44.55 -20.20 -8.83
C1 GOL CA . 39.53 -24.70 9.67
O1 GOL CA . 40.37 -25.87 9.50
C2 GOL CA . 40.38 -23.49 10.04
O2 GOL CA . 41.64 -23.64 9.40
C3 GOL CA . 39.76 -22.19 9.52
O3 GOL CA . 38.76 -21.80 10.45
C1 GOL DA . 7.21 -6.49 -25.56
O1 GOL DA . 7.09 -7.76 -26.20
C2 GOL DA . 6.41 -5.38 -26.27
O2 GOL DA . 7.18 -4.20 -26.38
C3 GOL DA . 5.14 -5.12 -25.47
O3 GOL DA . 4.33 -4.14 -26.11
S SO4 EA . 5.88 -0.20 -41.84
O1 SO4 EA . 5.25 -1.46 -42.22
O2 SO4 EA . 7.21 -0.14 -42.43
O3 SO4 EA . 5.07 0.91 -42.34
O4 SO4 EA . 5.97 -0.11 -40.38
S SO4 FA . 20.29 25.39 -34.07
O1 SO4 FA . 18.83 25.41 -34.12
O2 SO4 FA . 20.76 24.05 -33.73
O3 SO4 FA . 20.81 25.77 -35.38
O4 SO4 FA . 20.79 26.32 -33.06
C ACY GA . 32.93 17.87 -59.82
O ACY GA . 32.29 16.94 -60.35
OXT ACY GA . 32.52 19.05 -59.75
CH3 ACY GA . 34.28 17.56 -59.23
S SO4 HA . 37.38 -16.09 -49.97
O1 SO4 HA . 35.96 -16.12 -49.67
O2 SO4 HA . 38.20 -16.32 -48.78
O3 SO4 HA . 37.65 -17.18 -50.91
O4 SO4 HA . 37.69 -14.80 -50.57
S SO4 IA . 25.19 -43.79 -45.43
O1 SO4 IA . 23.80 -44.19 -45.66
O2 SO4 IA . 25.97 -44.93 -44.98
O3 SO4 IA . 25.77 -43.26 -46.66
O4 SO4 IA . 25.18 -42.76 -44.39
S SO4 JA . 44.64 -15.51 -17.87
O1 SO4 JA . 44.37 -16.94 -17.89
O2 SO4 JA . 45.82 -15.28 -17.02
O3 SO4 JA . 44.85 -14.99 -19.23
O4 SO4 JA . 43.50 -14.79 -17.33
S SO4 KA . 48.93 14.67 -20.27
O1 SO4 KA . 47.69 14.21 -20.89
O2 SO4 KA . 49.89 13.57 -20.06
O3 SO4 KA . 49.53 15.66 -21.16
O4 SO4 KA . 48.63 15.30 -18.98
#